data_8IFM
#
_entry.id   8IFM
#
_cell.length_a   1.00
_cell.length_b   1.00
_cell.length_c   1.00
_cell.angle_alpha   90.00
_cell.angle_beta   90.00
_cell.angle_gamma   90.00
#
_symmetry.space_group_name_H-M   'P 1'
#
loop_
_entity.id
_entity.type
_entity.pdbx_description
1 polymer 'TIR domain-containing protein'
2 polymer 'Piwi domain-containing protein'
3 polymer 'guide RNA'
4 polymer 'target ssDNA'
5 non-polymer 'MAGNESIUM ION'
#
loop_
_entity_poly.entity_id
_entity_poly.type
_entity_poly.pdbx_seq_one_letter_code
_entity_poly.pdbx_strand_id
1 'polypeptide(L)'
;MRNKIFISHATPEDDDFTRWLSLKLIGLGYEVWCDILFLDKGVDFWSTIEKEIRENTCKFLIVSSTAGNKREGVLKELAV
ATKVKKHLQDDMFIIPLAIDENLSYDDINIEIVRLNAIDFKKSWAKGLQDLLDAFEKQNVPKKPPDHSKSNLLYQQIFLH
DKQAIEKEETYDSNWFPIISFPNELRFHRYDWRLPKQFDVRTLAFPAIRYKEYLCTFAWEYDFIHQLPKTETYNGQESIR
ISTSDILSGRYDTDFIRNYECQRLIVQLINKAFELRMKDKNVREYQMSKTFAYWIEKGKLEKDKFEKIKLVGKQKNKYWH
FGISAAGKLYPSPVLMVSSHIIFTMDGINLIKSKSIQHSSRRKQGKNWWNDKWREKLLAFIRFLSDDQNAIYLNVGSEEK
ILISNKPLKFFGKMSYVTPSEVTLEEESVLADINNFEEDTEDLDELEDIE
;
A,F,J,N
2 'polypeptide(L)'
;MKELIYIEEPSILFAHGQKCTDPRDGLALFGPLNQIYGIKSGVVGTQKGLQIFKSYLDKIQKPIYNHNNITRPMFPGFEA
VFGCKWESQNIVFKEITDEEIRRYLFNASTHKRTYDLVTLFNDKIITANKNDEERVDVWFVIVPEEIYKYCRPNSVLPNE
LVQTKSLISKSKAKSFRYTPTLFEEFNKKLKEVEKEAKTYNYDAQFHDQLKARLLEHTIPTQILRESTLAWRDFKNTFGA
PIRDFSKIEGHLAWTISTAAYYKAGGKPWKLGDIRPGVCYLGLVYKKIEKSKNPQNACCAAQMFLDNGDGTVFKGEVGPW
YNPEKGEYHLKPKEAKALLTQALESYKEQNKSYPKEVFIHARTRFNDEEWNAFNEVTPKNTNLVGVTITKSKPLKLYKTE
GAFPIMRGNAYIVDEKKAFLWTLGFVPKLQSTLSMEVPNPIFIEINKGEAEIQQVLKDILALTKLNYNACIYADGEPVTL
RFANKIGEILTASTEIKTPPLAFKYYI
;
B,G,K,O
3 'polyribonucleotide' AAACGGCUCUAAUCUAUUAGU C,H,L,P
4 'polydeoxyribonucleotide'
;(DC)(DA)(DA)(DC)(DT)(DA)(DA)(DT)(DA)(DG)(DA)(DT)(DT)(DA)(DG)(DA)(DG)(DC)(DC)(DG)
(DT)(DT)(DT)(DA)(DT)
;
D,I,M,Q
#
loop_
_chem_comp.id
_chem_comp.type
_chem_comp.name
_chem_comp.formula
A RNA linking ADENOSINE-5'-MONOPHOSPHATE 'C10 H14 N5 O7 P'
C RNA linking CYTIDINE-5'-MONOPHOSPHATE 'C9 H14 N3 O8 P'
DA DNA linking 2'-DEOXYADENOSINE-5'-MONOPHOSPHATE 'C10 H14 N5 O6 P'
DC DNA linking 2'-DEOXYCYTIDINE-5'-MONOPHOSPHATE 'C9 H14 N3 O7 P'
DG DNA linking 2'-DEOXYGUANOSINE-5'-MONOPHOSPHATE 'C10 H14 N5 O7 P'
DT DNA linking THYMIDINE-5'-MONOPHOSPHATE 'C10 H15 N2 O8 P'
G RNA linking GUANOSINE-5'-MONOPHOSPHATE 'C10 H14 N5 O8 P'
MG non-polymer 'MAGNESIUM ION' 'Mg 2'
U RNA linking URIDINE-5'-MONOPHOSPHATE 'C9 H13 N2 O9 P'
#
# COMPACT_ATOMS: atom_id res chain seq x y z
N ARG A 2 -10.02 -8.47 -22.70
CA ARG A 2 -9.73 -7.14 -23.22
C ARG A 2 -11.01 -6.36 -23.48
N ASN A 3 -12.14 -7.06 -23.51
CA ASN A 3 -13.43 -6.44 -23.81
C ASN A 3 -13.92 -5.68 -22.58
N LYS A 4 -13.63 -4.38 -22.53
CA LYS A 4 -14.11 -3.52 -21.46
C LYS A 4 -13.94 -2.04 -21.84
N ILE A 5 -15.00 -1.26 -21.68
CA ILE A 5 -14.98 0.16 -22.01
C ILE A 5 -14.71 0.94 -20.74
N PHE A 6 -13.63 1.72 -20.74
CA PHE A 6 -13.16 2.41 -19.55
C PHE A 6 -13.53 3.88 -19.65
N ILE A 7 -14.11 4.42 -18.58
CA ILE A 7 -14.58 5.80 -18.55
C ILE A 7 -13.78 6.54 -17.48
N SER A 8 -12.99 7.51 -17.90
CA SER A 8 -12.33 8.45 -17.00
C SER A 8 -13.12 9.75 -16.96
N HIS A 9 -13.09 10.41 -15.81
CA HIS A 9 -13.95 11.57 -15.59
C HIS A 9 -13.43 12.35 -14.38
N ALA A 10 -14.03 13.50 -14.15
CA ALA A 10 -13.75 14.30 -12.96
C ALA A 10 -14.59 13.75 -11.81
N THR A 11 -13.91 13.13 -10.84
CA THR A 11 -14.61 12.49 -9.73
C THR A 11 -15.39 13.44 -8.83
N PRO A 12 -14.83 14.57 -8.38
CA PRO A 12 -15.53 15.35 -7.33
C PRO A 12 -16.83 16.00 -7.79
N GLU A 13 -16.92 16.46 -9.04
CA GLU A 13 -18.04 17.30 -9.42
C GLU A 13 -18.65 16.95 -10.77
N ASP A 14 -18.32 15.80 -11.35
CA ASP A 14 -18.79 15.47 -12.69
C ASP A 14 -19.19 13.98 -12.64
N ASP A 15 -20.11 13.67 -11.72
CA ASP A 15 -20.51 12.29 -11.48
C ASP A 15 -21.79 11.90 -12.19
N ASP A 16 -22.74 12.83 -12.34
CA ASP A 16 -24.05 12.49 -12.86
C ASP A 16 -23.97 11.96 -14.30
N PHE A 17 -23.24 12.67 -15.15
CA PHE A 17 -23.09 12.25 -16.54
C PHE A 17 -22.41 10.89 -16.63
N THR A 18 -21.33 10.71 -15.86
CA THR A 18 -20.59 9.46 -15.89
C THR A 18 -21.47 8.29 -15.43
N ARG A 19 -22.25 8.50 -14.38
CA ARG A 19 -23.14 7.45 -13.89
C ARG A 19 -24.20 7.11 -14.93
N TRP A 20 -24.87 8.13 -15.48
CA TRP A 20 -25.92 7.86 -16.46
C TRP A 20 -25.35 7.11 -17.66
N LEU A 21 -24.22 7.59 -18.19
CA LEU A 21 -23.59 6.92 -19.32
C LEU A 21 -23.17 5.51 -18.97
N SER A 22 -22.68 5.29 -17.76
CA SER A 22 -22.22 3.97 -17.35
C SER A 22 -23.38 2.97 -17.37
N LEU A 23 -24.43 3.26 -16.60
CA LEU A 23 -25.56 2.32 -16.61
C LEU A 23 -26.22 2.20 -17.97
N LYS A 24 -26.20 3.26 -18.79
CA LYS A 24 -26.69 3.12 -20.15
C LYS A 24 -25.84 2.12 -20.93
N LEU A 25 -24.52 2.17 -20.75
CA LEU A 25 -23.65 1.27 -21.49
C LEU A 25 -23.78 -0.17 -21.03
N ILE A 26 -23.95 -0.41 -19.72
CA ILE A 26 -24.21 -1.78 -19.28
C ILE A 26 -25.59 -2.24 -19.75
N GLY A 27 -26.57 -1.34 -19.78
CA GLY A 27 -27.87 -1.70 -20.34
C GLY A 27 -27.81 -2.02 -21.81
N LEU A 28 -26.82 -1.50 -22.54
CA LEU A 28 -26.62 -1.85 -23.93
C LEU A 28 -25.78 -3.10 -24.12
N GLY A 29 -25.20 -3.65 -23.05
CA GLY A 29 -24.41 -4.86 -23.13
C GLY A 29 -22.91 -4.66 -23.09
N TYR A 30 -22.44 -3.43 -22.96
CA TYR A 30 -21.01 -3.15 -22.93
C TYR A 30 -20.48 -3.20 -21.51
N GLU A 31 -19.33 -3.85 -21.33
CA GLU A 31 -18.69 -3.89 -20.02
C GLU A 31 -17.97 -2.58 -19.74
N VAL A 32 -18.21 -2.03 -18.55
CA VAL A 32 -17.72 -0.70 -18.20
C VAL A 32 -16.92 -0.80 -16.90
N TRP A 33 -16.01 0.16 -16.72
CA TRP A 33 -15.28 0.34 -15.46
C TRP A 33 -15.32 1.80 -15.05
N CYS A 34 -16.52 2.37 -15.00
CA CYS A 34 -16.69 3.65 -14.35
C CYS A 34 -16.23 3.55 -12.89
N ASP A 35 -15.39 4.49 -12.46
CA ASP A 35 -14.71 4.32 -11.17
C ASP A 35 -15.68 4.49 -10.00
N ILE A 36 -16.53 5.51 -10.04
CA ILE A 36 -17.45 5.74 -8.93
C ILE A 36 -18.49 4.65 -8.79
N LEU A 37 -18.56 3.73 -9.75
CA LEU A 37 -19.49 2.61 -9.70
C LEU A 37 -18.79 1.26 -9.59
N PHE A 38 -17.55 1.14 -10.07
CA PHE A 38 -16.85 -0.14 -10.07
C PHE A 38 -15.58 -0.18 -9.23
N LEU A 39 -15.01 0.96 -8.86
CA LEU A 39 -13.83 0.95 -7.99
C LEU A 39 -14.19 0.34 -6.65
N ASP A 40 -13.68 -0.85 -6.38
CA ASP A 40 -14.02 -1.55 -5.16
C ASP A 40 -13.47 -0.81 -3.95
N LYS A 41 -14.15 -0.96 -2.81
CA LYS A 41 -13.74 -0.30 -1.60
C LYS A 41 -12.61 -1.08 -0.93
N GLY A 42 -11.64 -0.37 -0.40
CA GLY A 42 -10.47 -1.01 0.19
C GLY A 42 -9.28 -1.18 -0.72
N VAL A 43 -9.51 -1.65 -1.95
CA VAL A 43 -8.41 -1.93 -2.87
C VAL A 43 -7.57 -0.68 -3.13
N ASP A 44 -6.31 -0.91 -3.48
CA ASP A 44 -5.44 0.18 -3.92
C ASP A 44 -6.00 0.76 -5.22
N PHE A 45 -6.53 1.98 -5.17
CA PHE A 45 -7.29 2.49 -6.28
C PHE A 45 -6.42 2.73 -7.51
N TRP A 46 -5.22 3.28 -7.34
CA TRP A 46 -4.39 3.58 -8.49
C TRP A 46 -3.84 2.32 -9.14
N SER A 47 -3.54 1.29 -8.35
CA SER A 47 -3.10 0.03 -8.93
C SER A 47 -4.24 -0.69 -9.65
N THR A 48 -5.48 -0.56 -9.15
CA THR A 48 -6.61 -1.12 -9.87
C THR A 48 -6.86 -0.36 -11.18
N ILE A 49 -6.65 0.97 -11.16
CA ILE A 49 -6.73 1.76 -12.39
C ILE A 49 -5.66 1.29 -13.38
N GLU A 50 -4.44 1.08 -12.87
CA GLU A 50 -3.36 0.44 -13.63
C GLU A 50 -3.86 -0.80 -14.35
N LYS A 51 -4.32 -1.77 -13.57
CA LYS A 51 -4.71 -3.07 -14.12
C LYS A 51 -5.84 -2.93 -15.12
N GLU A 52 -6.81 -2.06 -14.83
CA GLU A 52 -7.97 -1.93 -15.70
C GLU A 52 -7.60 -1.28 -17.03
N ILE A 53 -6.83 -0.19 -16.98
CA ILE A 53 -6.47 0.53 -18.21
C ILE A 53 -5.54 -0.32 -19.07
N ARG A 54 -4.53 -0.94 -18.44
CA ARG A 54 -3.49 -1.60 -19.23
C ARG A 54 -3.94 -2.97 -19.73
N GLU A 55 -4.54 -3.79 -18.86
CA GLU A 55 -4.74 -5.20 -19.19
C GLU A 55 -5.98 -5.40 -20.06
N ASN A 56 -7.15 -5.00 -19.57
CA ASN A 56 -8.41 -5.44 -20.16
C ASN A 56 -9.27 -4.29 -20.69
N THR A 57 -8.72 -3.08 -20.82
CA THR A 57 -9.49 -1.96 -21.36
C THR A 57 -9.52 -2.05 -22.88
N CYS A 58 -10.73 -2.15 -23.44
CA CYS A 58 -10.89 -2.13 -24.89
C CYS A 58 -10.82 -0.70 -25.43
N LYS A 59 -11.55 0.22 -24.82
CA LYS A 59 -11.58 1.60 -25.25
C LYS A 59 -11.56 2.51 -24.03
N PHE A 60 -10.97 3.68 -24.19
CA PHE A 60 -10.78 4.65 -23.13
C PHE A 60 -11.62 5.89 -23.44
N LEU A 61 -12.47 6.29 -22.51
CA LEU A 61 -13.29 7.48 -22.67
C LEU A 61 -12.92 8.51 -21.62
N ILE A 62 -12.61 9.72 -22.07
CA ILE A 62 -12.44 10.86 -21.19
C ILE A 62 -13.72 11.66 -21.18
N VAL A 63 -14.06 12.24 -20.04
CA VAL A 63 -15.11 13.24 -19.96
C VAL A 63 -14.41 14.59 -19.92
N SER A 64 -14.59 15.38 -20.98
CA SER A 64 -13.76 16.55 -21.23
C SER A 64 -14.40 17.84 -20.73
N SER A 65 -15.12 17.78 -19.62
CA SER A 65 -15.70 18.98 -19.04
C SER A 65 -14.61 19.94 -18.57
N THR A 66 -15.02 21.17 -18.26
CA THR A 66 -14.08 22.16 -17.78
C THR A 66 -13.47 21.76 -16.45
N ALA A 67 -14.19 20.97 -15.64
CA ALA A 67 -13.62 20.44 -14.42
C ALA A 67 -12.45 19.51 -14.72
N GLY A 68 -12.59 18.69 -15.75
CA GLY A 68 -11.49 17.86 -16.22
C GLY A 68 -10.52 18.66 -17.07
N ASN A 69 -9.61 17.93 -17.71
CA ASN A 69 -8.54 18.42 -18.57
C ASN A 69 -7.48 19.20 -17.80
N LYS A 70 -7.66 19.41 -16.50
CA LYS A 70 -6.63 20.02 -15.67
C LYS A 70 -6.48 19.33 -14.32
N ARG A 71 -7.22 18.25 -14.08
CA ARG A 71 -7.19 17.53 -12.82
C ARG A 71 -6.17 16.39 -12.91
N GLU A 72 -5.38 16.22 -11.85
CA GLU A 72 -4.22 15.33 -11.92
C GLU A 72 -4.64 13.88 -12.17
N GLY A 73 -5.72 13.43 -11.53
CA GLY A 73 -6.12 12.05 -11.70
C GLY A 73 -6.51 11.71 -13.13
N VAL A 74 -7.36 12.55 -13.74
CA VAL A 74 -7.79 12.27 -15.11
C VAL A 74 -6.62 12.46 -16.08
N LEU A 75 -5.72 13.41 -15.81
CA LEU A 75 -4.56 13.58 -16.67
C LEU A 75 -3.64 12.36 -16.62
N LYS A 76 -3.40 11.82 -15.43
CA LYS A 76 -2.60 10.60 -15.32
C LYS A 76 -3.27 9.44 -16.04
N GLU A 77 -4.59 9.31 -15.85
CA GLU A 77 -5.35 8.25 -16.49
C GLU A 77 -5.26 8.37 -18.00
N LEU A 78 -5.37 9.60 -18.52
CA LEU A 78 -5.26 9.84 -19.95
C LEU A 78 -3.86 9.54 -20.48
N ALA A 79 -2.82 9.95 -19.75
CA ALA A 79 -1.46 9.71 -20.22
C ALA A 79 -1.17 8.21 -20.30
N VAL A 80 -1.62 7.46 -19.31
CA VAL A 80 -1.44 6.01 -19.39
C VAL A 80 -2.32 5.42 -20.48
N ALA A 81 -3.47 6.05 -20.76
CA ALA A 81 -4.27 5.62 -21.90
C ALA A 81 -3.51 5.80 -23.21
N THR A 82 -2.77 6.92 -23.35
CA THR A 82 -1.93 7.10 -24.52
C THR A 82 -0.83 6.05 -24.58
N LYS A 83 -0.26 5.69 -23.43
CA LYS A 83 0.73 4.61 -23.40
C LYS A 83 0.12 3.31 -23.93
N VAL A 84 -1.09 2.98 -23.48
CA VAL A 84 -1.77 1.78 -23.98
C VAL A 84 -2.09 1.92 -25.46
N LYS A 85 -2.42 3.13 -25.92
CA LYS A 85 -2.66 3.36 -27.35
C LYS A 85 -1.41 3.06 -28.17
N LYS A 86 -0.26 3.55 -27.70
CA LYS A 86 1.00 3.27 -28.41
C LYS A 86 1.31 1.77 -28.40
N HIS A 87 1.10 1.11 -27.26
CA HIS A 87 1.37 -0.32 -27.20
C HIS A 87 0.45 -1.11 -28.12
N LEU A 88 -0.83 -0.75 -28.16
CA LEU A 88 -1.82 -1.52 -28.90
C LEU A 88 -1.82 -1.21 -30.39
N GLN A 89 -1.43 0.01 -30.77
CA GLN A 89 -1.50 0.46 -32.16
C GLN A 89 -2.90 0.32 -32.73
N ASP A 90 -3.90 0.67 -31.92
CA ASP A 90 -5.30 0.68 -32.34
C ASP A 90 -5.75 2.12 -32.45
N ASP A 91 -6.24 2.50 -33.63
CA ASP A 91 -6.64 3.88 -33.88
C ASP A 91 -7.83 4.27 -33.00
N MET A 92 -7.79 5.50 -32.49
CA MET A 92 -8.84 6.05 -31.63
C MET A 92 -9.18 5.11 -30.48
N PHE A 93 -8.12 4.62 -29.81
CA PHE A 93 -8.32 3.87 -28.58
C PHE A 93 -8.93 4.76 -27.50
N ILE A 94 -8.63 6.05 -27.54
CA ILE A 94 -9.25 7.04 -26.67
C ILE A 94 -10.41 7.68 -27.41
N ILE A 95 -11.52 7.88 -26.71
CA ILE A 95 -12.67 8.61 -27.26
C ILE A 95 -13.08 9.69 -26.29
N PRO A 96 -12.53 10.91 -26.40
CA PRO A 96 -12.93 11.97 -25.47
C PRO A 96 -14.39 12.36 -25.63
N LEU A 97 -15.00 12.74 -24.52
CA LEU A 97 -16.40 13.15 -24.48
C LEU A 97 -16.47 14.51 -23.81
N ALA A 98 -16.99 15.51 -24.54
CA ALA A 98 -17.08 16.88 -24.04
C ALA A 98 -18.55 17.18 -23.73
N ILE A 99 -18.85 17.34 -22.44
CA ILE A 99 -20.20 17.65 -22.00
C ILE A 99 -20.38 19.15 -21.74
N ASP A 100 -19.43 19.76 -21.03
CA ASP A 100 -19.55 21.18 -20.70
C ASP A 100 -19.43 22.03 -21.95
N GLU A 101 -20.27 23.05 -22.05
CA GLU A 101 -20.27 23.97 -23.17
C GLU A 101 -19.43 25.21 -22.92
N ASN A 102 -18.81 25.33 -21.75
CA ASN A 102 -18.08 26.53 -21.38
C ASN A 102 -16.61 26.49 -21.77
N LEU A 103 -16.15 25.41 -22.39
CA LEU A 103 -14.78 25.33 -22.90
C LEU A 103 -14.83 25.11 -24.40
N SER A 104 -13.92 25.77 -25.11
CA SER A 104 -13.82 25.67 -26.55
C SER A 104 -12.82 24.60 -26.96
N TYR A 105 -12.81 24.29 -28.25
CA TYR A 105 -11.89 23.28 -28.77
C TYR A 105 -10.44 23.75 -28.74
N ASP A 106 -10.20 25.03 -28.52
CA ASP A 106 -8.85 25.56 -28.40
C ASP A 106 -8.34 25.65 -26.97
N ASP A 107 -9.15 25.25 -25.99
CA ASP A 107 -8.72 25.17 -24.60
C ASP A 107 -8.61 23.74 -24.10
N ILE A 108 -8.96 22.75 -24.92
CA ILE A 108 -8.77 21.35 -24.54
C ILE A 108 -7.27 21.04 -24.49
N ASN A 109 -6.87 20.23 -23.52
CA ASN A 109 -5.46 19.91 -23.34
C ASN A 109 -4.89 19.25 -24.58
N ILE A 110 -3.60 19.50 -24.83
CA ILE A 110 -2.94 19.02 -26.03
C ILE A 110 -2.87 17.50 -26.10
N GLU A 111 -3.14 16.80 -24.99
CA GLU A 111 -3.05 15.35 -24.99
C GLU A 111 -4.15 14.70 -25.81
N ILE A 112 -5.31 15.35 -25.93
CA ILE A 112 -6.44 14.74 -26.62
C ILE A 112 -7.08 15.72 -27.61
N VAL A 113 -6.45 16.89 -27.78
CA VAL A 113 -7.03 17.90 -28.66
C VAL A 113 -7.06 17.43 -30.11
N ARG A 114 -6.06 16.65 -30.53
CA ARG A 114 -6.02 16.19 -31.92
C ARG A 114 -7.18 15.27 -32.25
N LEU A 115 -7.53 14.37 -31.34
CA LEU A 115 -8.52 13.36 -31.61
C LEU A 115 -9.92 13.93 -31.41
N ASN A 116 -10.85 13.55 -32.29
CA ASN A 116 -12.18 14.15 -32.31
C ASN A 116 -12.97 13.72 -31.08
N ALA A 117 -13.51 14.71 -30.37
CA ALA A 117 -14.36 14.44 -29.22
C ALA A 117 -15.81 14.31 -29.65
N ILE A 118 -16.50 13.32 -29.08
CA ILE A 118 -17.89 13.05 -29.45
C ILE A 118 -18.79 14.08 -28.77
N ASP A 119 -19.70 14.66 -29.54
CA ASP A 119 -20.48 15.80 -29.09
C ASP A 119 -21.46 15.40 -27.98
N PHE A 120 -21.25 15.96 -26.80
CA PHE A 120 -22.14 15.76 -25.66
C PHE A 120 -22.56 17.10 -25.05
N LYS A 121 -22.42 18.19 -25.80
CA LYS A 121 -22.60 19.52 -25.24
C LYS A 121 -24.03 19.76 -24.79
N LYS A 122 -25.01 19.44 -25.64
CA LYS A 122 -26.39 19.82 -25.36
C LYS A 122 -27.40 18.71 -25.62
N SER A 123 -26.97 17.48 -25.86
CA SER A 123 -27.89 16.37 -26.05
C SER A 123 -27.18 15.10 -25.64
N TRP A 124 -27.44 14.64 -24.41
CA TRP A 124 -26.80 13.42 -23.93
C TRP A 124 -27.25 12.19 -24.71
N ALA A 125 -28.53 12.14 -25.11
CA ALA A 125 -29.02 10.96 -25.80
C ALA A 125 -28.50 10.90 -27.23
N LYS A 126 -28.48 12.02 -27.95
CA LYS A 126 -27.92 12.02 -29.29
C LYS A 126 -26.42 11.79 -29.26
N GLY A 127 -25.73 12.37 -28.29
CA GLY A 127 -24.31 12.08 -28.13
C GLY A 127 -24.06 10.63 -27.80
N LEU A 128 -24.94 10.01 -27.00
CA LEU A 128 -24.81 8.59 -26.70
C LEU A 128 -25.03 7.74 -27.95
N GLN A 129 -25.98 8.14 -28.80
CA GLN A 129 -26.17 7.43 -30.06
C GLN A 129 -24.95 7.58 -30.96
N ASP A 130 -24.35 8.77 -30.98
CA ASP A 130 -23.12 8.97 -31.75
C ASP A 130 -22.00 8.08 -31.20
N LEU A 131 -21.89 7.99 -29.88
CA LEU A 131 -20.90 7.11 -29.25
C LEU A 131 -21.16 5.65 -29.61
N LEU A 132 -22.43 5.24 -29.63
CA LEU A 132 -22.77 3.88 -30.01
C LEU A 132 -22.40 3.60 -31.45
N ASP A 133 -22.64 4.57 -32.34
CA ASP A 133 -22.26 4.40 -33.74
C ASP A 133 -20.74 4.29 -33.89
N ALA A 134 -20.01 5.10 -33.12
CA ALA A 134 -18.55 5.00 -33.14
C ALA A 134 -18.08 3.65 -32.63
N PHE A 135 -18.71 3.13 -31.57
CA PHE A 135 -18.36 1.81 -31.05
C PHE A 135 -18.64 0.72 -32.08
N GLU A 136 -19.77 0.82 -32.78
CA GLU A 136 -20.07 -0.13 -33.84
C GLU A 136 -19.04 -0.03 -34.96
N LYS A 137 -18.62 1.19 -35.30
CA LYS A 137 -17.62 1.37 -36.35
C LYS A 137 -16.30 0.72 -35.97
N GLN A 138 -15.89 0.85 -34.72
CA GLN A 138 -14.65 0.27 -34.23
C GLN A 138 -14.83 -1.15 -33.70
N ASN A 139 -16.03 -1.73 -33.85
CA ASN A 139 -16.30 -3.12 -33.50
C ASN A 139 -16.02 -3.40 -32.03
N VAL A 140 -16.41 -2.48 -31.16
CA VAL A 140 -16.31 -2.73 -29.72
C VAL A 140 -17.36 -3.76 -29.33
N PRO A 141 -16.98 -4.87 -28.68
CA PRO A 141 -17.93 -5.94 -28.35
C PRO A 141 -18.85 -5.59 -27.18
N ASP A 146 -31.80 -10.67 -22.93
CA ASP A 146 -30.72 -9.76 -23.34
C ASP A 146 -30.79 -9.48 -24.84
N HIS A 147 -30.95 -10.54 -25.63
CA HIS A 147 -31.04 -10.39 -27.08
C HIS A 147 -32.36 -9.76 -27.51
N SER A 148 -33.33 -9.64 -26.61
CA SER A 148 -34.58 -8.93 -26.88
C SER A 148 -34.77 -7.70 -26.01
N LYS A 149 -34.17 -7.67 -24.81
CA LYS A 149 -34.35 -6.56 -23.89
C LYS A 149 -33.51 -5.35 -24.29
N SER A 150 -32.28 -5.57 -24.78
CA SER A 150 -31.36 -4.48 -25.03
C SER A 150 -31.67 -3.74 -26.34
N ASN A 151 -32.21 -4.44 -27.34
CA ASN A 151 -32.49 -3.79 -28.62
C ASN A 151 -33.54 -2.70 -28.46
N LEU A 152 -34.46 -2.85 -27.51
CA LEU A 152 -35.44 -1.80 -27.27
C LEU A 152 -34.76 -0.52 -26.82
N LEU A 153 -33.82 -0.63 -25.87
CA LEU A 153 -33.10 0.55 -25.41
C LEU A 153 -32.23 1.13 -26.53
N TYR A 154 -31.57 0.27 -27.29
CA TYR A 154 -30.72 0.75 -28.38
C TYR A 154 -31.54 1.50 -29.43
N GLN A 155 -32.68 0.94 -29.83
CA GLN A 155 -33.53 1.61 -30.81
C GLN A 155 -34.15 2.87 -30.23
N GLN A 156 -34.40 2.90 -28.91
CA GLN A 156 -34.89 4.13 -28.30
C GLN A 156 -33.83 5.23 -28.31
N ILE A 157 -32.58 4.86 -28.06
CA ILE A 157 -31.48 5.82 -28.18
C ILE A 157 -31.43 6.38 -29.59
N PHE A 158 -31.56 5.50 -30.59
CA PHE A 158 -31.46 5.98 -31.97
C PHE A 158 -32.67 6.81 -32.36
N LEU A 159 -33.85 6.45 -31.84
CA LEU A 159 -35.13 7.01 -32.27
C LEU A 159 -35.54 8.26 -31.50
N HIS A 160 -34.91 8.56 -30.37
CA HIS A 160 -35.36 9.68 -29.55
C HIS A 160 -35.29 11.00 -30.30
N ASP A 161 -34.42 11.09 -31.30
CA ASP A 161 -34.21 12.33 -32.04
C ASP A 161 -34.73 12.26 -33.47
N LYS A 162 -35.65 11.34 -33.75
CA LYS A 162 -36.23 11.24 -35.08
C LYS A 162 -37.08 12.48 -35.36
N GLN A 163 -36.76 13.18 -36.44
CA GLN A 163 -37.46 14.39 -36.84
C GLN A 163 -37.99 14.23 -38.25
N ALA A 164 -38.72 15.24 -38.72
CA ALA A 164 -39.23 15.24 -40.08
C ALA A 164 -38.12 15.61 -41.06
N ILE A 165 -38.01 14.85 -42.14
CA ILE A 165 -37.00 15.13 -43.16
C ILE A 165 -37.48 16.25 -44.05
N GLU A 166 -36.53 17.02 -44.58
CA GLU A 166 -36.85 18.15 -45.46
C GLU A 166 -37.15 17.59 -46.85
N LYS A 167 -38.39 17.19 -47.06
CA LYS A 167 -38.82 16.66 -48.34
C LYS A 167 -40.19 17.25 -48.70
N GLU A 168 -40.45 17.35 -50.00
CA GLU A 168 -41.72 17.88 -50.48
C GLU A 168 -42.80 16.83 -50.35
N GLU A 169 -43.94 17.21 -49.77
CA GLU A 169 -45.07 16.31 -49.61
C GLU A 169 -46.32 16.99 -50.15
N THR A 170 -47.16 16.22 -50.86
CA THR A 170 -48.39 16.74 -51.43
C THR A 170 -49.58 15.98 -50.84
N TYR A 171 -50.69 16.70 -50.69
CA TYR A 171 -51.83 16.25 -49.92
C TYR A 171 -53.13 16.58 -50.64
N ASP A 172 -54.08 15.65 -50.60
CA ASP A 172 -55.45 15.91 -51.02
C ASP A 172 -56.26 16.36 -49.81
N SER A 173 -56.95 17.49 -49.93
CA SER A 173 -57.78 17.97 -48.83
C SER A 173 -59.17 17.36 -48.90
N ASN A 174 -60.02 17.78 -47.96
CA ASN A 174 -61.41 17.36 -47.93
C ASN A 174 -62.32 18.39 -48.56
N TRP A 175 -61.89 19.64 -48.64
CA TRP A 175 -62.65 20.69 -49.30
C TRP A 175 -62.65 20.48 -50.80
N PHE A 176 -63.75 20.88 -51.44
CA PHE A 176 -63.85 20.89 -52.90
C PHE A 176 -64.28 22.29 -53.32
N PRO A 177 -63.53 22.95 -54.19
CA PRO A 177 -63.80 24.36 -54.47
C PRO A 177 -64.99 24.54 -55.40
N ILE A 178 -65.61 25.72 -55.28
CA ILE A 178 -66.68 26.13 -56.19
C ILE A 178 -66.02 26.75 -57.42
N ILE A 179 -66.12 26.06 -58.55
CA ILE A 179 -65.47 26.56 -59.77
C ILE A 179 -66.14 27.85 -60.24
N SER A 180 -67.47 27.85 -60.31
CA SER A 180 -68.21 29.01 -60.80
C SER A 180 -69.54 29.08 -60.09
N PHE A 181 -70.14 30.26 -60.11
CA PHE A 181 -71.39 30.56 -59.44
C PHE A 181 -72.35 31.21 -60.42
N PRO A 182 -73.65 31.09 -60.19
CA PRO A 182 -74.61 31.87 -60.99
C PRO A 182 -74.33 33.36 -60.83
N ASN A 183 -74.48 34.10 -61.94
CA ASN A 183 -74.08 35.50 -61.95
C ASN A 183 -74.93 36.33 -61.01
N GLU A 184 -76.23 36.06 -60.95
CA GLU A 184 -77.17 36.88 -60.21
C GLU A 184 -77.85 36.08 -59.11
N LEU A 185 -77.87 36.63 -57.90
CA LEU A 185 -78.72 36.17 -56.81
C LEU A 185 -79.94 37.07 -56.78
N ARG A 186 -81.13 36.46 -56.91
CA ARG A 186 -82.34 37.20 -57.23
C ARG A 186 -83.33 37.09 -56.08
N PHE A 187 -83.88 38.24 -55.68
CA PHE A 187 -84.96 38.33 -54.71
C PHE A 187 -86.25 38.61 -55.47
N HIS A 188 -87.10 37.59 -55.60
CA HIS A 188 -88.39 37.74 -56.24
C HIS A 188 -89.41 38.28 -55.25
N ARG A 189 -90.29 39.16 -55.72
CA ARG A 189 -91.30 39.78 -54.86
C ARG A 189 -92.58 38.98 -55.01
N TYR A 190 -92.67 37.92 -54.22
CA TYR A 190 -93.89 37.10 -54.14
C TYR A 190 -94.66 37.46 -52.88
N ASP A 191 -95.16 38.71 -52.85
CA ASP A 191 -95.88 39.19 -51.68
C ASP A 191 -97.13 38.38 -51.41
N TRP A 192 -97.90 38.07 -52.46
CA TRP A 192 -99.13 37.29 -52.31
C TRP A 192 -99.18 36.05 -53.19
N ARG A 193 -98.37 35.98 -54.26
CA ARG A 193 -98.37 34.79 -55.10
C ARG A 193 -97.88 33.57 -54.32
N LEU A 194 -96.84 33.75 -53.51
CA LEU A 194 -96.34 32.67 -52.67
C LEU A 194 -97.21 32.55 -51.43
N PRO A 195 -97.84 31.39 -51.19
CA PRO A 195 -98.61 31.22 -49.94
C PRO A 195 -97.72 31.38 -48.73
N LYS A 196 -98.27 32.04 -47.69
CA LYS A 196 -97.47 32.34 -46.52
C LYS A 196 -97.04 31.07 -45.78
N GLN A 197 -97.95 30.11 -45.64
CA GLN A 197 -97.67 28.89 -44.89
C GLN A 197 -97.05 27.80 -45.74
N PHE A 198 -96.77 28.07 -47.01
CA PHE A 198 -96.08 27.10 -47.86
C PHE A 198 -94.66 26.89 -47.37
N ASP A 199 -94.18 25.65 -47.51
CA ASP A 199 -92.83 25.29 -47.08
C ASP A 199 -91.91 25.38 -48.30
N VAL A 200 -91.02 26.38 -48.29
CA VAL A 200 -90.16 26.63 -49.44
C VAL A 200 -89.07 25.57 -49.57
N ARG A 201 -88.80 24.82 -48.50
CA ARG A 201 -87.83 23.74 -48.59
C ARG A 201 -88.33 22.59 -49.45
N THR A 202 -89.63 22.49 -49.65
CA THR A 202 -90.21 21.51 -50.56
C THR A 202 -90.28 22.03 -52.00
N LEU A 203 -89.82 23.25 -52.25
CA LEU A 203 -89.75 23.76 -53.61
C LEU A 203 -88.79 22.93 -54.44
N ALA A 204 -89.08 22.83 -55.73
CA ALA A 204 -88.25 22.01 -56.62
C ALA A 204 -86.82 22.54 -56.68
N PHE A 205 -86.66 23.86 -56.72
CA PHE A 205 -85.35 24.47 -56.76
C PHE A 205 -85.07 25.22 -55.46
N PRO A 206 -83.80 25.32 -55.06
CA PRO A 206 -83.48 26.02 -53.81
C PRO A 206 -83.98 27.46 -53.84
N ALA A 207 -84.58 27.88 -52.73
CA ALA A 207 -85.09 29.23 -52.54
C ALA A 207 -85.44 29.39 -51.08
N ILE A 208 -85.25 30.60 -50.54
CA ILE A 208 -85.52 30.84 -49.13
C ILE A 208 -86.26 32.15 -48.94
N ARG A 209 -87.16 32.16 -47.95
CA ARG A 209 -88.01 33.31 -47.62
C ARG A 209 -87.21 34.30 -46.78
N TYR A 210 -86.89 35.46 -47.34
CA TYR A 210 -86.17 36.50 -46.61
C TYR A 210 -86.80 37.85 -46.91
N LYS A 211 -87.26 38.54 -45.86
CA LYS A 211 -87.70 39.94 -45.92
C LYS A 211 -88.73 40.15 -47.03
N GLU A 212 -89.88 39.50 -46.84
CA GLU A 212 -91.01 39.50 -47.79
C GLU A 212 -90.59 39.24 -49.23
N TYR A 213 -89.43 38.62 -49.40
CA TYR A 213 -88.87 38.27 -50.69
C TYR A 213 -88.59 36.77 -50.71
N LEU A 214 -88.47 36.21 -51.90
CA LEU A 214 -87.99 34.84 -52.09
C LEU A 214 -86.65 34.95 -52.81
N CYS A 215 -85.55 34.73 -52.09
CA CYS A 215 -84.23 34.86 -52.68
C CYS A 215 -83.69 33.48 -53.06
N THR A 216 -83.10 33.43 -54.25
CA THR A 216 -82.64 32.18 -54.84
C THR A 216 -81.72 32.50 -56.01
N PHE A 217 -81.11 31.44 -56.55
CA PHE A 217 -80.32 31.53 -57.77
C PHE A 217 -81.14 31.20 -59.02
N ALA A 218 -82.43 30.91 -58.87
CA ALA A 218 -83.25 30.45 -59.98
C ALA A 218 -84.03 31.61 -60.61
N TRP A 219 -84.48 31.38 -61.84
CA TRP A 219 -85.35 32.33 -62.52
C TRP A 219 -86.70 32.34 -61.83
N GLU A 220 -87.32 33.52 -61.77
CA GLU A 220 -88.59 33.66 -61.05
C GLU A 220 -89.70 32.81 -61.63
N TYR A 221 -89.57 32.36 -62.88
CA TYR A 221 -90.61 31.59 -63.54
C TYR A 221 -90.43 30.08 -63.39
N ASP A 222 -89.40 29.63 -62.69
CA ASP A 222 -89.18 28.19 -62.53
C ASP A 222 -90.13 27.57 -61.52
N PHE A 223 -90.45 28.30 -60.44
CA PHE A 223 -91.35 27.78 -59.41
C PHE A 223 -92.78 27.93 -59.91
N ILE A 224 -93.17 27.01 -60.79
CA ILE A 224 -94.49 27.00 -61.41
C ILE A 224 -95.26 25.72 -61.10
N HIS A 225 -94.59 24.57 -61.18
CA HIS A 225 -95.28 23.29 -61.01
C HIS A 225 -95.93 23.19 -59.64
N GLN A 226 -95.21 23.62 -58.60
CA GLN A 226 -95.76 23.62 -57.24
C GLN A 226 -96.22 25.00 -56.79
N LEU A 227 -95.96 26.04 -57.58
CA LEU A 227 -96.40 27.41 -57.27
C LEU A 227 -97.06 28.00 -58.50
N PRO A 228 -98.28 27.56 -58.83
CA PRO A 228 -98.95 28.09 -60.03
C PRO A 228 -99.22 29.59 -59.96
N LYS A 229 -99.48 30.14 -58.77
CA LYS A 229 -99.82 31.55 -58.66
C LYS A 229 -98.63 32.46 -58.94
N THR A 230 -97.40 31.95 -58.82
CA THR A 230 -96.22 32.75 -59.10
C THR A 230 -96.12 33.15 -60.57
N GLU A 231 -96.91 32.55 -61.45
CA GLU A 231 -96.92 32.93 -62.85
C GLU A 231 -97.40 34.38 -63.02
N THR A 232 -97.04 34.97 -64.15
CA THR A 232 -97.38 36.36 -64.47
C THR A 232 -96.84 37.33 -63.42
N TYR A 233 -95.65 37.04 -62.92
CA TYR A 233 -94.98 37.88 -61.94
C TYR A 233 -94.03 38.84 -62.66
N ASN A 234 -94.15 40.12 -62.36
CA ASN A 234 -93.32 41.12 -63.02
C ASN A 234 -91.86 40.96 -62.62
N GLY A 235 -90.97 40.96 -63.62
CA GLY A 235 -89.56 40.76 -63.36
C GLY A 235 -88.86 41.94 -62.74
N GLN A 236 -89.40 43.15 -62.90
CA GLN A 236 -88.75 44.33 -62.35
C GLN A 236 -88.85 44.38 -60.83
N GLU A 237 -89.82 43.68 -60.24
CA GLU A 237 -89.94 43.67 -58.79
C GLU A 237 -88.74 42.98 -58.14
N SER A 238 -88.24 41.91 -58.75
CA SER A 238 -87.07 41.22 -58.22
C SER A 238 -85.86 42.13 -58.22
N ILE A 239 -85.01 41.97 -57.22
CA ILE A 239 -83.74 42.70 -57.15
C ILE A 239 -82.61 41.68 -57.27
N ARG A 240 -81.66 41.95 -58.16
CA ARG A 240 -80.59 41.02 -58.49
C ARG A 240 -79.26 41.60 -58.03
N ILE A 241 -78.46 40.77 -57.36
CA ILE A 241 -77.14 41.16 -56.87
C ILE A 241 -76.10 40.27 -57.53
N SER A 242 -74.96 40.86 -57.89
CA SER A 242 -73.85 40.07 -58.42
C SER A 242 -73.31 39.16 -57.33
N THR A 243 -73.21 37.86 -57.63
CA THR A 243 -72.74 36.91 -56.63
C THR A 243 -71.30 37.22 -56.22
N SER A 244 -70.42 37.47 -57.19
CA SER A 244 -69.04 37.81 -56.88
C SER A 244 -68.95 39.08 -56.06
N ASP A 245 -69.89 40.01 -56.23
CA ASP A 245 -69.88 41.24 -55.46
C ASP A 245 -69.96 40.94 -53.96
N ILE A 246 -70.88 40.05 -53.57
CA ILE A 246 -71.02 39.75 -52.15
C ILE A 246 -69.94 38.76 -51.69
N LEU A 247 -69.49 37.86 -52.57
CA LEU A 247 -68.43 36.93 -52.16
C LEU A 247 -67.14 37.67 -51.84
N SER A 248 -66.74 38.61 -52.69
CA SER A 248 -65.58 39.44 -52.38
C SER A 248 -65.84 40.38 -51.22
N GLY A 249 -67.09 40.62 -50.87
CA GLY A 249 -67.43 41.47 -49.76
C GLY A 249 -67.53 42.95 -50.05
N ARG A 250 -67.34 43.38 -51.30
CA ARG A 250 -67.47 44.80 -51.59
C ARG A 250 -68.93 45.24 -51.65
N TYR A 251 -69.88 44.32 -51.76
CA TYR A 251 -71.28 44.67 -51.72
C TYR A 251 -71.72 44.81 -50.26
N ASP A 252 -72.36 45.94 -49.94
CA ASP A 252 -72.93 46.16 -48.62
C ASP A 252 -74.09 47.14 -48.78
N THR A 253 -75.30 46.71 -48.43
CA THR A 253 -76.50 47.48 -48.70
C THR A 253 -77.45 47.36 -47.51
N ASP A 254 -78.16 48.46 -47.22
CA ASP A 254 -79.08 48.47 -46.09
C ASP A 254 -80.20 47.42 -46.25
N PHE A 255 -80.59 47.11 -47.49
CA PHE A 255 -81.60 46.10 -47.72
C PHE A 255 -81.17 44.75 -47.17
N ILE A 256 -79.92 44.37 -47.40
CA ILE A 256 -79.41 43.07 -46.96
C ILE A 256 -77.93 43.20 -46.67
N ARG A 257 -77.52 42.82 -45.46
CA ARG A 257 -76.14 42.92 -45.06
C ARG A 257 -75.28 41.89 -45.77
N ASN A 258 -73.98 42.17 -45.86
CA ASN A 258 -73.08 41.30 -46.60
C ASN A 258 -72.99 39.93 -45.96
N TYR A 259 -72.74 39.86 -44.65
CA TYR A 259 -72.58 38.57 -43.99
C TYR A 259 -73.86 37.75 -44.07
N GLU A 260 -75.01 38.40 -43.94
CA GLU A 260 -76.28 37.67 -44.04
C GLU A 260 -76.50 37.15 -45.45
N CYS A 261 -76.11 37.92 -46.46
CA CYS A 261 -76.27 37.47 -47.84
C CYS A 261 -75.37 36.28 -48.14
N GLN A 262 -74.12 36.31 -47.63
CA GLN A 262 -73.26 35.15 -47.74
C GLN A 262 -73.86 33.95 -47.02
N ARG A 263 -74.48 34.18 -45.86
CA ARG A 263 -75.13 33.09 -45.15
C ARG A 263 -76.26 32.47 -45.97
N LEU A 264 -77.07 33.30 -46.63
CA LEU A 264 -78.13 32.77 -47.48
C LEU A 264 -77.58 32.04 -48.69
N ILE A 265 -76.47 32.51 -49.26
CA ILE A 265 -75.86 31.76 -50.36
C ILE A 265 -75.36 30.41 -49.87
N VAL A 266 -74.80 30.37 -48.66
CA VAL A 266 -74.36 29.10 -48.08
C VAL A 266 -75.55 28.15 -47.93
N GLN A 267 -76.66 28.68 -47.42
CA GLN A 267 -77.87 27.88 -47.28
C GLN A 267 -78.35 27.39 -48.64
N LEU A 268 -78.26 28.24 -49.66
CA LEU A 268 -78.65 27.84 -51.01
C LEU A 268 -77.77 26.71 -51.52
N ILE A 269 -76.47 26.79 -51.29
CA ILE A 269 -75.56 25.73 -51.73
C ILE A 269 -75.90 24.42 -51.05
N ASN A 270 -76.12 24.46 -49.73
CA ASN A 270 -76.45 23.23 -49.01
C ASN A 270 -77.78 22.65 -49.49
N LYS A 271 -78.78 23.51 -49.69
CA LYS A 271 -80.09 23.07 -50.09
C LYS A 271 -80.03 22.47 -51.50
N ALA A 272 -79.25 23.09 -52.38
CA ALA A 272 -79.07 22.57 -53.74
C ALA A 272 -78.35 21.24 -53.73
N PHE A 273 -77.33 21.07 -52.88
CA PHE A 273 -76.69 19.77 -52.72
C PHE A 273 -77.69 18.72 -52.27
N GLU A 274 -78.54 19.06 -51.30
CA GLU A 274 -79.53 18.11 -50.81
C GLU A 274 -80.51 17.70 -51.89
N LEU A 275 -80.96 18.66 -52.71
CA LEU A 275 -81.84 18.33 -53.82
C LEU A 275 -81.12 17.49 -54.89
N ARG A 276 -79.88 17.86 -55.22
CA ARG A 276 -79.15 17.16 -56.26
C ARG A 276 -78.92 15.70 -55.89
N MET A 277 -78.51 15.45 -54.65
CA MET A 277 -78.22 14.08 -54.22
C MET A 277 -79.46 13.18 -54.25
N LYS A 278 -80.66 13.76 -54.27
CA LYS A 278 -81.85 12.97 -54.53
C LYS A 278 -81.81 12.40 -55.94
N ASP A 279 -81.36 13.20 -56.91
CA ASP A 279 -81.28 12.76 -58.30
C ASP A 279 -80.05 11.91 -58.59
N LYS A 280 -79.01 11.99 -57.77
CA LYS A 280 -77.73 11.38 -58.06
C LYS A 280 -77.67 9.88 -57.77
N ASN A 281 -78.83 9.23 -57.62
CA ASN A 281 -78.90 7.78 -57.42
C ASN A 281 -78.10 7.36 -56.18
N VAL A 282 -78.53 7.85 -55.03
CA VAL A 282 -77.81 7.63 -53.78
C VAL A 282 -78.79 7.83 -52.63
N ARG A 283 -78.78 6.89 -51.68
CA ARG A 283 -79.69 6.96 -50.56
C ARG A 283 -79.16 7.90 -49.47
N GLU A 284 -80.00 8.14 -48.48
CA GLU A 284 -79.77 9.18 -47.49
C GLU A 284 -79.84 8.60 -46.08
N TYR A 285 -79.21 9.30 -45.14
CA TYR A 285 -79.18 8.88 -43.75
C TYR A 285 -79.04 10.10 -42.87
N GLN A 286 -79.70 10.07 -41.71
CA GLN A 286 -79.68 11.18 -40.78
C GLN A 286 -78.55 11.08 -39.77
N MET A 287 -77.75 12.15 -39.67
CA MET A 287 -76.99 12.46 -38.48
C MET A 287 -77.74 13.51 -37.68
N SER A 288 -77.28 13.75 -36.45
CA SER A 288 -77.87 14.80 -35.64
C SER A 288 -77.75 16.18 -36.28
N LYS A 289 -76.78 16.37 -37.17
CA LYS A 289 -76.56 17.68 -37.77
C LYS A 289 -77.15 17.83 -39.16
N THR A 290 -76.94 16.88 -40.07
CA THR A 290 -77.29 17.07 -41.47
C THR A 290 -77.40 15.71 -42.14
N PHE A 291 -77.51 15.72 -43.47
CA PHE A 291 -77.76 14.53 -44.26
C PHE A 291 -76.45 13.86 -44.65
N ALA A 292 -76.51 12.55 -44.84
CA ALA A 292 -75.42 11.77 -45.39
C ALA A 292 -75.90 11.03 -46.63
N TYR A 293 -75.10 11.07 -47.69
CA TYR A 293 -75.43 10.45 -48.95
C TYR A 293 -74.54 9.23 -49.15
N TRP A 294 -75.15 8.05 -49.22
CA TRP A 294 -74.42 6.80 -49.34
C TRP A 294 -75.09 5.91 -50.39
N ILE A 295 -74.28 5.18 -51.14
CA ILE A 295 -74.76 4.38 -52.27
C ILE A 295 -75.16 3.00 -51.77
N GLU A 296 -76.15 2.41 -52.45
CA GLU A 296 -76.59 1.05 -52.14
C GLU A 296 -75.56 0.02 -52.59
N LYS A 297 -75.60 -1.14 -51.92
CA LYS A 297 -74.86 -2.30 -52.37
C LYS A 297 -75.56 -2.91 -53.58
N GLY A 298 -74.78 -3.40 -54.53
CA GLY A 298 -75.31 -3.98 -55.74
C GLY A 298 -75.70 -2.99 -56.82
N LYS A 299 -75.65 -1.69 -56.52
CA LYS A 299 -75.88 -0.66 -57.52
C LYS A 299 -74.58 -0.09 -58.07
N LEU A 300 -73.45 -0.70 -57.73
CA LEU A 300 -72.15 -0.35 -58.28
C LEU A 300 -71.47 -1.63 -58.75
N GLU A 301 -70.69 -1.51 -59.81
CA GLU A 301 -70.02 -2.67 -60.40
C GLU A 301 -69.00 -3.24 -59.42
N LYS A 302 -69.26 -4.46 -58.95
CA LYS A 302 -68.40 -5.14 -57.96
C LYS A 302 -68.21 -4.29 -56.70
N ASP A 303 -69.21 -3.48 -56.36
CA ASP A 303 -69.12 -2.49 -55.28
C ASP A 303 -67.95 -1.55 -55.46
N LYS A 304 -67.50 -1.38 -56.71
CA LYS A 304 -66.24 -0.72 -57.04
C LYS A 304 -66.47 0.39 -58.04
N PHE A 305 -65.94 1.57 -57.77
CA PHE A 305 -65.92 2.67 -58.72
C PHE A 305 -64.50 3.19 -58.80
N GLU A 306 -63.91 3.15 -60.00
CA GLU A 306 -62.55 3.65 -60.24
C GLU A 306 -61.54 2.98 -59.32
N LYS A 307 -61.61 1.65 -59.25
CA LYS A 307 -60.70 0.82 -58.46
C LYS A 307 -60.81 1.09 -56.96
N ILE A 308 -61.91 1.67 -56.51
CA ILE A 308 -62.13 1.95 -55.10
C ILE A 308 -63.47 1.35 -54.70
N LYS A 309 -63.45 0.52 -53.65
CA LYS A 309 -64.66 -0.10 -53.15
C LYS A 309 -65.35 0.83 -52.17
N LEU A 310 -66.57 1.27 -52.51
CA LEU A 310 -67.32 2.19 -51.68
C LEU A 310 -68.27 1.51 -50.71
N VAL A 311 -68.65 0.26 -50.97
CA VAL A 311 -69.47 -0.51 -50.05
C VAL A 311 -68.86 -1.89 -49.90
N GLY A 312 -69.04 -2.47 -48.71
CA GLY A 312 -68.50 -3.78 -48.44
C GLY A 312 -69.21 -4.45 -47.28
N LYS A 313 -68.62 -5.53 -46.80
CA LYS A 313 -69.21 -6.36 -45.76
C LYS A 313 -68.38 -6.31 -44.49
N GLN A 314 -69.06 -6.49 -43.36
CA GLN A 314 -68.40 -6.56 -42.06
C GLN A 314 -69.35 -7.23 -41.07
N LYS A 315 -68.97 -8.42 -40.61
CA LYS A 315 -69.66 -9.12 -39.52
C LYS A 315 -71.17 -9.21 -39.79
N ASN A 316 -71.49 -9.95 -40.85
CA ASN A 316 -72.88 -10.15 -41.33
C ASN A 316 -73.66 -8.84 -41.39
N LYS A 317 -72.96 -7.75 -41.65
CA LYS A 317 -73.56 -6.43 -41.86
C LYS A 317 -72.94 -5.82 -43.10
N TYR A 318 -73.55 -4.76 -43.61
CA TYR A 318 -73.02 -4.08 -44.79
C TYR A 318 -72.67 -2.65 -44.44
N TRP A 319 -71.54 -2.19 -44.94
CA TRP A 319 -71.09 -0.82 -44.75
C TRP A 319 -71.05 -0.11 -46.10
N HIS A 320 -71.46 1.16 -46.11
CA HIS A 320 -71.42 1.99 -47.30
C HIS A 320 -70.71 3.29 -46.96
N PHE A 321 -69.77 3.69 -47.81
CA PHE A 321 -69.15 4.99 -47.65
C PHE A 321 -70.17 6.07 -47.97
N GLY A 322 -70.20 7.11 -47.14
CA GLY A 322 -71.12 8.20 -47.34
C GLY A 322 -70.44 9.53 -47.07
N ILE A 323 -71.01 10.58 -47.66
CA ILE A 323 -70.45 11.92 -47.55
C ILE A 323 -71.54 12.87 -47.05
N SER A 324 -71.10 13.95 -46.43
CA SER A 324 -71.97 15.05 -46.02
C SER A 324 -71.28 16.35 -46.35
N ALA A 325 -71.94 17.20 -47.14
CA ALA A 325 -71.32 18.40 -47.67
C ALA A 325 -71.93 19.65 -47.05
N ALA A 326 -71.06 20.60 -46.70
CA ALA A 326 -71.49 21.89 -46.17
C ALA A 326 -70.66 22.98 -46.82
N GLY A 327 -71.33 23.90 -47.52
CA GLY A 327 -70.60 24.98 -48.18
C GLY A 327 -70.21 26.08 -47.21
N LYS A 328 -69.02 26.64 -47.43
CA LYS A 328 -68.57 27.80 -46.67
C LYS A 328 -67.79 28.73 -47.60
N LEU A 329 -67.70 30.00 -47.19
CA LEU A 329 -67.09 31.03 -48.02
C LEU A 329 -66.01 31.81 -47.26
N TYR A 330 -65.55 31.32 -46.12
CA TYR A 330 -64.58 32.09 -45.34
C TYR A 330 -63.22 32.18 -46.04
N PRO A 331 -62.51 31.07 -46.31
CA PRO A 331 -61.22 31.23 -47.00
C PRO A 331 -61.40 31.54 -48.46
N SER A 332 -62.30 30.79 -49.12
CA SER A 332 -62.70 30.98 -50.50
C SER A 332 -64.02 30.24 -50.68
N PRO A 333 -64.77 30.55 -51.74
CA PRO A 333 -66.01 29.79 -51.96
C PRO A 333 -65.70 28.32 -52.16
N VAL A 334 -66.04 27.50 -51.16
CA VAL A 334 -65.62 26.11 -51.09
C VAL A 334 -66.75 25.29 -50.44
N LEU A 335 -66.64 23.97 -50.54
CA LEU A 335 -67.63 23.07 -49.97
C LEU A 335 -66.88 21.98 -49.22
N MET A 336 -67.03 21.94 -47.90
CA MET A 336 -66.32 21.01 -47.05
C MET A 336 -67.12 19.72 -46.93
N VAL A 337 -66.50 18.60 -47.32
CA VAL A 337 -67.13 17.30 -47.21
C VAL A 337 -66.70 16.66 -45.88
N SER A 338 -67.49 15.69 -45.44
CA SER A 338 -67.15 14.87 -44.28
C SER A 338 -67.52 13.42 -44.59
N SER A 339 -66.61 12.51 -44.27
CA SER A 339 -66.75 11.10 -44.60
C SER A 339 -67.34 10.35 -43.42
N HIS A 340 -68.25 9.41 -43.72
CA HIS A 340 -68.90 8.60 -42.71
C HIS A 340 -69.13 7.21 -43.29
N ILE A 341 -69.44 6.26 -42.42
CA ILE A 341 -69.79 4.91 -42.83
C ILE A 341 -71.22 4.63 -42.35
N ILE A 342 -72.10 4.31 -43.29
CA ILE A 342 -73.50 4.03 -43.01
C ILE A 342 -73.68 2.51 -43.05
N PHE A 343 -74.18 1.94 -41.96
CA PHE A 343 -74.32 0.49 -41.85
C PHE A 343 -75.77 0.06 -42.03
N THR A 344 -75.94 -1.01 -42.80
CA THR A 344 -77.24 -1.61 -43.07
C THR A 344 -77.18 -3.09 -42.73
N MET A 345 -78.35 -3.67 -42.49
CA MET A 345 -78.42 -5.09 -42.12
C MET A 345 -78.03 -5.99 -43.29
N ASP A 346 -78.58 -5.71 -44.48
CA ASP A 346 -78.36 -6.61 -45.62
C ASP A 346 -78.06 -5.87 -46.91
N GLY A 347 -77.66 -4.60 -46.84
CA GLY A 347 -77.32 -3.83 -48.02
C GLY A 347 -78.44 -2.98 -48.57
N ILE A 348 -79.69 -3.24 -48.17
CA ILE A 348 -80.83 -2.52 -48.72
C ILE A 348 -81.62 -1.88 -47.58
N ASN A 349 -81.57 -2.48 -46.40
CA ASN A 349 -82.35 -2.03 -45.25
C ASN A 349 -81.41 -1.49 -44.18
N LEU A 350 -81.58 -0.22 -43.82
CA LEU A 350 -80.75 0.41 -42.81
C LEU A 350 -81.01 -0.22 -41.44
N ILE A 351 -80.00 -0.14 -40.57
CA ILE A 351 -80.16 -0.56 -39.18
C ILE A 351 -80.74 0.59 -38.38
N LYS A 352 -81.88 0.36 -37.74
CA LYS A 352 -82.61 1.44 -37.09
C LYS A 352 -81.85 2.00 -35.90
N SER A 353 -81.43 1.15 -34.97
CA SER A 353 -80.81 1.63 -33.74
C SER A 353 -79.46 2.27 -34.04
N LYS A 354 -79.18 3.39 -33.38
CA LYS A 354 -77.98 4.17 -33.65
C LYS A 354 -76.74 3.65 -32.93
N SER A 355 -76.91 2.94 -31.81
CA SER A 355 -75.75 2.49 -31.04
C SER A 355 -74.91 1.49 -31.83
N ILE A 356 -75.57 0.52 -32.48
CA ILE A 356 -74.86 -0.42 -33.33
C ILE A 356 -74.26 0.29 -34.54
N GLN A 357 -74.92 1.36 -35.02
CA GLN A 357 -74.32 2.16 -36.08
C GLN A 357 -73.00 2.75 -35.63
N HIS A 358 -72.97 3.32 -34.42
CA HIS A 358 -71.73 3.87 -33.89
C HIS A 358 -70.67 2.78 -33.71
N SER A 359 -71.06 1.64 -33.14
CA SER A 359 -70.11 0.57 -32.89
C SER A 359 -69.52 0.04 -34.19
N SER A 360 -70.36 -0.19 -35.19
CA SER A 360 -69.90 -0.70 -36.48
C SER A 360 -69.04 0.33 -37.20
N ARG A 361 -69.40 1.62 -37.11
CA ARG A 361 -68.56 2.65 -37.72
C ARG A 361 -67.18 2.67 -37.08
N ARG A 362 -67.11 2.59 -35.75
CA ARG A 362 -65.81 2.58 -35.09
C ARG A 362 -65.01 1.33 -35.48
N LYS A 363 -65.67 0.18 -35.52
CA LYS A 363 -64.97 -1.05 -35.90
C LYS A 363 -64.45 -0.97 -37.33
N GLN A 364 -65.24 -0.41 -38.24
CA GLN A 364 -64.81 -0.29 -39.63
C GLN A 364 -63.65 0.69 -39.77
N GLY A 365 -63.71 1.83 -39.10
CA GLY A 365 -62.64 2.79 -39.16
C GLY A 365 -61.44 2.47 -38.32
N LYS A 366 -61.49 1.40 -37.53
CA LYS A 366 -60.33 0.97 -36.75
C LYS A 366 -59.12 0.72 -37.65
N ASN A 367 -59.32 0.02 -38.77
CA ASN A 367 -58.21 -0.36 -39.64
C ASN A 367 -58.08 0.53 -40.88
N TRP A 368 -59.03 1.40 -41.14
CA TRP A 368 -58.91 2.35 -42.24
C TRP A 368 -57.96 3.48 -41.84
N TRP A 369 -57.23 3.98 -42.83
CA TRP A 369 -56.25 5.04 -42.58
C TRP A 369 -56.30 6.02 -43.75
N ASN A 370 -55.27 6.86 -43.84
CA ASN A 370 -55.28 8.01 -44.74
C ASN A 370 -55.53 7.61 -46.18
N ASP A 371 -54.80 6.60 -46.66
CA ASP A 371 -54.95 6.17 -48.06
C ASP A 371 -56.36 5.68 -48.34
N LYS A 372 -56.91 4.85 -47.44
CA LYS A 372 -58.24 4.32 -47.64
C LYS A 372 -59.27 5.44 -47.70
N TRP A 373 -59.21 6.37 -46.74
CA TRP A 373 -60.16 7.47 -46.70
C TRP A 373 -60.04 8.32 -47.96
N ARG A 374 -58.81 8.57 -48.42
CA ARG A 374 -58.62 9.40 -49.61
C ARG A 374 -59.23 8.72 -50.83
N GLU A 375 -58.95 7.44 -51.03
CA GLU A 375 -59.51 6.74 -52.18
C GLU A 375 -61.03 6.74 -52.14
N LYS A 376 -61.61 6.45 -50.96
CA LYS A 376 -63.07 6.40 -50.89
C LYS A 376 -63.71 7.76 -51.14
N LEU A 377 -63.16 8.82 -50.53
CA LEU A 377 -63.74 10.15 -50.71
C LEU A 377 -63.63 10.60 -52.16
N LEU A 378 -62.44 10.44 -52.76
CA LEU A 378 -62.25 10.86 -54.13
C LEU A 378 -63.15 10.08 -55.08
N ALA A 379 -63.24 8.76 -54.87
CA ALA A 379 -64.10 7.94 -55.73
C ALA A 379 -65.55 8.33 -55.58
N PHE A 380 -66.01 8.61 -54.37
CA PHE A 380 -67.40 8.99 -54.18
C PHE A 380 -67.71 10.31 -54.88
N ILE A 381 -66.83 11.30 -54.70
CA ILE A 381 -67.06 12.60 -55.35
C ILE A 381 -67.04 12.45 -56.86
N ARG A 382 -66.11 11.66 -57.39
CA ARG A 382 -66.05 11.45 -58.83
C ARG A 382 -67.24 10.64 -59.33
N PHE A 383 -67.80 9.77 -58.50
CA PHE A 383 -68.98 9.01 -58.90
C PHE A 383 -70.20 9.92 -59.01
N LEU A 384 -70.41 10.78 -58.02
CA LEU A 384 -71.54 11.69 -58.10
C LEU A 384 -71.36 12.75 -59.19
N SER A 385 -70.16 12.91 -59.73
CA SER A 385 -69.91 13.94 -60.72
C SER A 385 -70.59 13.59 -62.04
N ASP A 386 -70.95 14.64 -62.79
CA ASP A 386 -71.57 14.48 -64.10
C ASP A 386 -70.53 14.52 -65.21
N ASP A 387 -69.77 15.61 -65.30
CA ASP A 387 -68.66 15.70 -66.23
C ASP A 387 -67.36 15.33 -65.50
N GLN A 388 -66.24 15.41 -66.23
CA GLN A 388 -64.99 14.86 -65.73
C GLN A 388 -64.50 15.60 -64.48
N ASN A 389 -64.49 16.92 -64.53
CA ASN A 389 -63.85 17.72 -63.48
C ASN A 389 -64.82 18.61 -62.74
N ALA A 390 -66.11 18.26 -62.69
CA ALA A 390 -67.06 19.09 -61.98
C ALA A 390 -68.27 18.26 -61.57
N ILE A 391 -69.00 18.76 -60.59
CA ILE A 391 -70.29 18.23 -60.18
C ILE A 391 -71.29 19.36 -60.28
N TYR A 392 -72.50 19.02 -60.74
CA TYR A 392 -73.56 19.99 -61.00
C TYR A 392 -74.50 20.06 -59.81
N LEU A 393 -74.92 21.27 -59.47
CA LEU A 393 -76.00 21.51 -58.51
C LEU A 393 -77.03 22.38 -59.19
N ASN A 394 -78.28 21.90 -59.25
CA ASN A 394 -79.34 22.54 -60.01
C ASN A 394 -79.96 23.64 -59.14
N VAL A 395 -79.44 24.85 -59.28
CA VAL A 395 -80.00 26.03 -58.62
C VAL A 395 -80.89 26.83 -59.56
N GLY A 396 -81.01 26.43 -60.82
CA GLY A 396 -81.83 27.13 -61.77
C GLY A 396 -81.91 26.38 -63.07
N SER A 397 -82.98 26.65 -63.82
CA SER A 397 -83.13 26.04 -65.13
C SER A 397 -82.07 26.52 -66.11
N GLU A 398 -81.47 27.68 -65.85
CA GLU A 398 -80.38 28.20 -66.67
C GLU A 398 -79.09 28.40 -65.89
N GLU A 399 -79.12 28.30 -64.56
CA GLU A 399 -77.96 28.52 -63.72
C GLU A 399 -77.66 27.28 -62.91
N LYS A 400 -76.38 26.94 -62.79
CA LYS A 400 -75.93 25.78 -62.05
C LYS A 400 -74.77 26.15 -61.15
N ILE A 401 -74.49 25.27 -60.19
CA ILE A 401 -73.37 25.43 -59.27
C ILE A 401 -72.37 24.32 -59.58
N LEU A 402 -71.11 24.69 -59.78
CA LEU A 402 -70.05 23.76 -60.16
C LEU A 402 -69.16 23.52 -58.94
N ILE A 403 -69.02 22.26 -58.54
CA ILE A 403 -68.09 21.89 -57.48
C ILE A 403 -66.98 21.05 -58.10
N SER A 404 -65.73 21.50 -57.93
CA SER A 404 -64.61 20.83 -58.58
C SER A 404 -64.41 19.43 -58.04
N ASN A 405 -64.11 18.49 -58.95
CA ASN A 405 -63.81 17.12 -58.54
C ASN A 405 -62.49 17.03 -57.79
N LYS A 406 -61.54 17.91 -58.10
CA LYS A 406 -60.22 17.86 -57.50
C LYS A 406 -60.18 18.71 -56.24
N PRO A 407 -59.94 18.12 -55.07
CA PRO A 407 -59.90 18.91 -53.83
C PRO A 407 -58.79 19.95 -53.85
N LEU A 408 -58.82 20.82 -52.85
CA LEU A 408 -57.78 21.81 -52.66
C LEU A 408 -56.48 21.10 -52.30
N LYS A 409 -55.54 21.02 -53.23
CA LYS A 409 -54.28 20.33 -52.97
C LYS A 409 -53.37 21.18 -52.10
N PHE A 410 -52.69 20.53 -51.16
CA PHE A 410 -51.73 21.18 -50.29
C PHE A 410 -50.36 20.58 -50.49
N PHE A 411 -49.33 21.29 -50.02
CA PHE A 411 -47.97 20.77 -50.09
C PHE A 411 -47.14 21.39 -48.97
N GLY A 412 -46.09 20.69 -48.60
CA GLY A 412 -45.26 21.09 -47.48
C GLY A 412 -43.80 20.74 -47.70
N LYS A 413 -42.92 21.55 -47.08
CA LYS A 413 -41.49 21.36 -47.18
C LYS A 413 -40.96 20.26 -46.26
N MET A 414 -41.72 19.86 -45.25
CA MET A 414 -41.28 18.90 -44.24
C MET A 414 -42.20 17.69 -44.24
N SER A 415 -41.60 16.51 -44.22
CA SER A 415 -42.35 15.26 -44.23
C SER A 415 -41.46 14.16 -43.65
N TYR A 416 -41.85 12.90 -43.88
CA TYR A 416 -41.20 11.76 -43.25
C TYR A 416 -41.10 10.61 -44.24
N VAL A 417 -40.38 9.58 -43.84
CA VAL A 417 -40.34 8.31 -44.57
C VAL A 417 -41.48 7.44 -44.06
N THR A 418 -42.31 6.96 -44.97
CA THR A 418 -43.41 6.08 -44.58
C THR A 418 -42.87 4.74 -44.12
N PRO A 419 -43.16 4.30 -42.90
CA PRO A 419 -42.68 2.99 -42.44
C PRO A 419 -43.20 1.88 -43.35
N SER A 420 -42.35 0.89 -43.59
CA SER A 420 -42.69 -0.24 -44.46
C SER A 420 -43.40 -1.34 -43.68
N MET B 1 -52.16 25.00 -55.25
CA MET B 1 -51.53 24.34 -54.11
C MET B 1 -51.08 25.35 -53.07
N LYS B 2 -51.49 25.15 -51.82
CA LYS B 2 -51.13 26.03 -50.72
C LYS B 2 -50.06 25.38 -49.85
N GLU B 3 -49.04 26.16 -49.51
CA GLU B 3 -47.90 25.64 -48.77
C GLU B 3 -48.27 25.44 -47.30
N LEU B 4 -47.91 24.27 -46.75
CA LEU B 4 -48.06 23.98 -45.34
C LEU B 4 -46.77 24.33 -44.62
N ILE B 5 -46.81 25.35 -43.77
CA ILE B 5 -45.63 25.75 -43.00
C ILE B 5 -45.40 24.72 -41.91
N TYR B 6 -44.22 24.75 -41.30
CA TYR B 6 -43.88 23.83 -40.23
C TYR B 6 -43.62 24.58 -38.93
N ILE B 7 -44.24 24.10 -37.86
CA ILE B 7 -43.91 24.51 -36.51
C ILE B 7 -43.11 23.37 -35.88
N GLU B 8 -41.87 23.65 -35.49
CA GLU B 8 -41.00 22.62 -34.98
C GLU B 8 -41.55 22.04 -33.68
N GLU B 9 -41.43 20.72 -33.54
CA GLU B 9 -41.92 20.05 -32.34
C GLU B 9 -41.13 20.51 -31.12
N PRO B 10 -41.78 21.05 -30.10
CA PRO B 10 -41.05 21.54 -28.93
C PRO B 10 -40.48 20.40 -28.10
N SER B 11 -39.42 20.72 -27.36
CA SER B 11 -38.73 19.75 -26.51
C SER B 11 -38.94 20.13 -25.05
N ILE B 12 -39.27 19.15 -24.23
CA ILE B 12 -39.51 19.35 -22.81
C ILE B 12 -38.27 18.90 -22.06
N LEU B 13 -37.72 19.77 -21.20
CA LEU B 13 -36.50 19.44 -20.51
C LEU B 13 -36.77 18.43 -19.39
N PHE B 14 -35.71 17.77 -18.94
CA PHE B 14 -35.80 16.67 -17.98
C PHE B 14 -34.65 16.84 -17.00
N ALA B 15 -34.37 15.79 -16.23
CA ALA B 15 -33.29 15.83 -15.26
C ALA B 15 -31.95 16.06 -15.94
N HIS B 16 -31.02 16.67 -15.20
CA HIS B 16 -29.70 17.07 -15.69
C HIS B 16 -29.81 18.15 -16.77
N GLY B 17 -31.01 18.65 -17.01
CA GLY B 17 -31.20 19.65 -18.05
C GLY B 17 -31.32 19.09 -19.44
N GLN B 18 -31.56 17.80 -19.59
CA GLN B 18 -31.65 17.16 -20.90
C GLN B 18 -33.07 17.28 -21.42
N LYS B 19 -33.22 17.86 -22.61
CA LYS B 19 -34.53 18.11 -23.20
C LYS B 19 -34.80 17.09 -24.31
N CYS B 20 -35.99 16.51 -24.28
CA CYS B 20 -36.45 15.56 -25.29
C CYS B 20 -37.87 15.92 -25.69
N THR B 21 -38.41 15.19 -26.67
CA THR B 21 -39.77 15.48 -27.16
C THR B 21 -40.82 14.60 -26.49
N ASP B 22 -40.68 13.28 -26.62
CA ASP B 22 -41.64 12.38 -26.00
C ASP B 22 -41.48 12.40 -24.48
N PRO B 23 -42.59 12.40 -23.73
CA PRO B 23 -42.49 12.16 -22.31
C PRO B 23 -41.80 10.86 -21.97
N ARG B 24 -42.13 9.80 -22.71
CA ARG B 24 -41.68 8.46 -22.36
C ARG B 24 -40.17 8.35 -22.43
N ASP B 25 -39.59 8.80 -23.54
CA ASP B 25 -38.15 8.62 -23.75
C ASP B 25 -37.36 9.48 -22.77
N GLY B 26 -37.77 10.74 -22.59
CA GLY B 26 -37.09 11.59 -21.63
C GLY B 26 -37.14 11.02 -20.22
N LEU B 27 -38.30 10.49 -19.82
CA LEU B 27 -38.43 9.92 -18.48
C LEU B 27 -37.56 8.68 -18.33
N ALA B 28 -37.61 7.77 -19.31
CA ALA B 28 -36.85 6.54 -19.22
C ALA B 28 -35.35 6.75 -19.40
N LEU B 29 -34.94 7.88 -19.96
CA LEU B 29 -33.53 8.17 -20.19
C LEU B 29 -32.92 8.93 -19.02
N PHE B 30 -33.48 10.09 -18.68
CA PHE B 30 -32.86 10.99 -17.72
C PHE B 30 -33.59 11.08 -16.40
N GLY B 31 -34.87 10.70 -16.36
CA GLY B 31 -35.63 10.74 -15.14
C GLY B 31 -36.32 12.08 -14.94
N PRO B 32 -37.18 12.14 -13.93
CA PRO B 32 -37.96 13.37 -13.70
C PRO B 32 -37.10 14.49 -13.13
N LEU B 33 -37.68 15.68 -13.13
CA LEU B 33 -37.01 16.89 -12.68
C LEU B 33 -36.59 16.83 -11.21
N ASN B 34 -37.57 16.82 -10.31
CA ASN B 34 -37.31 16.91 -8.88
C ASN B 34 -37.41 15.53 -8.27
N GLN B 35 -36.66 15.33 -7.18
CA GLN B 35 -36.62 14.05 -6.50
C GLN B 35 -37.58 14.10 -5.32
N ILE B 36 -38.62 13.29 -5.40
CA ILE B 36 -39.44 12.95 -4.24
C ILE B 36 -38.92 11.61 -3.73
N TYR B 37 -38.89 11.46 -2.41
CA TYR B 37 -38.24 10.28 -1.85
C TYR B 37 -39.09 9.02 -2.00
N GLY B 38 -40.38 9.17 -2.28
CA GLY B 38 -41.24 8.03 -2.47
C GLY B 38 -42.69 8.45 -2.45
N ILE B 39 -43.56 7.46 -2.66
CA ILE B 39 -45.00 7.67 -2.63
C ILE B 39 -45.57 6.77 -1.53
N LYS B 40 -46.11 7.40 -0.49
CA LYS B 40 -46.83 6.68 0.56
C LYS B 40 -48.28 6.57 0.11
N SER B 41 -48.57 5.51 -0.64
CA SER B 41 -49.88 5.36 -1.26
C SER B 41 -50.96 5.09 -0.22
N GLY B 42 -52.08 5.76 -0.37
CA GLY B 42 -53.28 5.47 0.40
C GLY B 42 -54.32 4.87 -0.53
N VAL B 43 -54.98 3.81 -0.06
CA VAL B 43 -55.92 3.06 -0.89
C VAL B 43 -57.25 3.00 -0.15
N VAL B 44 -58.30 3.49 -0.80
CA VAL B 44 -59.66 3.49 -0.26
C VAL B 44 -60.47 2.58 -1.17
N GLY B 45 -60.76 1.37 -0.70
CA GLY B 45 -61.53 0.43 -1.49
C GLY B 45 -61.76 -0.85 -0.72
N THR B 46 -62.37 -1.81 -1.40
CA THR B 46 -62.61 -3.10 -0.79
C THR B 46 -61.30 -3.87 -0.63
N GLN B 47 -61.39 -5.02 0.04
CA GLN B 47 -60.22 -5.88 0.17
C GLN B 47 -59.78 -6.42 -1.19
N LYS B 48 -60.75 -6.78 -2.03
CA LYS B 48 -60.43 -7.20 -3.40
C LYS B 48 -59.79 -6.06 -4.18
N GLY B 49 -60.30 -4.83 -4.00
CA GLY B 49 -59.69 -3.68 -4.64
C GLY B 49 -58.28 -3.44 -4.16
N LEU B 50 -58.05 -3.58 -2.85
CA LEU B 50 -56.69 -3.44 -2.32
C LEU B 50 -55.76 -4.50 -2.89
N GLN B 51 -56.24 -5.74 -2.99
CA GLN B 51 -55.42 -6.80 -3.57
C GLN B 51 -55.08 -6.50 -5.03
N ILE B 52 -56.07 -6.02 -5.79
CA ILE B 52 -55.83 -5.69 -7.20
C ILE B 52 -54.81 -4.57 -7.31
N PHE B 53 -54.95 -3.53 -6.49
CA PHE B 53 -54.01 -2.42 -6.54
C PHE B 53 -52.61 -2.87 -6.14
N LYS B 54 -52.51 -3.75 -5.13
CA LYS B 54 -51.21 -4.24 -4.70
C LYS B 54 -50.54 -5.08 -5.79
N SER B 55 -51.32 -5.95 -6.45
CA SER B 55 -50.76 -6.75 -7.53
C SER B 55 -50.29 -5.88 -8.68
N TYR B 56 -51.09 -4.87 -9.04
CA TYR B 56 -50.67 -3.97 -10.12
C TYR B 56 -49.46 -3.15 -9.70
N LEU B 57 -49.36 -2.77 -8.43
CA LEU B 57 -48.21 -2.01 -7.97
C LEU B 57 -46.95 -2.86 -7.98
N ASP B 58 -47.06 -4.15 -7.67
CA ASP B 58 -45.92 -5.05 -7.83
C ASP B 58 -45.54 -5.19 -9.30
N LYS B 59 -46.54 -5.32 -10.17
CA LYS B 59 -46.26 -5.48 -11.60
C LYS B 59 -45.61 -4.24 -12.19
N ILE B 60 -45.94 -3.06 -11.67
CA ILE B 60 -45.37 -1.82 -12.19
C ILE B 60 -43.84 -1.81 -12.04
N GLN B 61 -43.34 -2.35 -10.92
CA GLN B 61 -41.92 -2.23 -10.62
C GLN B 61 -41.07 -2.90 -11.68
N LYS B 62 -41.46 -4.09 -12.14
CA LYS B 62 -40.72 -4.75 -13.19
C LYS B 62 -41.13 -4.20 -14.56
N PRO B 63 -40.24 -4.26 -15.54
CA PRO B 63 -40.59 -3.73 -16.86
C PRO B 63 -41.81 -4.40 -17.44
N ILE B 64 -42.65 -3.61 -18.11
CA ILE B 64 -43.87 -4.09 -18.75
C ILE B 64 -43.88 -3.56 -20.19
N TYR B 65 -44.24 -4.43 -21.13
CA TYR B 65 -44.01 -4.19 -22.54
C TYR B 65 -45.32 -3.90 -23.26
N ASN B 66 -45.28 -2.95 -24.19
CA ASN B 66 -46.37 -2.75 -25.13
C ASN B 66 -46.29 -3.77 -26.25
N HIS B 67 -47.39 -3.93 -26.98
CA HIS B 67 -47.40 -4.87 -28.10
C HIS B 67 -46.50 -4.39 -29.23
N ASN B 68 -46.41 -3.08 -29.45
CA ASN B 68 -45.51 -2.49 -30.42
C ASN B 68 -44.66 -1.46 -29.69
N ASN B 69 -43.46 -1.86 -29.27
CA ASN B 69 -42.64 -1.01 -28.42
C ASN B 69 -42.04 0.18 -29.18
N ILE B 70 -41.90 0.09 -30.49
CA ILE B 70 -41.42 1.23 -31.27
C ILE B 70 -42.50 2.29 -31.37
N THR B 71 -43.74 1.87 -31.65
CA THR B 71 -44.84 2.84 -31.78
C THR B 71 -45.15 3.50 -30.44
N ARG B 72 -45.10 2.74 -29.36
CA ARG B 72 -45.34 3.28 -28.03
C ARG B 72 -44.30 2.74 -27.06
N PRO B 73 -43.52 3.61 -26.42
CA PRO B 73 -42.38 3.14 -25.63
C PRO B 73 -42.79 2.27 -24.45
N MET B 74 -41.87 1.39 -24.06
CA MET B 74 -42.06 0.50 -22.93
C MET B 74 -42.02 1.26 -21.62
N PHE B 75 -42.42 0.57 -20.55
CA PHE B 75 -42.23 1.08 -19.19
C PHE B 75 -41.08 0.34 -18.53
N PRO B 76 -39.94 0.99 -18.28
CA PRO B 76 -38.82 0.29 -17.62
C PRO B 76 -39.15 -0.21 -16.23
N GLY B 77 -40.03 0.47 -15.51
CA GLY B 77 -40.27 0.18 -14.11
C GLY B 77 -40.22 1.44 -13.28
N PHE B 78 -41.05 1.52 -12.24
CA PHE B 78 -41.25 2.79 -11.55
C PHE B 78 -39.96 3.32 -10.94
N GLU B 79 -39.21 2.45 -10.25
CA GLU B 79 -37.96 2.90 -9.63
C GLU B 79 -36.92 3.24 -10.68
N ALA B 80 -36.89 2.50 -11.79
CA ALA B 80 -35.93 2.81 -12.86
C ALA B 80 -36.19 4.20 -13.45
N VAL B 81 -37.46 4.55 -13.66
CA VAL B 81 -37.79 5.81 -14.32
C VAL B 81 -37.72 6.96 -13.33
N PHE B 82 -38.56 6.92 -12.29
CA PHE B 82 -38.78 8.08 -11.44
C PHE B 82 -37.77 8.22 -10.32
N GLY B 83 -36.98 7.19 -10.02
CA GLY B 83 -35.98 7.29 -8.99
C GLY B 83 -36.53 7.35 -7.58
N CYS B 84 -37.77 6.91 -7.38
CA CYS B 84 -38.39 6.93 -6.07
C CYS B 84 -39.15 5.63 -5.86
N LYS B 85 -39.41 5.32 -4.59
CA LYS B 85 -40.02 4.05 -4.20
C LYS B 85 -41.51 4.22 -4.06
N TRP B 86 -42.26 3.33 -4.73
CA TRP B 86 -43.72 3.29 -4.67
C TRP B 86 -44.16 1.85 -4.44
N GLU B 87 -43.56 1.22 -3.43
CA GLU B 87 -43.82 -0.18 -3.12
C GLU B 87 -45.25 -0.36 -2.63
N SER B 88 -45.74 -1.60 -2.79
CA SER B 88 -47.09 -1.95 -2.37
C SER B 88 -47.16 -2.46 -0.94
N GLN B 89 -46.03 -2.54 -0.24
CA GLN B 89 -46.01 -2.96 1.16
C GLN B 89 -46.06 -1.79 2.12
N ASN B 90 -46.17 -0.57 1.62
CA ASN B 90 -46.24 0.62 2.46
C ASN B 90 -47.53 1.37 2.19
N ILE B 91 -48.65 0.63 2.13
CA ILE B 91 -49.94 1.16 1.72
C ILE B 91 -50.78 1.44 2.97
N VAL B 92 -51.31 2.66 3.06
CA VAL B 92 -52.27 3.01 4.10
C VAL B 92 -53.66 2.69 3.56
N PHE B 93 -54.26 1.63 4.09
CA PHE B 93 -55.49 1.08 3.54
C PHE B 93 -56.68 1.45 4.42
N LYS B 94 -57.77 1.88 3.79
CA LYS B 94 -59.02 2.21 4.46
C LYS B 94 -60.12 1.36 3.84
N GLU B 95 -60.46 0.26 4.50
CA GLU B 95 -61.41 -0.70 3.94
C GLU B 95 -62.81 -0.11 3.83
N ILE B 96 -63.52 -0.54 2.79
CA ILE B 96 -64.93 -0.22 2.61
C ILE B 96 -65.66 -1.53 2.34
N THR B 97 -66.70 -1.81 3.12
CA THR B 97 -67.46 -3.04 2.97
C THR B 97 -68.86 -2.76 2.44
N LYS B 112 -79.39 10.78 -5.16
CA LYS B 112 -78.75 10.91 -3.85
C LYS B 112 -77.82 9.72 -3.60
N ARG B 113 -78.02 8.65 -4.37
CA ARG B 113 -77.14 7.48 -4.27
C ARG B 113 -75.70 7.86 -4.61
N THR B 114 -75.52 8.68 -5.64
CA THR B 114 -74.18 9.17 -5.95
C THR B 114 -73.61 9.99 -4.81
N TYR B 115 -74.44 10.81 -4.16
CA TYR B 115 -73.96 11.67 -3.08
C TYR B 115 -73.44 10.84 -1.92
N ASP B 116 -74.18 9.82 -1.48
CA ASP B 116 -73.72 9.01 -0.36
C ASP B 116 -72.59 8.07 -0.76
N LEU B 117 -72.59 7.60 -2.01
CA LEU B 117 -71.45 6.81 -2.48
C LEU B 117 -70.16 7.63 -2.46
N VAL B 118 -70.24 8.89 -2.87
CA VAL B 118 -69.10 9.78 -2.75
C VAL B 118 -68.78 10.03 -1.28
N THR B 119 -69.81 10.15 -0.45
CA THR B 119 -69.63 10.46 0.96
C THR B 119 -68.85 9.36 1.68
N LEU B 120 -69.10 8.10 1.31
CA LEU B 120 -68.38 7.00 1.95
C LEU B 120 -66.87 7.16 1.78
N PHE B 121 -66.40 7.15 0.52
CA PHE B 121 -64.98 7.32 0.25
C PHE B 121 -64.47 8.64 0.81
N ASN B 122 -65.26 9.70 0.69
CA ASN B 122 -64.86 11.01 1.18
C ASN B 122 -64.56 10.96 2.67
N ASP B 123 -65.59 10.69 3.48
CA ASP B 123 -65.42 10.67 4.93
C ASP B 123 -64.31 9.72 5.36
N LYS B 124 -64.16 8.58 4.67
CA LYS B 124 -63.00 7.74 4.94
C LYS B 124 -61.72 8.52 4.77
N ILE B 125 -61.59 9.26 3.66
CA ILE B 125 -60.34 9.96 3.39
C ILE B 125 -60.11 11.09 4.39
N ILE B 126 -61.16 11.85 4.72
CA ILE B 126 -61.00 12.96 5.66
C ILE B 126 -60.63 12.44 7.04
N THR B 127 -61.29 11.37 7.50
CA THR B 127 -60.94 10.82 8.79
C THR B 127 -59.52 10.27 8.79
N ALA B 128 -59.09 9.66 7.70
CA ALA B 128 -57.71 9.16 7.63
C ALA B 128 -56.70 10.30 7.62
N ASN B 129 -56.99 11.37 6.87
CA ASN B 129 -56.05 12.48 6.78
C ASN B 129 -56.02 13.30 8.07
N LYS B 130 -57.13 13.35 8.79
CA LYS B 130 -57.20 14.11 10.03
C LYS B 130 -56.74 13.27 11.23
N ASN B 131 -57.45 12.18 11.50
CA ASN B 131 -57.25 11.44 12.74
C ASN B 131 -55.97 10.59 12.70
N ASP B 132 -55.69 9.93 11.59
CA ASP B 132 -54.62 8.95 11.55
C ASP B 132 -53.26 9.61 11.46
N GLU B 133 -52.25 8.94 12.04
CA GLU B 133 -50.89 9.44 12.04
C GLU B 133 -50.15 9.11 10.75
N GLU B 134 -50.52 8.01 10.08
CA GLU B 134 -49.88 7.60 8.85
C GLU B 134 -50.06 8.65 7.76
N ARG B 135 -48.97 9.28 7.35
CA ARG B 135 -49.02 10.28 6.31
C ARG B 135 -49.15 9.62 4.93
N VAL B 136 -49.99 10.21 4.09
CA VAL B 136 -50.27 9.68 2.76
C VAL B 136 -49.96 10.76 1.73
N ASP B 137 -49.19 10.39 0.70
CA ASP B 137 -48.82 11.34 -0.34
C ASP B 137 -49.96 11.55 -1.33
N VAL B 138 -50.63 10.47 -1.73
CA VAL B 138 -51.74 10.54 -2.67
C VAL B 138 -52.65 9.34 -2.42
N TRP B 139 -53.96 9.60 -2.38
CA TRP B 139 -54.94 8.58 -2.03
C TRP B 139 -55.46 7.92 -3.32
N PHE B 140 -55.21 6.63 -3.46
CA PHE B 140 -55.64 5.89 -4.65
C PHE B 140 -57.02 5.29 -4.38
N VAL B 141 -58.04 6.02 -4.79
CA VAL B 141 -59.43 5.58 -4.63
C VAL B 141 -59.71 4.49 -5.65
N ILE B 142 -59.65 3.24 -5.22
CA ILE B 142 -59.89 2.10 -6.10
C ILE B 142 -61.39 1.85 -6.11
N VAL B 143 -62.08 2.46 -7.06
CA VAL B 143 -63.54 2.33 -7.09
C VAL B 143 -63.92 0.93 -7.55
N PRO B 144 -64.96 0.34 -6.99
CA PRO B 144 -65.41 -0.99 -7.43
C PRO B 144 -66.18 -0.90 -8.74
N GLU B 145 -66.51 -2.06 -9.29
CA GLU B 145 -67.35 -2.15 -10.48
C GLU B 145 -68.55 -3.06 -10.23
N TYR B 202 -74.09 2.44 -11.01
CA TYR B 202 -73.06 3.34 -11.53
C TYR B 202 -73.63 4.75 -11.63
N ASP B 203 -72.78 5.76 -11.39
CA ASP B 203 -73.21 7.14 -11.36
C ASP B 203 -72.29 8.01 -12.20
N ALA B 204 -72.86 9.06 -12.80
CA ALA B 204 -72.14 9.89 -13.76
C ALA B 204 -71.18 10.86 -13.08
N GLN B 205 -71.57 11.44 -11.94
CA GLN B 205 -70.80 12.52 -11.32
C GLN B 205 -70.00 12.03 -10.12
N PHE B 206 -69.44 10.83 -10.19
CA PHE B 206 -68.67 10.28 -9.08
C PHE B 206 -67.35 11.03 -8.90
N HIS B 207 -66.53 11.06 -9.96
CA HIS B 207 -65.17 11.57 -9.84
C HIS B 207 -65.14 13.06 -9.55
N ASP B 208 -65.87 13.86 -10.33
CA ASP B 208 -65.78 15.31 -10.19
C ASP B 208 -66.36 15.76 -8.86
N GLN B 209 -67.49 15.18 -8.45
CA GLN B 209 -68.08 15.53 -7.16
C GLN B 209 -67.17 15.10 -6.01
N LEU B 210 -66.55 13.93 -6.12
CA LEU B 210 -65.61 13.49 -5.09
C LEU B 210 -64.44 14.45 -4.96
N LYS B 211 -63.87 14.87 -6.09
CA LYS B 211 -62.76 15.82 -6.04
C LYS B 211 -63.21 17.15 -5.47
N ALA B 212 -64.41 17.61 -5.83
CA ALA B 212 -64.92 18.87 -5.29
C ALA B 212 -65.14 18.79 -3.79
N ARG B 213 -65.61 17.64 -3.29
CA ARG B 213 -65.83 17.50 -1.85
C ARG B 213 -64.52 17.46 -1.08
N LEU B 214 -63.50 16.76 -1.60
CA LEU B 214 -62.20 16.86 -0.95
C LEU B 214 -61.47 18.16 -1.24
N LEU B 215 -62.02 19.00 -2.12
CA LEU B 215 -61.30 20.19 -2.55
C LEU B 215 -61.06 21.17 -1.42
N GLU B 216 -61.96 21.23 -0.43
CA GLU B 216 -61.82 22.23 0.63
C GLU B 216 -60.55 22.01 1.45
N HIS B 217 -60.28 20.76 1.85
CA HIS B 217 -59.04 20.40 2.54
C HIS B 217 -58.14 19.68 1.54
N THR B 218 -57.08 20.37 1.11
CA THR B 218 -56.26 19.93 -0.02
C THR B 218 -55.72 18.52 0.19
N ILE B 219 -56.20 17.57 -0.61
CA ILE B 219 -55.77 16.18 -0.55
C ILE B 219 -55.61 15.67 -1.97
N PRO B 220 -54.39 15.49 -2.47
CA PRO B 220 -54.22 14.91 -3.81
C PRO B 220 -54.72 13.47 -3.84
N THR B 221 -55.61 13.20 -4.79
CA THR B 221 -56.22 11.89 -4.91
C THR B 221 -56.24 11.46 -6.37
N GLN B 222 -56.14 10.15 -6.58
CA GLN B 222 -56.18 9.54 -7.91
C GLN B 222 -57.23 8.45 -7.89
N ILE B 223 -58.23 8.57 -8.77
CA ILE B 223 -59.28 7.58 -8.86
C ILE B 223 -58.87 6.52 -9.89
N LEU B 224 -58.94 5.26 -9.48
CA LEU B 224 -58.60 4.13 -10.36
C LEU B 224 -59.77 3.17 -10.37
N ARG B 225 -60.27 2.88 -11.56
CA ARG B 225 -61.28 1.85 -11.71
C ARG B 225 -60.65 0.47 -11.54
N GLU B 226 -61.40 -0.45 -10.96
CA GLU B 226 -60.92 -1.82 -10.82
C GLU B 226 -60.70 -2.46 -12.18
N SER B 227 -61.52 -2.13 -13.16
CA SER B 227 -61.37 -2.67 -14.51
C SER B 227 -60.14 -2.13 -15.22
N THR B 228 -59.49 -1.09 -14.68
CA THR B 228 -58.27 -0.55 -15.26
C THR B 228 -57.03 -1.25 -14.74
N LEU B 229 -56.91 -1.37 -13.41
CA LEU B 229 -55.73 -1.98 -12.82
C LEU B 229 -55.62 -3.46 -13.20
N ALA B 230 -56.72 -4.20 -13.05
CA ALA B 230 -56.78 -5.62 -13.42
C ALA B 230 -57.89 -5.77 -14.45
N TRP B 231 -57.53 -5.55 -15.72
CA TRP B 231 -58.50 -5.62 -16.80
C TRP B 231 -58.73 -7.04 -17.32
N ARG B 232 -57.85 -7.97 -17.00
CA ARG B 232 -57.99 -9.32 -17.53
C ARG B 232 -59.09 -10.12 -16.82
N ASP B 233 -59.28 -9.90 -15.52
CA ASP B 233 -60.24 -10.70 -14.77
C ASP B 233 -61.67 -10.44 -15.22
N PHE B 234 -62.07 -9.17 -15.28
CA PHE B 234 -63.43 -8.80 -15.66
C PHE B 234 -63.55 -8.81 -17.18
N LYS B 235 -64.41 -9.71 -17.68
CA LYS B 235 -64.59 -9.94 -19.11
C LYS B 235 -65.96 -9.45 -19.55
N ASN B 236 -66.18 -9.50 -20.86
CA ASN B 236 -67.47 -9.15 -21.45
C ASN B 236 -68.50 -10.28 -21.32
N THR B 237 -68.18 -11.32 -20.54
CA THR B 237 -68.97 -12.51 -20.27
C THR B 237 -69.10 -13.43 -21.48
N PHE B 238 -68.53 -13.08 -22.64
CA PHE B 238 -68.54 -13.99 -23.77
C PHE B 238 -67.24 -13.99 -24.56
N GLY B 239 -66.15 -13.46 -24.02
CA GLY B 239 -64.91 -13.41 -24.77
C GLY B 239 -63.82 -12.55 -24.17
N ALA B 240 -63.28 -11.65 -24.97
CA ALA B 240 -62.17 -10.80 -24.54
C ALA B 240 -62.62 -9.84 -23.44
N PRO B 241 -61.68 -9.35 -22.64
CA PRO B 241 -62.04 -8.42 -21.56
C PRO B 241 -62.71 -7.15 -22.10
N ILE B 242 -63.54 -6.54 -21.25
CA ILE B 242 -64.30 -5.37 -21.66
C ILE B 242 -63.34 -4.25 -22.09
N ARG B 243 -62.31 -4.00 -21.29
CA ARG B 243 -61.29 -3.01 -21.61
C ARG B 243 -60.04 -3.76 -22.04
N ASP B 244 -59.91 -4.02 -23.34
CA ASP B 244 -58.77 -4.74 -23.89
C ASP B 244 -57.55 -3.83 -23.84
N PHE B 245 -56.70 -4.02 -22.84
CA PHE B 245 -55.52 -3.20 -22.62
C PHE B 245 -54.23 -3.94 -22.95
N SER B 246 -54.32 -5.06 -23.68
CA SER B 246 -53.14 -5.89 -23.92
C SER B 246 -52.07 -5.13 -24.71
N LYS B 247 -52.48 -4.37 -25.71
CA LYS B 247 -51.53 -3.64 -26.54
C LYS B 247 -51.02 -2.36 -25.90
N ILE B 248 -51.57 -1.96 -24.76
CA ILE B 248 -51.31 -0.63 -24.21
C ILE B 248 -50.86 -0.71 -22.77
N GLU B 249 -50.66 -1.95 -22.28
CA GLU B 249 -50.40 -2.19 -20.86
C GLU B 249 -49.29 -1.28 -20.32
N GLY B 250 -48.10 -1.38 -20.91
CA GLY B 250 -47.01 -0.54 -20.45
C GLY B 250 -47.35 0.93 -20.53
N HIS B 251 -47.95 1.35 -21.64
CA HIS B 251 -48.42 2.74 -21.74
C HIS B 251 -49.34 3.07 -20.58
N LEU B 252 -50.29 2.18 -20.30
CA LEU B 252 -51.12 2.33 -19.12
C LEU B 252 -50.24 2.46 -17.87
N ALA B 253 -49.33 1.50 -17.69
CA ALA B 253 -48.42 1.56 -16.55
C ALA B 253 -47.61 2.84 -16.57
N TRP B 254 -47.36 3.40 -17.75
CA TRP B 254 -46.76 4.72 -17.84
C TRP B 254 -47.67 5.76 -17.17
N THR B 255 -48.85 5.96 -17.74
CA THR B 255 -49.67 7.12 -17.38
C THR B 255 -50.00 7.11 -15.89
N ILE B 256 -50.55 6.00 -15.41
CA ILE B 256 -50.84 5.86 -13.99
C ILE B 256 -49.65 6.29 -13.16
N SER B 257 -48.48 5.70 -13.43
CA SER B 257 -47.29 6.04 -12.67
C SER B 257 -47.01 7.53 -12.75
N THR B 258 -47.01 8.09 -13.96
CA THR B 258 -46.81 9.53 -14.11
C THR B 258 -47.82 10.30 -13.29
N ALA B 259 -49.10 9.91 -13.41
CA ALA B 259 -50.13 10.56 -12.61
C ALA B 259 -49.79 10.49 -11.13
N ALA B 260 -49.45 9.29 -10.66
CA ALA B 260 -49.05 9.16 -9.26
C ALA B 260 -47.87 10.06 -8.95
N TYR B 261 -46.86 10.05 -9.82
CA TYR B 261 -45.68 10.86 -9.56
C TYR B 261 -46.02 12.35 -9.58
N TYR B 262 -47.06 12.73 -10.31
CA TYR B 262 -47.47 14.13 -10.26
C TYR B 262 -48.27 14.42 -8.99
N LYS B 263 -49.08 13.47 -8.53
CA LYS B 263 -49.92 13.73 -7.37
C LYS B 263 -49.18 13.57 -6.06
N ALA B 264 -47.96 13.01 -6.08
CA ALA B 264 -47.12 12.90 -4.90
C ALA B 264 -46.18 14.09 -4.74
N GLY B 265 -46.32 15.11 -5.57
CA GLY B 265 -45.48 16.29 -5.48
C GLY B 265 -44.29 16.31 -6.40
N GLY B 266 -44.23 15.43 -7.39
CA GLY B 266 -43.09 15.35 -8.29
C GLY B 266 -43.39 16.01 -9.62
N LYS B 267 -42.35 16.65 -10.18
CA LYS B 267 -42.46 17.34 -11.46
C LYS B 267 -41.84 16.47 -12.55
N PRO B 268 -42.64 15.88 -13.45
CA PRO B 268 -42.04 14.97 -14.45
C PRO B 268 -41.26 15.69 -15.53
N TRP B 269 -41.73 16.84 -16.00
CA TRP B 269 -41.05 17.55 -17.08
C TRP B 269 -41.47 19.02 -17.08
N LYS B 270 -40.65 19.84 -17.74
CA LYS B 270 -40.84 21.28 -17.83
C LYS B 270 -41.09 21.70 -19.28
N LEU B 271 -41.09 23.02 -19.50
CA LEU B 271 -41.11 23.64 -20.82
C LEU B 271 -39.93 24.60 -20.96
N GLY B 272 -39.52 24.81 -22.21
CA GLY B 272 -38.44 25.72 -22.53
C GLY B 272 -38.75 26.59 -23.73
N PRO B 276 -40.20 33.47 -22.38
CA PRO B 276 -40.33 34.04 -21.04
C PRO B 276 -41.15 35.33 -21.02
N GLY B 277 -41.75 35.64 -19.88
CA GLY B 277 -42.54 36.85 -19.75
C GLY B 277 -43.93 36.77 -20.32
N VAL B 278 -44.38 35.58 -20.73
CA VAL B 278 -45.70 35.40 -21.34
C VAL B 278 -46.53 34.49 -20.45
N CYS B 279 -47.71 34.98 -20.04
CA CYS B 279 -48.65 34.21 -19.25
C CYS B 279 -49.70 33.61 -20.19
N TYR B 280 -49.81 32.28 -20.18
CA TYR B 280 -50.73 31.55 -21.04
C TYR B 280 -51.97 31.24 -20.21
N LEU B 281 -53.08 31.90 -20.53
CA LEU B 281 -54.28 31.90 -19.71
C LEU B 281 -55.40 31.24 -20.51
N GLY B 282 -55.59 29.95 -20.30
CA GLY B 282 -56.64 29.23 -20.99
C GLY B 282 -57.91 29.14 -20.16
N LEU B 283 -58.99 29.74 -20.63
CA LEU B 283 -60.25 29.79 -19.90
C LEU B 283 -61.32 29.00 -20.63
N VAL B 284 -62.10 28.23 -19.87
CA VAL B 284 -63.11 27.32 -20.42
C VAL B 284 -64.44 27.59 -19.72
N TYR B 285 -65.53 27.51 -20.47
CA TYR B 285 -66.87 27.80 -19.98
C TYR B 285 -67.61 26.50 -19.71
N LYS B 286 -68.22 26.39 -18.53
CA LYS B 286 -68.95 25.23 -18.07
C LYS B 286 -70.44 25.56 -18.03
N LYS B 287 -71.26 24.68 -18.59
CA LYS B 287 -72.70 24.83 -18.54
C LYS B 287 -73.26 24.19 -17.27
N ILE B 288 -74.03 24.97 -16.52
CA ILE B 288 -74.62 24.48 -15.28
C ILE B 288 -76.14 24.49 -15.40
N GLN B 295 -76.90 29.14 -16.13
CA GLN B 295 -75.72 29.93 -15.81
C GLN B 295 -74.47 29.30 -16.41
N ASN B 296 -73.44 30.11 -16.63
CA ASN B 296 -72.18 29.65 -17.18
C ASN B 296 -71.05 29.98 -16.22
N ALA B 297 -70.09 29.06 -16.09
CA ALA B 297 -68.98 29.23 -15.16
C ALA B 297 -67.68 29.25 -15.96
N CYS B 298 -66.99 30.39 -15.97
CA CYS B 298 -65.70 30.51 -16.60
C CYS B 298 -64.63 30.13 -15.59
N CYS B 299 -63.86 29.09 -15.90
CA CYS B 299 -62.77 28.62 -15.07
C CYS B 299 -61.52 28.56 -15.92
N ALA B 300 -60.41 29.09 -15.40
CA ALA B 300 -59.21 29.27 -16.18
C ALA B 300 -58.03 28.52 -15.56
N ALA B 301 -57.04 28.25 -16.40
CA ALA B 301 -55.75 27.74 -15.99
C ALA B 301 -54.67 28.67 -16.53
N GLN B 302 -53.58 28.82 -15.79
CA GLN B 302 -52.50 29.69 -16.20
C GLN B 302 -51.18 28.93 -16.23
N MET B 303 -50.29 29.34 -17.13
CA MET B 303 -48.99 28.71 -17.26
C MET B 303 -47.96 29.75 -17.65
N PHE B 304 -46.82 29.75 -16.96
CA PHE B 304 -45.77 30.71 -17.29
C PHE B 304 -44.45 30.19 -16.72
N LEU B 305 -43.41 31.00 -16.87
CA LEU B 305 -42.06 30.66 -16.44
C LEU B 305 -41.63 31.59 -15.31
N ASP B 306 -41.04 31.01 -14.27
CA ASP B 306 -40.52 31.78 -13.16
C ASP B 306 -39.08 32.20 -13.45
N ASN B 307 -38.48 32.95 -12.53
CA ASN B 307 -37.12 33.42 -12.72
C ASN B 307 -36.09 32.29 -12.60
N GLY B 308 -36.48 31.13 -12.08
CA GLY B 308 -35.58 30.00 -11.97
C GLY B 308 -35.74 29.01 -13.09
N ASP B 309 -36.31 29.45 -14.21
CA ASP B 309 -36.58 28.65 -15.39
C ASP B 309 -37.61 27.56 -15.15
N GLY B 310 -38.24 27.54 -13.98
CA GLY B 310 -39.33 26.61 -13.74
C GLY B 310 -40.61 27.08 -14.38
N THR B 311 -41.48 26.12 -14.70
CA THR B 311 -42.76 26.40 -15.32
C THR B 311 -43.84 26.33 -14.26
N VAL B 312 -44.39 27.48 -13.90
CA VAL B 312 -45.50 27.54 -12.95
C VAL B 312 -46.77 27.23 -13.74
N PHE B 313 -47.40 26.10 -13.42
CA PHE B 313 -48.55 25.61 -14.17
C PHE B 313 -49.72 25.40 -13.23
N LYS B 314 -50.05 26.43 -12.46
CA LYS B 314 -51.23 26.40 -11.60
C LYS B 314 -52.48 26.57 -12.46
N GLY B 315 -53.62 26.70 -11.79
CA GLY B 315 -54.85 27.08 -12.44
C GLY B 315 -55.11 28.58 -12.32
N GLU B 316 -56.33 28.96 -12.67
CA GLU B 316 -56.87 30.28 -12.36
C GLU B 316 -58.30 30.01 -11.90
N VAL B 317 -58.48 29.89 -10.60
CA VAL B 317 -59.69 29.29 -10.05
C VAL B 317 -60.42 30.41 -9.32
N GLY B 318 -61.56 30.10 -8.69
CA GLY B 318 -62.50 31.11 -8.30
C GLY B 318 -63.38 31.46 -9.49
N PRO B 319 -64.17 30.50 -9.93
CA PRO B 319 -64.86 30.62 -11.22
C PRO B 319 -65.74 31.85 -11.28
N TRP B 320 -65.80 32.47 -12.46
CA TRP B 320 -66.56 33.69 -12.66
C TRP B 320 -67.84 33.35 -13.42
N TYR B 321 -68.97 33.85 -12.93
CA TYR B 321 -70.28 33.35 -13.31
C TYR B 321 -70.97 34.34 -14.24
N ASN B 322 -71.30 33.88 -15.44
CA ASN B 322 -72.16 34.63 -16.34
C ASN B 322 -73.60 34.18 -16.15
N PRO B 323 -74.52 35.06 -15.73
CA PRO B 323 -75.90 34.63 -15.50
C PRO B 323 -76.64 34.24 -16.76
N GLU B 324 -76.22 34.70 -17.93
CA GLU B 324 -76.92 34.39 -19.16
C GLU B 324 -76.84 32.89 -19.48
N LYS B 325 -77.86 32.39 -20.18
CA LYS B 325 -77.96 30.96 -20.40
C LYS B 325 -76.93 30.46 -21.40
N GLY B 326 -76.75 31.17 -22.52
CA GLY B 326 -75.89 30.68 -23.57
C GLY B 326 -74.76 31.60 -23.95
N GLU B 327 -74.59 32.69 -23.21
CA GLU B 327 -73.51 33.64 -23.48
C GLU B 327 -72.23 33.10 -22.86
N TYR B 328 -71.39 32.48 -23.68
CA TYR B 328 -70.09 31.98 -23.23
C TYR B 328 -69.06 33.11 -23.22
N HIS B 329 -69.40 34.18 -22.52
CA HIS B 329 -68.56 35.36 -22.42
C HIS B 329 -68.63 35.92 -21.01
N LEU B 330 -67.52 36.46 -20.55
CA LEU B 330 -67.46 37.03 -19.21
C LEU B 330 -68.02 38.43 -19.19
N LYS B 331 -68.78 38.74 -18.15
CA LYS B 331 -69.25 40.10 -17.94
C LYS B 331 -68.05 41.00 -17.59
N PRO B 332 -68.17 42.30 -17.82
CA PRO B 332 -67.02 43.20 -17.58
C PRO B 332 -66.42 43.06 -16.19
N LYS B 333 -67.25 42.98 -15.15
CA LYS B 333 -66.71 42.87 -13.79
C LYS B 333 -65.96 41.55 -13.61
N GLU B 334 -66.56 40.44 -14.06
CA GLU B 334 -65.88 39.15 -13.93
C GLU B 334 -64.66 39.05 -14.82
N ALA B 335 -64.69 39.66 -16.01
CA ALA B 335 -63.51 39.67 -16.86
C ALA B 335 -62.37 40.43 -16.19
N LYS B 336 -62.67 41.60 -15.63
CA LYS B 336 -61.65 42.35 -14.90
C LYS B 336 -61.12 41.54 -13.72
N ALA B 337 -62.01 40.87 -12.99
CA ALA B 337 -61.59 40.08 -11.84
C ALA B 337 -60.67 38.94 -12.26
N LEU B 338 -61.03 38.22 -13.32
CA LEU B 338 -60.21 37.12 -13.80
C LEU B 338 -58.83 37.61 -14.23
N LEU B 339 -58.80 38.68 -15.03
CA LEU B 339 -57.52 39.15 -15.53
C LEU B 339 -56.65 39.69 -14.41
N THR B 340 -57.23 40.42 -13.46
CA THR B 340 -56.41 40.95 -12.37
C THR B 340 -55.95 39.84 -11.44
N GLN B 341 -56.75 38.79 -11.27
CA GLN B 341 -56.31 37.64 -10.47
C GLN B 341 -55.12 36.95 -11.12
N ALA B 342 -55.21 36.70 -12.43
CA ALA B 342 -54.09 36.08 -13.13
C ALA B 342 -52.84 36.96 -13.10
N LEU B 343 -53.03 38.27 -13.29
CA LEU B 343 -51.88 39.18 -13.29
C LEU B 343 -51.27 39.30 -11.90
N GLU B 344 -52.09 39.25 -10.85
CA GLU B 344 -51.55 39.27 -9.50
C GLU B 344 -50.81 37.99 -9.18
N SER B 345 -51.31 36.85 -9.66
CA SER B 345 -50.58 35.60 -9.48
C SER B 345 -49.21 35.67 -10.17
N TYR B 346 -49.19 36.16 -11.40
CA TYR B 346 -47.92 36.31 -12.12
C TYR B 346 -47.00 37.29 -11.40
N LYS B 347 -47.56 38.38 -10.87
CA LYS B 347 -46.74 39.38 -10.19
C LYS B 347 -46.13 38.81 -8.92
N GLU B 348 -46.91 38.07 -8.13
CA GLU B 348 -46.36 37.50 -6.91
C GLU B 348 -45.37 36.38 -7.21
N GLN B 349 -45.52 35.69 -8.35
CA GLN B 349 -44.59 34.62 -8.68
C GLN B 349 -43.28 35.16 -9.24
N ASN B 350 -43.36 35.96 -10.31
CA ASN B 350 -42.19 36.43 -11.05
C ASN B 350 -41.75 37.84 -10.65
N LYS B 351 -42.37 38.44 -9.64
CA LYS B 351 -41.93 39.71 -9.05
C LYS B 351 -42.23 40.88 -9.99
N SER B 352 -42.69 40.60 -11.21
CA SER B 352 -42.99 41.63 -12.17
C SER B 352 -44.19 41.22 -13.02
N TYR B 353 -44.85 42.21 -13.60
CA TYR B 353 -46.02 41.96 -14.42
C TYR B 353 -45.62 41.30 -15.74
N PRO B 354 -46.49 40.44 -16.28
CA PRO B 354 -46.14 39.72 -17.51
C PRO B 354 -46.04 40.66 -18.71
N LYS B 355 -45.14 40.30 -19.64
CA LYS B 355 -44.99 41.07 -20.86
C LYS B 355 -46.13 40.81 -21.83
N GLU B 356 -46.73 39.62 -21.77
CA GLU B 356 -47.75 39.21 -22.72
C GLU B 356 -48.68 38.22 -22.03
N VAL B 357 -49.98 38.52 -22.04
CA VAL B 357 -50.98 37.67 -21.41
C VAL B 357 -51.67 36.90 -22.54
N PHE B 358 -51.15 35.71 -22.82
CA PHE B 358 -51.65 34.88 -23.92
C PHE B 358 -52.93 34.22 -23.42
N ILE B 359 -54.05 34.91 -23.61
CA ILE B 359 -55.36 34.40 -23.20
C ILE B 359 -55.94 33.64 -24.37
N HIS B 360 -56.15 32.34 -24.20
CA HIS B 360 -56.76 31.51 -25.22
C HIS B 360 -57.97 30.79 -24.65
N ALA B 361 -58.93 30.49 -25.52
CA ALA B 361 -60.17 29.88 -25.10
C ALA B 361 -60.77 29.13 -26.28
N ARG B 362 -61.86 28.40 -26.00
CA ARG B 362 -62.59 27.68 -27.03
C ARG B 362 -63.71 28.50 -27.63
N THR B 363 -63.87 29.77 -27.21
CA THR B 363 -64.90 30.66 -27.70
C THR B 363 -64.26 31.93 -28.21
N ARG B 364 -64.97 32.62 -29.10
CA ARG B 364 -64.53 33.93 -29.55
C ARG B 364 -64.80 34.96 -28.45
N PHE B 365 -63.88 35.91 -28.30
CA PHE B 365 -64.03 36.95 -27.30
C PHE B 365 -64.93 38.06 -27.84
N ASN B 366 -65.90 38.47 -27.04
CA ASN B 366 -66.77 39.57 -27.43
C ASN B 366 -66.08 40.91 -27.15
N ASP B 367 -66.73 41.99 -27.60
CA ASP B 367 -66.09 43.30 -27.53
C ASP B 367 -66.07 43.85 -26.11
N GLU B 368 -67.16 43.69 -25.36
CA GLU B 368 -67.21 44.29 -24.02
C GLU B 368 -66.23 43.61 -23.07
N GLU B 369 -66.11 42.28 -23.14
CA GLU B 369 -65.20 41.58 -22.25
C GLU B 369 -63.74 41.82 -22.65
N TRP B 370 -63.48 41.98 -23.96
CA TRP B 370 -62.13 42.35 -24.39
C TRP B 370 -61.78 43.75 -23.93
N ASN B 371 -62.74 44.68 -23.98
CA ASN B 371 -62.50 46.02 -23.47
C ASN B 371 -62.24 45.99 -21.97
N ALA B 372 -62.98 45.15 -21.23
CA ALA B 372 -62.72 45.00 -19.81
C ALA B 372 -61.32 44.48 -19.56
N PHE B 373 -60.90 43.47 -20.32
CA PHE B 373 -59.53 42.98 -20.21
C PHE B 373 -58.51 44.07 -20.48
N ASN B 374 -58.75 44.88 -21.52
CA ASN B 374 -57.79 45.90 -21.90
C ASN B 374 -57.77 47.09 -20.95
N GLU B 375 -58.85 47.32 -20.20
CA GLU B 375 -58.84 48.41 -19.24
C GLU B 375 -58.34 47.98 -17.87
N VAL B 376 -58.51 46.72 -17.49
CA VAL B 376 -57.97 46.29 -16.19
C VAL B 376 -56.47 46.05 -16.28
N THR B 377 -55.95 45.71 -17.46
CA THR B 377 -54.54 45.43 -17.60
C THR B 377 -53.72 46.71 -17.47
N PRO B 378 -52.48 46.61 -16.97
CA PRO B 378 -51.62 47.80 -16.87
C PRO B 378 -50.84 48.07 -18.15
N LYS B 379 -49.99 49.08 -18.12
CA LYS B 379 -49.17 49.44 -19.28
C LYS B 379 -48.04 48.42 -19.47
N ASN B 380 -47.39 48.51 -20.62
CA ASN B 380 -46.31 47.60 -21.02
C ASN B 380 -46.75 46.14 -20.97
N THR B 381 -48.02 45.88 -21.30
CA THR B 381 -48.54 44.51 -21.37
C THR B 381 -49.47 44.42 -22.57
N ASN B 382 -49.13 43.55 -23.51
CA ASN B 382 -49.92 43.33 -24.73
C ASN B 382 -50.55 41.95 -24.63
N LEU B 383 -51.82 41.90 -24.25
CA LEU B 383 -52.53 40.63 -24.10
C LEU B 383 -53.24 40.28 -25.41
N VAL B 384 -53.06 39.04 -25.84
CA VAL B 384 -53.56 38.56 -27.14
C VAL B 384 -54.57 37.44 -26.89
N GLY B 385 -55.70 37.51 -27.56
CA GLY B 385 -56.78 36.55 -27.41
C GLY B 385 -56.80 35.57 -28.56
N VAL B 386 -56.88 34.28 -28.21
CA VAL B 386 -56.83 33.20 -29.19
C VAL B 386 -58.03 32.30 -28.98
N THR B 387 -58.57 31.79 -30.08
CA THR B 387 -59.68 30.84 -30.07
C THR B 387 -59.22 29.55 -30.72
N ILE B 388 -59.36 28.44 -29.99
CA ILE B 388 -58.95 27.12 -30.46
C ILE B 388 -60.20 26.27 -30.59
N THR B 389 -60.45 25.76 -31.79
CA THR B 389 -61.66 25.01 -32.09
C THR B 389 -61.29 23.63 -32.62
N LYS B 390 -61.93 22.60 -32.08
CA LYS B 390 -61.74 21.22 -32.49
C LYS B 390 -62.90 20.78 -33.39
N SER B 391 -62.64 19.75 -34.20
CA SER B 391 -63.64 19.10 -35.04
C SER B 391 -64.12 20.00 -36.19
N LYS B 392 -63.29 20.92 -36.63
CA LYS B 392 -63.58 21.63 -37.86
C LYS B 392 -63.30 20.72 -39.05
N PRO B 393 -64.24 20.58 -39.99
CA PRO B 393 -64.14 19.52 -41.01
C PRO B 393 -63.14 19.83 -42.12
N LEU B 394 -61.89 20.09 -41.73
CA LEU B 394 -60.79 20.15 -42.68
C LEU B 394 -59.96 18.88 -42.51
N LYS B 395 -60.41 17.81 -43.15
CA LYS B 395 -59.70 16.53 -43.16
C LYS B 395 -58.70 16.57 -44.31
N LEU B 396 -57.43 16.80 -43.98
CA LEU B 396 -56.40 16.96 -44.99
C LEU B 396 -55.61 15.67 -45.09
N TYR B 397 -55.67 15.02 -46.25
CA TYR B 397 -55.20 13.65 -46.43
C TYR B 397 -53.76 13.65 -46.93
N LYS B 398 -53.25 12.50 -47.37
CA LYS B 398 -51.97 12.41 -48.07
C LYS B 398 -52.14 11.47 -49.25
N THR B 399 -51.80 11.96 -50.44
CA THR B 399 -52.06 11.20 -51.67
C THR B 399 -51.04 10.09 -51.90
N GLU B 400 -49.78 10.31 -51.51
CA GLU B 400 -48.72 9.37 -51.88
C GLU B 400 -48.73 8.12 -51.00
N GLY B 401 -48.50 8.30 -49.70
CA GLY B 401 -48.36 7.18 -48.79
C GLY B 401 -49.68 6.72 -48.21
N ALA B 402 -49.59 5.66 -47.41
CA ALA B 402 -50.74 5.09 -46.72
C ALA B 402 -50.89 5.63 -45.30
N PHE B 403 -50.05 6.60 -44.91
CA PHE B 403 -50.05 7.15 -43.57
C PHE B 403 -50.49 8.61 -43.58
N PRO B 404 -51.06 9.11 -42.49
CA PRO B 404 -51.68 10.44 -42.51
C PRO B 404 -50.69 11.59 -42.57
N ILE B 405 -51.21 12.82 -42.58
CA ILE B 405 -50.37 14.00 -42.51
C ILE B 405 -49.69 14.04 -41.15
N MET B 406 -48.39 14.27 -41.14
CA MET B 406 -47.60 14.12 -39.93
C MET B 406 -47.66 15.38 -39.06
N ARG B 407 -47.68 15.16 -37.75
CA ARG B 407 -47.97 16.20 -36.79
C ARG B 407 -46.95 17.34 -36.86
N GLY B 408 -47.45 18.56 -36.65
CA GLY B 408 -46.65 19.76 -36.72
C GLY B 408 -46.98 20.66 -37.88
N ASN B 409 -47.70 20.16 -38.88
CA ASN B 409 -48.05 20.96 -40.04
C ASN B 409 -49.06 22.05 -39.68
N ALA B 410 -48.87 23.23 -40.24
CA ALA B 410 -49.76 24.36 -40.00
C ALA B 410 -50.21 24.94 -41.33
N TYR B 411 -51.50 25.22 -41.46
CA TYR B 411 -52.08 25.78 -42.68
C TYR B 411 -52.53 27.20 -42.37
N ILE B 412 -51.71 28.18 -42.75
CA ILE B 412 -51.99 29.59 -42.47
C ILE B 412 -53.09 30.02 -43.44
N VAL B 413 -54.33 30.05 -42.97
CA VAL B 413 -55.42 30.49 -43.82
C VAL B 413 -55.35 31.99 -44.06
N ASP B 414 -55.30 32.77 -42.98
CA ASP B 414 -55.10 34.22 -43.03
C ASP B 414 -54.02 34.59 -42.03
N GLU B 415 -53.71 35.89 -41.96
CA GLU B 415 -52.70 36.36 -41.02
C GLU B 415 -53.10 36.11 -39.58
N LYS B 416 -54.40 36.02 -39.29
CA LYS B 416 -54.88 35.86 -37.92
C LYS B 416 -55.44 34.48 -37.63
N LYS B 417 -55.74 33.67 -38.64
CA LYS B 417 -56.38 32.38 -38.45
C LYS B 417 -55.65 31.31 -39.26
N ALA B 418 -55.64 30.09 -38.73
CA ALA B 418 -54.86 29.01 -39.32
C ALA B 418 -55.38 27.68 -38.81
N PHE B 419 -54.93 26.60 -39.45
CA PHE B 419 -55.23 25.23 -39.07
C PHE B 419 -53.94 24.57 -38.61
N LEU B 420 -53.82 24.33 -37.31
CA LEU B 420 -52.62 23.71 -36.75
C LEU B 420 -52.87 22.22 -36.55
N TRP B 421 -51.89 21.40 -36.97
CA TRP B 421 -51.94 19.96 -36.75
C TRP B 421 -51.12 19.65 -35.50
N THR B 422 -51.74 19.86 -34.34
CA THR B 422 -51.11 19.50 -33.08
C THR B 422 -51.04 18.01 -32.85
N LEU B 423 -51.66 17.21 -33.73
CA LEU B 423 -51.65 15.77 -33.58
C LEU B 423 -51.71 15.11 -34.95
N GLY B 424 -51.17 13.91 -35.03
CA GLY B 424 -51.11 13.17 -36.29
C GLY B 424 -49.99 12.17 -36.25
N PHE B 425 -49.47 11.85 -37.44
CA PHE B 425 -48.28 11.02 -37.53
C PHE B 425 -47.10 11.73 -36.90
N VAL B 426 -46.26 10.97 -36.20
CA VAL B 426 -45.03 11.47 -35.60
C VAL B 426 -43.89 10.60 -36.11
N PRO B 427 -42.84 11.18 -36.70
CA PRO B 427 -41.70 10.36 -37.12
C PRO B 427 -41.03 9.63 -35.98
N LYS B 428 -41.01 10.24 -34.79
CA LYS B 428 -40.29 9.65 -33.67
C LYS B 428 -40.93 8.36 -33.19
N LEU B 429 -42.24 8.19 -33.41
CA LEU B 429 -42.93 6.99 -32.99
C LEU B 429 -43.29 6.08 -34.15
N GLN B 430 -43.03 6.49 -35.39
CA GLN B 430 -43.37 5.71 -36.58
C GLN B 430 -44.85 5.36 -36.62
N SER B 431 -45.68 6.21 -36.02
CA SER B 431 -47.11 5.98 -35.96
C SER B 431 -47.80 7.31 -35.75
N THR B 432 -49.10 7.27 -35.45
CA THR B 432 -49.93 8.46 -35.37
C THR B 432 -50.50 8.63 -33.96
N LEU B 433 -50.48 9.87 -33.48
CA LEU B 433 -51.17 10.20 -32.24
C LEU B 433 -52.68 10.10 -32.37
N SER B 434 -53.20 10.12 -33.60
CA SER B 434 -54.63 10.11 -33.86
C SER B 434 -54.97 8.95 -34.79
N MET B 435 -56.00 8.19 -34.42
CA MET B 435 -56.49 7.14 -35.29
C MET B 435 -57.22 7.76 -36.49
N GLU B 436 -57.34 6.96 -37.56
CA GLU B 436 -57.98 7.38 -38.82
C GLU B 436 -57.18 8.55 -39.37
N VAL B 437 -57.80 9.67 -39.70
CA VAL B 437 -57.12 10.86 -40.24
C VAL B 437 -57.18 11.96 -39.20
N PRO B 438 -56.08 12.65 -38.92
CA PRO B 438 -56.08 13.66 -37.85
C PRO B 438 -57.03 14.80 -38.16
N ASN B 439 -57.64 15.33 -37.09
CA ASN B 439 -58.43 16.55 -37.20
C ASN B 439 -57.59 17.72 -36.73
N PRO B 440 -57.29 18.68 -37.59
CA PRO B 440 -56.55 19.87 -37.14
C PRO B 440 -57.41 20.72 -36.21
N ILE B 441 -56.73 21.54 -35.41
CA ILE B 441 -57.39 22.50 -34.55
C ILE B 441 -57.30 23.87 -35.20
N PHE B 442 -58.42 24.56 -35.27
CA PHE B 442 -58.47 25.91 -35.83
C PHE B 442 -58.00 26.90 -34.78
N ILE B 443 -56.98 27.67 -35.09
CA ILE B 443 -56.40 28.67 -34.20
C ILE B 443 -56.68 30.03 -34.81
N GLU B 444 -57.44 30.87 -34.11
CA GLU B 444 -57.83 32.17 -34.62
C GLU B 444 -57.43 33.25 -33.63
N ILE B 445 -56.65 34.21 -34.09
CA ILE B 445 -56.32 35.40 -33.27
C ILE B 445 -57.40 36.42 -33.58
N ASN B 446 -58.55 36.26 -32.92
CA ASN B 446 -59.66 37.18 -33.13
C ASN B 446 -59.46 38.51 -32.41
N LYS B 447 -58.80 38.48 -31.25
CA LYS B 447 -58.59 39.66 -30.43
C LYS B 447 -57.12 39.76 -30.08
N GLY B 448 -56.61 40.98 -30.01
CA GLY B 448 -55.21 41.21 -29.75
C GLY B 448 -54.37 41.14 -31.01
N GLU B 449 -53.11 41.58 -30.89
CA GLU B 449 -52.19 41.64 -32.00
C GLU B 449 -51.02 40.71 -31.73
N ALA B 450 -50.86 39.69 -32.57
CA ALA B 450 -49.75 38.77 -32.47
C ALA B 450 -49.56 38.06 -33.81
N GLU B 451 -48.38 37.48 -33.98
CA GLU B 451 -48.08 36.73 -35.19
C GLU B 451 -48.64 35.32 -35.09
N ILE B 452 -49.21 34.83 -36.19
CA ILE B 452 -49.75 33.48 -36.20
C ILE B 452 -48.64 32.45 -36.02
N GLN B 453 -47.42 32.77 -36.47
CA GLN B 453 -46.29 31.86 -36.30
C GLN B 453 -46.00 31.62 -34.83
N GLN B 454 -45.84 32.70 -34.07
CA GLN B 454 -45.54 32.58 -32.64
C GLN B 454 -46.70 31.99 -31.88
N VAL B 455 -47.94 32.32 -32.28
CA VAL B 455 -49.11 31.76 -31.60
C VAL B 455 -49.17 30.24 -31.81
N LEU B 456 -48.92 29.78 -33.03
CA LEU B 456 -48.92 28.34 -33.29
C LEU B 456 -47.78 27.65 -32.57
N LYS B 457 -46.61 28.31 -32.51
CA LYS B 457 -45.50 27.77 -31.72
C LYS B 457 -45.89 27.61 -30.26
N ASP B 458 -46.56 28.63 -29.71
CA ASP B 458 -46.99 28.58 -28.32
C ASP B 458 -48.01 27.48 -28.09
N ILE B 459 -48.95 27.31 -29.01
CA ILE B 459 -49.96 26.25 -28.88
C ILE B 459 -49.29 24.89 -28.92
N LEU B 460 -48.35 24.69 -29.85
CA LEU B 460 -47.65 23.41 -29.92
C LEU B 460 -46.83 23.16 -28.67
N ALA B 461 -46.26 24.21 -28.08
CA ALA B 461 -45.57 24.05 -26.81
C ALA B 461 -46.53 23.64 -25.70
N LEU B 462 -47.69 24.29 -25.63
CA LEU B 462 -48.66 23.98 -24.58
C LEU B 462 -49.29 22.60 -24.75
N THR B 463 -49.21 22.02 -25.94
CA THR B 463 -49.76 20.68 -26.17
C THR B 463 -48.89 19.57 -25.59
N LYS B 464 -47.96 19.89 -24.68
CA LYS B 464 -47.02 18.91 -24.14
C LYS B 464 -47.21 18.60 -22.66
N LEU B 465 -47.91 19.44 -21.91
CA LEU B 465 -47.87 19.41 -20.46
C LEU B 465 -49.04 18.64 -19.84
N ASN B 466 -49.58 17.64 -20.53
CA ASN B 466 -50.70 16.87 -20.00
C ASN B 466 -50.16 15.92 -18.94
N TYR B 467 -49.92 16.46 -17.74
CA TYR B 467 -49.46 15.65 -16.63
C TYR B 467 -50.45 14.55 -16.25
N ASN B 468 -51.72 14.72 -16.62
CA ASN B 468 -52.72 13.70 -16.34
C ASN B 468 -52.48 12.42 -17.15
N ALA B 469 -51.65 12.49 -18.18
CA ALA B 469 -51.40 11.35 -19.05
C ALA B 469 -49.91 11.24 -19.35
N CYS B 470 -49.49 10.05 -19.78
CA CYS B 470 -48.17 9.85 -20.35
C CYS B 470 -48.37 9.51 -21.83
N ILE B 471 -48.52 10.54 -22.64
CA ILE B 471 -48.69 10.42 -24.08
C ILE B 471 -47.80 11.47 -24.72
N TYR B 472 -47.39 11.22 -25.97
CA TYR B 472 -46.44 12.12 -26.62
C TYR B 472 -46.99 13.54 -26.68
N ALA B 473 -48.26 13.68 -27.06
CA ALA B 473 -48.90 15.00 -27.11
C ALA B 473 -50.40 14.80 -27.28
N ASP B 474 -51.16 15.82 -26.85
CA ASP B 474 -52.60 15.86 -27.03
C ASP B 474 -52.96 16.89 -28.09
N GLY B 475 -54.12 16.69 -28.72
CA GLY B 475 -54.51 17.50 -29.86
C GLY B 475 -54.82 18.95 -29.52
N GLU B 476 -55.08 19.25 -28.25
CA GLU B 476 -55.42 20.59 -27.82
C GLU B 476 -54.41 21.06 -26.77
N PRO B 477 -54.25 22.37 -26.62
CA PRO B 477 -53.36 22.88 -25.56
C PRO B 477 -53.79 22.37 -24.19
N VAL B 478 -52.80 22.04 -23.37
CA VAL B 478 -53.09 21.44 -22.07
C VAL B 478 -53.72 22.46 -21.13
N THR B 479 -53.46 23.75 -21.35
CA THR B 479 -54.07 24.78 -20.50
C THR B 479 -55.59 24.72 -20.59
N LEU B 480 -56.12 24.66 -21.81
CA LEU B 480 -57.57 24.59 -22.00
C LEU B 480 -58.14 23.32 -21.39
N ARG B 481 -57.47 22.17 -21.61
CA ARG B 481 -57.97 20.90 -21.10
C ARG B 481 -57.99 20.87 -19.58
N PHE B 482 -56.93 21.36 -18.95
CA PHE B 482 -56.87 21.39 -17.49
C PHE B 482 -57.88 22.37 -16.91
N ALA B 483 -58.05 23.53 -17.56
CA ALA B 483 -59.07 24.46 -17.11
C ALA B 483 -60.46 23.83 -17.21
N ASN B 484 -60.72 23.08 -18.28
CA ASN B 484 -62.00 22.38 -18.42
C ASN B 484 -62.19 21.36 -17.31
N LYS B 485 -61.14 20.59 -16.99
CA LYS B 485 -61.24 19.59 -15.94
C LYS B 485 -61.54 20.23 -14.59
N ILE B 486 -60.79 21.28 -14.24
CA ILE B 486 -61.02 21.93 -12.95
C ILE B 486 -62.38 22.60 -12.93
N GLY B 487 -62.85 23.14 -14.05
CA GLY B 487 -64.17 23.75 -14.09
C GLY B 487 -65.28 22.73 -13.89
N GLU B 488 -65.13 21.56 -14.53
CA GLU B 488 -66.11 20.49 -14.32
C GLU B 488 -66.12 20.04 -12.87
N ILE B 489 -64.94 19.93 -12.25
CA ILE B 489 -64.87 19.54 -10.85
C ILE B 489 -65.53 20.59 -9.97
N LEU B 490 -65.27 21.88 -10.23
CA LEU B 490 -65.89 22.94 -9.44
C LEU B 490 -67.41 22.90 -9.56
N THR B 491 -67.93 22.84 -10.79
CA THR B 491 -69.37 22.84 -11.00
C THR B 491 -70.03 21.54 -10.59
N ALA B 492 -69.26 20.49 -10.31
CA ALA B 492 -69.86 19.24 -9.85
C ALA B 492 -70.57 19.41 -8.51
N SER B 493 -69.97 20.16 -7.59
CA SER B 493 -70.53 20.31 -6.26
C SER B 493 -70.72 21.77 -5.87
N THR B 494 -71.01 22.02 -4.59
CA THR B 494 -71.31 23.36 -4.12
C THR B 494 -70.09 24.29 -4.30
N GLU B 495 -70.34 25.58 -4.09
CA GLU B 495 -69.32 26.59 -4.26
C GLU B 495 -68.24 26.48 -3.20
N ILE B 496 -66.98 26.65 -3.61
CA ILE B 496 -65.84 26.61 -2.71
C ILE B 496 -65.13 27.96 -2.78
N LYS B 497 -64.94 28.59 -1.62
CA LYS B 497 -64.21 29.84 -1.54
C LYS B 497 -62.71 29.58 -1.57
N THR B 498 -62.00 30.39 -2.37
CA THR B 498 -60.55 30.31 -2.57
C THR B 498 -60.10 28.86 -2.73
N PRO B 499 -60.43 28.21 -3.84
CA PRO B 499 -60.08 26.80 -4.01
C PRO B 499 -58.57 26.61 -4.14
N PRO B 500 -58.10 25.36 -4.11
CA PRO B 500 -56.64 25.14 -4.01
C PRO B 500 -55.81 25.72 -5.14
N LEU B 501 -56.33 25.73 -6.38
CA LEU B 501 -55.64 26.38 -7.50
C LEU B 501 -54.36 25.61 -7.88
N ALA B 502 -54.43 24.28 -7.81
CA ALA B 502 -53.32 23.40 -8.17
C ALA B 502 -53.87 22.10 -8.71
N PHE B 503 -53.25 21.60 -9.78
CA PHE B 503 -53.87 20.57 -10.62
C PHE B 503 -53.84 19.17 -10.01
N LYS B 504 -52.97 18.91 -9.03
CA LYS B 504 -52.95 17.58 -8.44
C LYS B 504 -54.24 17.25 -7.72
N TYR B 505 -55.00 18.27 -7.31
CA TYR B 505 -56.28 18.06 -6.64
C TYR B 505 -57.43 17.89 -7.62
N TYR B 506 -57.21 18.11 -8.91
CA TYR B 506 -58.27 18.01 -9.92
C TYR B 506 -58.07 16.83 -10.86
N ILE B 507 -56.92 16.75 -11.52
CA ILE B 507 -56.71 15.73 -12.54
C ILE B 507 -56.39 14.38 -11.91
N ASN C 3 -14.28 -15.62 9.25
CA ASN C 3 -15.44 -14.88 8.78
C ASN C 3 -15.79 -13.73 9.71
N LYS C 4 -14.77 -13.17 10.35
CA LYS C 4 -14.93 -12.06 11.28
C LYS C 4 -14.58 -10.74 10.62
N ILE C 5 -15.24 -9.68 11.06
CA ILE C 5 -14.95 -8.32 10.60
C ILE C 5 -14.26 -7.61 11.75
N PHE C 6 -12.95 -7.44 11.65
CA PHE C 6 -12.19 -6.78 12.69
C PHE C 6 -12.25 -5.27 12.50
N ILE C 7 -12.54 -4.55 13.58
CA ILE C 7 -12.58 -3.10 13.55
C ILE C 7 -11.50 -2.58 14.48
N SER C 8 -10.58 -1.79 13.93
CA SER C 8 -9.51 -1.16 14.69
C SER C 8 -9.75 0.34 14.74
N HIS C 9 -9.48 0.93 15.90
CA HIS C 9 -9.84 2.33 16.12
C HIS C 9 -9.13 2.83 17.37
N ALA C 10 -9.19 4.15 17.58
CA ALA C 10 -8.82 4.75 18.85
C ALA C 10 -10.01 4.65 19.78
N THR C 11 -9.86 3.89 20.87
CA THR C 11 -11.03 3.55 21.69
C THR C 11 -11.69 4.77 22.33
N PRO C 12 -10.98 5.67 23.03
CA PRO C 12 -11.73 6.76 23.70
C PRO C 12 -12.31 7.76 22.75
N GLU C 13 -11.57 8.12 21.68
CA GLU C 13 -12.07 9.13 20.75
C GLU C 13 -13.18 8.56 19.87
N ASP C 14 -13.01 7.35 19.36
CA ASP C 14 -13.91 6.77 18.37
C ASP C 14 -14.81 5.69 18.95
N ASP C 15 -14.99 5.68 20.28
CA ASP C 15 -15.79 4.66 20.92
C ASP C 15 -17.23 4.66 20.42
N ASP C 16 -17.83 5.85 20.30
CA ASP C 16 -19.22 5.94 19.89
C ASP C 16 -19.43 5.41 18.48
N PHE C 17 -18.60 5.87 17.54
CA PHE C 17 -18.73 5.41 16.16
C PHE C 17 -18.50 3.91 16.07
N THR C 18 -17.46 3.40 16.75
CA THR C 18 -17.17 1.98 16.67
C THR C 18 -18.31 1.15 17.25
N ARG C 19 -18.87 1.58 18.38
CA ARG C 19 -19.99 0.88 18.99
C ARG C 19 -21.19 0.87 18.04
N TRP C 20 -21.52 2.02 17.46
CA TRP C 20 -22.65 2.07 16.53
C TRP C 20 -22.43 1.14 15.35
N LEU C 21 -21.27 1.25 14.70
CA LEU C 21 -21.01 0.46 13.50
C LEU C 21 -21.00 -1.03 13.80
N SER C 22 -20.33 -1.43 14.89
CA SER C 22 -20.28 -2.84 15.24
C SER C 22 -21.66 -3.39 15.57
N LEU C 23 -22.46 -2.62 16.31
CA LEU C 23 -23.80 -3.09 16.66
C LEU C 23 -24.66 -3.24 15.41
N LYS C 24 -24.60 -2.27 14.49
CA LYS C 24 -25.32 -2.41 13.23
C LYS C 24 -24.88 -3.64 12.47
N LEU C 25 -23.57 -3.81 12.31
CA LEU C 25 -23.04 -4.93 11.51
C LEU C 25 -23.46 -6.27 12.11
N ILE C 26 -23.43 -6.38 13.44
CA ILE C 26 -23.95 -7.58 14.08
C ILE C 26 -25.45 -7.71 13.81
N GLY C 27 -26.16 -6.59 13.72
CA GLY C 27 -27.57 -6.64 13.39
C GLY C 27 -27.83 -7.26 12.02
N LEU C 28 -27.07 -6.84 11.01
CA LEU C 28 -27.26 -7.41 9.68
C LEU C 28 -26.82 -8.86 9.58
N GLY C 29 -26.08 -9.38 10.56
CA GLY C 29 -25.72 -10.78 10.54
C GLY C 29 -24.27 -11.04 10.20
N TYR C 30 -23.39 -10.11 10.53
CA TYR C 30 -21.96 -10.23 10.28
C TYR C 30 -21.24 -10.43 11.61
N GLU C 31 -20.44 -11.49 11.69
CA GLU C 31 -19.60 -11.69 12.87
C GLU C 31 -18.58 -10.57 12.97
N VAL C 32 -18.60 -9.85 14.08
CA VAL C 32 -17.81 -8.65 14.25
C VAL C 32 -16.94 -8.80 15.49
N TRP C 33 -15.68 -8.40 15.37
CA TRP C 33 -14.73 -8.43 16.48
C TRP C 33 -14.21 -7.02 16.72
N CYS C 34 -14.49 -6.48 17.90
CA CYS C 34 -13.90 -5.23 18.35
C CYS C 34 -13.56 -5.34 19.83
N ASP C 35 -12.52 -4.60 20.24
CA ASP C 35 -12.08 -4.68 21.63
C ASP C 35 -13.10 -4.07 22.58
N ILE C 36 -13.83 -3.04 22.14
CA ILE C 36 -14.88 -2.46 22.97
C ILE C 36 -16.15 -3.30 23.00
N LEU C 37 -16.23 -4.34 22.17
CA LEU C 37 -17.32 -5.30 22.23
C LEU C 37 -17.01 -6.48 23.15
N PHE C 38 -15.84 -6.50 23.76
CA PHE C 38 -15.43 -7.57 24.67
C PHE C 38 -15.10 -6.96 26.02
N LEU C 39 -15.68 -7.52 27.08
CA LEU C 39 -15.46 -7.03 28.43
C LEU C 39 -14.10 -7.44 28.96
N ASP C 44 -2.35 -13.01 26.63
CA ASP C 44 -3.20 -11.92 27.11
C ASP C 44 -4.20 -11.50 26.04
N PHE C 45 -4.74 -10.28 26.18
CA PHE C 45 -5.70 -9.76 25.22
C PHE C 45 -5.06 -9.57 23.86
N TRP C 46 -3.82 -9.07 23.82
CA TRP C 46 -3.18 -8.77 22.54
C TRP C 46 -2.90 -10.04 21.76
N SER C 47 -2.58 -11.14 22.45
CA SER C 47 -2.42 -12.42 21.78
C SER C 47 -3.73 -12.88 21.15
N THR C 48 -4.85 -12.66 21.85
CA THR C 48 -6.16 -12.97 21.26
C THR C 48 -6.42 -12.11 20.03
N ILE C 49 -6.04 -10.84 20.10
CA ILE C 49 -6.17 -9.95 18.94
C ILE C 49 -5.38 -10.52 17.76
N GLU C 50 -4.14 -10.97 18.02
CA GLU C 50 -3.31 -11.51 16.96
C GLU C 50 -3.91 -12.78 16.39
N LYS C 51 -4.43 -13.66 17.26
CA LYS C 51 -5.04 -14.89 16.78
C LYS C 51 -6.25 -14.59 15.90
N GLU C 52 -7.06 -13.62 16.30
CA GLU C 52 -8.24 -13.28 15.50
C GLU C 52 -7.85 -12.64 14.18
N ILE C 53 -6.81 -11.79 14.19
CA ILE C 53 -6.39 -11.10 12.96
C ILE C 53 -5.76 -12.08 11.98
N ARG C 54 -4.98 -13.03 12.48
CA ARG C 54 -4.26 -13.94 11.59
C ARG C 54 -5.06 -15.19 11.22
N GLU C 55 -6.07 -15.56 12.02
CA GLU C 55 -6.69 -16.88 11.86
C GLU C 55 -7.95 -16.84 11.01
N ASN C 56 -8.98 -16.12 11.45
CA ASN C 56 -10.29 -16.29 10.83
C ASN C 56 -11.05 -14.97 10.67
N THR C 57 -10.34 -13.87 10.37
CA THR C 57 -11.01 -12.64 10.00
C THR C 57 -11.00 -12.49 8.48
N CYS C 58 -12.13 -12.03 7.93
CA CYS C 58 -12.25 -11.82 6.49
C CYS C 58 -11.88 -10.40 6.10
N LYS C 59 -12.49 -9.42 6.76
CA LYS C 59 -12.22 -8.00 6.52
C LYS C 59 -11.55 -7.39 7.74
N PHE C 60 -10.79 -6.33 7.50
CA PHE C 60 -10.14 -5.56 8.56
C PHE C 60 -10.47 -4.09 8.33
N LEU C 61 -11.42 -3.57 9.08
CA LEU C 61 -11.79 -2.16 8.99
C LEU C 61 -10.98 -1.36 9.99
N ILE C 62 -10.39 -0.26 9.52
CA ILE C 62 -9.62 0.64 10.37
C ILE C 62 -10.28 2.02 10.33
N VAL C 63 -10.65 2.53 11.50
CA VAL C 63 -11.28 3.84 11.59
C VAL C 63 -10.19 4.90 11.56
N SER C 64 -10.40 5.95 10.75
CA SER C 64 -9.31 6.84 10.39
C SER C 64 -9.54 8.28 10.84
N SER C 65 -9.89 8.47 12.11
CA SER C 65 -9.99 9.82 12.65
C SER C 65 -8.59 10.44 12.77
N THR C 66 -8.54 11.69 13.23
CA THR C 66 -7.26 12.36 13.42
C THR C 66 -6.45 11.73 14.55
N ALA C 67 -7.09 10.98 15.44
CA ALA C 67 -6.39 10.26 16.49
C ALA C 67 -6.23 8.79 16.19
N GLY C 68 -6.78 8.30 15.08
CA GLY C 68 -6.66 6.92 14.67
C GLY C 68 -5.48 6.62 13.78
N ASN C 69 -4.52 7.55 13.68
CA ASN C 69 -3.33 7.34 12.86
C ASN C 69 -2.04 7.71 13.58
N LYS C 70 -2.10 8.17 14.83
CA LYS C 70 -0.92 8.55 15.58
C LYS C 70 -0.70 7.73 16.84
N ARG C 71 -1.53 6.74 17.11
CA ARG C 71 -1.39 5.90 18.30
C ARG C 71 -0.71 4.59 17.92
N GLU C 72 0.15 4.10 18.82
CA GLU C 72 0.94 2.91 18.53
C GLU C 72 0.07 1.67 18.37
N GLY C 73 -0.95 1.52 19.22
CA GLY C 73 -1.73 0.29 19.22
C GLY C 73 -2.49 0.07 17.93
N VAL C 74 -3.21 1.11 17.47
CA VAL C 74 -3.95 1.00 16.22
C VAL C 74 -2.99 0.80 15.05
N LEU C 75 -1.83 1.47 15.10
CA LEU C 75 -0.85 1.33 14.04
C LEU C 75 -0.34 -0.11 13.95
N LYS C 76 -0.07 -0.75 15.08
CA LYS C 76 0.48 -2.10 15.03
C LYS C 76 -0.58 -3.16 14.75
N GLU C 77 -1.85 -2.94 15.15
CA GLU C 77 -2.86 -3.88 14.66
C GLU C 77 -3.06 -3.72 13.15
N LEU C 78 -2.92 -2.49 12.64
CA LEU C 78 -2.93 -2.30 11.19
C LEU C 78 -1.74 -3.00 10.54
N ALA C 79 -0.59 -3.00 11.21
CA ALA C 79 0.60 -3.67 10.66
C ALA C 79 0.41 -5.17 10.58
N VAL C 80 -0.08 -5.79 11.65
CA VAL C 80 -0.32 -7.23 11.56
C VAL C 80 -1.41 -7.51 10.53
N ALA C 81 -2.39 -6.61 10.42
CA ALA C 81 -3.43 -6.77 9.42
C ALA C 81 -2.85 -6.76 8.01
N THR C 82 -1.92 -5.86 7.73
CA THR C 82 -1.35 -5.83 6.38
C THR C 82 -0.45 -7.03 6.13
N LYS C 83 0.22 -7.55 7.17
CA LYS C 83 0.98 -8.78 6.99
C LYS C 83 0.05 -9.94 6.63
N VAL C 84 -1.08 -10.06 7.31
CA VAL C 84 -2.06 -11.08 6.94
C VAL C 84 -2.61 -10.82 5.54
N LYS C 85 -2.78 -9.54 5.18
CA LYS C 85 -3.28 -9.19 3.85
C LYS C 85 -2.33 -9.69 2.77
N LYS C 86 -1.03 -9.44 2.94
CA LYS C 86 -0.05 -9.98 2.00
C LYS C 86 -0.04 -11.51 2.05
N HIS C 87 -0.36 -12.10 3.20
CA HIS C 87 -0.39 -13.55 3.30
C HIS C 87 -1.50 -14.15 2.44
N LEU C 88 -2.73 -13.64 2.59
CA LEU C 88 -3.85 -14.22 1.85
C LEU C 88 -3.82 -13.92 0.36
N GLN C 89 -2.98 -12.99 -0.09
CA GLN C 89 -2.97 -12.55 -1.48
C GLN C 89 -4.36 -12.06 -1.90
N ASP C 90 -5.01 -11.32 -1.01
CA ASP C 90 -6.33 -10.76 -1.25
C ASP C 90 -6.23 -9.25 -1.06
N ASP C 91 -6.46 -8.50 -2.16
CA ASP C 91 -6.36 -7.05 -2.10
C ASP C 91 -7.46 -6.42 -1.25
N MET C 92 -8.54 -7.16 -0.99
CA MET C 92 -9.67 -6.63 -0.24
C MET C 92 -9.58 -7.10 1.21
N PHE C 93 -8.64 -6.51 1.95
CA PHE C 93 -8.52 -6.82 3.38
C PHE C 93 -8.70 -5.60 4.27
N ILE C 94 -7.94 -4.53 4.02
CA ILE C 94 -7.93 -3.37 4.90
C ILE C 94 -8.78 -2.28 4.26
N ILE C 95 -9.92 -1.99 4.89
CA ILE C 95 -10.87 -1.00 4.41
C ILE C 95 -10.83 0.19 5.37
N PRO C 96 -10.26 1.32 4.98
CA PRO C 96 -10.28 2.50 5.86
C PRO C 96 -11.68 3.08 5.97
N LEU C 97 -11.93 3.74 7.10
CA LEU C 97 -13.20 4.42 7.36
C LEU C 97 -12.88 5.80 7.91
N ALA C 98 -12.73 6.78 7.02
CA ALA C 98 -12.40 8.14 7.43
C ALA C 98 -13.68 8.85 7.90
N ILE C 99 -13.63 9.42 9.11
CA ILE C 99 -14.83 9.94 9.75
C ILE C 99 -14.62 11.39 10.20
N ASP C 100 -13.39 11.89 10.13
CA ASP C 100 -13.07 13.19 10.70
C ASP C 100 -12.93 14.22 9.59
N GLU C 101 -13.60 15.36 9.77
CA GLU C 101 -13.51 16.45 8.82
C GLU C 101 -12.16 17.16 8.89
N ASN C 102 -11.55 17.22 10.07
CA ASN C 102 -10.29 17.95 10.21
C ASN C 102 -9.13 17.21 9.54
N LEU C 103 -9.20 15.88 9.49
CA LEU C 103 -8.17 15.09 8.83
C LEU C 103 -8.57 14.90 7.37
N SER C 104 -7.80 15.49 6.45
CA SER C 104 -8.08 15.38 5.03
C SER C 104 -7.60 14.02 4.52
N TYR C 105 -7.62 13.83 3.20
CA TYR C 105 -7.05 12.63 2.61
C TYR C 105 -5.55 12.68 2.51
N ASP C 106 -4.93 13.79 2.91
CA ASP C 106 -3.50 13.86 3.17
C ASP C 106 -3.28 13.72 4.67
N ASP C 107 -2.02 13.81 5.09
CA ASP C 107 -1.59 13.62 6.48
C ASP C 107 -1.94 12.24 7.01
N ILE C 108 -2.37 11.34 6.14
CA ILE C 108 -2.83 10.01 6.52
C ILE C 108 -1.66 9.04 6.36
N ASN C 109 -1.65 7.99 7.19
CA ASN C 109 -0.49 7.13 7.31
C ASN C 109 -0.14 6.45 5.98
N ILE C 110 1.16 6.24 5.76
CA ILE C 110 1.62 5.57 4.56
C ILE C 110 0.95 4.21 4.42
N GLU C 111 0.87 3.47 5.52
CA GLU C 111 0.38 2.11 5.48
C GLU C 111 -1.06 2.04 5.00
N ILE C 112 -1.80 3.15 5.12
CA ILE C 112 -3.21 3.20 4.75
C ILE C 112 -3.50 4.28 3.71
N VAL C 113 -2.47 4.96 3.19
CA VAL C 113 -2.69 6.05 2.25
C VAL C 113 -3.19 5.54 0.90
N ARG C 114 -2.75 4.36 0.47
CA ARG C 114 -3.09 3.87 -0.86
C ARG C 114 -4.43 3.15 -0.91
N LEU C 115 -5.03 2.84 0.23
CA LEU C 115 -6.24 2.04 0.24
C LEU C 115 -7.45 2.92 -0.07
N ASN C 116 -8.47 2.30 -0.69
CA ASN C 116 -9.68 3.03 -1.06
C ASN C 116 -10.59 3.13 0.16
N ALA C 117 -10.57 4.29 0.80
CA ALA C 117 -11.34 4.49 2.02
C ALA C 117 -12.82 4.61 1.72
N ILE C 118 -13.63 4.58 2.78
CA ILE C 118 -15.07 4.78 2.70
C ILE C 118 -15.40 6.03 3.48
N ASP C 119 -16.17 6.93 2.85
CA ASP C 119 -16.41 8.26 3.41
C ASP C 119 -17.50 8.20 4.46
N PHE C 120 -17.11 8.33 5.73
CA PHE C 120 -18.03 8.59 6.84
C PHE C 120 -18.00 10.05 7.28
N LYS C 121 -17.34 10.93 6.52
CA LYS C 121 -17.23 12.33 6.94
C LYS C 121 -18.61 12.97 7.07
N LYS C 122 -19.50 12.69 6.13
CA LYS C 122 -20.89 13.14 6.19
C LYS C 122 -21.81 11.94 6.08
N SER C 123 -22.91 11.97 6.84
CA SER C 123 -24.00 11.00 6.67
C SER C 123 -23.51 9.56 6.85
N TRP C 124 -23.17 9.24 8.09
CA TRP C 124 -22.76 7.90 8.49
C TRP C 124 -23.61 6.80 7.86
N ALA C 125 -24.88 7.09 7.56
CA ALA C 125 -25.72 6.11 6.89
C ALA C 125 -25.20 5.79 5.50
N LYS C 126 -24.74 6.81 4.75
CA LYS C 126 -24.20 6.54 3.42
C LYS C 126 -22.90 5.75 3.52
N GLY C 127 -22.08 6.03 4.53
CA GLY C 127 -20.87 5.24 4.72
C GLY C 127 -21.17 3.79 5.06
N LEU C 128 -22.17 3.58 5.93
CA LEU C 128 -22.57 2.22 6.27
C LEU C 128 -23.13 1.49 5.05
N GLN C 129 -23.88 2.21 4.21
CA GLN C 129 -24.39 1.61 2.98
C GLN C 129 -23.25 1.25 2.03
N ASP C 130 -22.24 2.12 1.93
CA ASP C 130 -21.07 1.79 1.13
C ASP C 130 -20.36 0.55 1.68
N LEU C 131 -20.23 0.45 3.00
CA LEU C 131 -19.62 -0.72 3.61
C LEU C 131 -20.42 -1.98 3.30
N LEU C 132 -21.75 -1.88 3.39
CA LEU C 132 -22.61 -3.04 3.18
C LEU C 132 -22.57 -3.51 1.73
N ASP C 133 -22.76 -2.60 0.78
CA ASP C 133 -22.69 -3.03 -0.61
C ASP C 133 -21.26 -3.25 -1.08
N ALA C 134 -20.28 -2.88 -0.26
CA ALA C 134 -18.90 -3.25 -0.55
C ALA C 134 -18.67 -4.71 -0.21
N PHE C 135 -18.77 -5.09 1.06
CA PHE C 135 -18.63 -6.53 1.32
C PHE C 135 -19.98 -7.24 1.39
N GLU C 136 -20.84 -6.94 0.42
CA GLU C 136 -21.90 -7.86 0.01
C GLU C 136 -21.54 -8.56 -1.29
N LYS C 137 -21.08 -7.80 -2.29
CA LYS C 137 -20.59 -8.40 -3.53
C LYS C 137 -19.14 -8.86 -3.42
N GLN C 138 -18.44 -8.46 -2.36
CA GLN C 138 -17.12 -9.02 -2.06
C GLN C 138 -17.21 -10.38 -1.38
N ASN C 139 -18.42 -10.93 -1.31
CA ASN C 139 -18.66 -12.31 -0.86
C ASN C 139 -18.25 -12.53 0.59
N VAL C 140 -18.36 -11.51 1.43
CA VAL C 140 -18.11 -11.66 2.86
C VAL C 140 -19.35 -12.28 3.50
N PRO C 141 -19.22 -13.41 4.20
CA PRO C 141 -20.35 -14.10 4.83
C PRO C 141 -20.88 -13.34 6.06
N PRO C 144 -27.77 -14.53 7.78
CA PRO C 144 -29.12 -14.07 8.11
C PRO C 144 -29.13 -12.98 9.17
N PRO C 145 -29.85 -11.89 8.91
CA PRO C 145 -29.89 -10.79 9.88
C PRO C 145 -30.74 -11.13 11.09
N ASP C 146 -30.20 -10.90 12.28
CA ASP C 146 -30.90 -11.16 13.54
C ASP C 146 -30.56 -10.00 14.47
N HIS C 147 -31.43 -8.98 14.49
CA HIS C 147 -31.19 -7.81 15.32
C HIS C 147 -31.29 -8.10 16.80
N SER C 148 -31.92 -9.22 17.17
CA SER C 148 -31.96 -9.61 18.58
C SER C 148 -30.56 -9.85 19.12
N LYS C 149 -29.65 -10.35 18.27
CA LYS C 149 -28.25 -10.49 18.70
C LYS C 149 -27.64 -9.14 19.00
N SER C 150 -27.92 -8.14 18.17
CA SER C 150 -27.40 -6.80 18.42
C SER C 150 -27.97 -6.21 19.70
N ASN C 151 -29.27 -6.41 19.94
CA ASN C 151 -29.88 -5.93 21.17
C ASN C 151 -29.27 -6.61 22.39
N LEU C 152 -29.06 -7.93 22.31
CA LEU C 152 -28.43 -8.65 23.41
C LEU C 152 -27.03 -8.12 23.67
N LEU C 153 -26.23 -7.95 22.61
CA LEU C 153 -24.87 -7.45 22.76
C LEU C 153 -24.88 -6.06 23.37
N TYR C 154 -25.85 -5.22 22.99
CA TYR C 154 -25.98 -3.91 23.61
C TYR C 154 -26.27 -4.04 25.10
N GLN C 155 -27.09 -5.00 25.49
CA GLN C 155 -27.45 -5.15 26.89
C GLN C 155 -26.31 -5.71 27.74
N GLN C 156 -25.55 -6.68 27.20
CA GLN C 156 -24.60 -7.40 28.04
C GLN C 156 -23.42 -6.55 28.47
N ILE C 157 -22.92 -5.66 27.61
CA ILE C 157 -21.67 -4.96 27.87
C ILE C 157 -21.86 -3.44 27.90
N PHE C 158 -22.56 -2.89 26.91
CA PHE C 158 -22.81 -1.45 26.94
C PHE C 158 -23.79 -1.06 28.02
N LEU C 159 -24.59 -2.00 28.52
CA LEU C 159 -25.66 -1.70 29.46
C LEU C 159 -25.42 -2.24 30.87
N HIS C 160 -24.83 -3.43 30.99
CA HIS C 160 -24.74 -4.10 32.28
C HIS C 160 -23.91 -3.33 33.30
N ASP C 161 -23.00 -2.45 32.86
CA ASP C 161 -22.20 -1.67 33.80
C ASP C 161 -23.06 -0.81 34.71
N LYS C 162 -24.29 -0.52 34.30
CA LYS C 162 -25.21 0.31 35.07
C LYS C 162 -26.64 -0.10 34.79
N GLN C 163 -27.36 -0.50 35.84
CA GLN C 163 -28.68 -1.10 35.72
C GLN C 163 -29.32 -1.10 37.10
N ALA C 164 -30.54 -1.63 37.17
CA ALA C 164 -31.25 -1.77 38.43
C ALA C 164 -30.84 -3.06 39.12
N ILE C 165 -30.38 -2.95 40.36
CA ILE C 165 -29.88 -4.09 41.12
C ILE C 165 -30.76 -4.32 42.34
N GLU C 166 -30.78 -5.56 42.81
CA GLU C 166 -31.55 -5.95 43.99
C GLU C 166 -30.76 -5.52 45.24
N LYS C 167 -30.68 -4.21 45.42
CA LYS C 167 -29.89 -3.62 46.50
C LYS C 167 -30.81 -2.82 47.42
N GLU C 168 -30.67 -3.03 48.73
CA GLU C 168 -31.48 -2.30 49.70
C GLU C 168 -30.91 -0.90 49.86
N GLU C 169 -31.80 0.10 49.86
CA GLU C 169 -31.42 1.49 50.03
C GLU C 169 -32.37 2.15 51.01
N THR C 170 -31.88 3.17 51.71
CA THR C 170 -32.66 3.88 52.72
C THR C 170 -32.70 5.37 52.40
N TYR C 171 -33.85 5.99 52.69
CA TYR C 171 -34.19 7.32 52.20
C TYR C 171 -34.72 8.19 53.32
N ASP C 172 -34.24 9.44 53.35
CA ASP C 172 -34.88 10.49 54.13
C ASP C 172 -35.87 11.25 53.26
N SER C 173 -36.99 11.64 53.85
CA SER C 173 -38.04 12.32 53.13
C SER C 173 -38.21 13.74 53.63
N ASN C 174 -39.19 14.44 53.06
CA ASN C 174 -39.63 15.74 53.54
C ASN C 174 -40.59 15.66 54.72
N TRP C 175 -41.13 14.48 54.99
CA TRP C 175 -42.19 14.35 55.98
C TRP C 175 -41.62 14.12 57.38
N PHE C 176 -41.89 15.07 58.28
CA PHE C 176 -41.52 14.96 59.68
C PHE C 176 -42.74 14.60 60.51
N PRO C 177 -42.79 13.42 61.11
CA PRO C 177 -44.00 13.01 61.82
C PRO C 177 -44.24 13.86 63.06
N ILE C 178 -45.52 13.99 63.40
CA ILE C 178 -45.94 14.64 64.64
C ILE C 178 -45.96 13.58 65.72
N ILE C 179 -45.00 13.66 66.65
CA ILE C 179 -44.84 12.61 67.66
C ILE C 179 -46.08 12.54 68.55
N SER C 180 -46.54 13.69 69.03
CA SER C 180 -47.67 13.72 69.94
C SER C 180 -48.41 15.04 69.80
N PHE C 181 -49.73 14.98 69.90
CA PHE C 181 -50.67 16.09 69.92
C PHE C 181 -51.17 16.34 71.33
N PRO C 182 -51.58 17.57 71.63
CA PRO C 182 -52.36 17.81 72.84
C PRO C 182 -53.62 16.96 72.83
N ASN C 183 -53.93 16.37 73.97
CA ASN C 183 -54.98 15.35 74.02
C ASN C 183 -56.35 15.91 73.63
N GLU C 184 -56.65 17.12 74.07
CA GLU C 184 -57.99 17.70 73.91
C GLU C 184 -57.91 19.04 73.19
N LEU C 185 -58.74 19.20 72.16
CA LEU C 185 -58.90 20.46 71.45
C LEU C 185 -60.10 21.20 72.02
N ARG C 186 -59.92 22.48 72.34
CA ARG C 186 -60.89 23.23 73.13
C ARG C 186 -61.50 24.36 72.32
N PHE C 187 -62.83 24.39 72.26
CA PHE C 187 -63.58 25.50 71.70
C PHE C 187 -64.12 26.34 72.85
N HIS C 188 -63.86 27.65 72.81
CA HIS C 188 -64.25 28.55 73.88
C HIS C 188 -65.43 29.39 73.44
N ARG C 189 -66.44 29.50 74.31
CA ARG C 189 -67.68 30.21 74.00
C ARG C 189 -67.45 31.68 74.36
N TYR C 190 -66.79 32.39 73.45
CA TYR C 190 -66.34 33.76 73.67
C TYR C 190 -67.26 34.76 72.94
N ASP C 191 -68.48 34.91 73.46
CA ASP C 191 -69.45 35.80 72.83
C ASP C 191 -68.97 37.26 72.85
N TRP C 192 -68.82 37.83 74.04
CA TRP C 192 -68.53 39.25 74.18
C TRP C 192 -67.12 39.53 74.69
N ARG C 193 -66.45 38.56 75.29
CA ARG C 193 -65.07 38.76 75.71
C ARG C 193 -64.13 38.85 74.51
N LEU C 194 -64.50 38.24 73.38
CA LEU C 194 -63.70 38.30 72.16
C LEU C 194 -64.35 39.27 71.19
N PRO C 195 -63.70 40.38 70.84
CA PRO C 195 -64.29 41.29 69.85
C PRO C 195 -64.48 40.61 68.51
N LYS C 196 -65.58 40.96 67.83
CA LYS C 196 -65.88 40.36 66.54
C LYS C 196 -64.96 40.87 65.44
N GLN C 197 -64.51 42.12 65.54
CA GLN C 197 -63.64 42.72 64.54
C GLN C 197 -62.16 42.51 64.83
N PHE C 198 -61.82 41.77 65.88
CA PHE C 198 -60.44 41.51 66.22
C PHE C 198 -59.92 40.32 65.42
N ASP C 199 -58.66 40.39 65.00
CA ASP C 199 -58.04 39.31 64.25
C ASP C 199 -57.51 38.28 65.24
N VAL C 200 -57.96 37.03 65.11
CA VAL C 200 -57.51 35.97 66.01
C VAL C 200 -56.16 35.38 65.64
N ARG C 201 -55.61 35.74 64.48
CA ARG C 201 -54.32 35.20 64.07
C ARG C 201 -53.14 35.85 64.80
N THR C 202 -53.31 37.05 65.34
CA THR C 202 -52.25 37.71 66.09
C THR C 202 -52.28 37.38 67.57
N LEU C 203 -53.20 36.51 68.00
CA LEU C 203 -53.26 36.10 69.39
C LEU C 203 -51.99 35.36 69.79
N ALA C 204 -51.62 35.47 71.07
CA ALA C 204 -50.37 34.89 71.55
C ALA C 204 -50.32 33.38 71.33
N PHE C 205 -51.47 32.75 71.13
CA PHE C 205 -51.57 31.33 70.81
C PHE C 205 -52.48 31.18 69.59
N PRO C 206 -52.28 30.12 68.80
CA PRO C 206 -53.07 29.97 67.58
C PRO C 206 -54.56 29.80 67.87
N ALA C 207 -55.38 30.53 67.12
CA ALA C 207 -56.81 30.62 67.39
C ALA C 207 -57.56 30.74 66.07
N ILE C 208 -58.62 29.94 65.92
CA ILE C 208 -59.50 30.01 64.76
C ILE C 208 -60.88 30.45 65.22
N ARG C 209 -61.59 31.19 64.37
CA ARG C 209 -62.99 31.56 64.64
C ARG C 209 -63.89 30.52 63.98
N TYR C 210 -64.31 29.51 64.76
CA TYR C 210 -65.19 28.46 64.25
C TYR C 210 -66.48 28.41 65.06
N LYS C 211 -67.61 28.63 64.39
CA LYS C 211 -68.94 28.57 65.01
C LYS C 211 -69.01 29.50 66.22
N GLU C 212 -68.40 30.68 66.07
CA GLU C 212 -68.37 31.76 67.06
C GLU C 212 -67.43 31.31 68.20
N TYR C 213 -67.06 30.04 68.19
CA TYR C 213 -66.11 29.50 69.15
C TYR C 213 -64.69 29.87 68.73
N LEU C 214 -63.75 29.64 69.63
CA LEU C 214 -62.34 29.99 69.44
C LEU C 214 -61.56 28.68 69.47
N CYS C 215 -61.39 28.08 68.31
CA CYS C 215 -60.65 26.83 68.18
C CYS C 215 -59.19 27.03 68.56
N THR C 216 -58.73 26.27 69.55
CA THR C 216 -57.34 26.25 69.96
C THR C 216 -57.12 25.01 70.84
N PHE C 217 -55.88 24.52 70.84
CA PHE C 217 -55.48 23.52 71.81
C PHE C 217 -55.14 24.15 73.16
N ALA C 218 -54.99 25.47 73.20
CA ALA C 218 -54.57 26.18 74.39
C ALA C 218 -55.69 26.21 75.43
N TRP C 219 -55.31 26.52 76.66
CA TRP C 219 -56.25 26.65 77.75
C TRP C 219 -57.08 27.92 77.59
N GLU C 220 -58.21 27.99 78.30
CA GLU C 220 -59.11 29.13 78.12
C GLU C 220 -58.54 30.43 78.67
N TYR C 221 -57.43 30.40 79.41
CA TYR C 221 -56.89 31.60 80.04
C TYR C 221 -55.51 31.98 79.49
N ASP C 222 -55.11 31.44 78.34
CA ASP C 222 -53.90 31.92 77.69
C ASP C 222 -54.13 33.28 77.06
N PHE C 223 -55.31 33.50 76.49
CA PHE C 223 -55.61 34.72 75.74
C PHE C 223 -56.09 35.79 76.72
N ILE C 224 -55.14 36.28 77.52
CA ILE C 224 -55.40 37.24 78.58
C ILE C 224 -54.65 38.54 78.37
N HIS C 225 -53.38 38.48 77.95
CA HIS C 225 -52.55 39.67 77.87
C HIS C 225 -53.12 40.69 76.88
N GLN C 226 -53.53 40.23 75.70
CA GLN C 226 -54.09 41.11 74.69
C GLN C 226 -55.60 40.93 74.51
N LEU C 227 -56.21 40.04 75.28
CA LEU C 227 -57.66 39.83 75.27
C LEU C 227 -58.14 39.78 76.71
N PRO C 228 -58.14 40.92 77.41
CA PRO C 228 -58.35 40.90 78.87
C PRO C 228 -59.78 40.64 79.29
N LYS C 229 -60.77 40.85 78.42
CA LYS C 229 -62.15 40.59 78.78
C LYS C 229 -62.43 39.10 78.95
N THR C 230 -61.52 38.23 78.51
CA THR C 230 -61.75 36.80 78.52
C THR C 230 -61.63 36.16 79.90
N GLU C 231 -61.22 36.92 80.91
CA GLU C 231 -61.11 36.39 82.25
C GLU C 231 -62.50 36.12 82.83
N THR C 232 -62.53 35.33 83.91
CA THR C 232 -63.76 34.98 84.62
C THR C 232 -64.77 34.29 83.70
N TYR C 233 -64.28 33.53 82.73
CA TYR C 233 -65.12 32.82 81.79
C TYR C 233 -65.24 31.36 82.23
N ASN C 234 -66.47 30.85 82.24
CA ASN C 234 -66.71 29.50 82.71
C ASN C 234 -66.11 28.47 81.75
N GLY C 235 -65.38 27.51 82.29
CA GLY C 235 -64.79 26.46 81.49
C GLY C 235 -65.74 25.38 81.04
N GLN C 236 -66.94 25.33 81.62
CA GLN C 236 -67.95 24.37 81.16
C GLN C 236 -68.48 24.76 79.78
N GLU C 237 -68.46 26.05 79.46
CA GLU C 237 -68.91 26.50 78.14
C GLU C 237 -68.02 25.96 77.04
N SER C 238 -66.72 25.82 77.31
CA SER C 238 -65.80 25.27 76.34
C SER C 238 -66.14 23.80 76.06
N ILE C 239 -66.02 23.41 74.80
CA ILE C 239 -66.20 22.02 74.39
C ILE C 239 -64.82 21.44 74.12
N ARG C 240 -64.48 20.36 74.82
CA ARG C 240 -63.20 19.69 74.68
C ARG C 240 -63.41 18.40 73.91
N ILE C 241 -62.58 18.21 72.88
CA ILE C 241 -62.77 17.15 71.90
C ILE C 241 -61.49 16.32 71.86
N SER C 242 -61.65 15.00 71.98
CA SER C 242 -60.49 14.11 71.97
C SER C 242 -59.79 14.16 70.61
N THR C 243 -58.50 14.50 70.63
CA THR C 243 -57.75 14.62 69.38
C THR C 243 -57.54 13.26 68.72
N SER C 244 -57.52 12.19 69.51
CA SER C 244 -57.35 10.86 68.93
C SER C 244 -58.51 10.50 68.03
N ASP C 245 -59.74 10.85 68.43
CA ASP C 245 -60.90 10.59 67.59
C ASP C 245 -60.90 11.49 66.36
N ILE C 246 -60.34 12.70 66.46
CA ILE C 246 -60.19 13.55 65.29
C ILE C 246 -59.25 12.91 64.29
N LEU C 247 -58.09 12.44 64.76
CA LEU C 247 -57.12 11.82 63.87
C LEU C 247 -57.66 10.54 63.25
N SER C 248 -58.33 9.71 64.06
CA SER C 248 -58.89 8.46 63.56
C SER C 248 -60.22 8.66 62.84
N GLY C 249 -60.80 9.85 62.89
CA GLY C 249 -62.07 10.09 62.24
C GLY C 249 -63.28 9.59 62.99
N ARG C 250 -63.11 9.10 64.22
CA ARG C 250 -64.24 8.59 64.99
C ARG C 250 -65.25 9.71 65.29
N TYR C 251 -64.77 10.91 65.58
CA TYR C 251 -65.63 12.03 65.94
C TYR C 251 -66.20 12.63 64.66
N ASP C 252 -67.46 12.32 64.37
CA ASP C 252 -68.20 12.91 63.24
C ASP C 252 -69.62 13.18 63.72
N THR C 253 -69.86 14.39 64.23
CA THR C 253 -71.13 14.77 64.80
C THR C 253 -71.74 15.94 64.02
N ASP C 254 -73.00 16.23 64.33
CA ASP C 254 -73.69 17.33 63.67
C ASP C 254 -73.08 18.69 64.05
N PHE C 255 -72.56 18.81 65.26
CA PHE C 255 -71.88 20.04 65.66
C PHE C 255 -70.73 20.36 64.72
N ILE C 256 -69.85 19.39 64.50
CA ILE C 256 -68.66 19.61 63.66
C ILE C 256 -68.29 18.29 63.00
N ARG C 257 -67.96 18.36 61.72
CA ARG C 257 -67.59 17.17 60.97
C ARG C 257 -66.12 16.85 61.18
N ASN C 258 -65.76 15.58 60.93
CA ASN C 258 -64.40 15.14 61.16
C ASN C 258 -63.41 15.86 60.25
N TYR C 259 -63.74 15.99 58.96
CA TYR C 259 -62.79 16.57 58.02
C TYR C 259 -62.56 18.06 58.32
N GLU C 260 -63.61 18.80 58.68
CA GLU C 260 -63.44 20.21 58.96
C GLU C 260 -62.72 20.40 60.30
N CYS C 261 -62.94 19.51 61.27
CA CYS C 261 -62.16 19.55 62.50
C CYS C 261 -60.69 19.30 62.22
N GLN C 262 -60.39 18.34 61.36
CA GLN C 262 -59.00 18.11 60.97
C GLN C 262 -58.43 19.32 60.24
N ARG C 263 -59.24 19.99 59.44
CA ARG C 263 -58.80 21.22 58.80
C ARG C 263 -58.44 22.28 59.83
N LEU C 264 -59.25 22.41 60.89
CA LEU C 264 -58.91 23.33 61.97
C LEU C 264 -57.61 22.92 62.64
N ILE C 265 -57.41 21.62 62.85
CA ILE C 265 -56.17 21.16 63.47
C ILE C 265 -54.97 21.50 62.61
N VAL C 266 -55.09 21.35 61.29
CA VAL C 266 -54.00 21.69 60.38
C VAL C 266 -53.74 23.19 60.39
N GLN C 267 -54.79 24.00 60.41
CA GLN C 267 -54.60 25.44 60.53
C GLN C 267 -53.89 25.79 61.83
N LEU C 268 -54.26 25.11 62.92
CA LEU C 268 -53.59 25.31 64.20
C LEU C 268 -52.12 24.96 64.11
N ILE C 269 -51.80 23.84 63.46
CA ILE C 269 -50.40 23.41 63.34
C ILE C 269 -49.60 24.44 62.56
N ASN C 270 -50.14 24.88 61.42
CA ASN C 270 -49.42 25.82 60.58
C ASN C 270 -49.19 27.14 61.30
N LYS C 271 -50.23 27.66 61.95
CA LYS C 271 -50.10 28.92 62.66
C LYS C 271 -49.13 28.80 63.83
N ALA C 272 -49.22 27.71 64.60
CA ALA C 272 -48.33 27.54 65.74
C ALA C 272 -46.88 27.45 65.29
N PHE C 273 -46.62 26.75 64.18
CA PHE C 273 -45.25 26.66 63.69
C PHE C 273 -44.78 28.01 63.16
N GLU C 274 -45.71 28.80 62.59
CA GLU C 274 -45.39 30.17 62.19
C GLU C 274 -44.91 30.99 63.38
N LEU C 275 -45.69 31.01 64.47
CA LEU C 275 -45.23 31.73 65.66
C LEU C 275 -43.96 31.11 66.25
N ARG C 276 -43.75 29.81 66.08
CA ARG C 276 -42.53 29.20 66.59
C ARG C 276 -41.31 29.77 65.88
N MET C 277 -41.35 29.83 64.55
CA MET C 277 -40.30 30.53 63.82
C MET C 277 -40.26 32.01 64.17
N LYS C 278 -41.39 32.60 64.58
CA LYS C 278 -41.37 33.99 65.02
C LYS C 278 -40.50 34.18 66.25
N ASP C 279 -40.40 33.16 67.10
CA ASP C 279 -39.56 33.21 68.29
C ASP C 279 -38.27 32.42 68.16
N LYS C 280 -37.96 31.88 66.97
CA LYS C 280 -36.87 30.93 66.81
C LYS C 280 -35.60 31.58 66.28
N ASN C 281 -35.51 32.91 66.31
CA ASN C 281 -34.34 33.64 65.81
C ASN C 281 -34.06 33.29 64.35
N VAL C 282 -35.13 33.21 63.55
CA VAL C 282 -35.04 32.87 62.14
C VAL C 282 -35.89 33.86 61.35
N ARG C 283 -35.33 34.39 60.26
CA ARG C 283 -36.01 35.40 59.47
C ARG C 283 -36.98 34.75 58.48
N GLU C 284 -37.93 35.55 58.00
CA GLU C 284 -38.99 35.10 57.12
C GLU C 284 -39.01 35.93 55.84
N TYR C 285 -39.38 35.27 54.74
CA TYR C 285 -39.55 35.90 53.44
C TYR C 285 -40.85 35.37 52.83
N GLN C 286 -41.51 36.21 52.05
CA GLN C 286 -42.87 35.91 51.58
C GLN C 286 -42.82 35.21 50.24
N MET C 287 -43.35 33.98 50.20
CA MET C 287 -43.58 33.28 48.95
C MET C 287 -45.02 33.53 48.48
N SER C 288 -45.46 32.77 47.48
CA SER C 288 -46.81 32.95 46.95
C SER C 288 -47.86 32.46 47.94
N LYS C 289 -47.66 31.28 48.52
CA LYS C 289 -48.67 30.67 49.37
C LYS C 289 -48.21 30.43 50.80
N THR C 290 -46.92 30.53 51.10
CA THR C 290 -46.42 30.23 52.43
C THR C 290 -45.26 31.17 52.73
N PHE C 291 -44.67 31.02 53.92
CA PHE C 291 -43.55 31.82 54.36
C PHE C 291 -42.31 30.93 54.41
N ALA C 292 -41.17 31.47 53.97
CA ALA C 292 -39.90 30.77 53.97
C ALA C 292 -39.05 31.28 55.11
N TYR C 293 -38.53 30.37 55.93
CA TYR C 293 -37.79 30.72 57.13
C TYR C 293 -36.32 30.32 56.96
N TRP C 294 -35.43 31.29 57.10
CA TRP C 294 -34.02 31.12 56.83
C TRP C 294 -33.18 31.86 57.88
N ILE C 295 -31.95 31.39 58.09
CA ILE C 295 -31.04 31.98 59.05
C ILE C 295 -30.27 33.12 58.37
N GLU C 296 -30.14 34.24 59.07
CA GLU C 296 -29.34 35.34 58.59
C GLU C 296 -27.86 35.00 58.64
N LYS C 297 -27.06 35.79 57.91
CA LYS C 297 -25.62 35.57 57.88
C LYS C 297 -25.01 35.92 59.25
N GLY C 298 -24.10 35.06 59.70
CA GLY C 298 -23.40 35.29 60.95
C GLY C 298 -24.06 34.70 62.18
N LYS C 299 -25.23 34.09 62.04
CA LYS C 299 -25.96 33.53 63.17
C LYS C 299 -25.62 32.06 63.42
N LEU C 300 -24.68 31.49 62.66
CA LEU C 300 -24.26 30.12 62.84
C LEU C 300 -22.74 30.05 62.86
N GLU C 301 -22.20 29.04 63.54
CA GLU C 301 -20.76 28.86 63.62
C GLU C 301 -20.20 28.49 62.25
N LYS C 302 -19.18 29.24 61.82
CA LYS C 302 -18.55 29.14 60.50
C LYS C 302 -19.59 28.94 59.40
N ASP C 303 -20.73 29.63 59.53
CA ASP C 303 -21.83 29.55 58.59
C ASP C 303 -22.35 28.11 58.45
N LYS C 304 -22.24 27.32 59.52
CA LYS C 304 -22.61 25.92 59.49
C LYS C 304 -23.40 25.55 60.75
N PHE C 305 -24.29 24.58 60.59
CA PHE C 305 -24.84 23.83 61.71
C PHE C 305 -24.30 22.41 61.64
N GLU C 306 -23.79 21.90 62.76
CA GLU C 306 -23.08 20.63 62.78
C GLU C 306 -21.91 20.76 61.80
N LYS C 307 -22.01 20.13 60.62
CA LYS C 307 -21.01 20.30 59.58
C LYS C 307 -21.64 20.63 58.23
N ILE C 308 -22.87 21.12 58.22
CA ILE C 308 -23.60 21.39 56.98
C ILE C 308 -23.78 22.89 56.83
N LYS C 309 -23.40 23.41 55.66
CA LYS C 309 -23.56 24.82 55.36
C LYS C 309 -25.03 25.15 55.13
N LEU C 310 -25.51 26.21 55.76
CA LEU C 310 -26.86 26.70 55.52
C LEU C 310 -26.90 28.14 55.02
N VAL C 311 -25.78 28.86 55.05
CA VAL C 311 -25.68 30.23 54.57
C VAL C 311 -24.33 30.42 53.91
N GLY C 312 -24.32 30.85 52.65
CA GLY C 312 -23.09 31.02 51.92
C GLY C 312 -23.11 32.18 50.93
N LYS C 313 -22.08 32.28 50.10
CA LYS C 313 -21.88 33.41 49.20
C LYS C 313 -21.66 32.93 47.77
N GLN C 314 -22.20 33.69 46.81
CA GLN C 314 -21.95 33.44 45.39
C GLN C 314 -22.13 34.75 44.62
N LYS C 315 -21.12 35.10 43.83
CA LYS C 315 -21.16 36.23 42.90
C LYS C 315 -21.77 37.48 43.52
N ASN C 316 -21.12 37.96 44.59
CA ASN C 316 -21.43 39.20 45.30
C ASN C 316 -22.76 39.12 46.07
N LYS C 317 -23.50 38.04 45.94
CA LYS C 317 -24.75 37.84 46.66
C LYS C 317 -24.57 36.74 47.70
N TYR C 318 -25.55 36.63 48.60
CA TYR C 318 -25.54 35.62 49.64
C TYR C 318 -26.81 34.77 49.54
N TRP C 319 -26.65 33.48 49.74
CA TRP C 319 -27.77 32.55 49.78
C TRP C 319 -27.95 32.01 51.19
N HIS C 320 -29.21 31.89 51.59
CA HIS C 320 -29.59 31.28 52.87
C HIS C 320 -30.54 30.13 52.58
N PHE C 321 -30.23 28.95 53.11
CA PHE C 321 -31.17 27.85 53.01
C PHE C 321 -32.38 28.16 53.88
N GLY C 322 -33.57 27.86 53.36
CA GLY C 322 -34.79 28.21 54.04
C GLY C 322 -35.78 27.06 53.99
N ILE C 323 -36.68 27.07 54.97
CA ILE C 323 -37.67 26.00 55.11
C ILE C 323 -39.06 26.63 55.18
N SER C 324 -40.04 25.95 54.57
CA SER C 324 -41.44 26.37 54.66
C SER C 324 -42.27 25.17 55.07
N ALA C 325 -42.91 25.26 56.24
CA ALA C 325 -43.56 24.13 56.88
C ALA C 325 -45.06 24.19 56.69
N ALA C 326 -45.67 23.01 56.56
CA ALA C 326 -47.12 22.88 56.44
C ALA C 326 -47.51 21.45 56.79
N GLY C 327 -48.37 21.30 57.80
CA GLY C 327 -48.77 19.98 58.24
C GLY C 327 -49.92 19.39 57.43
N LYS C 328 -50.00 18.06 57.45
CA LYS C 328 -51.14 17.34 56.91
C LYS C 328 -51.37 16.09 57.76
N LEU C 329 -52.57 15.53 57.67
CA LEU C 329 -52.95 14.40 58.50
C LEU C 329 -53.42 13.18 57.71
N TYR C 330 -53.39 13.21 56.37
CA TYR C 330 -54.00 12.12 55.61
C TYR C 330 -53.27 10.79 55.81
N PRO C 331 -51.99 10.66 55.47
CA PRO C 331 -51.34 9.36 55.72
C PRO C 331 -51.06 9.11 57.19
N SER C 332 -50.70 10.16 57.92
CA SER C 332 -50.42 10.12 59.35
C SER C 332 -50.29 11.56 59.83
N PRO C 333 -50.23 11.81 61.14
CA PRO C 333 -49.93 13.18 61.59
C PRO C 333 -48.47 13.52 61.32
N VAL C 334 -48.22 14.36 60.33
CA VAL C 334 -46.88 14.62 59.85
C VAL C 334 -46.90 15.88 58.98
N LEU C 335 -45.91 16.75 59.15
CA LEU C 335 -45.82 17.89 58.26
C LEU C 335 -44.82 17.61 57.14
N MET C 336 -44.83 18.47 56.13
CA MET C 336 -43.90 18.37 55.00
C MET C 336 -43.17 19.71 54.85
N VAL C 337 -41.93 19.76 55.35
CA VAL C 337 -41.10 20.94 55.20
C VAL C 337 -40.60 21.03 53.76
N SER C 338 -40.57 22.25 53.22
CA SER C 338 -40.12 22.47 51.86
C SER C 338 -38.83 23.28 51.86
N SER C 339 -37.92 22.93 50.95
CA SER C 339 -36.57 23.48 50.91
C SER C 339 -36.47 24.56 49.84
N HIS C 340 -36.01 25.74 50.24
CA HIS C 340 -35.89 26.90 49.37
C HIS C 340 -34.52 27.53 49.58
N ILE C 341 -34.14 28.39 48.63
CA ILE C 341 -32.93 29.21 48.76
C ILE C 341 -33.36 30.67 48.64
N ILE C 342 -32.97 31.48 49.62
CA ILE C 342 -33.39 32.87 49.71
C ILE C 342 -32.14 33.73 49.58
N PHE C 343 -32.16 34.68 48.66
CA PHE C 343 -30.97 35.44 48.31
C PHE C 343 -31.02 36.86 48.85
N THR C 344 -29.83 37.42 49.03
CA THR C 344 -29.64 38.72 49.65
C THR C 344 -28.39 39.36 49.07
N MET C 345 -28.25 40.67 49.28
CA MET C 345 -27.05 41.37 48.84
C MET C 345 -25.94 41.30 49.88
N ASP C 346 -26.26 41.67 51.12
CA ASP C 346 -25.27 41.71 52.21
C ASP C 346 -25.49 40.62 53.24
N GLY C 347 -26.44 39.70 53.01
CA GLY C 347 -26.69 38.63 53.94
C GLY C 347 -27.66 38.94 55.05
N ILE C 348 -28.06 40.21 55.22
CA ILE C 348 -28.97 40.60 56.29
C ILE C 348 -30.18 41.31 55.70
N ASN C 349 -29.99 41.94 54.54
CA ASN C 349 -31.04 42.69 53.86
C ASN C 349 -31.46 41.94 52.60
N LEU C 350 -32.77 41.78 52.41
CA LEU C 350 -33.30 41.01 51.32
C LEU C 350 -33.26 41.79 50.01
N ILE C 351 -33.20 41.05 48.90
CA ILE C 351 -33.39 41.64 47.57
C ILE C 351 -34.88 41.78 47.31
N LYS C 352 -35.32 42.99 46.99
CA LYS C 352 -36.75 43.23 46.80
C LYS C 352 -37.26 42.59 45.52
N SER C 353 -36.49 42.66 44.45
CA SER C 353 -36.92 42.11 43.17
C SER C 353 -36.99 40.59 43.23
N LYS C 354 -38.10 40.03 42.75
CA LYS C 354 -38.29 38.59 42.80
C LYS C 354 -37.66 37.86 41.62
N SER C 355 -37.52 38.54 40.47
CA SER C 355 -36.93 37.91 39.30
C SER C 355 -35.45 37.61 39.54
N ILE C 356 -34.73 38.53 40.17
CA ILE C 356 -33.32 38.29 40.48
C ILE C 356 -33.20 37.16 41.48
N GLN C 357 -34.10 37.10 42.47
CA GLN C 357 -34.11 36.00 43.41
C GLN C 357 -34.34 34.67 42.71
N HIS C 358 -35.27 34.64 41.77
CA HIS C 358 -35.54 33.40 41.02
C HIS C 358 -34.31 32.98 40.21
N SER C 359 -33.68 33.93 39.53
CA SER C 359 -32.49 33.62 38.73
C SER C 359 -31.36 33.10 39.61
N SER C 360 -31.16 33.74 40.77
CA SER C 360 -30.12 33.29 41.69
C SER C 360 -30.41 31.90 42.24
N ARG C 361 -31.68 31.62 42.55
CA ARG C 361 -32.04 30.29 43.02
C ARG C 361 -31.77 29.23 41.95
N ARG C 362 -32.13 29.52 40.70
CA ARG C 362 -31.86 28.57 39.64
C ARG C 362 -30.37 28.40 39.39
N LYS C 363 -29.58 29.46 39.62
CA LYS C 363 -28.14 29.34 39.51
C LYS C 363 -27.56 28.46 40.60
N GLN C 364 -28.00 28.67 41.85
CA GLN C 364 -27.42 27.96 42.98
C GLN C 364 -27.87 26.51 43.03
N GLY C 365 -29.14 26.23 42.76
CA GLY C 365 -29.60 24.85 42.77
C GLY C 365 -29.06 24.01 41.64
N LYS C 366 -28.35 24.61 40.69
CA LYS C 366 -27.76 23.87 39.58
C LYS C 366 -26.74 22.84 40.07
N ASN C 367 -25.87 23.24 41.00
CA ASN C 367 -24.83 22.37 41.51
C ASN C 367 -25.25 21.61 42.76
N TRP C 368 -26.43 21.89 43.32
CA TRP C 368 -26.93 21.15 44.47
C TRP C 368 -27.64 19.90 44.00
N TRP C 369 -27.47 18.82 44.77
CA TRP C 369 -28.06 17.53 44.43
C TRP C 369 -28.56 16.89 45.72
N ASN C 370 -28.86 15.59 45.65
CA ASN C 370 -29.56 14.90 46.73
C ASN C 370 -28.85 15.08 48.07
N ASP C 371 -27.53 14.83 48.09
CA ASP C 371 -26.79 14.89 49.34
C ASP C 371 -26.86 16.28 49.96
N LYS C 372 -26.67 17.32 49.15
CA LYS C 372 -26.65 18.68 49.67
C LYS C 372 -28.03 19.10 50.15
N TRP C 373 -29.08 18.81 49.37
CA TRP C 373 -30.43 19.16 49.78
C TRP C 373 -30.82 18.46 51.08
N ARG C 374 -30.56 17.15 51.16
CA ARG C 374 -30.95 16.41 52.35
C ARG C 374 -30.16 16.87 53.58
N GLU C 375 -28.85 17.12 53.40
CA GLU C 375 -28.05 17.54 54.54
C GLU C 375 -28.48 18.92 55.02
N LYS C 376 -28.83 19.82 54.10
CA LYS C 376 -29.26 21.15 54.51
C LYS C 376 -30.62 21.11 55.20
N LEU C 377 -31.57 20.32 54.68
CA LEU C 377 -32.87 20.22 55.34
C LEU C 377 -32.74 19.62 56.73
N LEU C 378 -31.99 18.51 56.85
CA LEU C 378 -31.81 17.89 58.16
C LEU C 378 -31.09 18.82 59.13
N ALA C 379 -30.08 19.54 58.65
CA ALA C 379 -29.37 20.47 59.51
C ALA C 379 -30.28 21.60 59.98
N PHE C 380 -31.12 22.13 59.09
CA PHE C 380 -32.04 23.18 59.48
C PHE C 380 -33.00 22.69 60.56
N ILE C 381 -33.61 21.52 60.33
CA ILE C 381 -34.62 21.04 61.26
C ILE C 381 -34.00 20.70 62.61
N ARG C 382 -32.83 20.06 62.60
CA ARG C 382 -32.13 19.82 63.87
C ARG C 382 -31.63 21.10 64.50
N PHE C 383 -31.47 22.17 63.72
CA PHE C 383 -31.07 23.45 64.28
C PHE C 383 -32.21 24.12 65.03
N LEU C 384 -33.42 24.09 64.48
CA LEU C 384 -34.54 24.68 65.20
C LEU C 384 -35.00 23.84 66.38
N SER C 385 -34.56 22.59 66.48
CA SER C 385 -35.08 21.70 67.52
C SER C 385 -34.57 22.11 68.89
N ASP C 386 -35.48 22.06 69.88
CA ASP C 386 -35.11 22.26 71.26
C ASP C 386 -34.73 20.94 71.92
N ASP C 387 -35.62 19.95 71.85
CA ASP C 387 -35.31 18.61 72.30
C ASP C 387 -34.33 17.96 71.32
N GLN C 388 -33.57 16.98 71.82
CA GLN C 388 -32.53 16.36 71.01
C GLN C 388 -33.10 15.71 69.77
N ASN C 389 -34.25 15.03 69.89
CA ASN C 389 -34.88 14.34 68.78
C ASN C 389 -36.31 14.81 68.55
N ALA C 390 -36.63 16.04 68.94
CA ALA C 390 -37.97 16.58 68.75
C ALA C 390 -37.92 18.10 68.77
N ILE C 391 -38.94 18.71 68.18
CA ILE C 391 -39.13 20.14 68.21
C ILE C 391 -40.47 20.44 68.87
N TYR C 392 -40.51 21.55 69.61
CA TYR C 392 -41.65 21.96 70.40
C TYR C 392 -42.48 22.97 69.63
N LEU C 393 -43.81 22.84 69.74
CA LEU C 393 -44.73 23.83 69.20
C LEU C 393 -45.62 24.30 70.33
N ASN C 394 -45.55 25.61 70.63
CA ASN C 394 -46.26 26.21 71.75
C ASN C 394 -47.71 26.45 71.35
N VAL C 395 -48.51 25.40 71.42
CA VAL C 395 -49.94 25.52 71.14
C VAL C 395 -50.74 25.67 72.43
N GLY C 396 -50.17 25.28 73.58
CA GLY C 396 -50.81 25.51 74.85
C GLY C 396 -49.76 25.82 75.91
N SER C 397 -50.24 26.36 77.03
CA SER C 397 -49.34 26.63 78.15
C SER C 397 -48.77 25.33 78.72
N GLU C 398 -49.61 24.30 78.83
CA GLU C 398 -49.17 22.97 79.25
C GLU C 398 -49.17 21.98 78.10
N GLU C 399 -49.77 22.32 76.98
CA GLU C 399 -49.85 21.45 75.81
C GLU C 399 -48.87 21.94 74.75
N LYS C 400 -48.23 20.99 74.06
CA LYS C 400 -47.29 21.31 72.99
C LYS C 400 -47.44 20.27 71.89
N ILE C 401 -47.02 20.64 70.68
CA ILE C 401 -46.96 19.70 69.56
C ILE C 401 -45.51 19.28 69.37
N LEU C 402 -45.29 17.97 69.33
CA LEU C 402 -43.96 17.39 69.17
C LEU C 402 -43.76 16.98 67.72
N ILE C 403 -42.73 17.52 67.08
CA ILE C 403 -42.37 17.15 65.71
C ILE C 403 -41.06 16.39 65.75
N SER C 404 -41.04 15.20 65.14
CA SER C 404 -39.83 14.39 65.14
C SER C 404 -38.70 15.10 64.39
N ASN C 405 -37.52 15.12 65.01
CA ASN C 405 -36.35 15.69 64.33
C ASN C 405 -35.96 14.87 63.11
N LYS C 406 -36.01 13.54 63.22
CA LYS C 406 -35.72 12.69 62.08
C LYS C 406 -36.96 12.56 61.21
N PRO C 407 -36.92 12.95 59.93
CA PRO C 407 -38.09 12.83 59.08
C PRO C 407 -38.51 11.38 58.89
N LEU C 408 -39.64 11.20 58.23
CA LEU C 408 -40.10 9.85 57.91
C LEU C 408 -39.05 9.15 57.05
N LYS C 409 -38.69 7.94 57.45
CA LYS C 409 -37.67 7.17 56.75
C LYS C 409 -38.32 6.10 55.90
N PHE C 410 -37.71 5.85 54.74
CA PHE C 410 -38.22 4.87 53.79
C PHE C 410 -37.08 3.94 53.38
N PHE C 411 -37.43 2.80 52.79
CA PHE C 411 -36.41 1.90 52.30
C PHE C 411 -36.96 1.12 51.11
N GLY C 412 -36.09 0.86 50.16
CA GLY C 412 -36.46 0.14 48.94
C GLY C 412 -35.54 -1.03 48.68
N LYS C 413 -36.10 -2.06 48.05
CA LYS C 413 -35.35 -3.27 47.76
C LYS C 413 -34.52 -3.16 46.48
N MET C 414 -34.78 -2.15 45.65
CA MET C 414 -34.06 -1.95 44.40
C MET C 414 -33.40 -0.58 44.40
N SER C 415 -32.17 -0.52 43.89
CA SER C 415 -31.42 0.73 43.88
C SER C 415 -30.36 0.64 42.79
N TYR C 416 -29.39 1.56 42.84
CA TYR C 416 -28.34 1.67 41.84
C TYR C 416 -26.99 1.81 42.53
N VAL C 417 -25.94 1.52 41.77
CA VAL C 417 -24.58 1.81 42.22
C VAL C 417 -24.29 3.29 42.00
N THR C 418 -23.85 3.96 43.04
CA THR C 418 -23.64 5.41 42.96
C THR C 418 -22.37 5.71 42.18
N PRO C 419 -22.43 6.46 41.08
CA PRO C 419 -21.23 6.80 40.32
C PRO C 419 -20.52 8.02 40.88
N SER C 420 -19.29 7.86 41.36
CA SER C 420 -18.52 8.98 41.88
C SER C 420 -17.04 8.65 41.94
N MET D 1 -39.65 3.40 58.22
CA MET D 1 -39.18 2.42 57.26
C MET D 1 -40.33 1.90 56.40
N LYS D 2 -40.94 2.79 55.62
CA LYS D 2 -42.03 2.39 54.74
C LYS D 2 -41.48 1.75 53.48
N GLU D 3 -42.14 0.69 53.03
CA GLU D 3 -41.68 -0.04 51.85
C GLU D 3 -41.86 0.80 50.60
N LEU D 4 -40.78 0.89 49.81
CA LEU D 4 -40.81 1.54 48.50
C LEU D 4 -40.77 0.45 47.44
N ILE D 5 -41.89 0.26 46.74
CA ILE D 5 -41.96 -0.77 45.72
C ILE D 5 -41.23 -0.30 44.46
N TYR D 6 -40.85 -1.27 43.63
CA TYR D 6 -40.25 -1.02 42.32
C TYR D 6 -41.18 -1.49 41.23
N ILE D 7 -41.37 -0.64 40.21
CA ILE D 7 -42.11 -0.98 39.01
C ILE D 7 -41.11 -1.12 37.87
N GLU D 8 -41.14 -2.25 37.18
CA GLU D 8 -40.15 -2.53 36.16
C GLU D 8 -40.27 -1.53 35.01
N GLU D 9 -39.13 -1.16 34.44
CA GLU D 9 -39.11 -0.23 33.33
C GLU D 9 -39.86 -0.82 32.14
N PRO D 10 -40.84 -0.12 31.59
CA PRO D 10 -41.51 -0.62 30.38
C PRO D 10 -40.65 -0.38 29.15
N SER D 11 -40.66 -1.36 28.26
CA SER D 11 -39.84 -1.33 27.05
C SER D 11 -40.67 -0.85 25.87
N ILE D 12 -40.16 0.13 25.14
CA ILE D 12 -40.82 0.66 23.95
C ILE D 12 -40.27 -0.08 22.74
N LEU D 13 -41.16 -0.55 21.88
CA LEU D 13 -40.77 -1.32 20.71
C LEU D 13 -40.09 -0.43 19.67
N PHE D 14 -39.32 -1.06 18.80
CA PHE D 14 -38.62 -0.37 17.72
C PHE D 14 -38.69 -1.25 16.47
N ALA D 15 -37.87 -0.91 15.48
CA ALA D 15 -37.84 -1.69 14.25
C ALA D 15 -37.36 -3.11 14.52
N HIS D 16 -37.85 -4.05 13.71
CA HIS D 16 -37.50 -5.46 13.75
C HIS D 16 -37.92 -6.12 15.06
N GLY D 17 -38.83 -5.52 15.81
CA GLY D 17 -39.32 -6.11 17.03
C GLY D 17 -38.37 -6.05 18.21
N GLN D 18 -37.40 -5.14 18.18
CA GLN D 18 -36.40 -5.02 19.24
C GLN D 18 -36.85 -3.97 20.25
N LYS D 19 -36.99 -4.37 21.51
CA LYS D 19 -37.46 -3.51 22.57
C LYS D 19 -36.29 -2.98 23.38
N CYS D 20 -36.26 -1.66 23.58
CA CYS D 20 -35.25 -1.01 24.41
C CYS D 20 -35.94 0.04 25.26
N THR D 21 -35.36 0.32 26.43
CA THR D 21 -35.97 1.28 27.34
C THR D 21 -35.80 2.71 26.82
N ASP D 22 -34.59 3.06 26.40
CA ASP D 22 -34.31 4.42 25.95
C ASP D 22 -34.78 4.60 24.52
N PRO D 23 -35.63 5.58 24.22
CA PRO D 23 -35.99 5.85 22.82
C PRO D 23 -34.79 6.20 21.94
N ARG D 24 -33.83 6.94 22.48
CA ARG D 24 -32.68 7.35 21.68
C ARG D 24 -31.81 6.15 21.30
N ASP D 25 -31.45 5.34 22.28
CA ASP D 25 -30.60 4.18 22.02
C ASP D 25 -31.33 3.14 21.19
N GLY D 26 -32.63 2.94 21.43
CA GLY D 26 -33.39 2.04 20.60
C GLY D 26 -33.54 2.51 19.18
N LEU D 27 -33.65 3.83 18.98
CA LEU D 27 -33.74 4.37 17.63
C LEU D 27 -32.43 4.22 16.89
N ALA D 28 -31.32 4.57 17.55
CA ALA D 28 -30.00 4.43 16.92
C ALA D 28 -29.68 2.98 16.62
N LEU D 29 -30.05 2.08 17.54
CA LEU D 29 -29.73 0.67 17.38
C LEU D 29 -30.57 0.00 16.30
N PHE D 30 -31.87 0.27 16.29
CA PHE D 30 -32.76 -0.51 15.42
C PHE D 30 -33.56 0.35 14.46
N GLY D 31 -34.06 1.50 14.89
CA GLY D 31 -34.76 2.40 14.00
C GLY D 31 -36.26 2.45 14.22
N PRO D 32 -36.92 3.38 13.53
CA PRO D 32 -38.37 3.55 13.70
C PRO D 32 -39.15 2.36 13.18
N LEU D 33 -40.41 2.28 13.62
CA LEU D 33 -41.27 1.17 13.24
C LEU D 33 -41.59 1.18 11.75
N ASN D 34 -42.05 2.32 11.23
CA ASN D 34 -42.45 2.43 9.84
C ASN D 34 -41.44 3.26 9.06
N GLN D 35 -41.33 2.96 7.77
CA GLN D 35 -40.32 3.56 6.90
C GLN D 35 -41.00 4.55 5.96
N ILE D 36 -41.13 5.80 6.41
CA ILE D 36 -41.41 6.88 5.48
C ILE D 36 -40.18 7.11 4.62
N TYR D 37 -40.39 7.41 3.34
CA TYR D 37 -39.27 7.45 2.41
C TYR D 37 -38.42 8.70 2.57
N GLY D 38 -39.02 9.80 3.00
CA GLY D 38 -38.27 11.02 3.19
C GLY D 38 -39.18 12.14 3.64
N ILE D 39 -38.58 13.25 4.01
CA ILE D 39 -39.29 14.43 4.45
C ILE D 39 -39.14 15.50 3.38
N LYS D 40 -40.25 15.87 2.74
CA LYS D 40 -40.28 16.97 1.78
C LYS D 40 -40.41 18.26 2.59
N SER D 41 -39.29 18.69 3.14
CA SER D 41 -39.30 19.82 4.08
C SER D 41 -39.77 21.10 3.39
N GLY D 42 -40.71 21.78 4.04
CA GLY D 42 -41.12 23.10 3.61
C GLY D 42 -40.82 24.11 4.69
N VAL D 43 -40.29 25.26 4.31
CA VAL D 43 -39.83 26.27 5.27
C VAL D 43 -40.46 27.60 4.92
N VAL D 44 -41.17 28.19 5.88
CA VAL D 44 -41.66 29.56 5.77
C VAL D 44 -40.90 30.40 6.79
N GLY D 45 -40.31 31.48 6.32
CA GLY D 45 -39.51 32.34 7.16
C GLY D 45 -38.66 33.28 6.31
N THR D 46 -37.81 34.03 7.00
CA THR D 46 -36.94 34.97 6.32
C THR D 46 -35.82 34.23 5.59
N GLN D 47 -35.11 34.97 4.73
CA GLN D 47 -33.97 34.39 4.04
C GLN D 47 -32.87 34.01 5.04
N LYS D 48 -32.65 34.84 6.06
CA LYS D 48 -31.74 34.45 7.14
C LYS D 48 -32.26 33.22 7.86
N GLY D 49 -33.57 33.14 8.06
CA GLY D 49 -34.15 31.94 8.66
C GLY D 49 -33.97 30.72 7.79
N LEU D 50 -34.12 30.88 6.47
CA LEU D 50 -33.87 29.76 5.56
C LEU D 50 -32.42 29.32 5.63
N GLN D 51 -31.49 30.28 5.67
CA GLN D 51 -30.07 29.93 5.76
C GLN D 51 -29.78 29.21 7.06
N ILE D 52 -30.35 29.66 8.17
CA ILE D 52 -30.13 29.02 9.46
C ILE D 52 -30.67 27.60 9.45
N PHE D 53 -31.89 27.41 8.92
CA PHE D 53 -32.46 26.07 8.87
C PHE D 53 -31.66 25.16 7.96
N LYS D 54 -31.19 25.68 6.83
CA LYS D 54 -30.40 24.86 5.92
C LYS D 54 -29.07 24.47 6.53
N SER D 55 -28.41 25.40 7.23
CA SER D 55 -27.16 25.09 7.90
C SER D 55 -27.38 24.05 9.00
N TYR D 56 -28.43 24.20 9.79
CA TYR D 56 -28.68 23.22 10.84
C TYR D 56 -29.07 21.86 10.26
N LEU D 57 -29.77 21.84 9.14
CA LEU D 57 -30.12 20.58 8.50
C LEU D 57 -28.90 19.92 7.87
N ASP D 58 -27.93 20.73 7.45
CA ASP D 58 -26.64 20.20 7.03
C ASP D 58 -25.91 19.58 8.22
N LYS D 59 -25.94 20.27 9.36
CA LYS D 59 -25.28 19.76 10.57
C LYS D 59 -25.94 18.49 11.08
N ILE D 60 -27.26 18.36 10.90
CA ILE D 60 -27.97 17.17 11.35
C ILE D 60 -27.45 15.91 10.66
N GLN D 61 -27.08 16.04 9.38
CA GLN D 61 -26.63 14.87 8.63
C GLN D 61 -25.39 14.24 9.27
N LYS D 62 -24.42 15.07 9.63
CA LYS D 62 -23.24 14.58 10.30
C LYS D 62 -23.56 14.29 11.76
N PRO D 63 -23.01 13.23 12.35
CA PRO D 63 -23.25 12.96 13.76
C PRO D 63 -22.76 14.11 14.63
N ILE D 64 -23.53 14.40 15.68
CA ILE D 64 -23.22 15.51 16.58
C ILE D 64 -23.10 14.96 17.99
N TYR D 65 -22.29 15.63 18.80
CA TYR D 65 -21.87 15.14 20.11
C TYR D 65 -22.46 15.98 21.23
N ASN D 66 -22.98 15.31 22.25
CA ASN D 66 -23.24 15.99 23.51
C ASN D 66 -21.94 16.20 24.27
N HIS D 67 -21.97 17.07 25.28
CA HIS D 67 -20.81 17.24 26.13
C HIS D 67 -20.55 16.03 27.01
N ASN D 68 -21.59 15.25 27.30
CA ASN D 68 -21.49 14.04 28.13
C ASN D 68 -22.22 12.94 27.37
N ASN D 69 -21.47 12.11 26.66
CA ASN D 69 -22.06 11.15 25.72
C ASN D 69 -22.62 9.91 26.39
N ILE D 70 -22.41 9.70 27.68
CA ILE D 70 -22.97 8.56 28.38
C ILE D 70 -24.26 8.92 29.09
N THR D 71 -24.33 10.13 29.68
CA THR D 71 -25.59 10.56 30.29
C THR D 71 -26.66 10.83 29.24
N ARG D 72 -26.26 11.24 28.04
CA ARG D 72 -27.19 11.51 26.96
C ARG D 72 -26.56 11.09 25.64
N PRO D 73 -27.17 10.13 24.93
CA PRO D 73 -26.51 9.53 23.77
C PRO D 73 -26.26 10.54 22.65
N MET D 74 -25.39 10.13 21.73
CA MET D 74 -25.10 10.92 20.54
C MET D 74 -26.24 10.84 19.54
N PHE D 75 -26.19 11.74 18.57
CA PHE D 75 -27.05 11.61 17.40
C PHE D 75 -26.23 11.04 16.26
N PRO D 76 -26.48 9.79 15.85
CA PRO D 76 -25.70 9.22 14.73
C PRO D 76 -25.85 10.00 13.44
N GLY D 77 -26.98 10.64 13.23
CA GLY D 77 -27.28 11.32 11.97
C GLY D 77 -28.64 10.85 11.51
N PHE D 78 -29.38 11.75 10.85
CA PHE D 78 -30.79 11.52 10.60
C PHE D 78 -31.02 10.26 9.78
N GLU D 79 -30.24 10.08 8.70
CA GLU D 79 -30.40 8.87 7.90
C GLU D 79 -29.86 7.64 8.62
N ALA D 80 -28.88 7.83 9.51
CA ALA D 80 -28.37 6.71 10.29
C ALA D 80 -29.45 6.16 11.22
N VAL D 81 -30.22 7.04 11.83
CA VAL D 81 -31.26 6.60 12.77
C VAL D 81 -32.53 6.20 12.03
N PHE D 82 -33.15 7.15 11.34
CA PHE D 82 -34.50 6.94 10.82
C PHE D 82 -34.54 6.25 9.46
N GLY D 83 -33.43 6.21 8.74
CA GLY D 83 -33.42 5.55 7.45
C GLY D 83 -34.16 6.26 6.36
N CYS D 84 -34.40 7.56 6.52
CA CYS D 84 -35.12 8.35 5.53
C CYS D 84 -34.37 9.65 5.29
N LYS D 85 -34.55 10.20 4.08
CA LYS D 85 -33.76 11.32 3.61
C LYS D 85 -34.43 12.65 3.94
N TRP D 86 -33.68 13.56 4.56
CA TRP D 86 -34.17 14.88 4.93
C TRP D 86 -33.11 15.94 4.62
N GLU D 87 -32.58 15.94 3.39
CA GLU D 87 -31.54 16.90 3.07
C GLU D 87 -32.09 18.32 3.05
N SER D 88 -31.17 19.29 3.13
CA SER D 88 -31.51 20.70 3.11
C SER D 88 -31.53 21.31 1.72
N GLN D 89 -31.12 20.57 0.70
CA GLN D 89 -31.15 21.05 -0.67
C GLN D 89 -32.50 20.80 -1.35
N ASN D 90 -33.46 20.24 -0.62
CA ASN D 90 -34.76 19.85 -1.15
C ASN D 90 -35.83 20.51 -0.28
N ILE D 91 -35.73 21.83 -0.14
CA ILE D 91 -36.57 22.61 0.77
C ILE D 91 -37.49 23.49 -0.07
N VAL D 92 -38.79 23.47 0.27
CA VAL D 92 -39.77 24.36 -0.33
C VAL D 92 -39.81 25.63 0.53
N PHE D 93 -39.29 26.72 -0.01
CA PHE D 93 -39.13 27.97 0.74
C PHE D 93 -40.27 28.93 0.44
N LYS D 94 -40.77 29.59 1.49
CA LYS D 94 -41.75 30.65 1.37
C LYS D 94 -41.19 31.89 2.07
N GLU D 95 -40.65 32.81 1.28
CA GLU D 95 -39.99 33.98 1.84
C GLU D 95 -41.00 34.95 2.43
N ILE D 96 -40.66 35.52 3.60
CA ILE D 96 -41.46 36.56 4.23
C ILE D 96 -40.56 37.74 4.56
N THR D 97 -41.18 38.91 4.68
CA THR D 97 -40.45 40.13 5.01
C THR D 97 -41.42 41.21 5.48
N LYS D 112 -53.53 42.54 18.57
CA LYS D 112 -53.76 42.47 17.13
C LYS D 112 -52.47 42.09 16.41
N ARG D 113 -51.33 42.54 16.94
CA ARG D 113 -50.05 42.23 16.33
C ARG D 113 -49.82 40.72 16.26
N THR D 114 -50.23 39.99 17.29
CA THR D 114 -50.12 38.54 17.27
C THR D 114 -50.97 37.95 16.15
N TYR D 115 -52.18 38.47 15.96
CA TYR D 115 -53.08 37.91 14.96
C TYR D 115 -52.50 38.05 13.55
N ASP D 116 -52.05 39.26 13.20
CA ASP D 116 -51.51 39.45 11.86
C ASP D 116 -50.15 38.78 11.68
N LEU D 117 -49.34 38.74 12.74
CA LEU D 117 -48.06 38.04 12.66
C LEU D 117 -48.28 36.55 12.42
N VAL D 118 -49.28 35.97 13.08
CA VAL D 118 -49.64 34.58 12.80
C VAL D 118 -50.21 34.45 11.40
N THR D 119 -50.99 35.44 10.97
CA THR D 119 -51.64 35.40 9.66
C THR D 119 -50.62 35.36 8.54
N LEU D 120 -49.51 36.08 8.69
CA LEU D 120 -48.47 36.06 7.67
C LEU D 120 -48.00 34.63 7.38
N PHE D 121 -47.44 33.97 8.40
CA PHE D 121 -46.98 32.59 8.24
C PHE D 121 -48.12 31.68 7.83
N ASN D 122 -49.31 31.90 8.42
CA ASN D 122 -50.45 31.05 8.14
C ASN D 122 -50.80 31.06 6.66
N ASP D 123 -51.13 32.23 6.12
CA ASP D 123 -51.57 32.30 4.73
C ASP D 123 -50.44 31.96 3.78
N LYS D 124 -49.19 32.21 4.15
CA LYS D 124 -48.08 31.68 3.35
C LYS D 124 -48.18 30.16 3.25
N ILE D 125 -48.39 29.49 4.38
CA ILE D 125 -48.46 28.02 4.40
C ILE D 125 -49.68 27.55 3.62
N ILE D 126 -50.83 28.22 3.77
CA ILE D 126 -52.05 27.76 3.10
C ILE D 126 -51.95 27.96 1.59
N THR D 127 -51.40 29.09 1.15
CA THR D 127 -51.23 29.29 -0.28
C THR D 127 -50.22 28.31 -0.86
N ALA D 128 -49.15 28.01 -0.12
CA ALA D 128 -48.18 27.04 -0.62
C ALA D 128 -48.76 25.64 -0.67
N ASN D 129 -49.58 25.26 0.32
CA ASN D 129 -50.20 23.94 0.32
C ASN D 129 -51.32 23.86 -0.70
N LYS D 130 -51.92 24.99 -1.04
CA LYS D 130 -53.02 25.04 -1.99
C LYS D 130 -52.51 25.19 -3.42
N ASN D 131 -51.73 26.23 -3.68
CA ASN D 131 -51.37 26.60 -5.04
C ASN D 131 -50.15 25.83 -5.53
N ASP D 132 -49.13 25.70 -4.70
CA ASP D 132 -47.86 25.13 -5.16
C ASP D 132 -47.99 23.65 -5.45
N GLU D 133 -47.30 23.20 -6.51
CA GLU D 133 -47.33 21.80 -6.92
C GLU D 133 -46.44 20.94 -6.02
N GLU D 134 -45.31 21.47 -5.58
CA GLU D 134 -44.36 20.69 -4.79
C GLU D 134 -44.98 20.31 -3.44
N ARG D 135 -44.91 19.02 -3.10
CA ARG D 135 -45.51 18.52 -1.88
C ARG D 135 -44.59 18.78 -0.70
N VAL D 136 -45.19 19.11 0.45
CA VAL D 136 -44.47 19.30 1.70
C VAL D 136 -45.06 18.35 2.73
N ASP D 137 -44.20 17.58 3.40
CA ASP D 137 -44.67 16.66 4.43
C ASP D 137 -44.85 17.34 5.78
N VAL D 138 -44.02 18.35 6.07
CA VAL D 138 -44.11 19.08 7.33
C VAL D 138 -43.47 20.45 7.13
N TRP D 139 -44.14 21.49 7.62
CA TRP D 139 -43.73 22.86 7.39
C TRP D 139 -42.96 23.38 8.60
N PHE D 140 -41.70 23.78 8.38
CA PHE D 140 -40.82 24.20 9.46
C PHE D 140 -40.85 25.73 9.53
N VAL D 141 -41.70 26.25 10.39
CA VAL D 141 -41.85 27.69 10.58
C VAL D 141 -40.63 28.19 11.35
N ILE D 142 -39.73 28.88 10.65
CA ILE D 142 -38.52 29.42 11.28
C ILE D 142 -38.88 30.81 11.80
N VAL D 143 -39.32 30.88 13.04
CA VAL D 143 -39.76 32.14 13.63
C VAL D 143 -38.52 32.96 14.02
N PRO D 144 -38.44 34.22 13.62
CA PRO D 144 -37.30 35.05 14.02
C PRO D 144 -37.37 35.42 15.49
N GLU D 145 -36.27 35.97 15.98
CA GLU D 145 -36.18 36.39 17.37
C GLU D 145 -35.88 37.89 17.48
N TYR D 202 -41.85 40.76 21.30
CA TYR D 202 -42.23 39.36 21.42
C TYR D 202 -43.68 39.22 21.88
N ASP D 203 -44.31 38.10 21.53
CA ASP D 203 -45.71 37.85 21.85
C ASP D 203 -45.88 36.45 22.42
N ALA D 204 -46.99 36.24 23.11
CA ALA D 204 -47.19 35.02 23.91
C ALA D 204 -47.89 33.90 23.15
N GLN D 205 -48.95 34.19 22.41
CA GLN D 205 -49.81 33.15 21.85
C GLN D 205 -49.58 32.93 20.36
N PHE D 206 -48.35 33.10 19.89
CA PHE D 206 -48.06 32.88 18.46
C PHE D 206 -48.20 31.40 18.11
N HIS D 207 -47.55 30.52 18.89
CA HIS D 207 -47.51 29.11 18.56
C HIS D 207 -48.91 28.49 18.58
N ASP D 208 -49.67 28.75 19.65
CA ASP D 208 -50.97 28.13 19.79
C ASP D 208 -51.95 28.63 18.72
N GLN D 209 -51.97 29.93 18.48
CA GLN D 209 -52.85 30.47 17.44
C GLN D 209 -52.46 29.96 16.06
N LEU D 210 -51.16 29.91 15.76
CA LEU D 210 -50.70 29.42 14.46
C LEU D 210 -51.09 27.97 14.26
N LYS D 211 -50.93 27.14 15.29
CA LYS D 211 -51.31 25.74 15.18
C LYS D 211 -52.83 25.58 15.09
N ALA D 212 -53.58 26.48 15.71
CA ALA D 212 -55.04 26.39 15.65
C ALA D 212 -55.56 26.76 14.28
N ARG D 213 -55.05 27.84 13.69
CA ARG D 213 -55.56 28.32 12.42
C ARG D 213 -55.27 27.35 11.27
N LEU D 214 -54.32 26.45 11.43
CA LEU D 214 -54.04 25.42 10.43
C LEU D 214 -54.80 24.13 10.70
N LEU D 215 -55.68 24.10 11.69
CA LEU D 215 -56.39 22.86 12.00
C LEU D 215 -57.43 22.53 10.94
N GLU D 216 -58.10 23.55 10.39
CA GLU D 216 -59.14 23.31 9.40
C GLU D 216 -58.57 22.66 8.15
N HIS D 217 -57.46 23.18 7.65
CA HIS D 217 -56.73 22.57 6.54
C HIS D 217 -55.50 21.89 7.14
N THR D 218 -55.64 20.59 7.41
CA THR D 218 -54.68 19.85 8.22
C THR D 218 -53.28 19.88 7.60
N ILE D 219 -52.38 20.61 8.24
CA ILE D 219 -51.00 20.74 7.77
C ILE D 219 -50.07 20.53 8.96
N PRO D 220 -49.37 19.40 9.04
CA PRO D 220 -48.43 19.19 10.15
C PRO D 220 -47.29 20.20 10.07
N THR D 221 -47.14 20.99 11.13
CA THR D 221 -46.17 22.07 11.17
C THR D 221 -45.32 21.96 12.43
N GLN D 222 -44.06 22.36 12.31
CA GLN D 222 -43.13 22.40 13.42
C GLN D 222 -42.55 23.81 13.49
N ILE D 223 -42.69 24.45 14.65
CA ILE D 223 -42.17 25.79 14.85
C ILE D 223 -40.77 25.68 15.46
N LEU D 224 -39.79 26.26 14.78
CA LEU D 224 -38.42 26.31 15.28
C LEU D 224 -37.99 27.77 15.34
N ARG D 225 -37.38 28.15 16.45
CA ARG D 225 -36.86 29.50 16.60
C ARG D 225 -35.45 29.58 16.04
N GLU D 226 -35.11 30.77 15.52
CA GLU D 226 -33.76 30.99 15.04
C GLU D 226 -32.75 30.90 16.17
N SER D 227 -33.17 31.22 17.40
CA SER D 227 -32.31 31.05 18.57
C SER D 227 -32.14 29.60 18.97
N THR D 228 -32.90 28.68 18.37
CA THR D 228 -32.76 27.25 18.63
C THR D 228 -31.90 26.55 17.59
N LEU D 229 -32.24 26.72 16.31
CA LEU D 229 -31.47 26.07 15.24
C LEU D 229 -30.04 26.61 15.21
N ALA D 230 -29.87 27.92 15.33
CA ALA D 230 -28.55 28.54 15.38
C ALA D 230 -28.50 29.38 16.66
N TRP D 231 -28.15 28.73 17.77
CA TRP D 231 -28.14 29.39 19.07
C TRP D 231 -26.85 30.17 19.31
N ARG D 232 -25.76 29.80 18.65
CA ARG D 232 -24.48 30.46 18.90
C ARG D 232 -24.47 31.90 18.39
N ASP D 233 -25.18 32.17 17.30
CA ASP D 233 -25.11 33.49 16.67
C ASP D 233 -25.65 34.58 17.56
N PHE D 234 -26.59 34.26 18.46
CA PHE D 234 -27.26 35.26 19.30
C PHE D 234 -26.62 35.25 20.68
N LYS D 235 -25.72 36.21 20.93
CA LYS D 235 -25.09 36.36 22.23
C LYS D 235 -26.01 37.15 23.16
N ASN D 236 -25.49 37.51 24.34
CA ASN D 236 -26.16 38.45 25.23
C ASN D 236 -25.52 39.83 25.19
N THR D 237 -24.74 40.11 24.16
CA THR D 237 -24.03 41.38 23.95
C THR D 237 -22.88 41.48 24.96
N PHE D 238 -22.80 40.51 25.87
CA PHE D 238 -21.79 40.50 26.92
C PHE D 238 -20.96 39.22 26.94
N GLY D 239 -21.40 38.15 26.28
CA GLY D 239 -20.71 36.88 26.38
C GLY D 239 -21.43 35.71 25.76
N ALA D 240 -21.61 34.65 26.55
CA ALA D 240 -22.16 33.41 26.04
C ALA D 240 -23.60 33.62 25.55
N PRO D 241 -24.08 32.79 24.62
CA PRO D 241 -25.41 33.01 24.04
C PRO D 241 -26.52 32.88 25.07
N ILE D 242 -27.70 33.36 24.68
CA ILE D 242 -28.87 33.29 25.56
C ILE D 242 -29.21 31.84 25.88
N ARG D 243 -29.24 30.99 24.87
CA ARG D 243 -29.68 29.61 25.00
C ARG D 243 -28.45 28.72 24.80
N ASP D 244 -27.75 28.43 25.88
CA ASP D 244 -26.53 27.63 25.84
C ASP D 244 -26.91 26.17 25.59
N PHE D 245 -26.78 25.73 24.34
CA PHE D 245 -27.14 24.38 23.94
C PHE D 245 -25.91 23.52 23.67
N SER D 246 -24.72 23.96 24.13
CA SER D 246 -23.49 23.24 23.83
C SER D 246 -23.50 21.85 24.45
N LYS D 247 -23.94 21.73 25.71
CA LYS D 247 -23.93 20.45 26.38
C LYS D 247 -25.00 19.51 25.85
N ILE D 248 -26.00 20.04 25.16
CA ILE D 248 -27.17 19.29 24.73
C ILE D 248 -27.36 19.35 23.21
N GLU D 249 -26.32 19.70 22.47
CA GLU D 249 -26.42 19.84 21.02
C GLU D 249 -26.85 18.52 20.37
N GLY D 250 -26.23 17.42 20.77
CA GLY D 250 -26.65 16.13 20.27
C GLY D 250 -28.08 15.81 20.66
N HIS D 251 -28.45 16.10 21.91
CA HIS D 251 -29.82 15.89 22.36
C HIS D 251 -30.80 16.78 21.60
N LEU D 252 -30.41 18.03 21.37
CA LEU D 252 -31.22 18.95 20.57
C LEU D 252 -31.49 18.36 19.19
N ALA D 253 -30.43 17.89 18.53
CA ALA D 253 -30.59 17.28 17.22
C ALA D 253 -31.51 16.06 17.28
N TRP D 254 -31.29 15.20 18.27
CA TRP D 254 -32.17 14.06 18.54
C TRP D 254 -33.65 14.46 18.58
N THR D 255 -33.97 15.41 19.46
CA THR D 255 -35.36 15.81 19.65
C THR D 255 -35.95 16.41 18.39
N ILE D 256 -35.22 17.34 17.76
CA ILE D 256 -35.75 17.97 16.54
C ILE D 256 -35.99 16.92 15.46
N SER D 257 -35.05 16.00 15.29
CA SER D 257 -35.20 14.95 14.29
C SER D 257 -36.40 14.07 14.58
N THR D 258 -36.59 13.72 15.85
CA THR D 258 -37.73 12.89 16.24
C THR D 258 -39.04 13.61 15.95
N ALA D 259 -39.12 14.89 16.30
CA ALA D 259 -40.31 15.68 16.03
C ALA D 259 -40.60 15.75 14.53
N ALA D 260 -39.56 16.02 13.73
CA ALA D 260 -39.74 16.13 12.29
C ALA D 260 -40.16 14.80 11.68
N TYR D 261 -39.65 13.68 12.21
CA TYR D 261 -40.04 12.37 11.71
C TYR D 261 -41.46 12.01 12.12
N TYR D 262 -41.90 12.43 13.31
CA TYR D 262 -43.26 12.13 13.73
C TYR D 262 -44.28 12.96 12.95
N LYS D 263 -44.01 14.26 12.80
CA LYS D 263 -44.95 15.12 12.07
C LYS D 263 -45.05 14.76 10.59
N ALA D 264 -44.05 14.07 10.04
CA ALA D 264 -44.08 13.62 8.66
C ALA D 264 -44.68 12.23 8.52
N GLY D 265 -45.44 11.77 9.50
CA GLY D 265 -46.12 10.49 9.40
C GLY D 265 -45.28 9.30 9.79
N GLY D 266 -44.18 9.50 10.52
CA GLY D 266 -43.34 8.41 10.97
C GLY D 266 -43.64 8.03 12.41
N LYS D 267 -43.55 6.74 12.69
CA LYS D 267 -43.81 6.20 14.03
C LYS D 267 -42.48 5.84 14.66
N PRO D 268 -41.93 6.65 15.57
CA PRO D 268 -40.58 6.38 16.09
C PRO D 268 -40.52 5.15 16.99
N TRP D 269 -41.38 5.06 18.00
CA TRP D 269 -41.35 3.93 18.92
C TRP D 269 -42.75 3.62 19.41
N LYS D 270 -43.01 2.34 19.62
CA LYS D 270 -44.30 1.85 20.09
C LYS D 270 -44.30 1.68 21.60
N LEU D 271 -45.30 0.98 22.13
CA LEU D 271 -45.38 0.61 23.54
C LEU D 271 -45.76 -0.86 23.65
N GLY D 272 -45.38 -1.46 24.78
CA GLY D 272 -45.70 -2.84 25.06
C GLY D 272 -46.26 -3.07 26.44
N PRO D 276 -53.14 -4.75 26.89
CA PRO D 276 -54.13 -4.68 25.82
C PRO D 276 -55.55 -4.61 26.33
N GLY D 277 -56.47 -4.13 25.50
CA GLY D 277 -57.85 -4.00 25.90
C GLY D 277 -58.14 -2.85 26.83
N VAL D 278 -57.18 -1.94 27.04
CA VAL D 278 -57.35 -0.81 27.92
C VAL D 278 -57.16 0.47 27.12
N CYS D 279 -58.13 1.36 27.19
CA CYS D 279 -58.06 2.66 26.54
C CYS D 279 -57.71 3.71 27.59
N TYR D 280 -56.51 4.28 27.49
CA TYR D 280 -56.02 5.26 28.44
C TYR D 280 -56.45 6.65 28.00
N LEU D 281 -57.27 7.30 28.81
CA LEU D 281 -57.92 8.57 28.46
C LEU D 281 -57.40 9.64 29.41
N GLY D 282 -56.34 10.33 29.00
CA GLY D 282 -55.83 11.43 29.78
C GLY D 282 -56.52 12.73 29.41
N LEU D 283 -57.30 13.27 30.33
CA LEU D 283 -58.12 14.44 30.05
C LEU D 283 -57.73 15.60 30.97
N VAL D 284 -57.67 16.80 30.40
CA VAL D 284 -57.16 17.99 31.07
C VAL D 284 -58.08 19.16 30.76
N TYR D 285 -58.28 20.03 31.75
CA TYR D 285 -59.10 21.23 31.56
C TYR D 285 -58.23 22.45 31.39
N LYS D 286 -58.69 23.37 30.55
CA LYS D 286 -58.01 24.62 30.25
C LYS D 286 -58.95 25.77 30.58
N LYS D 287 -58.42 26.76 31.29
CA LYS D 287 -59.19 27.97 31.56
C LYS D 287 -59.33 28.81 30.31
N ILE D 288 -60.50 29.42 30.14
CA ILE D 288 -60.75 30.30 29.01
C ILE D 288 -61.24 31.66 29.51
N GLN D 295 -65.47 30.19 31.65
CA GLN D 295 -65.71 28.90 31.03
C GLN D 295 -64.43 28.07 30.97
N ASN D 296 -64.57 26.76 31.16
CA ASN D 296 -63.43 25.84 31.11
C ASN D 296 -63.67 24.81 30.03
N ALA D 297 -62.59 24.37 29.38
CA ALA D 297 -62.69 23.42 28.27
C ALA D 297 -61.94 22.15 28.63
N CYS D 298 -62.61 21.00 28.51
CA CYS D 298 -62.01 19.70 28.76
C CYS D 298 -61.59 19.09 27.44
N CYS D 299 -60.29 18.78 27.32
CA CYS D 299 -59.73 18.14 26.15
C CYS D 299 -59.04 16.85 26.56
N ALA D 300 -59.26 15.80 25.77
CA ALA D 300 -58.79 14.47 26.10
C ALA D 300 -57.65 14.04 25.18
N ALA D 301 -57.02 12.93 25.54
CA ALA D 301 -55.99 12.30 24.72
C ALA D 301 -56.03 10.81 25.03
N GLN D 302 -56.38 10.00 24.03
CA GLN D 302 -56.53 8.57 24.24
C GLN D 302 -55.38 7.81 23.63
N MET D 303 -55.06 6.66 24.24
CA MET D 303 -53.99 5.79 23.77
C MET D 303 -54.37 4.35 24.08
N PHE D 304 -54.23 3.47 23.09
CA PHE D 304 -54.64 2.09 23.28
C PHE D 304 -53.94 1.21 22.25
N LEU D 305 -54.04 -0.09 22.46
CA LEU D 305 -53.43 -1.10 21.61
C LEU D 305 -54.50 -1.76 20.76
N ASP D 306 -54.24 -1.89 19.47
CA ASP D 306 -55.19 -2.48 18.54
C ASP D 306 -54.86 -3.96 18.33
N ASN D 307 -55.69 -4.62 17.53
CA ASN D 307 -55.41 -6.01 17.16
C ASN D 307 -54.16 -6.13 16.30
N GLY D 308 -53.71 -5.04 15.70
CA GLY D 308 -52.48 -4.99 14.93
C GLY D 308 -51.24 -4.71 15.73
N ASP D 309 -51.34 -4.69 17.06
CA ASP D 309 -50.24 -4.43 17.98
C ASP D 309 -49.58 -3.07 17.76
N GLY D 310 -50.23 -2.18 17.01
CA GLY D 310 -49.71 -0.83 16.83
C GLY D 310 -50.41 0.18 17.70
N THR D 311 -49.71 0.72 18.69
CA THR D 311 -50.33 1.62 19.64
C THR D 311 -50.95 2.82 18.93
N VAL D 312 -52.22 3.08 19.21
CA VAL D 312 -52.96 4.18 18.62
C VAL D 312 -53.04 5.29 19.65
N PHE D 313 -52.40 6.42 19.35
CA PHE D 313 -52.27 7.52 20.29
C PHE D 313 -52.53 8.81 19.51
N LYS D 314 -53.79 9.23 19.47
CA LYS D 314 -54.21 10.38 18.67
C LYS D 314 -54.71 11.53 19.51
N GLY D 315 -55.62 11.26 20.45
CA GLY D 315 -56.14 12.32 21.30
C GLY D 315 -57.58 12.68 20.97
N GLU D 316 -58.47 12.59 21.95
CA GLU D 316 -59.87 12.93 21.72
C GLU D 316 -60.07 14.43 21.80
N VAL D 317 -60.73 14.98 20.78
CA VAL D 317 -60.80 16.43 20.59
C VAL D 317 -62.28 16.79 20.50
N GLY D 318 -62.58 18.05 20.17
CA GLY D 318 -63.91 18.57 20.35
C GLY D 318 -64.15 18.88 21.81
N PRO D 319 -63.44 19.89 22.32
CA PRO D 319 -63.40 20.12 23.77
C PRO D 319 -64.80 20.34 24.33
N TRP D 320 -65.04 19.78 25.51
CA TRP D 320 -66.34 19.84 26.15
C TRP D 320 -66.33 20.96 27.19
N TYR D 321 -67.30 21.86 27.09
CA TYR D 321 -67.24 23.14 27.80
C TYR D 321 -68.09 23.08 29.06
N ASN D 322 -67.46 23.37 30.20
CA ASN D 322 -68.17 23.57 31.46
C ASN D 322 -68.21 25.05 31.75
N PRO D 323 -69.39 25.68 31.76
CA PRO D 323 -69.45 27.14 31.90
C PRO D 323 -69.03 27.66 33.28
N GLU D 324 -69.02 26.80 34.29
CA GLU D 324 -68.68 27.26 35.64
C GLU D 324 -67.23 27.74 35.69
N LYS D 325 -67.02 28.82 36.46
CA LYS D 325 -65.73 29.51 36.42
C LYS D 325 -64.59 28.62 36.91
N GLY D 326 -64.76 28.03 38.09
CA GLY D 326 -63.72 27.23 38.70
C GLY D 326 -63.99 25.74 38.83
N GLU D 327 -65.08 25.24 38.25
CA GLU D 327 -65.40 23.82 38.33
C GLU D 327 -64.62 23.10 37.24
N TYR D 328 -63.51 22.47 37.62
CA TYR D 328 -62.76 21.66 36.68
C TYR D 328 -63.36 20.27 36.58
N HIS D 329 -64.66 20.22 36.29
CA HIS D 329 -65.38 18.95 36.14
C HIS D 329 -66.37 19.10 35.00
N LEU D 330 -66.78 17.97 34.45
CA LEU D 330 -67.71 17.95 33.33
C LEU D 330 -69.15 17.82 33.81
N LYS D 331 -70.05 18.54 33.16
CA LYS D 331 -71.47 18.31 33.34
C LYS D 331 -71.84 16.95 32.76
N PRO D 332 -72.93 16.35 33.22
CA PRO D 332 -73.27 14.99 32.76
C PRO D 332 -73.35 14.84 31.25
N LYS D 333 -73.91 15.83 30.54
CA LYS D 333 -74.03 15.73 29.09
C LYS D 333 -72.66 15.71 28.42
N GLU D 334 -71.77 16.61 28.84
CA GLU D 334 -70.42 16.65 28.27
C GLU D 334 -69.65 15.39 28.60
N ALA D 335 -69.82 14.87 29.82
CA ALA D 335 -69.14 13.64 30.20
C ALA D 335 -69.61 12.46 29.36
N LYS D 336 -70.93 12.36 29.15
CA LYS D 336 -71.46 11.31 28.29
C LYS D 336 -70.94 11.45 26.86
N ALA D 337 -70.89 12.67 26.35
CA ALA D 337 -70.40 12.89 24.99
C ALA D 337 -68.94 12.47 24.87
N LEU D 338 -68.10 12.87 25.84
CA LEU D 338 -66.69 12.51 25.81
C LEU D 338 -66.50 11.00 25.85
N LEU D 339 -67.20 10.33 26.78
CA LEU D 339 -66.99 8.90 26.92
C LEU D 339 -67.52 8.14 25.71
N THR D 340 -68.65 8.59 25.15
CA THR D 340 -69.16 7.97 23.92
C THR D 340 -68.16 8.14 22.78
N GLN D 341 -67.58 9.34 22.65
CA GLN D 341 -66.61 9.56 21.58
C GLN D 341 -65.41 8.64 21.74
N ALA D 342 -64.89 8.53 22.97
CA ALA D 342 -63.73 7.66 23.20
C ALA D 342 -64.07 6.19 22.95
N LEU D 343 -65.23 5.74 23.44
CA LEU D 343 -65.61 4.35 23.25
C LEU D 343 -65.84 4.02 21.78
N GLU D 344 -66.44 4.95 21.04
CA GLU D 344 -66.67 4.73 19.62
C GLU D 344 -65.36 4.73 18.83
N SER D 345 -64.42 5.59 19.22
CA SER D 345 -63.10 5.56 18.58
C SER D 345 -62.42 4.21 18.83
N TYR D 346 -62.48 3.72 20.07
CA TYR D 346 -61.90 2.42 20.37
C TYR D 346 -62.59 1.31 19.59
N LYS D 347 -63.92 1.36 19.49
CA LYS D 347 -64.66 0.35 18.76
C LYS D 347 -64.28 0.35 17.28
N GLU D 348 -64.20 1.53 16.66
CA GLU D 348 -63.88 1.60 15.24
C GLU D 348 -62.45 1.18 14.97
N GLN D 349 -61.52 1.44 15.90
CA GLN D 349 -60.15 1.01 15.70
C GLN D 349 -59.96 -0.48 15.98
N ASN D 350 -60.72 -1.04 16.93
CA ASN D 350 -60.47 -2.39 17.43
C ASN D 350 -61.61 -3.36 17.17
N LYS D 351 -62.69 -2.93 16.53
CA LYS D 351 -63.85 -3.76 16.20
C LYS D 351 -64.58 -4.30 17.44
N SER D 352 -64.21 -3.82 18.63
CA SER D 352 -64.87 -4.25 19.86
C SER D 352 -64.68 -3.17 20.91
N TYR D 353 -65.57 -3.19 21.91
CA TYR D 353 -65.48 -2.22 23.00
C TYR D 353 -64.30 -2.54 23.91
N PRO D 354 -63.71 -1.53 24.54
CA PRO D 354 -62.55 -1.78 25.41
C PRO D 354 -62.93 -2.59 26.64
N LYS D 355 -61.99 -3.43 27.07
CA LYS D 355 -62.18 -4.20 28.30
C LYS D 355 -62.05 -3.30 29.53
N GLU D 356 -61.21 -2.27 29.46
CA GLU D 356 -61.06 -1.33 30.55
C GLU D 356 -60.83 0.06 29.97
N VAL D 357 -61.39 1.06 30.63
CA VAL D 357 -61.24 2.45 30.25
C VAL D 357 -60.53 3.15 31.40
N PHE D 358 -59.28 3.51 31.19
CA PHE D 358 -58.43 4.07 32.24
C PHE D 358 -58.45 5.59 32.09
N ILE D 359 -59.48 6.21 32.68
CA ILE D 359 -59.60 7.65 32.64
C ILE D 359 -58.70 8.24 33.72
N HIS D 360 -57.79 9.13 33.32
CA HIS D 360 -56.95 9.83 34.27
C HIS D 360 -56.92 11.31 33.94
N ALA D 361 -56.66 12.11 34.96
CA ALA D 361 -56.71 13.56 34.84
C ALA D 361 -55.87 14.15 35.96
N ARG D 362 -55.64 15.46 35.88
CA ARG D 362 -54.96 16.18 36.94
C ARG D 362 -55.91 16.60 38.05
N THR D 363 -57.20 16.24 37.95
CA THR D 363 -58.22 16.61 38.92
C THR D 363 -58.91 15.35 39.42
N ARG D 364 -59.67 15.51 40.50
CA ARG D 364 -60.55 14.45 40.98
C ARG D 364 -61.91 14.55 40.30
N PHE D 365 -62.65 13.45 40.35
CA PHE D 365 -63.95 13.35 39.68
C PHE D 365 -65.05 13.41 40.71
N ASN D 366 -66.06 14.24 40.47
CA ASN D 366 -67.23 14.27 41.34
C ASN D 366 -68.11 13.05 41.06
N ASP D 367 -69.10 12.86 41.93
CA ASP D 367 -69.93 11.67 41.84
C ASP D 367 -70.90 11.74 40.66
N GLU D 368 -71.37 12.93 40.29
CA GLU D 368 -72.36 13.00 39.23
C GLU D 368 -71.72 12.80 37.86
N GLU D 369 -70.51 13.32 37.64
CA GLU D 369 -69.87 13.12 36.33
C GLU D 369 -69.37 11.69 36.19
N TRP D 370 -68.91 11.08 37.29
CA TRP D 370 -68.56 9.67 37.23
C TRP D 370 -69.79 8.79 37.09
N ASN D 371 -70.92 9.22 37.65
CA ASN D 371 -72.18 8.50 37.44
C ASN D 371 -72.61 8.58 35.98
N ALA D 372 -72.43 9.73 35.34
CA ALA D 372 -72.68 9.83 33.91
C ALA D 372 -71.75 8.92 33.13
N PHE D 373 -70.46 8.90 33.49
CA PHE D 373 -69.52 7.98 32.88
C PHE D 373 -69.99 6.53 32.99
N ASN D 374 -70.43 6.13 34.18
CA ASN D 374 -70.83 4.74 34.41
C ASN D 374 -72.16 4.42 33.72
N GLU D 375 -73.05 5.41 33.60
CA GLU D 375 -74.30 5.19 32.89
C GLU D 375 -74.08 5.06 31.39
N VAL D 376 -73.06 5.74 30.86
CA VAL D 376 -72.88 5.76 29.42
C VAL D 376 -71.95 4.68 28.90
N THR D 377 -71.12 4.08 29.77
CA THR D 377 -70.29 2.96 29.35
C THR D 377 -71.16 1.71 29.21
N PRO D 378 -70.82 0.82 28.27
CA PRO D 378 -71.61 -0.40 28.09
C PRO D 378 -71.17 -1.47 29.09
N LYS D 379 -71.79 -2.64 28.97
CA LYS D 379 -71.61 -3.73 29.92
C LYS D 379 -70.24 -4.39 29.74
N ASN D 380 -69.88 -5.20 30.73
CA ASN D 380 -68.60 -5.90 30.82
C ASN D 380 -67.42 -5.02 30.46
N THR D 381 -67.52 -3.73 30.79
CA THR D 381 -66.44 -2.77 30.60
C THR D 381 -66.29 -1.97 31.88
N ASN D 382 -65.09 -1.99 32.45
CA ASN D 382 -64.81 -1.34 33.73
C ASN D 382 -63.96 -0.09 33.46
N LEU D 383 -64.37 1.04 34.03
CA LEU D 383 -63.63 2.28 33.91
C LEU D 383 -63.08 2.68 35.27
N VAL D 384 -61.85 3.20 35.27
CA VAL D 384 -61.12 3.52 36.49
C VAL D 384 -60.67 4.98 36.41
N GLY D 385 -60.95 5.74 37.47
CA GLY D 385 -60.62 7.15 37.52
C GLY D 385 -59.39 7.41 38.35
N VAL D 386 -58.41 8.06 37.74
CA VAL D 386 -57.09 8.28 38.34
C VAL D 386 -56.78 9.76 38.30
N THR D 387 -56.26 10.27 39.41
CA THR D 387 -55.82 11.65 39.52
C THR D 387 -54.30 11.67 39.70
N ILE D 388 -53.61 12.36 38.81
CA ILE D 388 -52.16 12.50 38.86
C ILE D 388 -51.84 13.95 39.16
N THR D 389 -51.40 14.21 40.39
CA THR D 389 -51.11 15.56 40.85
C THR D 389 -49.60 15.76 40.93
N LYS D 390 -49.12 16.85 40.36
CA LYS D 390 -47.69 17.15 40.37
C LYS D 390 -47.35 18.07 41.53
N SER D 391 -46.06 18.07 41.86
CA SER D 391 -45.49 18.97 42.86
C SER D 391 -46.18 18.84 44.22
N LYS D 392 -46.58 17.63 44.58
CA LYS D 392 -47.00 17.38 45.95
C LYS D 392 -45.77 17.30 46.84
N PRO D 393 -45.71 18.06 47.93
CA PRO D 393 -44.44 18.24 48.64
C PRO D 393 -43.97 17.00 49.40
N LEU D 394 -43.36 16.05 48.67
CA LEU D 394 -42.67 14.92 49.27
C LEU D 394 -41.30 14.83 48.62
N LYS D 395 -40.34 15.59 49.14
CA LYS D 395 -38.96 15.55 48.66
C LYS D 395 -38.24 14.44 49.39
N LEU D 396 -38.20 13.25 48.79
CA LEU D 396 -37.64 12.06 49.43
C LEU D 396 -36.22 11.88 48.90
N TYR D 397 -35.24 11.99 49.80
CA TYR D 397 -33.83 12.01 49.46
C TYR D 397 -33.21 10.63 49.61
N LYS D 398 -31.89 10.57 49.51
CA LYS D 398 -31.09 9.36 49.71
C LYS D 398 -29.97 9.71 50.68
N THR D 399 -30.02 9.11 51.88
CA THR D 399 -29.04 9.48 52.89
C THR D 399 -27.67 8.86 52.63
N GLU D 400 -27.58 7.82 51.80
CA GLU D 400 -26.31 7.16 51.55
C GLU D 400 -25.57 7.79 50.37
N GLY D 401 -26.20 7.78 49.19
CA GLY D 401 -25.55 8.29 48.00
C GLY D 401 -25.60 9.79 47.88
N ALA D 402 -24.84 10.30 46.92
CA ALA D 402 -24.85 11.72 46.55
C ALA D 402 -25.78 12.00 45.38
N PHE D 403 -26.51 10.99 44.91
CA PHE D 403 -27.39 11.09 43.76
C PHE D 403 -28.83 10.83 44.19
N PRO D 404 -29.80 11.39 43.47
CA PRO D 404 -31.20 11.27 43.90
C PRO D 404 -31.76 9.86 43.86
N ILE D 405 -32.99 9.71 44.34
CA ILE D 405 -33.66 8.41 44.33
C ILE D 405 -33.81 7.94 42.90
N MET D 406 -33.49 6.67 42.67
CA MET D 406 -33.59 6.09 41.34
C MET D 406 -35.04 6.06 40.86
N ARG D 407 -35.22 6.40 39.58
CA ARG D 407 -36.55 6.47 38.99
C ARG D 407 -37.23 5.11 39.01
N GLY D 408 -38.55 5.13 39.20
CA GLY D 408 -39.34 3.92 39.26
C GLY D 408 -39.76 3.50 40.65
N ASN D 409 -39.19 4.11 41.69
CA ASN D 409 -39.58 3.80 43.06
C ASN D 409 -40.94 4.43 43.38
N ALA D 410 -41.77 3.69 44.11
CA ALA D 410 -43.11 4.13 44.43
C ALA D 410 -43.39 3.92 45.90
N TYR D 411 -43.90 4.95 46.56
CA TYR D 411 -44.31 4.90 47.96
C TYR D 411 -45.82 4.71 47.97
N ILE D 412 -46.27 3.47 48.15
CA ILE D 412 -47.70 3.18 48.19
C ILE D 412 -48.23 3.60 49.55
N VAL D 413 -49.08 4.61 49.57
CA VAL D 413 -49.66 5.08 50.83
C VAL D 413 -50.81 4.18 51.25
N ASP D 414 -51.85 4.12 50.44
CA ASP D 414 -52.99 3.22 50.65
C ASP D 414 -53.25 2.43 49.37
N GLU D 415 -54.33 1.65 49.39
CA GLU D 415 -54.71 0.85 48.23
C GLU D 415 -55.15 1.71 47.05
N LYS D 416 -55.48 2.99 47.28
CA LYS D 416 -55.96 3.86 46.22
C LYS D 416 -55.06 5.05 45.95
N LYS D 417 -54.19 5.43 46.88
CA LYS D 417 -53.33 6.60 46.70
C LYS D 417 -51.88 6.23 46.97
N ALA D 418 -50.98 6.86 46.22
CA ALA D 418 -49.56 6.54 46.29
C ALA D 418 -48.75 7.66 45.67
N PHE D 419 -47.45 7.60 45.88
CA PHE D 419 -46.48 8.49 45.25
C PHE D 419 -45.64 7.68 44.27
N LEU D 420 -45.31 8.28 43.13
CA LEU D 420 -44.47 7.61 42.15
C LEU D 420 -43.36 8.53 41.68
N TRP D 421 -42.16 7.97 41.55
CA TRP D 421 -41.03 8.70 40.96
C TRP D 421 -40.90 8.28 39.49
N THR D 422 -41.76 8.88 38.66
CA THR D 422 -41.66 8.71 37.23
C THR D 422 -40.40 9.36 36.67
N LEU D 423 -39.71 10.16 37.46
CA LEU D 423 -38.52 10.88 37.03
C LEU D 423 -37.50 10.85 38.16
N GLY D 424 -36.23 10.94 37.79
CA GLY D 424 -35.15 10.91 38.76
C GLY D 424 -33.93 10.26 38.16
N PHE D 425 -33.01 9.86 39.04
CA PHE D 425 -31.81 9.15 38.59
C PHE D 425 -32.20 7.84 37.92
N VAL D 426 -31.57 7.56 36.79
CA VAL D 426 -31.71 6.29 36.09
C VAL D 426 -30.33 5.65 36.01
N PRO D 427 -30.18 4.38 36.41
CA PRO D 427 -28.88 3.73 36.21
C PRO D 427 -28.45 3.65 34.76
N LYS D 428 -29.39 3.44 33.85
CA LYS D 428 -29.03 3.26 32.44
C LYS D 428 -28.42 4.53 31.86
N LEU D 429 -28.97 5.69 32.21
CA LEU D 429 -28.40 6.96 31.79
C LEU D 429 -27.32 7.47 32.72
N GLN D 430 -27.10 6.81 33.86
CA GLN D 430 -26.07 7.16 34.83
C GLN D 430 -26.23 8.58 35.36
N SER D 431 -27.43 9.14 35.30
CA SER D 431 -27.72 10.44 35.87
C SER D 431 -29.24 10.56 36.02
N THR D 432 -29.70 11.77 36.26
CA THR D 432 -31.10 12.05 36.59
C THR D 432 -31.84 12.57 35.38
N LEU D 433 -33.13 12.25 35.31
CA LEU D 433 -34.03 12.90 34.36
C LEU D 433 -34.40 14.32 34.82
N SER D 434 -34.05 14.69 36.05
CA SER D 434 -34.45 15.97 36.61
C SER D 434 -33.36 16.51 37.53
N MET D 435 -33.17 17.83 37.51
CA MET D 435 -32.25 18.44 38.44
C MET D 435 -32.77 18.33 39.88
N GLU D 436 -31.92 18.75 40.81
CA GLU D 436 -32.26 18.86 42.24
C GLU D 436 -32.71 17.48 42.73
N VAL D 437 -33.76 17.41 43.54
CA VAL D 437 -34.32 16.16 44.03
C VAL D 437 -35.66 15.95 43.32
N PRO D 438 -35.92 14.77 42.79
CA PRO D 438 -37.13 14.58 41.97
C PRO D 438 -38.40 14.86 42.76
N ASN D 439 -39.40 15.39 42.06
CA ASN D 439 -40.71 15.63 42.65
C ASN D 439 -41.62 14.47 42.27
N PRO D 440 -42.02 13.62 43.22
CA PRO D 440 -42.92 12.52 42.89
C PRO D 440 -44.30 13.02 42.49
N ILE D 441 -44.96 12.26 41.64
CA ILE D 441 -46.33 12.53 41.22
C ILE D 441 -47.27 11.68 42.07
N PHE D 442 -48.31 12.31 42.60
CA PHE D 442 -49.29 11.64 43.46
C PHE D 442 -50.37 11.03 42.58
N ILE D 443 -50.52 9.70 42.67
CA ILE D 443 -51.55 8.98 41.94
C ILE D 443 -52.62 8.57 42.94
N GLU D 444 -53.85 9.04 42.72
CA GLU D 444 -54.97 8.73 43.59
C GLU D 444 -56.06 8.08 42.76
N ILE D 445 -56.44 6.86 43.13
CA ILE D 445 -57.57 6.19 42.47
C ILE D 445 -58.81 6.60 43.25
N ASN D 446 -59.32 7.80 42.92
CA ASN D 446 -60.50 8.32 43.60
C ASN D 446 -61.80 7.75 43.05
N LYS D 447 -61.78 7.21 41.83
CA LYS D 447 -62.94 6.56 41.25
C LYS D 447 -62.50 5.27 40.58
N GLY D 448 -63.41 4.29 40.58
CA GLY D 448 -63.14 3.01 39.95
C GLY D 448 -62.39 2.05 40.85
N GLU D 449 -62.31 0.80 40.41
CA GLU D 449 -61.64 -0.27 41.13
C GLU D 449 -60.45 -0.75 40.31
N ALA D 450 -59.24 -0.56 40.84
CA ALA D 450 -58.04 -1.00 40.14
C ALA D 450 -56.92 -1.16 41.14
N GLU D 451 -56.01 -2.09 40.84
CA GLU D 451 -54.83 -2.28 41.68
C GLU D 451 -53.91 -1.07 41.57
N ILE D 452 -53.36 -0.66 42.72
CA ILE D 452 -52.48 0.50 42.73
C ILE D 452 -51.18 0.19 42.00
N GLN D 453 -50.66 -1.03 42.15
CA GLN D 453 -49.44 -1.40 41.44
C GLN D 453 -49.65 -1.40 39.93
N GLN D 454 -50.79 -1.93 39.47
CA GLN D 454 -51.09 -1.91 38.04
C GLN D 454 -51.23 -0.49 37.52
N VAL D 455 -51.87 0.40 38.31
CA VAL D 455 -52.02 1.79 37.90
C VAL D 455 -50.66 2.46 37.80
N LEU D 456 -49.77 2.20 38.77
CA LEU D 456 -48.43 2.76 38.72
C LEU D 456 -47.65 2.25 37.51
N LYS D 457 -47.78 0.96 37.21
CA LYS D 457 -47.16 0.40 36.01
C LYS D 457 -47.67 1.09 34.76
N ASP D 458 -48.99 1.30 34.68
CA ASP D 458 -49.56 1.95 33.52
C ASP D 458 -49.09 3.40 33.39
N ILE D 459 -48.99 4.11 34.51
CA ILE D 459 -48.52 5.50 34.46
C ILE D 459 -47.07 5.55 34.00
N LEU D 460 -46.23 4.63 34.50
CA LEU D 460 -44.85 4.58 34.06
C LEU D 460 -44.76 4.27 32.58
N ALA D 461 -45.63 3.38 32.08
CA ALA D 461 -45.68 3.10 30.65
C ALA D 461 -46.08 4.32 29.85
N LEU D 462 -47.10 5.05 30.31
CA LEU D 462 -47.55 6.25 29.61
C LEU D 462 -46.50 7.36 29.63
N THR D 463 -45.60 7.33 30.61
CA THR D 463 -44.52 8.32 30.60
C THR D 463 -43.49 8.10 29.47
N LYS D 464 -43.74 7.21 28.51
CA LYS D 464 -42.75 6.84 27.51
C LYS D 464 -43.02 7.43 26.13
N LEU D 465 -44.28 7.73 25.80
CA LEU D 465 -44.69 8.06 24.44
C LEU D 465 -44.63 9.54 24.14
N ASN D 466 -43.71 10.28 24.76
CA ASN D 466 -43.56 11.68 24.39
C ASN D 466 -42.90 11.76 23.02
N TYR D 467 -43.70 11.80 21.96
CA TYR D 467 -43.17 11.93 20.62
C TYR D 467 -42.75 13.35 20.29
N ASN D 468 -43.18 14.33 21.09
CA ASN D 468 -42.75 15.70 20.94
C ASN D 468 -41.29 15.90 21.35
N ALA D 469 -40.70 14.94 22.05
CA ALA D 469 -39.34 15.06 22.55
C ALA D 469 -38.61 13.73 22.38
N CYS D 470 -37.29 13.81 22.20
CA CYS D 470 -36.46 12.62 22.27
C CYS D 470 -35.73 12.64 23.61
N ILE D 471 -36.45 12.24 24.65
CA ILE D 471 -35.93 12.13 26.00
C ILE D 471 -36.33 10.75 26.50
N TYR D 472 -35.57 10.25 27.48
CA TYR D 472 -35.79 8.89 27.97
C TYR D 472 -37.22 8.74 28.49
N ALA D 473 -37.64 9.65 29.37
CA ALA D 473 -39.01 9.67 29.85
C ALA D 473 -39.29 11.03 30.47
N ASP D 474 -40.57 11.34 30.63
CA ASP D 474 -41.00 12.60 31.21
C ASP D 474 -41.71 12.35 32.53
N GLY D 475 -41.74 13.39 33.36
CA GLY D 475 -42.21 13.25 34.73
C GLY D 475 -43.69 12.93 34.87
N GLU D 476 -44.49 13.19 33.85
CA GLU D 476 -45.93 12.98 33.91
C GLU D 476 -46.34 12.01 32.82
N PRO D 477 -47.47 11.32 32.99
CA PRO D 477 -47.99 10.52 31.88
C PRO D 477 -48.21 11.39 30.66
N VAL D 478 -47.84 10.87 29.49
CA VAL D 478 -47.83 11.70 28.29
C VAL D 478 -49.24 11.98 27.76
N THR D 479 -50.22 11.16 28.14
CA THR D 479 -51.60 11.45 27.73
C THR D 479 -52.05 12.80 28.28
N LEU D 480 -51.77 13.06 29.56
CA LEU D 480 -52.12 14.34 30.16
C LEU D 480 -51.39 15.50 29.47
N ARG D 481 -50.10 15.32 29.19
CA ARG D 481 -49.32 16.39 28.59
C ARG D 481 -49.79 16.72 27.18
N PHE D 482 -50.05 15.69 26.38
CA PHE D 482 -50.51 15.93 25.02
C PHE D 482 -51.93 16.47 24.99
N ALA D 483 -52.78 16.02 25.92
CA ALA D 483 -54.11 16.62 26.05
C ALA D 483 -54.00 18.09 26.41
N ASN D 484 -53.06 18.44 27.30
CA ASN D 484 -52.82 19.84 27.64
C ASN D 484 -52.41 20.63 26.41
N LYS D 485 -51.49 20.08 25.61
CA LYS D 485 -51.01 20.80 24.44
C LYS D 485 -52.13 21.04 23.42
N ILE D 486 -52.92 19.99 23.13
CA ILE D 486 -54.03 20.19 22.20
C ILE D 486 -55.09 21.11 22.81
N GLY D 487 -55.20 21.14 24.14
CA GLY D 487 -56.11 22.09 24.76
C GLY D 487 -55.68 23.52 24.55
N GLU D 488 -54.38 23.79 24.71
CA GLU D 488 -53.87 25.12 24.38
C GLU D 488 -54.16 25.46 22.92
N ILE D 489 -53.92 24.50 22.02
CA ILE D 489 -54.14 24.75 20.59
C ILE D 489 -55.60 25.09 20.33
N LEU D 490 -56.52 24.31 20.90
CA LEU D 490 -57.94 24.54 20.64
C LEU D 490 -58.41 25.87 21.24
N THR D 491 -58.11 26.11 22.52
CA THR D 491 -58.59 27.32 23.17
C THR D 491 -57.86 28.57 22.72
N ALA D 492 -56.79 28.44 21.93
CA ALA D 492 -56.11 29.63 21.40
C ALA D 492 -57.02 30.43 20.48
N SER D 493 -57.78 29.75 19.62
CA SER D 493 -58.54 30.42 18.57
C SER D 493 -60.01 30.03 18.66
N THR D 494 -60.76 30.41 17.63
CA THR D 494 -62.19 30.17 17.59
C THR D 494 -62.50 28.67 17.52
N GLU D 495 -63.79 28.35 17.63
CA GLU D 495 -64.21 26.95 17.65
C GLU D 495 -63.95 26.29 16.30
N ILE D 496 -63.56 25.02 16.35
CA ILE D 496 -63.34 24.20 15.16
C ILE D 496 -64.25 22.99 15.26
N LYS D 497 -65.01 22.73 14.21
CA LYS D 497 -65.90 21.58 14.16
C LYS D 497 -65.12 20.37 13.65
N THR D 498 -65.17 19.28 14.41
CA THR D 498 -64.39 18.07 14.17
C THR D 498 -62.93 18.41 13.90
N PRO D 499 -62.19 18.79 14.94
CA PRO D 499 -60.77 19.16 14.75
C PRO D 499 -59.95 17.97 14.31
N PRO D 500 -58.70 18.19 13.87
CA PRO D 500 -57.96 17.11 13.18
C PRO D 500 -57.83 15.83 13.98
N LEU D 501 -57.59 15.90 15.28
CA LEU D 501 -57.56 14.78 16.23
C LEU D 501 -56.25 14.00 16.20
N ALA D 502 -55.29 14.34 15.34
CA ALA D 502 -53.98 13.71 15.34
C ALA D 502 -52.93 14.67 15.87
N PHE D 503 -51.97 14.13 16.62
CA PHE D 503 -51.08 14.97 17.40
C PHE D 503 -50.15 15.81 16.53
N LYS D 504 -49.80 15.33 15.33
CA LYS D 504 -48.82 16.04 14.52
C LYS D 504 -49.28 17.45 14.17
N TYR D 505 -50.58 17.74 14.28
CA TYR D 505 -51.11 19.07 14.06
C TYR D 505 -51.11 19.93 15.32
N TYR D 506 -50.76 19.38 16.48
CA TYR D 506 -50.75 20.13 17.73
C TYR D 506 -49.38 20.24 18.37
N ILE D 507 -48.65 19.13 18.49
CA ILE D 507 -47.40 19.15 19.25
C ILE D 507 -46.27 19.73 18.42
N ARG E 2 13.05 20.77 6.34
CA ARG E 2 12.60 20.52 4.98
C ARG E 2 13.81 20.28 4.08
N ASN E 3 15.00 20.48 4.64
CA ASN E 3 16.26 20.35 3.90
C ASN E 3 16.75 18.91 3.99
N LYS E 4 16.24 18.06 3.09
CA LYS E 4 16.64 16.66 3.04
C LYS E 4 16.20 16.06 1.72
N ILE E 5 16.91 15.01 1.29
CA ILE E 5 16.61 14.30 0.04
C ILE E 5 16.23 12.87 0.39
N PHE E 6 15.11 12.42 -0.16
CA PHE E 6 14.59 11.07 0.08
C PHE E 6 14.75 10.24 -1.19
N ILE E 7 15.20 9.00 -1.02
CA ILE E 7 15.37 8.06 -2.13
C ILE E 7 14.65 6.77 -1.77
N SER E 8 13.56 6.47 -2.47
CA SER E 8 12.87 5.20 -2.32
C SER E 8 13.32 4.24 -3.42
N HIS E 9 13.31 2.94 -3.11
CA HIS E 9 13.82 1.94 -4.03
C HIS E 9 13.30 0.58 -3.60
N ALA E 10 13.52 -0.41 -4.47
CA ALA E 10 13.31 -1.80 -4.09
C ALA E 10 14.48 -2.28 -3.23
N THR E 11 14.16 -2.80 -2.05
CA THR E 11 15.19 -3.11 -1.06
C THR E 11 15.97 -4.38 -1.40
N PRO E 12 15.32 -5.52 -1.66
CA PRO E 12 16.11 -6.75 -1.89
C PRO E 12 17.03 -6.69 -3.08
N GLU E 13 16.68 -5.97 -4.14
CA GLU E 13 17.45 -6.03 -5.39
C GLU E 13 18.34 -4.81 -5.60
N ASP E 14 17.78 -3.61 -5.54
CA ASP E 14 18.52 -2.39 -5.90
C ASP E 14 19.02 -1.79 -4.59
N ASP E 15 20.27 -2.10 -4.26
CA ASP E 15 20.96 -1.47 -3.13
C ASP E 15 22.25 -0.79 -3.55
N ASP E 16 22.99 -1.39 -4.49
CA ASP E 16 24.27 -0.82 -4.90
C ASP E 16 24.09 0.55 -5.53
N PHE E 17 23.11 0.69 -6.44
CA PHE E 17 22.88 1.99 -7.06
C PHE E 17 22.49 3.03 -6.02
N THR E 18 21.55 2.69 -5.14
CA THR E 18 21.09 3.66 -4.15
C THR E 18 22.19 4.02 -3.17
N ARG E 19 22.98 3.03 -2.74
CA ARG E 19 24.08 3.31 -1.83
C ARG E 19 25.10 4.24 -2.48
N TRP E 20 25.46 3.95 -3.73
CA TRP E 20 26.41 4.81 -4.45
C TRP E 20 25.86 6.21 -4.63
N LEU E 21 24.58 6.32 -5.02
CA LEU E 21 23.98 7.63 -5.23
C LEU E 21 23.94 8.44 -3.95
N SER E 22 23.54 7.80 -2.84
CA SER E 22 23.52 8.49 -1.56
C SER E 22 24.92 8.92 -1.14
N LEU E 23 25.91 8.04 -1.31
CA LEU E 23 27.27 8.39 -0.91
C LEU E 23 27.80 9.57 -1.72
N LYS E 24 27.56 9.57 -3.03
CA LYS E 24 27.96 10.71 -3.84
C LYS E 24 27.22 11.97 -3.43
N LEU E 25 25.93 11.86 -3.11
CA LEU E 25 25.17 13.03 -2.71
C LEU E 25 25.69 13.63 -1.41
N ILE E 26 26.01 12.79 -0.42
CA ILE E 26 26.61 13.31 0.81
C ILE E 26 27.99 13.89 0.54
N GLY E 27 28.73 13.27 -0.39
CA GLY E 27 30.01 13.85 -0.80
C GLY E 27 29.85 15.22 -1.41
N LEU E 28 28.73 15.45 -2.11
CA LEU E 28 28.46 16.75 -2.71
C LEU E 28 27.92 17.77 -1.70
N GLY E 29 27.62 17.34 -0.47
CA GLY E 29 27.15 18.24 0.56
C GLY E 29 25.67 18.14 0.84
N TYR E 30 24.91 17.45 0.00
CA TYR E 30 23.47 17.35 0.19
C TYR E 30 23.14 16.32 1.26
N GLU E 31 22.15 16.64 2.09
CA GLU E 31 21.69 15.71 3.11
C GLU E 31 20.69 14.73 2.51
N VAL E 32 20.89 13.44 2.78
CA VAL E 32 20.12 12.39 2.14
C VAL E 32 19.51 11.50 3.24
N TRP E 33 18.45 10.78 2.87
CA TRP E 33 17.86 9.79 3.74
C TRP E 33 17.55 8.54 2.92
N CYS E 34 18.18 7.43 3.27
CA CYS E 34 17.97 6.16 2.59
C CYS E 34 17.61 5.09 3.60
N ASP E 35 16.69 4.20 3.22
CA ASP E 35 16.20 3.21 4.17
C ASP E 35 17.24 2.13 4.46
N ILE E 36 18.13 1.85 3.51
CA ILE E 36 19.21 0.88 3.76
C ILE E 36 20.45 1.52 4.34
N LEU E 37 20.46 2.84 4.50
CA LEU E 37 21.59 3.54 5.11
C LEU E 37 21.20 4.31 6.36
N PHE E 38 20.08 5.05 6.33
CA PHE E 38 19.73 5.95 7.42
C PHE E 38 18.54 5.49 8.25
N LEU E 39 17.80 4.47 7.81
CA LEU E 39 16.69 3.97 8.61
C LEU E 39 17.23 3.15 9.77
N ASP E 40 16.93 3.58 10.99
CA ASP E 40 17.53 3.00 12.16
C ASP E 40 16.95 1.61 12.46
N LYS E 41 17.73 0.81 13.17
CA LYS E 41 17.30 -0.51 13.61
C LYS E 41 16.49 -0.40 14.90
N GLY E 42 15.54 -1.31 15.06
CA GLY E 42 14.69 -1.29 16.24
C GLY E 42 13.81 -0.06 16.34
N VAL E 43 13.21 0.35 15.22
CA VAL E 43 12.41 1.57 15.16
C VAL E 43 11.26 1.30 14.21
N ASP E 44 10.11 1.92 14.49
CA ASP E 44 9.00 1.88 13.55
C ASP E 44 9.44 2.50 12.24
N PHE E 45 9.60 1.66 11.21
CA PHE E 45 10.19 2.13 9.96
C PHE E 45 9.20 2.98 9.16
N TRP E 46 7.94 2.55 9.09
CA TRP E 46 6.96 3.28 8.29
C TRP E 46 6.64 4.64 8.90
N SER E 47 6.56 4.72 10.22
CA SER E 47 6.33 6.01 10.87
C SER E 47 7.48 6.97 10.60
N THR E 48 8.73 6.48 10.68
CA THR E 48 9.87 7.34 10.40
C THR E 48 9.93 7.74 8.93
N ILE E 49 9.53 6.82 8.03
CA ILE E 49 9.47 7.18 6.62
C ILE E 49 8.46 8.30 6.40
N GLU E 50 7.30 8.21 7.05
CA GLU E 50 6.33 9.30 6.95
C GLU E 50 6.90 10.60 7.49
N LYS E 51 7.54 10.55 8.66
CA LYS E 51 8.08 11.76 9.25
C LYS E 51 9.10 12.42 8.32
N GLU E 52 9.99 11.62 7.74
CA GLU E 52 10.98 12.18 6.83
C GLU E 52 10.35 12.69 5.55
N ILE E 53 9.35 11.96 5.01
CA ILE E 53 8.78 12.34 3.72
C ILE E 53 8.00 13.65 3.83
N ARG E 54 7.11 13.76 4.82
CA ARG E 54 6.25 14.92 4.91
C ARG E 54 6.67 15.92 5.97
N GLU E 55 7.88 15.79 6.51
CA GLU E 55 8.40 16.76 7.46
C GLU E 55 9.70 17.40 6.98
N ASN E 56 10.66 16.59 6.51
CA ASN E 56 11.99 17.08 6.12
C ASN E 56 12.38 16.38 4.82
N THR E 57 12.03 16.98 3.68
CA THR E 57 12.33 16.38 2.38
C THR E 57 12.23 17.46 1.31
N CYS E 58 13.38 17.83 0.72
CA CYS E 58 13.34 18.72 -0.44
C CYS E 58 12.81 18.00 -1.67
N LYS E 59 13.34 16.82 -1.96
CA LYS E 59 13.03 16.09 -3.17
C LYS E 59 12.84 14.62 -2.83
N PHE E 60 12.06 13.92 -3.65
CA PHE E 60 11.73 12.52 -3.44
C PHE E 60 12.12 11.78 -4.72
N LEU E 61 13.23 11.06 -4.66
CA LEU E 61 13.76 10.33 -5.81
C LEU E 61 13.28 8.89 -5.76
N ILE E 62 12.73 8.41 -6.87
CA ILE E 62 12.17 7.06 -6.97
C ILE E 62 12.91 6.34 -8.09
N VAL E 63 13.67 5.30 -7.74
CA VAL E 63 14.26 4.47 -8.78
C VAL E 63 13.14 3.77 -9.53
N SER E 64 13.30 3.70 -10.85
CA SER E 64 12.26 3.15 -11.73
C SER E 64 12.66 1.81 -12.31
N SER E 65 13.32 0.98 -11.50
CA SER E 65 13.66 -0.36 -11.93
C SER E 65 12.39 -1.18 -12.15
N THR E 66 12.57 -2.35 -12.77
CA THR E 66 11.42 -3.21 -13.07
C THR E 66 10.72 -3.66 -11.80
N ALA E 67 11.49 -4.14 -10.81
CA ALA E 67 10.90 -4.59 -9.57
C ALA E 67 10.52 -3.40 -8.68
N GLY E 68 11.32 -2.34 -8.67
CA GLY E 68 11.02 -1.17 -7.87
C GLY E 68 9.79 -0.40 -8.31
N ASN E 69 9.26 -0.71 -9.49
CA ASN E 69 8.06 -0.03 -9.97
C ASN E 69 6.80 -0.60 -9.32
N LYS E 70 6.68 -1.93 -9.29
CA LYS E 70 5.50 -2.60 -8.78
C LYS E 70 5.57 -2.91 -7.29
N ARG E 71 6.67 -2.54 -6.63
CA ARG E 71 6.85 -2.90 -5.23
C ARG E 71 5.87 -2.14 -4.34
N GLU E 72 5.30 -2.84 -3.37
CA GLU E 72 4.28 -2.25 -2.50
C GLU E 72 4.86 -1.13 -1.64
N GLY E 73 6.03 -1.35 -1.05
CA GLY E 73 6.63 -0.31 -0.22
C GLY E 73 6.98 0.93 -1.00
N VAL E 74 7.58 0.76 -2.18
CA VAL E 74 7.87 1.90 -3.05
C VAL E 74 6.59 2.61 -3.44
N LEU E 75 5.53 1.84 -3.71
CA LEU E 75 4.25 2.45 -4.06
C LEU E 75 3.69 3.29 -2.91
N LYS E 76 3.83 2.80 -1.68
CA LYS E 76 3.31 3.53 -0.53
C LYS E 76 4.10 4.82 -0.30
N GLU E 77 5.43 4.73 -0.36
CA GLU E 77 6.25 5.94 -0.24
C GLU E 77 5.92 6.93 -1.35
N LEU E 78 5.69 6.42 -2.57
CA LEU E 78 5.34 7.28 -3.69
C LEU E 78 3.99 7.96 -3.48
N ALA E 79 3.00 7.23 -2.94
CA ALA E 79 1.70 7.84 -2.69
C ALA E 79 1.79 8.95 -1.66
N VAL E 80 2.53 8.70 -0.56
CA VAL E 80 2.69 9.77 0.43
C VAL E 80 3.48 10.93 -0.16
N ALA E 81 4.45 10.64 -1.03
CA ALA E 81 5.19 11.70 -1.70
C ALA E 81 4.30 12.51 -2.62
N THR E 82 3.34 11.86 -3.27
CA THR E 82 2.37 12.59 -4.09
C THR E 82 1.51 13.51 -3.23
N LYS E 83 1.08 13.01 -2.07
CA LYS E 83 0.31 13.86 -1.16
C LYS E 83 1.11 15.07 -0.69
N VAL E 84 2.37 14.86 -0.33
CA VAL E 84 3.17 15.99 0.13
C VAL E 84 3.56 16.90 -1.03
N LYS E 85 3.61 16.36 -2.25
CA LYS E 85 3.78 17.19 -3.44
C LYS E 85 2.59 18.13 -3.62
N LYS E 86 1.38 17.58 -3.46
CA LYS E 86 0.19 18.41 -3.54
C LYS E 86 0.18 19.46 -2.43
N HIS E 87 0.60 19.07 -1.23
CA HIS E 87 0.62 20.01 -0.11
C HIS E 87 1.61 21.15 -0.34
N LEU E 88 2.85 20.82 -0.69
CA LEU E 88 3.91 21.81 -0.76
C LEU E 88 3.81 22.73 -1.97
N GLN E 89 3.08 22.33 -3.01
CA GLN E 89 2.90 23.07 -4.25
C GLN E 89 4.20 23.24 -5.03
N ASP E 90 5.29 22.61 -4.61
CA ASP E 90 6.56 22.73 -5.31
C ASP E 90 6.53 21.88 -6.58
N ASP E 91 6.97 22.48 -7.68
CA ASP E 91 7.03 21.77 -8.95
C ASP E 91 8.23 20.83 -8.97
N MET E 92 8.06 19.69 -9.64
CA MET E 92 9.13 18.70 -9.80
C MET E 92 9.66 18.22 -8.46
N PHE E 93 8.76 18.05 -7.48
CA PHE E 93 9.15 17.49 -6.20
C PHE E 93 9.46 16.01 -6.33
N ILE E 94 8.75 15.31 -7.20
CA ILE E 94 8.98 13.89 -7.47
C ILE E 94 9.98 13.77 -8.61
N ILE E 95 11.04 13.01 -8.41
CA ILE E 95 12.05 12.77 -9.44
C ILE E 95 12.20 11.27 -9.64
N PRO E 96 11.61 10.72 -10.70
CA PRO E 96 11.91 9.34 -11.08
C PRO E 96 13.31 9.22 -11.66
N LEU E 97 13.88 8.02 -11.50
CA LEU E 97 15.23 7.69 -11.98
C LEU E 97 15.14 6.32 -12.66
N ALA E 98 14.96 6.32 -13.96
CA ALA E 98 14.88 5.07 -14.72
C ALA E 98 16.29 4.51 -14.86
N ILE E 99 16.54 3.36 -14.23
CA ILE E 99 17.87 2.77 -14.20
C ILE E 99 17.94 1.43 -14.93
N ASP E 100 16.80 0.85 -15.30
CA ASP E 100 16.77 -0.44 -15.98
C ASP E 100 16.38 -0.21 -17.44
N GLU E 101 17.15 -0.79 -18.36
CA GLU E 101 16.86 -0.67 -19.77
C GLU E 101 15.73 -1.60 -20.22
N ASN E 102 15.39 -2.61 -19.42
CA ASN E 102 14.41 -3.60 -19.86
C ASN E 102 13.01 -3.02 -19.93
N LEU E 103 12.58 -2.31 -18.89
CA LEU E 103 11.24 -1.76 -18.87
C LEU E 103 11.17 -0.50 -19.73
N SER E 104 10.07 -0.37 -20.46
CA SER E 104 9.88 0.77 -21.35
C SER E 104 9.48 2.01 -20.56
N TYR E 105 9.74 3.17 -21.14
CA TYR E 105 9.27 4.43 -20.56
C TYR E 105 7.76 4.50 -20.53
N ASP E 106 7.08 3.73 -21.38
CA ASP E 106 5.62 3.70 -21.42
C ASP E 106 5.02 2.68 -20.48
N ASP E 107 5.83 1.81 -19.88
CA ASP E 107 5.35 0.84 -18.90
C ASP E 107 5.59 1.29 -17.47
N ILE E 108 6.08 2.52 -17.28
CA ILE E 108 6.22 3.07 -15.94
C ILE E 108 4.84 3.18 -15.28
N ASN E 109 4.81 2.97 -13.97
CA ASN E 109 3.55 2.98 -13.23
C ASN E 109 2.85 4.34 -13.36
N ILE E 110 1.53 4.31 -13.26
CA ILE E 110 0.70 5.44 -13.68
C ILE E 110 0.92 6.69 -12.84
N GLU E 111 1.51 6.54 -11.65
CA GLU E 111 1.70 7.70 -10.77
C GLU E 111 2.98 8.46 -11.09
N ILE E 112 3.82 7.97 -12.00
CA ILE E 112 5.14 8.53 -12.20
C ILE E 112 5.32 9.00 -13.64
N VAL E 113 4.58 8.39 -14.56
CA VAL E 113 4.85 8.55 -16.00
C VAL E 113 4.77 10.01 -16.44
N ARG E 114 3.96 10.83 -15.75
CA ARG E 114 3.89 12.24 -16.10
C ARG E 114 5.20 12.95 -15.86
N LEU E 115 5.89 12.61 -14.76
CA LEU E 115 7.15 13.26 -14.45
C LEU E 115 8.23 12.86 -15.45
N ASN E 116 9.12 13.80 -15.74
CA ASN E 116 10.26 13.51 -16.61
C ASN E 116 11.32 12.77 -15.80
N ALA E 117 11.61 11.53 -16.22
CA ALA E 117 12.53 10.69 -15.47
C ALA E 117 13.97 11.03 -15.82
N ILE E 118 14.77 11.30 -14.79
CA ILE E 118 16.20 11.54 -14.98
C ILE E 118 16.85 10.23 -15.42
N ASP E 119 17.45 10.25 -16.62
CA ASP E 119 17.93 9.01 -17.22
C ASP E 119 19.11 8.44 -16.45
N PHE E 120 19.01 7.18 -16.06
CA PHE E 120 20.07 6.47 -15.35
C PHE E 120 20.31 5.08 -15.94
N LYS E 121 19.69 4.77 -17.07
CA LYS E 121 19.79 3.41 -17.62
C LYS E 121 21.22 3.08 -18.02
N LYS E 122 21.93 4.03 -18.63
CA LYS E 122 23.32 3.87 -18.99
C LYS E 122 24.12 5.04 -18.44
N SER E 123 25.37 4.76 -18.05
CA SER E 123 26.32 5.78 -17.60
C SER E 123 25.77 6.56 -16.40
N TRP E 124 25.67 5.83 -15.28
CA TRP E 124 25.19 6.43 -14.04
C TRP E 124 25.88 7.75 -13.71
N ALA E 125 27.11 7.94 -14.19
CA ALA E 125 27.81 9.19 -13.92
C ALA E 125 27.14 10.35 -14.64
N LYS E 126 26.79 10.18 -15.92
CA LYS E 126 26.14 11.25 -16.66
C LYS E 126 24.72 11.48 -16.15
N GLY E 127 24.01 10.41 -15.79
CA GLY E 127 22.71 10.58 -15.16
C GLY E 127 22.80 11.32 -13.86
N LEU E 128 23.85 11.06 -13.07
CA LEU E 128 24.05 11.78 -11.82
C LEU E 128 24.37 13.25 -12.08
N GLN E 129 25.14 13.53 -13.13
CA GLN E 129 25.40 14.93 -13.48
C GLN E 129 24.11 15.64 -13.89
N ASP E 130 23.25 14.96 -14.65
CA ASP E 130 21.96 15.55 -15.02
C ASP E 130 21.09 15.77 -13.79
N LEU E 131 21.10 14.82 -12.86
CA LEU E 131 20.37 14.98 -11.60
C LEU E 131 20.91 16.17 -10.81
N LEU E 132 22.23 16.33 -10.80
CA LEU E 132 22.85 17.46 -10.09
C LEU E 132 22.46 18.78 -10.74
N ASP E 133 22.42 18.83 -12.07
CA ASP E 133 21.95 20.03 -12.76
C ASP E 133 20.50 20.35 -12.41
N ALA E 134 19.66 19.31 -12.37
CA ALA E 134 18.26 19.51 -11.99
C ALA E 134 18.16 20.02 -10.55
N PHE E 135 18.96 19.47 -9.65
CA PHE E 135 18.96 19.94 -8.25
C PHE E 135 19.39 21.39 -8.17
N GLU E 136 20.42 21.77 -8.94
CA GLU E 136 20.91 23.15 -8.90
C GLU E 136 19.87 24.11 -9.46
N LYS E 137 19.15 23.70 -10.51
CA LYS E 137 18.16 24.60 -11.10
C LYS E 137 17.03 24.92 -10.13
N GLN E 138 16.70 23.98 -9.24
CA GLN E 138 15.67 24.21 -8.23
C GLN E 138 16.25 24.72 -6.91
N ASN E 139 17.56 24.91 -6.84
CA ASN E 139 18.23 25.36 -5.62
C ASN E 139 17.92 24.43 -4.45
N VAL E 140 18.22 23.15 -4.64
CA VAL E 140 18.06 22.15 -3.58
C VAL E 140 19.25 22.24 -2.64
N PRO E 141 19.04 22.45 -1.33
CA PRO E 141 20.15 22.59 -0.38
C PRO E 141 20.89 21.28 -0.14
N ASP E 146 34.54 23.23 3.93
CA ASP E 146 33.72 22.25 3.22
C ASP E 146 33.48 22.66 1.76
N HIS E 147 33.66 23.96 1.48
CA HIS E 147 33.38 24.47 0.14
C HIS E 147 34.42 23.99 -0.86
N SER E 148 35.69 23.93 -0.45
CA SER E 148 36.79 23.62 -1.35
C SER E 148 37.10 22.14 -1.46
N LYS E 149 36.37 21.28 -0.76
CA LYS E 149 36.64 19.85 -0.79
C LYS E 149 35.65 19.03 -1.58
N SER E 150 34.46 19.56 -1.87
CA SER E 150 33.48 18.82 -2.67
C SER E 150 33.31 19.36 -4.08
N ASN E 151 33.79 20.57 -4.36
CA ASN E 151 33.80 21.04 -5.73
C ASN E 151 34.70 20.18 -6.61
N LEU E 152 35.66 19.48 -6.02
CA LEU E 152 36.48 18.54 -6.79
C LEU E 152 35.64 17.36 -7.25
N LEU E 153 34.82 16.79 -6.36
CA LEU E 153 33.95 15.70 -6.74
C LEU E 153 32.91 16.18 -7.76
N TYR E 154 32.40 17.40 -7.57
CA TYR E 154 31.47 17.98 -8.55
C TYR E 154 32.12 18.10 -9.92
N GLN E 155 33.33 18.65 -9.99
CA GLN E 155 34.00 18.83 -11.27
C GLN E 155 34.39 17.49 -11.89
N GLN E 156 34.68 16.48 -11.07
CA GLN E 156 34.94 15.16 -11.61
C GLN E 156 33.67 14.54 -12.18
N ILE E 157 32.54 14.78 -11.53
CA ILE E 157 31.26 14.30 -12.07
C ILE E 157 30.97 14.97 -13.41
N PHE E 158 31.17 16.29 -13.47
CA PHE E 158 30.86 17.02 -14.71
C PHE E 158 31.83 16.66 -15.82
N LEU E 159 33.11 16.49 -15.49
CA LEU E 159 34.17 16.33 -16.48
C LEU E 159 34.37 14.89 -16.91
N HIS E 160 33.71 13.92 -16.27
CA HIS E 160 33.85 12.53 -16.70
C HIS E 160 33.41 12.36 -18.15
N ASP E 161 32.45 13.17 -18.60
CA ASP E 161 31.95 13.10 -19.97
C ASP E 161 31.97 14.51 -20.58
N LYS E 162 33.05 14.80 -21.30
CA LYS E 162 33.10 15.96 -22.19
C LYS E 162 33.71 15.50 -23.52
N GLN E 163 33.03 14.54 -24.13
CA GLN E 163 33.37 14.05 -25.47
C GLN E 163 33.64 15.23 -26.40
N ALA E 164 34.46 14.98 -27.43
CA ALA E 164 34.90 16.05 -28.31
C ALA E 164 33.72 16.78 -28.94
N ILE E 165 33.84 18.11 -29.01
CA ILE E 165 32.84 18.90 -29.73
C ILE E 165 33.01 18.69 -31.22
N GLU E 166 31.90 18.61 -31.94
CA GLU E 166 31.93 18.34 -33.38
C GLU E 166 32.14 19.64 -34.14
N LYS E 167 33.36 20.16 -34.02
CA LYS E 167 33.74 21.40 -34.67
C LYS E 167 34.93 21.17 -35.60
N GLU E 168 35.11 22.10 -36.53
CA GLU E 168 36.17 22.03 -37.53
C GLU E 168 37.47 22.60 -36.97
N GLU E 169 38.57 21.87 -37.15
CA GLU E 169 39.88 22.33 -36.70
C GLU E 169 40.89 22.14 -37.82
N THR E 170 41.89 23.02 -37.85
CA THR E 170 42.95 22.97 -38.85
C THR E 170 44.30 22.81 -38.17
N TYR E 171 45.19 22.04 -38.80
CA TYR E 171 46.45 21.64 -38.21
C TYR E 171 47.59 21.81 -39.19
N ASP E 172 48.69 22.38 -38.71
CA ASP E 172 49.97 22.39 -39.40
C ASP E 172 50.78 21.16 -38.97
N SER E 173 51.64 20.70 -39.88
CA SER E 173 52.43 19.50 -39.63
C SER E 173 53.92 19.79 -39.78
N ASN E 174 54.72 18.74 -39.65
CA ASN E 174 56.15 18.81 -39.92
C ASN E 174 56.51 18.36 -41.32
N TRP E 175 55.52 17.89 -42.08
CA TRP E 175 55.73 17.42 -43.45
C TRP E 175 55.60 18.61 -44.41
N PHE E 176 56.72 19.00 -45.04
CA PHE E 176 56.70 20.06 -46.04
C PHE E 176 56.70 19.40 -47.40
N PRO E 177 55.64 19.53 -48.18
CA PRO E 177 55.58 18.85 -49.48
C PRO E 177 56.60 19.40 -50.46
N ILE E 178 57.10 18.51 -51.31
CA ILE E 178 58.02 18.89 -52.38
C ILE E 178 57.18 19.33 -53.58
N ILE E 179 57.14 20.64 -53.83
CA ILE E 179 56.31 21.18 -54.91
C ILE E 179 56.79 20.67 -56.25
N SER E 180 58.10 20.81 -56.51
CA SER E 180 58.62 20.50 -57.83
C SER E 180 59.89 19.68 -57.68
N PHE E 181 60.29 19.09 -58.80
CA PHE E 181 61.33 18.09 -58.90
C PHE E 181 62.09 18.26 -60.22
N PRO E 182 63.38 17.96 -60.24
CA PRO E 182 64.10 17.95 -61.51
C PRO E 182 63.51 16.91 -62.45
N ASN E 183 63.44 17.27 -63.74
CA ASN E 183 62.77 16.40 -64.69
C ASN E 183 63.53 15.10 -64.91
N GLU E 184 64.86 15.15 -64.92
CA GLU E 184 65.68 13.99 -65.26
C GLU E 184 66.65 13.68 -64.13
N LEU E 185 66.70 12.41 -63.76
CA LEU E 185 67.76 11.89 -62.90
C LEU E 185 68.84 11.30 -63.79
N ARG E 186 70.03 11.87 -63.73
CA ARG E 186 71.09 11.60 -64.70
C ARG E 186 72.23 10.85 -64.04
N PHE E 187 72.57 9.68 -64.59
CA PHE E 187 73.71 8.91 -64.17
C PHE E 187 74.85 9.14 -65.16
N HIS E 188 76.00 9.59 -64.66
CA HIS E 188 77.15 9.92 -65.47
C HIS E 188 78.19 8.82 -65.34
N ARG E 189 78.57 8.22 -66.47
CA ARG E 189 79.49 7.08 -66.46
C ARG E 189 80.92 7.60 -66.41
N TYR E 190 81.36 7.93 -65.19
CA TYR E 190 82.75 8.31 -64.94
C TYR E 190 83.49 7.08 -64.40
N ASP E 191 83.80 6.17 -65.32
CA ASP E 191 84.57 4.98 -64.92
C ASP E 191 85.95 5.36 -64.42
N TRP E 192 86.61 6.30 -65.10
CA TRP E 192 87.91 6.79 -64.67
C TRP E 192 87.90 8.27 -64.30
N ARG E 193 86.98 9.07 -64.86
CA ARG E 193 86.95 10.50 -64.57
C ARG E 193 86.69 10.77 -63.09
N LEU E 194 86.00 9.87 -62.40
CA LEU E 194 85.86 9.97 -60.96
C LEU E 194 86.83 8.99 -60.30
N PRO E 195 87.76 9.46 -59.47
CA PRO E 195 88.64 8.53 -58.76
C PRO E 195 87.83 7.58 -57.89
N LYS E 196 88.28 6.33 -57.83
CA LYS E 196 87.58 5.32 -57.04
C LYS E 196 87.75 5.53 -55.55
N GLN E 197 88.79 6.26 -55.13
CA GLN E 197 89.03 6.55 -53.72
C GLN E 197 88.50 7.91 -53.30
N PHE E 198 87.85 8.64 -54.20
CA PHE E 198 87.29 9.95 -53.87
C PHE E 198 85.91 9.80 -53.25
N ASP E 199 85.57 10.73 -52.38
CA ASP E 199 84.30 10.70 -51.65
C ASP E 199 83.25 11.47 -52.45
N VAL E 200 82.16 10.78 -52.81
CA VAL E 200 81.10 11.41 -53.59
C VAL E 200 80.29 12.40 -52.75
N ARG E 201 80.43 12.36 -51.43
CA ARG E 201 79.71 13.29 -50.56
C ARG E 201 80.34 14.67 -50.52
N THR E 202 81.58 14.81 -50.98
CA THR E 202 82.31 16.06 -50.89
C THR E 202 82.08 17.00 -52.08
N LEU E 203 81.30 16.57 -53.07
CA LEU E 203 81.04 17.41 -54.23
C LEU E 203 80.13 18.58 -53.89
N ALA E 204 80.36 19.70 -54.57
CA ALA E 204 79.59 20.93 -54.31
C ALA E 204 78.11 20.76 -54.62
N PHE E 205 77.76 19.79 -55.45
CA PHE E 205 76.38 19.43 -55.73
C PHE E 205 76.17 17.95 -55.40
N PRO E 206 74.97 17.58 -54.95
CA PRO E 206 74.75 16.19 -54.52
C PRO E 206 75.00 15.19 -55.65
N ALA E 207 75.64 14.08 -55.29
CA ALA E 207 75.92 12.99 -56.22
C ALA E 207 76.31 11.76 -55.42
N ILE E 208 75.86 10.59 -55.86
CA ILE E 208 76.13 9.33 -55.20
C ILE E 208 76.78 8.38 -56.18
N ARG E 209 77.64 7.50 -55.67
CA ARG E 209 78.32 6.50 -56.48
C ARG E 209 77.40 5.29 -56.62
N TYR E 210 76.82 5.12 -57.80
CA TYR E 210 75.95 3.98 -58.09
C TYR E 210 76.50 3.27 -59.31
N LYS E 211 76.85 2.00 -59.14
CA LYS E 211 77.39 1.15 -60.22
C LYS E 211 78.61 1.87 -60.79
N GLU E 212 78.80 1.85 -62.11
CA GLU E 212 79.85 2.62 -62.76
C GLU E 212 79.41 4.04 -63.10
N TYR E 213 78.18 4.39 -62.75
CA TYR E 213 77.60 5.68 -63.10
C TYR E 213 77.65 6.62 -61.89
N LEU E 214 77.06 7.81 -62.04
CA LEU E 214 77.09 8.85 -61.01
C LEU E 214 75.68 9.38 -60.84
N CYS E 215 74.97 8.90 -59.82
CA CYS E 215 73.57 9.29 -59.61
C CYS E 215 73.51 10.71 -59.08
N THR E 216 72.97 11.62 -59.90
CA THR E 216 72.80 13.00 -59.48
C THR E 216 71.72 13.64 -60.35
N PHE E 217 71.16 14.74 -59.85
CA PHE E 217 70.22 15.52 -60.63
C PHE E 217 70.92 16.60 -61.46
N ALA E 218 72.21 16.81 -61.24
CA ALA E 218 72.94 17.87 -61.92
C ALA E 218 73.36 17.42 -63.33
N TRP E 219 73.79 18.40 -64.11
CA TRP E 219 74.34 18.13 -65.43
C TRP E 219 75.69 17.43 -65.28
N GLU E 220 76.18 16.89 -66.40
CA GLU E 220 77.44 16.14 -66.37
C GLU E 220 78.66 17.04 -66.23
N TYR E 221 78.49 18.37 -66.29
CA TYR E 221 79.63 19.29 -66.25
C TYR E 221 79.59 20.22 -65.05
N ASP E 222 78.77 19.91 -64.03
CA ASP E 222 78.82 20.69 -62.80
C ASP E 222 80.07 20.37 -61.99
N PHE E 223 80.46 19.09 -61.94
CA PHE E 223 81.60 18.65 -61.15
C PHE E 223 82.87 18.84 -61.98
N ILE E 224 83.30 20.10 -62.08
CA ILE E 224 84.47 20.49 -62.85
C ILE E 224 85.53 21.14 -61.96
N HIS E 225 85.12 21.96 -60.99
CA HIS E 225 86.07 22.73 -60.20
C HIS E 225 87.03 21.82 -59.44
N GLN E 226 86.49 20.79 -58.77
CA GLN E 226 87.33 19.85 -58.03
C GLN E 226 87.57 18.55 -58.76
N LEU E 227 86.78 18.26 -59.81
CA LEU E 227 86.92 17.03 -60.58
C LEU E 227 87.03 17.39 -62.06
N PRO E 228 88.14 18.05 -62.45
CA PRO E 228 88.24 18.57 -63.81
C PRO E 228 88.29 17.50 -64.90
N LYS E 229 88.62 16.26 -64.56
CA LYS E 229 88.82 15.24 -65.59
C LYS E 229 87.51 14.80 -66.24
N THR E 230 86.38 15.08 -65.61
CA THR E 230 85.08 14.76 -66.21
C THR E 230 84.75 15.62 -67.43
N GLU E 231 85.66 16.50 -67.85
CA GLU E 231 85.43 17.31 -69.03
C GLU E 231 85.49 16.45 -70.29
N THR E 232 84.88 16.96 -71.37
CA THR E 232 84.81 16.27 -72.66
C THR E 232 84.21 14.88 -72.53
N TYR E 233 83.27 14.71 -71.60
CA TYR E 233 82.58 13.45 -71.41
C TYR E 233 81.30 13.46 -72.23
N ASN E 234 81.13 12.44 -73.08
CA ASN E 234 80.00 12.40 -73.99
C ASN E 234 78.69 12.28 -73.22
N GLY E 235 77.72 13.11 -73.58
CA GLY E 235 76.43 13.09 -72.90
C GLY E 235 75.60 11.85 -73.18
N GLN E 236 75.85 11.18 -74.30
CA GLN E 236 75.16 9.93 -74.58
C GLN E 236 75.53 8.83 -73.60
N GLU E 237 76.70 8.92 -72.98
CA GLU E 237 77.08 7.95 -71.95
C GLU E 237 76.13 8.02 -70.76
N SER E 238 75.76 9.23 -70.35
CA SER E 238 74.87 9.39 -69.22
C SER E 238 73.48 8.82 -69.55
N ILE E 239 72.85 8.24 -68.52
CA ILE E 239 71.50 7.69 -68.65
C ILE E 239 70.57 8.59 -67.84
N ARG E 240 69.58 9.17 -68.50
CA ARG E 240 68.63 10.07 -67.87
C ARG E 240 67.27 9.37 -67.76
N ILE E 241 66.71 9.39 -66.56
CA ILE E 241 65.44 8.76 -66.24
C ILE E 241 64.43 9.85 -65.91
N SER E 242 63.25 9.77 -66.51
CA SER E 242 62.14 10.65 -66.14
C SER E 242 61.69 10.25 -64.74
N THR E 243 62.05 11.06 -63.73
CA THR E 243 61.88 10.60 -62.36
C THR E 243 60.43 10.64 -61.92
N SER E 244 59.56 11.32 -62.67
CA SER E 244 58.13 11.23 -62.38
C SER E 244 57.64 9.79 -62.48
N ASP E 245 58.25 9.00 -63.37
CA ASP E 245 57.95 7.56 -63.43
C ASP E 245 58.40 6.85 -62.16
N ILE E 246 59.55 7.26 -61.62
CA ILE E 246 60.04 6.68 -60.37
C ILE E 246 59.12 7.05 -59.20
N LEU E 247 58.69 8.31 -59.15
CA LEU E 247 57.77 8.75 -58.12
C LEU E 247 56.46 7.96 -58.20
N SER E 248 55.96 7.76 -59.42
CA SER E 248 54.81 6.90 -59.63
C SER E 248 55.16 5.41 -59.57
N GLY E 249 56.45 5.08 -59.52
CA GLY E 249 56.86 3.68 -59.48
C GLY E 249 56.86 2.98 -60.83
N ARG E 250 56.61 3.71 -61.91
CA ARG E 250 56.51 3.07 -63.23
C ARG E 250 57.85 2.49 -63.67
N TYR E 251 58.94 3.21 -63.42
CA TYR E 251 60.26 2.80 -63.88
C TYR E 251 60.78 1.68 -63.00
N ASP E 252 60.63 0.44 -63.47
CA ASP E 252 61.16 -0.75 -62.80
C ASP E 252 61.83 -1.61 -63.85
N THR E 253 63.11 -1.38 -64.09
CA THR E 253 63.90 -2.11 -65.07
C THR E 253 65.01 -2.89 -64.38
N ASP E 254 65.73 -3.69 -65.17
CA ASP E 254 66.82 -4.49 -64.63
C ASP E 254 67.98 -3.61 -64.15
N PHE E 255 68.17 -2.45 -64.77
CA PHE E 255 69.28 -1.58 -64.39
C PHE E 255 69.19 -1.14 -62.95
N ILE E 256 68.00 -0.73 -62.51
CA ILE E 256 67.79 -0.30 -61.13
C ILE E 256 66.32 -0.50 -60.78
N ARG E 257 66.06 -1.08 -59.60
CA ARG E 257 64.70 -1.30 -59.15
C ARG E 257 64.08 0.01 -58.68
N ASN E 258 62.75 0.04 -58.67
CA ASN E 258 62.03 1.28 -58.35
C ASN E 258 62.35 1.77 -56.95
N TYR E 259 62.36 0.86 -55.97
CA TYR E 259 62.65 1.27 -54.60
C TYR E 259 64.08 1.76 -54.47
N GLU E 260 65.01 1.16 -55.21
CA GLU E 260 66.41 1.56 -55.12
C GLU E 260 66.62 2.98 -55.63
N CYS E 261 66.06 3.30 -56.80
CA CYS E 261 66.18 4.67 -57.29
C CYS E 261 65.37 5.65 -56.45
N GLN E 262 64.26 5.19 -55.87
CA GLN E 262 63.53 6.05 -54.94
C GLN E 262 64.40 6.42 -53.74
N ARG E 263 65.10 5.43 -53.19
CA ARG E 263 66.05 5.68 -52.10
C ARG E 263 67.19 6.59 -52.57
N LEU E 264 67.64 6.42 -53.81
CA LEU E 264 68.70 7.26 -54.34
C LEU E 264 68.27 8.72 -54.39
N ILE E 265 67.06 8.98 -54.88
CA ILE E 265 66.54 10.35 -54.92
C ILE E 265 66.35 10.88 -53.50
N VAL E 266 65.91 10.02 -52.58
CA VAL E 266 65.74 10.46 -51.19
C VAL E 266 67.08 10.91 -50.61
N GLN E 267 68.13 10.11 -50.84
CA GLN E 267 69.47 10.45 -50.36
C GLN E 267 69.95 11.75 -50.97
N LEU E 268 69.72 11.93 -52.27
CA LEU E 268 70.01 13.20 -52.92
C LEU E 268 69.29 14.34 -52.20
N ILE E 269 68.04 14.12 -51.81
CA ILE E 269 67.26 15.16 -51.14
C ILE E 269 67.91 15.56 -49.83
N ASN E 270 68.25 14.59 -48.97
CA ASN E 270 68.75 15.01 -47.66
C ASN E 270 70.15 15.60 -47.76
N LYS E 271 71.00 15.09 -48.66
CA LYS E 271 72.33 15.67 -48.70
C LYS E 271 72.35 17.01 -49.45
N ALA E 272 71.41 17.24 -50.38
CA ALA E 272 71.24 18.58 -50.92
C ALA E 272 70.70 19.52 -49.86
N PHE E 273 69.82 19.04 -48.99
CA PHE E 273 69.40 19.77 -47.81
C PHE E 273 70.61 20.19 -46.97
N GLU E 274 71.50 19.24 -46.71
CA GLU E 274 72.70 19.53 -45.93
C GLU E 274 73.57 20.59 -46.61
N LEU E 275 73.77 20.44 -47.93
CA LEU E 275 74.59 21.40 -48.66
C LEU E 275 73.96 22.79 -48.66
N ARG E 276 72.64 22.87 -48.78
CA ARG E 276 71.97 24.17 -48.78
C ARG E 276 72.08 24.86 -47.42
N MET E 277 71.74 24.15 -46.34
CA MET E 277 71.99 24.75 -45.03
C MET E 277 73.46 25.03 -44.76
N LYS E 278 74.38 24.36 -45.48
CA LYS E 278 75.77 24.79 -45.42
C LYS E 278 75.92 26.18 -46.04
N ASP E 279 75.07 26.53 -46.99
CA ASP E 279 75.10 27.84 -47.64
C ASP E 279 73.94 28.73 -47.21
N LYS E 280 73.19 28.34 -46.18
CA LYS E 280 72.04 29.12 -45.72
C LYS E 280 72.30 29.83 -44.41
N ASN E 281 73.57 30.01 -44.04
CA ASN E 281 73.97 30.79 -42.86
C ASN E 281 73.38 30.21 -41.58
N VAL E 282 73.49 28.89 -41.42
CA VAL E 282 73.03 28.20 -40.22
C VAL E 282 74.09 27.18 -39.79
N ARG E 283 74.34 27.12 -38.49
CA ARG E 283 75.31 26.19 -37.93
C ARG E 283 74.71 24.79 -37.81
N GLU E 284 75.59 23.80 -37.70
CA GLU E 284 75.20 22.40 -37.71
C GLU E 284 75.59 21.71 -36.40
N TYR E 285 74.77 20.73 -36.01
CA TYR E 285 75.04 19.85 -34.88
C TYR E 285 74.79 18.43 -35.37
N GLN E 286 75.70 17.52 -35.01
CA GLN E 286 75.61 16.11 -35.40
C GLN E 286 74.95 15.32 -34.27
N MET E 287 73.71 14.91 -34.49
CA MET E 287 73.06 14.01 -33.53
C MET E 287 73.38 12.57 -33.90
N SER E 288 72.63 11.62 -33.35
CA SER E 288 72.88 10.21 -33.60
C SER E 288 72.76 9.86 -35.08
N LYS E 289 71.76 10.40 -35.77
CA LYS E 289 71.45 9.94 -37.12
C LYS E 289 71.41 11.00 -38.20
N THR E 290 71.39 12.29 -37.86
CA THR E 290 71.30 13.34 -38.87
C THR E 290 71.89 14.63 -38.32
N PHE E 291 71.80 15.69 -39.13
CA PHE E 291 72.35 17.00 -38.80
C PHE E 291 71.22 18.01 -38.56
N ALA E 292 71.32 18.72 -37.44
CA ALA E 292 70.39 19.81 -37.12
C ALA E 292 71.05 21.13 -37.47
N TYR E 293 70.24 22.07 -37.96
CA TYR E 293 70.74 23.36 -38.41
C TYR E 293 70.01 24.46 -37.65
N TRP E 294 70.78 25.32 -36.98
CA TRP E 294 70.25 26.36 -36.13
C TRP E 294 70.88 27.70 -36.50
N ILE E 295 70.37 28.75 -35.86
CA ILE E 295 70.81 30.12 -36.10
C ILE E 295 71.51 30.62 -34.84
N GLU E 296 72.63 31.33 -35.02
CA GLU E 296 73.38 31.85 -33.90
C GLU E 296 72.64 33.03 -33.25
N LYS E 297 73.07 33.36 -32.04
CA LYS E 297 72.56 34.56 -31.39
C LYS E 297 73.11 35.80 -32.08
N GLY E 298 72.28 36.84 -32.12
CA GLY E 298 72.67 38.10 -32.73
C GLY E 298 72.63 38.13 -34.24
N LYS E 299 72.28 37.02 -34.90
CA LYS E 299 72.21 36.99 -36.35
C LYS E 299 70.83 37.36 -36.88
N LEU E 300 69.85 37.54 -36.00
CA LEU E 300 68.50 37.92 -36.40
C LEU E 300 68.08 39.16 -35.61
N GLU E 301 67.12 39.89 -36.17
CA GLU E 301 66.64 41.10 -35.53
C GLU E 301 65.90 40.76 -34.25
N LYS E 302 66.34 41.34 -33.13
CA LYS E 302 65.78 41.07 -31.80
C LYS E 302 65.68 39.57 -31.53
N ASP E 303 66.59 38.80 -32.14
CA ASP E 303 66.63 37.34 -32.00
C ASP E 303 65.31 36.70 -32.44
N LYS E 304 64.61 37.33 -33.37
CA LYS E 304 63.29 36.86 -33.80
C LYS E 304 63.12 37.07 -35.30
N PHE E 305 62.49 36.11 -35.95
CA PHE E 305 62.13 36.19 -37.36
C PHE E 305 60.62 36.38 -37.48
N GLU E 306 60.22 37.40 -38.24
CA GLU E 306 58.83 37.88 -38.27
C GLU E 306 58.46 38.24 -36.83
N LYS E 307 57.43 37.65 -36.24
CA LYS E 307 57.08 37.88 -34.84
C LYS E 307 57.39 36.68 -33.96
N ILE E 308 58.30 35.80 -34.41
CA ILE E 308 58.62 34.57 -33.71
C ILE E 308 60.11 34.54 -33.41
N LYS E 309 60.45 34.34 -32.14
CA LYS E 309 61.85 34.25 -31.72
C LYS E 309 62.41 32.87 -32.06
N LEU E 310 63.72 32.82 -32.30
CA LEU E 310 64.39 31.54 -32.52
C LEU E 310 65.57 31.29 -31.58
N VAL E 311 66.12 32.33 -30.96
CA VAL E 311 67.24 32.17 -30.04
C VAL E 311 66.99 33.02 -28.80
N GLY E 312 67.19 32.42 -27.62
CA GLY E 312 66.96 33.10 -26.36
C GLY E 312 67.90 32.65 -25.25
N LYS E 313 67.67 33.13 -24.03
CA LYS E 313 68.54 32.87 -22.90
C LYS E 313 67.75 32.30 -21.72
N GLN E 314 68.40 31.42 -20.97
CA GLN E 314 67.82 30.87 -19.74
C GLN E 314 68.95 30.36 -18.85
N LYS E 315 68.98 30.84 -17.61
CA LYS E 315 69.91 30.37 -16.58
C LYS E 315 71.35 30.29 -17.09
N ASN E 316 71.86 31.44 -17.52
CA ASN E 316 73.24 31.58 -17.99
C ASN E 316 73.54 30.67 -19.19
N LYS E 317 72.50 30.30 -19.93
CA LYS E 317 72.59 29.37 -21.05
C LYS E 317 71.88 30.00 -22.23
N TYR E 318 72.24 29.60 -23.45
CA TYR E 318 71.58 30.13 -24.64
C TYR E 318 71.01 28.99 -25.46
N TRP E 319 69.80 29.18 -25.96
CA TRP E 319 69.09 28.17 -26.73
C TRP E 319 68.77 28.71 -28.13
N HIS E 320 68.92 27.84 -29.12
CA HIS E 320 68.56 28.12 -30.50
C HIS E 320 67.61 27.04 -30.97
N PHE E 321 66.56 27.44 -31.69
CA PHE E 321 65.68 26.47 -32.30
C PHE E 321 66.28 26.01 -33.62
N GLY E 322 66.44 24.70 -33.79
CA GLY E 322 67.05 24.16 -34.97
C GLY E 322 66.20 23.06 -35.58
N ILE E 323 66.49 22.76 -36.85
CA ILE E 323 65.70 21.82 -37.64
C ILE E 323 66.62 20.79 -38.26
N SER E 324 66.09 19.57 -38.43
CA SER E 324 66.79 18.51 -39.14
C SER E 324 65.79 17.82 -40.05
N ALA E 325 66.06 17.83 -41.36
CA ALA E 325 65.08 17.42 -42.35
C ALA E 325 65.57 16.21 -43.14
N ALA E 326 64.61 15.38 -43.57
CA ALA E 326 64.88 14.22 -44.41
C ALA E 326 63.64 13.93 -45.23
N GLY E 327 63.83 13.47 -46.46
CA GLY E 327 62.74 13.26 -47.39
C GLY E 327 62.23 11.83 -47.43
N LYS E 328 60.94 11.68 -47.70
CA LYS E 328 60.34 10.38 -47.97
C LYS E 328 59.29 10.57 -49.06
N LEU E 329 59.17 9.54 -49.91
CA LEU E 329 58.31 9.62 -51.09
C LEU E 329 57.21 8.56 -51.09
N TYR E 330 56.87 8.00 -49.92
CA TYR E 330 55.89 6.91 -49.89
C TYR E 330 54.47 7.40 -50.21
N PRO E 331 53.85 8.27 -49.38
CA PRO E 331 52.51 8.74 -49.74
C PRO E 331 52.60 9.81 -50.83
N SER E 332 53.62 10.66 -50.69
CA SER E 332 53.90 11.74 -51.61
C SER E 332 55.35 12.16 -51.40
N PRO E 333 55.98 12.79 -52.38
CA PRO E 333 57.33 13.34 -52.13
C PRO E 333 57.26 14.49 -51.15
N VAL E 334 57.75 14.27 -49.92
CA VAL E 334 57.59 15.27 -48.86
C VAL E 334 58.78 15.15 -47.91
N LEU E 335 59.26 16.29 -47.44
CA LEU E 335 60.39 16.36 -46.53
C LEU E 335 59.88 16.57 -45.11
N MET E 336 60.16 15.61 -44.22
CA MET E 336 59.80 15.76 -42.81
C MET E 336 60.92 16.48 -42.07
N VAL E 337 60.52 17.36 -41.17
CA VAL E 337 61.46 18.08 -40.32
C VAL E 337 61.28 17.61 -38.89
N SER E 338 62.37 17.64 -38.13
CA SER E 338 62.35 17.37 -36.70
C SER E 338 63.00 18.55 -35.99
N SER E 339 62.30 19.09 -35.00
CA SER E 339 62.70 20.32 -34.33
C SER E 339 63.45 20.00 -33.05
N HIS E 340 64.48 20.79 -32.75
CA HIS E 340 65.32 20.58 -31.58
C HIS E 340 65.71 21.92 -30.99
N ILE E 341 66.18 21.88 -29.75
CA ILE E 341 66.73 23.04 -29.06
C ILE E 341 68.21 22.77 -28.81
N ILE E 342 69.08 23.58 -29.40
CA ILE E 342 70.52 23.42 -29.34
C ILE E 342 71.09 24.50 -28.43
N PHE E 343 72.02 24.11 -27.58
CA PHE E 343 72.40 24.93 -26.43
C PHE E 343 73.86 25.34 -26.50
N THR E 344 74.14 26.50 -25.90
CA THR E 344 75.46 27.12 -25.99
C THR E 344 75.73 27.88 -24.71
N MET E 345 77.03 28.10 -24.46
CA MET E 345 77.45 28.87 -23.30
C MET E 345 77.36 30.37 -23.61
N ASP E 346 78.13 30.84 -24.58
CA ASP E 346 78.17 32.25 -24.93
C ASP E 346 77.26 32.59 -26.11
N GLY E 347 76.55 31.60 -26.67
CA GLY E 347 75.62 31.83 -27.75
C GLY E 347 76.15 31.52 -29.13
N ILE E 348 77.46 31.36 -29.29
CA ILE E 348 78.05 31.08 -30.59
C ILE E 348 78.85 29.79 -30.52
N ASN E 349 79.38 29.47 -29.33
CA ASN E 349 80.25 28.32 -29.14
C ASN E 349 79.46 27.18 -28.52
N LEU E 350 79.46 26.03 -29.20
CA LEU E 350 78.66 24.90 -28.76
C LEU E 350 79.25 24.25 -27.51
N ILE E 351 78.41 23.51 -26.80
CA ILE E 351 78.84 22.74 -25.64
C ILE E 351 79.28 21.36 -26.10
N LYS E 352 80.50 20.97 -25.73
CA LYS E 352 81.00 19.66 -26.11
C LYS E 352 80.23 18.55 -25.42
N SER E 353 79.87 18.75 -24.16
CA SER E 353 79.12 17.75 -23.41
C SER E 353 77.70 17.62 -23.95
N LYS E 354 77.17 16.39 -23.90
CA LYS E 354 75.82 16.11 -24.38
C LYS E 354 74.82 15.90 -23.25
N SER E 355 75.29 15.53 -22.06
CA SER E 355 74.38 15.36 -20.92
C SER E 355 73.79 16.70 -20.50
N ILE E 356 74.62 17.74 -20.40
CA ILE E 356 74.12 19.07 -20.06
C ILE E 356 73.22 19.60 -21.18
N GLN E 357 73.57 19.28 -22.44
CA GLN E 357 72.70 19.64 -23.56
C GLN E 357 71.33 18.99 -23.40
N HIS E 358 71.30 17.71 -23.02
CA HIS E 358 70.04 17.01 -22.82
C HIS E 358 69.23 17.63 -21.69
N SER E 359 69.88 17.90 -20.56
CA SER E 359 69.18 18.47 -19.41
C SER E 359 68.61 19.84 -19.76
N SER E 360 69.39 20.67 -20.44
CA SER E 360 68.90 21.98 -20.84
C SER E 360 67.76 21.86 -21.85
N ARG E 361 67.83 20.89 -22.75
CA ARG E 361 66.76 20.71 -23.73
C ARG E 361 65.46 20.35 -23.03
N ARG E 362 65.52 19.43 -22.06
CA ARG E 362 64.32 19.07 -21.34
C ARG E 362 63.80 20.21 -20.47
N LYS E 363 64.72 20.99 -19.89
CA LYS E 363 64.31 22.12 -19.06
C LYS E 363 63.63 23.20 -19.88
N GLN E 364 64.13 23.47 -21.09
CA GLN E 364 63.52 24.49 -21.92
C GLN E 364 62.22 23.98 -22.55
N GLY E 365 62.16 22.70 -22.90
CA GLY E 365 60.92 22.12 -23.39
C GLY E 365 59.89 21.82 -22.33
N LYS E 366 60.25 22.03 -21.05
CA LYS E 366 59.28 21.86 -19.97
C LYS E 366 58.09 22.79 -20.17
N ASN E 367 58.34 24.03 -20.59
CA ASN E 367 57.29 25.03 -20.75
C ASN E 367 56.90 25.29 -22.20
N TRP E 368 57.51 24.59 -23.15
CA TRP E 368 57.15 24.80 -24.56
C TRP E 368 55.94 23.93 -24.94
N TRP E 369 55.00 24.55 -25.64
CA TRP E 369 53.74 23.94 -26.05
C TRP E 369 53.60 24.01 -27.58
N ASN E 370 52.40 23.64 -28.05
CA ASN E 370 52.19 23.45 -29.48
C ASN E 370 52.34 24.75 -30.25
N ASP E 371 51.78 25.85 -29.73
CA ASP E 371 51.87 27.12 -30.44
C ASP E 371 53.32 27.57 -30.59
N LYS E 372 54.11 27.42 -29.52
CA LYS E 372 55.50 27.82 -29.57
C LYS E 372 56.28 27.00 -30.60
N TRP E 373 56.13 25.68 -30.55
CA TRP E 373 56.85 24.82 -31.49
C TRP E 373 56.43 25.10 -32.93
N ARG E 374 55.13 25.24 -33.17
CA ARG E 374 54.65 25.47 -34.53
C ARG E 374 55.15 26.80 -35.07
N GLU E 375 55.07 27.86 -34.28
CA GLU E 375 55.53 29.16 -34.74
C GLU E 375 57.04 29.17 -34.95
N LYS E 376 57.79 28.50 -34.07
CA LYS E 376 59.23 28.42 -34.25
C LYS E 376 59.59 27.68 -35.54
N LEU E 377 58.91 26.56 -35.79
CA LEU E 377 59.16 25.79 -37.01
C LEU E 377 58.85 26.62 -38.25
N LEU E 378 57.68 27.25 -38.27
CA LEU E 378 57.28 28.00 -39.45
C LEU E 378 58.21 29.18 -39.69
N ALA E 379 58.60 29.88 -38.62
CA ALA E 379 59.52 31.01 -38.77
C ALA E 379 60.88 30.55 -39.27
N PHE E 380 61.40 29.46 -38.71
CA PHE E 380 62.73 29.01 -39.14
C PHE E 380 62.70 28.54 -40.59
N ILE E 381 61.65 27.83 -41.00
CA ILE E 381 61.58 27.38 -42.38
C ILE E 381 61.40 28.55 -43.34
N ARG E 382 60.56 29.52 -42.95
CA ARG E 382 60.38 30.71 -43.78
C ARG E 382 61.66 31.54 -43.85
N PHE E 383 62.52 31.45 -42.83
CA PHE E 383 63.80 32.13 -42.88
C PHE E 383 64.70 31.49 -43.93
N LEU E 384 64.77 30.16 -43.97
CA LEU E 384 65.56 29.44 -44.96
C LEU E 384 64.96 29.53 -46.36
N SER E 385 63.87 30.26 -46.55
CA SER E 385 63.20 30.36 -47.84
C SER E 385 63.75 31.54 -48.62
N ASP E 386 64.39 31.27 -49.75
CA ASP E 386 64.76 32.33 -50.67
C ASP E 386 63.54 32.86 -51.40
N ASP E 387 62.62 31.97 -51.78
CA ASP E 387 61.34 32.36 -52.36
C ASP E 387 60.35 32.69 -51.26
N GLN E 388 59.35 33.50 -51.61
CA GLN E 388 58.39 33.98 -50.62
C GLN E 388 57.61 32.84 -49.98
N ASN E 389 57.20 31.85 -50.77
CA ASN E 389 56.36 30.77 -50.25
C ASN E 389 57.02 29.40 -50.37
N ALA E 390 58.35 29.36 -50.54
CA ALA E 390 59.05 28.08 -50.66
C ALA E 390 60.54 28.28 -50.45
N ILE E 391 61.23 27.17 -50.21
CA ILE E 391 62.66 27.13 -49.95
C ILE E 391 63.34 26.35 -51.06
N TYR E 392 64.62 26.63 -51.26
CA TYR E 392 65.44 26.05 -52.32
C TYR E 392 66.39 24.99 -51.78
N LEU E 393 66.58 23.93 -52.57
CA LEU E 393 67.66 22.97 -52.40
C LEU E 393 68.38 22.85 -53.74
N ASN E 394 69.69 23.06 -53.74
CA ASN E 394 70.48 23.06 -54.97
C ASN E 394 70.96 21.65 -55.27
N VAL E 395 70.51 21.10 -56.40
CA VAL E 395 70.99 19.81 -56.90
C VAL E 395 71.71 19.94 -58.23
N GLY E 396 71.64 21.09 -58.89
CA GLY E 396 72.34 21.30 -60.13
C GLY E 396 72.25 22.76 -60.54
N SER E 397 73.05 23.11 -61.55
CA SER E 397 73.03 24.48 -62.05
C SER E 397 71.68 24.80 -62.69
N GLU E 398 71.11 23.84 -63.43
CA GLU E 398 69.82 24.04 -64.08
C GLU E 398 68.70 23.17 -63.51
N GLU E 399 69.02 22.25 -62.60
CA GLU E 399 68.04 21.39 -61.97
C GLU E 399 67.91 21.78 -60.49
N LYS E 400 66.68 21.70 -59.97
CA LYS E 400 66.30 22.45 -58.79
C LYS E 400 65.42 21.57 -57.92
N ILE E 401 65.53 21.72 -56.60
CA ILE E 401 64.59 21.05 -55.69
C ILE E 401 63.85 22.13 -54.91
N LEU E 402 62.53 22.08 -54.94
CA LEU E 402 61.71 23.16 -54.43
C LEU E 402 60.79 22.61 -53.34
N ILE E 403 60.88 23.19 -52.15
CA ILE E 403 60.18 22.66 -50.97
C ILE E 403 59.17 23.70 -50.50
N SER E 404 57.93 23.25 -50.26
CA SER E 404 56.87 24.16 -49.84
C SER E 404 57.15 24.77 -48.48
N ASN E 405 56.90 26.07 -48.36
CA ASN E 405 57.04 26.75 -47.08
C ASN E 405 55.94 26.35 -46.11
N LYS E 406 54.72 26.17 -46.62
CA LYS E 406 53.58 25.82 -45.78
C LYS E 406 53.49 24.30 -45.66
N PRO E 407 53.53 23.73 -44.45
CA PRO E 407 53.38 22.29 -44.29
C PRO E 407 52.16 21.71 -44.98
N LEU E 408 52.12 20.38 -45.11
CA LEU E 408 50.88 19.71 -45.47
C LEU E 408 49.80 20.05 -44.45
N LYS E 409 48.79 20.78 -44.89
CA LYS E 409 47.72 21.21 -44.00
C LYS E 409 46.72 20.10 -43.82
N PHE E 410 46.22 19.94 -42.60
CA PHE E 410 45.22 18.93 -42.31
C PHE E 410 44.04 19.57 -41.58
N PHE E 411 42.93 18.85 -41.56
CA PHE E 411 41.73 19.35 -40.87
C PHE E 411 40.94 18.18 -40.30
N GLY E 412 40.20 18.46 -39.25
CA GLY E 412 39.42 17.45 -38.56
C GLY E 412 38.03 17.95 -38.21
N LYS E 413 37.06 17.05 -38.27
CA LYS E 413 35.69 17.35 -37.89
C LYS E 413 35.46 17.30 -36.38
N MET E 414 36.45 16.85 -35.62
CA MET E 414 36.36 16.76 -34.17
C MET E 414 37.50 17.55 -33.54
N SER E 415 37.17 18.30 -32.50
CA SER E 415 38.17 19.14 -31.84
C SER E 415 37.69 19.42 -30.42
N TYR E 416 38.30 20.41 -29.77
CA TYR E 416 38.07 20.69 -28.36
C TYR E 416 38.01 22.19 -28.13
N VAL E 417 37.46 22.56 -26.97
CA VAL E 417 37.54 23.94 -26.49
C VAL E 417 38.90 24.14 -25.84
N THR E 418 39.61 25.18 -26.27
CA THR E 418 40.93 25.45 -25.70
C THR E 418 40.80 25.86 -24.24
N PRO E 419 41.58 25.26 -23.34
CA PRO E 419 41.52 25.67 -21.93
C PRO E 419 41.90 27.14 -21.75
N SER E 420 41.23 27.80 -20.82
CA SER E 420 41.50 29.21 -20.54
C SER E 420 42.28 29.37 -19.25
N MET F 1 45.44 19.08 -47.81
CA MET F 1 44.18 19.34 -47.14
C MET F 1 43.49 17.99 -46.92
N LYS F 2 44.10 17.15 -46.09
CA LYS F 2 43.70 15.76 -45.94
C LYS F 2 42.69 15.60 -44.81
N GLU F 3 41.81 14.61 -44.97
CA GLU F 3 40.82 14.28 -43.95
C GLU F 3 41.47 13.52 -42.80
N LEU F 4 41.20 13.97 -41.58
CA LEU F 4 41.60 13.27 -40.36
C LEU F 4 40.35 12.68 -39.73
N ILE F 5 40.31 11.35 -39.62
CA ILE F 5 39.13 10.67 -39.09
C ILE F 5 39.21 10.68 -37.57
N TYR F 6 38.09 10.39 -36.91
CA TYR F 6 38.04 10.26 -35.47
C TYR F 6 37.69 8.83 -35.06
N ILE F 7 38.41 8.32 -34.07
CA ILE F 7 38.09 7.06 -33.42
C ILE F 7 37.52 7.38 -32.05
N GLU F 8 36.28 6.97 -31.81
CA GLU F 8 35.66 7.20 -30.50
C GLU F 8 36.44 6.49 -29.41
N GLU F 9 36.67 7.19 -28.30
CA GLU F 9 37.44 6.63 -27.22
C GLU F 9 36.70 5.45 -26.59
N PRO F 10 37.33 4.29 -26.48
CA PRO F 10 36.64 3.14 -25.88
C PRO F 10 36.47 3.32 -24.38
N SER F 11 35.37 2.77 -23.87
CA SER F 11 35.05 2.83 -22.45
C SER F 11 35.44 1.53 -21.79
N ILE F 12 36.16 1.62 -20.68
CA ILE F 12 36.58 0.46 -19.91
C ILE F 12 35.56 0.19 -18.81
N LEU F 13 35.19 -1.07 -18.65
CA LEU F 13 34.13 -1.42 -17.71
C LEU F 13 34.61 -1.24 -16.27
N PHE F 14 33.65 -1.07 -15.37
CA PHE F 14 33.93 -0.92 -13.95
C PHE F 14 32.87 -1.68 -13.17
N ALA F 15 32.81 -1.45 -11.86
CA ALA F 15 31.83 -2.10 -11.01
C ALA F 15 30.41 -1.64 -11.37
N HIS F 16 29.44 -2.50 -11.08
CA HIS F 16 28.03 -2.30 -11.37
C HIS F 16 27.74 -2.22 -12.86
N GLY F 17 28.68 -2.65 -13.70
CA GLY F 17 28.52 -2.60 -15.13
C GLY F 17 28.65 -1.23 -15.75
N GLN F 18 29.16 -0.24 -15.01
CA GLN F 18 29.25 1.11 -15.51
C GLN F 18 30.52 1.29 -16.34
N LYS F 19 30.44 2.22 -17.29
CA LYS F 19 31.53 2.47 -18.24
C LYS F 19 31.99 3.91 -18.10
N CYS F 20 33.30 4.10 -17.94
CA CYS F 20 33.91 5.42 -17.93
C CYS F 20 35.19 5.38 -18.76
N THR F 21 35.50 6.51 -19.38
CA THR F 21 36.66 6.57 -20.27
C THR F 21 37.96 6.55 -19.48
N ASP F 22 38.06 7.34 -18.41
CA ASP F 22 39.27 7.44 -17.62
C ASP F 22 39.26 6.36 -16.54
N PRO F 23 40.29 5.51 -16.46
CA PRO F 23 40.33 4.53 -15.36
C PRO F 23 40.27 5.15 -13.98
N ARG F 24 40.90 6.31 -13.80
CA ARG F 24 40.87 6.97 -12.49
C ARG F 24 39.46 7.40 -12.11
N ASP F 25 38.76 8.05 -13.03
CA ASP F 25 37.40 8.51 -12.75
C ASP F 25 36.46 7.33 -12.52
N GLY F 26 36.56 6.29 -13.36
CA GLY F 26 35.71 5.13 -13.19
C GLY F 26 35.98 4.41 -11.88
N LEU F 27 37.25 4.31 -11.48
CA LEU F 27 37.58 3.71 -10.21
C LEU F 27 37.03 4.53 -9.05
N ALA F 28 37.18 5.86 -9.12
CA ALA F 28 36.71 6.72 -8.04
C ALA F 28 35.19 6.72 -7.93
N LEU F 29 34.49 6.56 -9.05
CA LEU F 29 33.03 6.65 -9.05
C LEU F 29 32.40 5.30 -8.69
N PHE F 30 32.68 4.26 -9.48
CA PHE F 30 32.03 2.97 -9.30
C PHE F 30 32.91 1.93 -8.62
N GLY F 31 34.23 2.00 -8.81
CA GLY F 31 35.12 1.06 -8.18
C GLY F 31 35.50 -0.08 -9.09
N PRO F 32 36.50 -0.87 -8.69
CA PRO F 32 36.95 -2.00 -9.51
C PRO F 32 35.89 -3.08 -9.62
N LEU F 33 36.05 -3.90 -10.65
CA LEU F 33 35.11 -4.97 -10.94
C LEU F 33 35.02 -5.99 -9.81
N ASN F 34 36.12 -6.66 -9.51
CA ASN F 34 36.14 -7.74 -8.54
C ASN F 34 36.56 -7.22 -7.16
N GLN F 35 36.03 -7.85 -6.13
CA GLN F 35 36.22 -7.41 -4.75
C GLN F 35 37.08 -8.42 -4.01
N ILE F 36 38.40 -8.23 -4.08
CA ILE F 36 39.29 -8.90 -3.14
C ILE F 36 39.11 -8.26 -1.77
N TYR F 37 39.30 -9.05 -0.72
CA TYR F 37 38.99 -8.58 0.62
C TYR F 37 40.10 -7.76 1.26
N GLY F 38 41.30 -7.79 0.71
CA GLY F 38 42.39 -7.02 1.26
C GLY F 38 43.70 -7.43 0.63
N ILE F 39 44.75 -6.72 1.02
CA ILE F 39 46.09 -6.95 0.51
C ILE F 39 46.94 -7.44 1.68
N LYS F 40 47.40 -8.68 1.60
CA LYS F 40 48.29 -9.26 2.61
C LYS F 40 49.71 -8.86 2.21
N SER F 41 50.13 -7.69 2.67
CA SER F 41 51.38 -7.10 2.21
C SER F 41 52.58 -7.79 2.85
N GLY F 42 53.62 -8.00 2.05
CA GLY F 42 54.90 -8.47 2.53
C GLY F 42 56.00 -7.50 2.16
N VAL F 43 56.73 -7.01 3.15
CA VAL F 43 57.77 -6.00 2.95
C VAL F 43 59.11 -6.64 3.25
N VAL F 44 59.99 -6.67 2.25
CA VAL F 44 61.34 -7.20 2.38
C VAL F 44 62.31 -6.05 2.12
N GLY F 45 63.14 -5.75 3.11
CA GLY F 45 64.08 -4.65 2.98
C GLY F 45 64.59 -4.19 4.33
N THR F 46 65.21 -3.01 4.31
CA THR F 46 65.82 -2.42 5.48
C THR F 46 64.74 -1.82 6.40
N GLN F 47 65.05 -1.77 7.70
CA GLN F 47 64.13 -1.18 8.68
C GLN F 47 63.71 0.22 8.26
N LYS F 48 64.65 1.02 7.75
CA LYS F 48 64.29 2.34 7.22
C LYS F 48 63.29 2.21 6.08
N GLY F 49 63.53 1.26 5.17
CA GLY F 49 62.59 1.04 4.09
C GLY F 49 61.23 0.58 4.58
N LEU F 50 61.22 -0.29 5.60
CA LEU F 50 59.95 -0.74 6.17
C LEU F 50 59.18 0.43 6.77
N GLN F 51 59.86 1.29 7.53
CA GLN F 51 59.20 2.44 8.13
C GLN F 51 58.67 3.38 7.06
N ILE F 52 59.46 3.61 6.00
CA ILE F 52 59.01 4.46 4.91
C ILE F 52 57.78 3.88 4.24
N PHE F 53 57.78 2.56 4.04
CA PHE F 53 56.63 1.91 3.43
C PHE F 53 55.39 2.03 4.31
N LYS F 54 55.55 1.84 5.62
CA LYS F 54 54.42 2.00 6.53
C LYS F 54 53.87 3.41 6.50
N SER F 55 54.77 4.41 6.52
CA SER F 55 54.33 5.80 6.48
C SER F 55 53.59 6.11 5.19
N TYR F 56 54.13 5.67 4.05
CA TYR F 56 53.46 5.91 2.78
C TYR F 56 52.13 5.18 2.70
N LEU F 57 52.04 3.99 3.31
CA LEU F 57 50.78 3.26 3.30
C LEU F 57 49.72 4.00 4.12
N ASP F 58 50.11 4.49 5.30
CA ASP F 58 49.18 5.27 6.12
C ASP F 58 48.77 6.55 5.42
N LYS F 59 49.69 7.16 4.66
CA LYS F 59 49.31 8.29 3.82
C LYS F 59 48.36 7.87 2.71
N ILE F 60 48.50 6.65 2.20
CA ILE F 60 47.62 6.16 1.16
C ILE F 60 46.20 6.03 1.67
N GLN F 61 46.04 5.56 2.92
CA GLN F 61 44.68 5.39 3.45
C GLN F 61 43.87 6.67 3.39
N LYS F 62 44.43 7.77 3.89
CA LYS F 62 43.71 9.04 3.84
C LYS F 62 43.81 9.65 2.44
N PRO F 63 42.83 10.47 2.06
CA PRO F 63 42.89 11.13 0.75
C PRO F 63 44.14 12.01 0.63
N ILE F 64 44.71 12.03 -0.57
CA ILE F 64 45.92 12.80 -0.84
C ILE F 64 45.69 13.67 -2.08
N TYR F 65 46.43 14.77 -2.14
CA TYR F 65 46.17 15.87 -3.08
C TYR F 65 47.23 15.94 -4.17
N ASN F 66 46.78 16.17 -5.40
CA ASN F 66 47.65 16.60 -6.48
C ASN F 66 47.85 18.11 -6.42
N HIS F 67 48.84 18.59 -7.18
CA HIS F 67 49.01 20.03 -7.30
C HIS F 67 47.88 20.66 -8.11
N ASN F 68 47.58 20.07 -9.27
CA ASN F 68 46.48 20.52 -10.13
C ASN F 68 45.51 19.35 -10.19
N ASN F 69 44.33 19.53 -9.57
CA ASN F 69 43.40 18.43 -9.37
C ASN F 69 42.45 18.22 -10.56
N ILE F 70 42.42 19.12 -11.53
CA ILE F 70 41.49 18.99 -12.65
C ILE F 70 42.13 18.27 -13.83
N THR F 71 43.42 18.49 -14.07
CA THR F 71 44.11 17.77 -15.13
C THR F 71 44.34 16.30 -14.78
N ARG F 72 44.32 15.97 -13.49
CA ARG F 72 44.57 14.62 -12.99
C ARG F 72 43.70 14.35 -11.77
N PRO F 73 42.86 13.31 -11.82
CA PRO F 73 41.85 13.11 -10.77
C PRO F 73 42.46 12.84 -9.40
N MET F 74 41.66 13.15 -8.39
CA MET F 74 42.03 12.91 -7.00
C MET F 74 42.20 11.42 -6.71
N PHE F 75 42.84 11.13 -5.58
CA PHE F 75 42.82 9.80 -4.99
C PHE F 75 42.03 9.87 -3.69
N PRO F 76 40.78 9.39 -3.67
CA PRO F 76 40.01 9.42 -2.41
C PRO F 76 40.62 8.58 -1.29
N GLY F 77 41.28 7.48 -1.61
CA GLY F 77 41.81 6.58 -0.59
C GLY F 77 41.50 5.15 -0.94
N PHE F 78 42.37 4.23 -0.49
CA PHE F 78 42.28 2.84 -0.93
C PHE F 78 40.92 2.24 -0.59
N GLU F 79 40.44 2.46 0.64
CA GLU F 79 39.13 1.94 1.01
C GLU F 79 38.03 2.58 0.18
N ALA F 80 38.15 3.88 -0.10
CA ALA F 80 37.12 4.59 -0.86
C ALA F 80 37.02 4.08 -2.28
N VAL F 81 38.17 3.88 -2.95
CA VAL F 81 38.16 3.53 -4.36
C VAL F 81 37.98 2.03 -4.55
N PHE F 82 38.94 1.25 -4.07
CA PHE F 82 38.98 -0.18 -4.39
C PHE F 82 38.18 -1.04 -3.41
N GLY F 83 37.86 -0.52 -2.23
CA GLY F 83 37.03 -1.28 -1.30
C GLY F 83 37.69 -2.45 -0.65
N CYS F 84 39.03 -2.47 -0.57
CA CYS F 84 39.75 -3.52 0.12
C CYS F 84 40.75 -2.88 1.08
N LYS F 85 41.03 -3.59 2.17
CA LYS F 85 41.85 -3.06 3.25
C LYS F 85 43.31 -3.39 3.04
N TRP F 86 44.16 -2.36 3.08
CA TRP F 86 45.61 -2.54 2.97
C TRP F 86 46.30 -1.68 4.03
N GLU F 87 45.87 -1.82 5.29
CA GLU F 87 46.49 -1.09 6.37
C GLU F 87 47.93 -1.56 6.59
N SER F 88 48.73 -0.68 7.18
CA SER F 88 50.16 -0.92 7.33
C SER F 88 50.52 -1.73 8.58
N GLN F 89 49.55 -1.98 9.47
CA GLN F 89 49.83 -2.75 10.67
C GLN F 89 49.83 -4.26 10.40
N ASN F 90 49.48 -4.68 9.18
CA ASN F 90 49.32 -6.09 8.88
C ASN F 90 50.37 -6.34 7.79
N ILE F 91 51.61 -5.94 8.05
CA ILE F 91 52.71 -6.07 7.12
C ILE F 91 53.64 -7.16 7.61
N VAL F 92 53.96 -8.11 6.74
CA VAL F 92 54.92 -9.18 7.04
C VAL F 92 56.30 -8.68 6.61
N PHE F 93 57.20 -8.55 7.57
CA PHE F 93 58.50 -7.91 7.35
C PHE F 93 59.62 -8.94 7.37
N LYS F 94 60.61 -8.73 6.48
CA LYS F 94 61.84 -9.50 6.47
C LYS F 94 63.02 -8.54 6.47
N GLU F 95 63.80 -8.56 7.55
CA GLU F 95 64.93 -7.66 7.71
C GLU F 95 66.11 -8.07 6.83
N ILE F 96 66.78 -7.08 6.27
CA ILE F 96 68.09 -7.25 5.64
C ILE F 96 69.01 -6.16 6.18
N THR F 97 70.14 -6.58 6.75
CA THR F 97 71.13 -5.64 7.26
C THR F 97 72.47 -5.80 6.56
N LYS F 112 78.80 -9.63 -10.38
CA LYS F 112 78.54 -10.51 -9.25
C LYS F 112 77.83 -9.76 -8.14
N ARG F 113 78.17 -8.47 -7.98
CA ARG F 113 77.52 -7.65 -6.96
C ARG F 113 76.03 -7.55 -7.22
N THR F 114 75.64 -7.34 -8.48
CA THR F 114 74.23 -7.36 -8.83
C THR F 114 73.61 -8.72 -8.50
N TYR F 115 74.33 -9.80 -8.82
CA TYR F 115 73.80 -11.14 -8.60
C TYR F 115 73.56 -11.40 -7.11
N ASP F 116 74.52 -11.03 -6.25
CA ASP F 116 74.34 -11.30 -4.83
C ASP F 116 73.33 -10.36 -4.19
N LEU F 117 73.27 -9.10 -4.64
CA LEU F 117 72.24 -8.20 -4.15
C LEU F 117 70.85 -8.71 -4.52
N VAL F 118 70.70 -9.23 -5.74
CA VAL F 118 69.46 -9.86 -6.16
C VAL F 118 69.17 -11.09 -5.32
N THR F 119 70.21 -11.90 -5.05
CA THR F 119 70.05 -13.15 -4.32
C THR F 119 69.60 -12.91 -2.89
N LEU F 120 70.07 -11.82 -2.26
CA LEU F 120 69.65 -11.55 -0.88
C LEU F 120 68.14 -11.39 -0.78
N PHE F 121 67.56 -10.51 -1.59
CA PHE F 121 66.12 -10.32 -1.56
C PHE F 121 65.39 -11.58 -2.01
N ASN F 122 65.89 -12.27 -3.03
CA ASN F 122 65.21 -13.47 -3.50
C ASN F 122 65.18 -14.55 -2.43
N ASP F 123 66.30 -14.77 -1.73
CA ASP F 123 66.33 -15.82 -0.71
C ASP F 123 65.50 -15.43 0.49
N LYS F 124 65.47 -14.14 0.86
CA LYS F 124 64.58 -13.72 1.93
C LYS F 124 63.13 -13.97 1.57
N ILE F 125 62.73 -13.63 0.34
CA ILE F 125 61.36 -13.86 -0.09
C ILE F 125 61.06 -15.35 -0.15
N ILE F 126 62.04 -16.15 -0.59
CA ILE F 126 61.84 -17.60 -0.68
C ILE F 126 61.60 -18.19 0.70
N THR F 127 62.43 -17.81 1.67
CA THR F 127 62.26 -18.32 3.03
C THR F 127 60.92 -17.86 3.62
N ALA F 128 60.55 -16.60 3.38
CA ALA F 128 59.28 -16.11 3.93
C ALA F 128 58.09 -16.79 3.28
N ASN F 129 58.16 -17.09 1.99
CA ASN F 129 57.05 -17.72 1.29
C ASN F 129 56.96 -19.22 1.61
N LYS F 130 58.09 -19.87 1.85
CA LYS F 130 58.11 -21.30 2.12
C LYS F 130 57.91 -21.62 3.59
N ASN F 131 58.65 -20.93 4.48
CA ASN F 131 58.67 -21.28 5.89
C ASN F 131 57.62 -20.54 6.72
N ASP F 132 57.46 -19.23 6.50
CA ASP F 132 56.57 -18.46 7.34
C ASP F 132 55.12 -18.87 7.14
N GLU F 133 54.35 -18.89 8.23
CA GLU F 133 52.95 -19.29 8.16
C GLU F 133 52.07 -18.19 7.59
N GLU F 134 52.37 -16.94 7.89
CA GLU F 134 51.56 -15.83 7.41
C GLU F 134 51.55 -15.76 5.89
N ARG F 135 50.37 -15.56 5.33
CA ARG F 135 50.21 -15.50 3.88
C ARG F 135 50.42 -14.08 3.39
N VAL F 136 51.15 -13.94 2.29
CA VAL F 136 51.42 -12.64 1.69
C VAL F 136 50.89 -12.65 0.26
N ASP F 137 50.00 -11.70 -0.06
CA ASP F 137 49.44 -11.63 -1.39
C ASP F 137 50.42 -11.09 -2.40
N VAL F 138 51.17 -10.06 -2.03
CA VAL F 138 52.15 -9.43 -2.92
C VAL F 138 53.30 -8.91 -2.07
N TRP F 139 54.51 -8.99 -2.61
CA TRP F 139 55.72 -8.66 -1.88
C TRP F 139 56.28 -7.34 -2.39
N PHE F 140 56.39 -6.36 -1.49
CA PHE F 140 56.88 -5.03 -1.84
C PHE F 140 58.37 -4.96 -1.50
N VAL F 141 59.21 -5.17 -2.51
CA VAL F 141 60.65 -5.12 -2.33
C VAL F 141 61.06 -3.65 -2.21
N ILE F 142 61.45 -3.24 -1.00
CA ILE F 142 61.85 -1.86 -0.75
C ILE F 142 63.35 -1.76 -1.00
N VAL F 143 63.71 -1.27 -2.17
CA VAL F 143 65.11 -1.19 -2.59
C VAL F 143 65.80 -0.05 -1.86
N PRO F 144 66.93 -0.28 -1.20
CA PRO F 144 67.71 0.83 -0.64
C PRO F 144 68.27 1.70 -1.75
N GLU F 145 68.41 2.99 -1.44
CA GLU F 145 68.97 3.95 -2.40
C GLU F 145 70.26 4.54 -1.87
N TYR F 202 74.47 1.11 -7.58
CA TYR F 202 73.22 0.90 -8.30
C TYR F 202 73.43 -0.08 -9.44
N ASP F 203 72.44 -0.93 -9.70
CA ASP F 203 72.53 -1.98 -10.70
C ASP F 203 71.47 -1.76 -11.78
N ALA F 204 71.87 -1.96 -13.03
CA ALA F 204 70.97 -1.73 -14.16
C ALA F 204 69.95 -2.85 -14.33
N GLN F 205 70.32 -4.09 -14.03
CA GLN F 205 69.45 -5.24 -14.23
C GLN F 205 68.92 -5.82 -12.92
N PHE F 206 68.89 -5.00 -11.85
CA PHE F 206 68.47 -5.51 -10.55
C PHE F 206 67.00 -5.93 -10.60
N HIS F 207 66.13 -5.03 -11.07
CA HIS F 207 64.71 -5.34 -11.15
C HIS F 207 64.46 -6.53 -12.07
N ASP F 208 65.11 -6.55 -13.23
CA ASP F 208 64.90 -7.62 -14.20
C ASP F 208 65.29 -8.96 -13.59
N GLN F 209 66.48 -9.04 -12.99
CA GLN F 209 66.95 -10.30 -12.42
C GLN F 209 66.09 -10.74 -11.24
N LEU F 210 65.70 -9.79 -10.39
CA LEU F 210 64.87 -10.13 -9.24
C LEU F 210 63.54 -10.71 -9.69
N LYS F 211 62.91 -10.08 -10.68
CA LYS F 211 61.65 -10.62 -11.19
C LYS F 211 61.85 -11.96 -11.89
N ALA F 212 63.00 -12.14 -12.55
CA ALA F 212 63.28 -13.39 -13.23
C ALA F 212 63.44 -14.54 -12.26
N ARG F 213 64.09 -14.31 -11.12
CA ARG F 213 64.39 -15.38 -10.18
C ARG F 213 63.19 -15.81 -9.35
N LEU F 214 62.06 -15.11 -9.45
CA LEU F 214 60.85 -15.50 -8.74
C LEU F 214 59.79 -16.09 -9.66
N LEU F 215 60.15 -16.47 -10.90
CA LEU F 215 59.15 -17.03 -11.81
C LEU F 215 58.91 -18.51 -11.59
N GLU F 216 59.92 -19.26 -11.13
CA GLU F 216 59.73 -20.70 -10.92
C GLU F 216 58.66 -20.97 -9.87
N HIS F 217 58.66 -20.21 -8.78
CA HIS F 217 57.60 -20.25 -7.78
C HIS F 217 56.85 -18.93 -7.84
N THR F 218 55.61 -18.98 -8.32
CA THR F 218 54.83 -17.77 -8.59
C THR F 218 54.66 -16.90 -7.35
N ILE F 219 55.30 -15.74 -7.36
CA ILE F 219 55.20 -14.78 -6.26
C ILE F 219 54.95 -13.40 -6.85
N PRO F 220 53.76 -12.82 -6.68
CA PRO F 220 53.54 -11.44 -7.12
C PRO F 220 54.45 -10.49 -6.34
N THR F 221 55.32 -9.79 -7.07
CA THR F 221 56.29 -8.90 -6.48
C THR F 221 56.23 -7.54 -7.15
N GLN F 222 56.42 -6.50 -6.35
CA GLN F 222 56.44 -5.12 -6.82
C GLN F 222 57.60 -4.40 -6.14
N ILE F 223 58.41 -3.69 -6.92
CA ILE F 223 59.64 -3.09 -6.42
C ILE F 223 59.42 -1.59 -6.23
N LEU F 224 59.66 -1.10 -5.02
CA LEU F 224 59.55 0.31 -4.67
C LEU F 224 60.86 0.77 -4.08
N ARG F 225 61.40 1.86 -4.62
CA ARG F 225 62.60 2.47 -4.05
C ARG F 225 62.21 3.54 -3.04
N GLU F 226 63.07 3.76 -2.05
CA GLU F 226 62.77 4.75 -1.03
C GLU F 226 62.64 6.15 -1.60
N SER F 227 63.35 6.44 -2.69
CA SER F 227 63.19 7.74 -3.35
C SER F 227 61.80 7.90 -3.96
N THR F 228 61.07 6.80 -4.15
CA THR F 228 59.70 6.90 -4.64
C THR F 228 58.72 7.11 -3.50
N LEU F 229 58.75 6.21 -2.51
CA LEU F 229 57.79 6.29 -1.40
C LEU F 229 58.01 7.55 -0.57
N ALA F 230 59.26 7.88 -0.27
CA ALA F 230 59.61 9.08 0.48
C ALA F 230 60.56 9.89 -0.39
N TRP F 231 59.99 10.70 -1.28
CA TRP F 231 60.79 11.52 -2.18
C TRP F 231 61.27 12.80 -1.51
N ARG F 232 60.53 13.29 -0.52
CA ARG F 232 60.92 14.52 0.18
C ARG F 232 62.17 14.32 1.03
N ASP F 233 62.35 13.12 1.60
CA ASP F 233 63.49 12.88 2.48
C ASP F 233 64.81 12.99 1.73
N PHE F 234 64.89 12.41 0.53
CA PHE F 234 66.12 12.40 -0.25
C PHE F 234 66.16 13.62 -1.17
N LYS F 235 67.14 14.50 -0.93
CA LYS F 235 67.33 15.71 -1.71
C LYS F 235 68.59 15.58 -2.55
N ASN F 236 68.87 16.61 -3.34
CA ASN F 236 70.08 16.68 -4.14
C ASN F 236 71.24 17.31 -3.39
N THR F 237 71.10 17.52 -2.08
CA THR F 237 72.14 18.01 -1.18
C THR F 237 72.37 19.50 -1.38
N PHE F 238 71.75 20.08 -2.41
CA PHE F 238 71.86 21.53 -2.64
C PHE F 238 70.51 22.19 -2.84
N GLY F 239 69.40 21.50 -2.59
CA GLY F 239 68.10 22.12 -2.79
C GLY F 239 66.92 21.17 -2.78
N ALA F 240 66.09 21.26 -3.80
CA ALA F 240 64.86 20.49 -3.88
C ALA F 240 65.16 19.00 -3.98
N PRO F 241 64.21 18.14 -3.62
CA PRO F 241 64.45 16.69 -3.71
C PRO F 241 64.72 16.26 -5.15
N ILE F 242 65.44 15.14 -5.27
CA ILE F 242 65.88 14.66 -6.59
C ILE F 242 64.67 14.40 -7.48
N ARG F 243 63.66 13.72 -6.95
CA ARG F 243 62.45 13.42 -7.71
C ARG F 243 61.33 14.30 -7.14
N ASP F 244 60.96 15.34 -7.88
CA ASP F 244 59.93 16.29 -7.45
C ASP F 244 58.58 15.66 -7.76
N PHE F 245 57.99 15.01 -6.75
CA PHE F 245 56.78 14.21 -6.93
C PHE F 245 55.54 14.94 -6.42
N SER F 246 55.66 16.20 -6.01
CA SER F 246 54.53 16.91 -5.43
C SER F 246 53.41 17.14 -6.45
N LYS F 247 53.78 17.45 -7.69
CA LYS F 247 52.78 17.72 -8.72
C LYS F 247 51.97 16.47 -9.07
N ILE F 248 52.46 15.29 -8.71
CA ILE F 248 51.90 14.03 -9.18
C ILE F 248 51.61 13.09 -8.02
N GLU F 249 51.69 13.61 -6.79
CA GLU F 249 51.64 12.76 -5.60
C GLU F 249 50.41 11.87 -5.62
N GLY F 250 49.23 12.45 -5.78
CA GLY F 250 48.02 11.64 -5.87
C GLY F 250 48.10 10.65 -6.99
N HIS F 251 48.47 11.12 -8.19
CA HIS F 251 48.71 10.23 -9.31
C HIS F 251 49.64 9.11 -8.90
N LEU F 252 50.77 9.47 -8.28
CA LEU F 252 51.69 8.49 -7.71
C LEU F 252 50.94 7.40 -6.97
N ALA F 253 50.22 7.80 -5.92
CA ALA F 253 49.52 6.82 -5.10
C ALA F 253 48.58 5.99 -5.96
N TRP F 254 47.82 6.65 -6.84
CA TRP F 254 46.95 5.95 -7.78
C TRP F 254 47.68 4.77 -8.39
N THR F 255 48.78 5.08 -9.10
CA THR F 255 49.50 4.03 -9.81
C THR F 255 49.88 2.91 -8.85
N ILE F 256 50.48 3.28 -7.70
CA ILE F 256 50.92 2.27 -6.75
C ILE F 256 49.73 1.42 -6.32
N SER F 257 48.64 2.08 -5.92
CA SER F 257 47.47 1.33 -5.49
C SER F 257 46.98 0.44 -6.62
N THR F 258 46.93 0.98 -7.84
CA THR F 258 46.53 0.15 -8.98
C THR F 258 47.41 -1.07 -9.07
N ALA F 259 48.73 -0.88 -9.04
CA ALA F 259 49.63 -2.02 -9.05
C ALA F 259 49.38 -2.89 -7.84
N ALA F 260 49.23 -2.28 -6.66
CA ALA F 260 48.96 -3.04 -5.45
C ALA F 260 47.65 -3.82 -5.60
N TYR F 261 46.67 -3.23 -6.31
CA TYR F 261 45.41 -3.94 -6.46
C TYR F 261 45.44 -4.94 -7.61
N TYR F 262 46.43 -4.83 -8.50
CA TYR F 262 46.49 -5.76 -9.62
C TYR F 262 47.25 -7.03 -9.26
N LYS F 263 48.42 -6.89 -8.64
CA LYS F 263 49.21 -8.06 -8.26
C LYS F 263 48.55 -8.86 -7.16
N ALA F 264 47.63 -8.26 -6.41
CA ALA F 264 46.87 -8.94 -5.38
C ALA F 264 45.68 -9.70 -5.93
N GLY F 265 45.62 -9.92 -7.24
CA GLY F 265 44.56 -10.69 -7.85
C GLY F 265 43.28 -9.94 -8.12
N GLY F 266 43.26 -8.63 -7.95
CA GLY F 266 42.08 -7.82 -8.21
C GLY F 266 42.11 -7.27 -9.62
N LYS F 267 40.95 -7.34 -10.29
CA LYS F 267 40.82 -6.81 -11.65
C LYS F 267 40.34 -5.37 -11.57
N PRO F 268 41.15 -4.38 -11.92
CA PRO F 268 40.69 -2.99 -11.76
C PRO F 268 39.67 -2.59 -12.80
N TRP F 269 39.87 -2.93 -14.07
CA TRP F 269 38.91 -2.58 -15.11
C TRP F 269 39.15 -3.47 -16.32
N LYS F 270 38.06 -3.89 -16.96
CA LYS F 270 38.13 -4.65 -18.20
C LYS F 270 37.91 -3.72 -19.38
N LEU F 271 37.74 -4.31 -20.57
CA LEU F 271 37.61 -3.55 -21.81
C LEU F 271 36.34 -3.98 -22.53
N GLY F 272 35.74 -3.03 -23.24
CA GLY F 272 34.51 -3.29 -23.99
C GLY F 272 34.65 -3.06 -25.48
N PRO F 276 34.20 -8.75 -29.70
CA PRO F 276 34.35 -10.12 -29.22
C PRO F 276 34.81 -11.08 -30.30
N GLY F 277 35.35 -12.23 -29.89
CA GLY F 277 35.83 -13.21 -30.83
C GLY F 277 37.17 -12.90 -31.46
N VAL F 278 37.88 -11.89 -30.97
CA VAL F 278 39.15 -11.47 -31.53
C VAL F 278 40.23 -11.57 -30.45
N CYS F 279 41.36 -12.18 -30.81
CA CYS F 279 42.49 -12.32 -29.92
C CYS F 279 43.61 -11.39 -30.39
N TYR F 280 44.03 -10.48 -29.50
CA TYR F 280 45.07 -9.50 -29.79
C TYR F 280 46.39 -10.07 -29.29
N LEU F 281 47.29 -10.41 -30.21
CA LEU F 281 48.58 -10.99 -29.89
C LEU F 281 49.65 -9.97 -30.28
N GLY F 282 50.26 -9.35 -29.27
CA GLY F 282 51.36 -8.44 -29.47
C GLY F 282 52.66 -9.08 -29.06
N LEU F 283 53.56 -9.25 -30.03
CA LEU F 283 54.85 -9.91 -29.80
C LEU F 283 55.97 -8.89 -29.98
N VAL F 284 56.91 -8.89 -29.03
CA VAL F 284 58.03 -7.96 -29.04
C VAL F 284 59.32 -8.76 -29.00
N TYR F 285 60.34 -8.22 -29.67
CA TYR F 285 61.63 -8.91 -29.80
C TYR F 285 62.68 -8.19 -28.98
N LYS F 286 63.46 -8.97 -28.22
CA LYS F 286 64.48 -8.46 -27.32
C LYS F 286 65.84 -9.00 -27.74
N LYS F 287 66.83 -8.12 -27.70
CA LYS F 287 68.21 -8.46 -28.03
C LYS F 287 68.94 -8.97 -26.80
N ILE F 288 69.90 -9.86 -27.02
CA ILE F 288 70.73 -10.39 -25.94
C ILE F 288 72.20 -10.31 -26.33
N GLN F 295 71.49 -13.11 -31.49
CA GLN F 295 70.28 -13.86 -31.18
C GLN F 295 69.22 -12.94 -30.60
N ASN F 296 67.95 -13.23 -30.91
CA ASN F 296 66.82 -12.45 -30.44
C ASN F 296 65.78 -13.37 -29.83
N ALA F 297 65.01 -12.82 -28.89
CA ALA F 297 63.96 -13.57 -28.22
C ALA F 297 62.62 -12.86 -28.41
N CYS F 298 61.62 -13.60 -28.89
CA CYS F 298 60.29 -13.05 -29.11
C CYS F 298 59.38 -13.45 -27.95
N CYS F 299 58.76 -12.45 -27.33
CA CYS F 299 57.88 -12.66 -26.19
C CYS F 299 56.54 -12.00 -26.50
N ALA F 300 55.45 -12.72 -26.24
CA ALA F 300 54.14 -12.33 -26.68
C ALA F 300 53.27 -11.85 -25.52
N ALA F 301 52.10 -11.32 -25.88
CA ALA F 301 51.06 -10.98 -24.92
C ALA F 301 49.73 -11.08 -25.63
N GLN F 302 48.76 -11.76 -25.00
CA GLN F 302 47.47 -12.00 -25.61
C GLN F 302 46.37 -11.35 -24.78
N MET F 303 45.41 -10.74 -25.47
CA MET F 303 44.23 -10.15 -24.83
C MET F 303 43.01 -10.51 -25.64
N PHE F 304 41.98 -11.04 -24.98
CA PHE F 304 40.78 -11.43 -25.71
C PHE F 304 39.59 -11.46 -24.77
N LEU F 305 38.41 -11.69 -25.34
CA LEU F 305 37.16 -11.74 -24.61
C LEU F 305 36.60 -13.15 -24.65
N ASP F 306 36.16 -13.64 -23.50
CA ASP F 306 35.62 -14.98 -23.36
C ASP F 306 34.10 -14.94 -23.42
N ASN F 307 33.47 -16.10 -23.20
CA ASN F 307 32.01 -16.15 -23.14
C ASN F 307 31.46 -15.50 -21.88
N GLY F 308 32.27 -15.36 -20.84
CA GLY F 308 31.88 -14.71 -19.61
C GLY F 308 32.04 -13.21 -19.59
N ASP F 309 32.44 -12.62 -20.72
CA ASP F 309 32.61 -11.17 -20.91
C ASP F 309 33.71 -10.59 -20.02
N GLY F 310 34.53 -11.42 -19.41
CA GLY F 310 35.66 -10.95 -18.64
C GLY F 310 36.93 -10.98 -19.46
N THR F 311 37.49 -9.80 -19.76
CA THR F 311 38.65 -9.72 -20.64
C THR F 311 39.82 -10.48 -20.04
N VAL F 312 40.29 -11.49 -20.76
CA VAL F 312 41.43 -12.31 -20.35
C VAL F 312 42.67 -11.71 -20.96
N PHE F 313 43.59 -11.29 -20.10
CA PHE F 313 44.83 -10.61 -20.48
C PHE F 313 45.94 -11.24 -19.64
N LYS F 314 46.52 -12.33 -20.16
CA LYS F 314 47.55 -13.07 -19.45
C LYS F 314 48.94 -12.91 -20.07
N GLY F 315 49.04 -13.00 -21.39
CA GLY F 315 50.30 -12.77 -22.06
C GLY F 315 51.08 -14.04 -22.34
N GLU F 316 51.22 -14.40 -23.62
CA GLU F 316 51.90 -15.64 -23.97
C GLU F 316 53.40 -15.51 -23.76
N VAL F 317 53.98 -16.47 -23.03
CA VAL F 317 55.38 -16.44 -22.64
C VAL F 317 56.00 -17.76 -23.10
N GLY F 318 57.25 -18.00 -22.71
CA GLY F 318 58.03 -19.05 -23.31
C GLY F 318 58.64 -18.56 -24.61
N PRO F 319 59.56 -17.59 -24.50
CA PRO F 319 59.98 -16.83 -25.68
C PRO F 319 60.57 -17.73 -26.77
N TRP F 320 60.31 -17.35 -28.01
CA TRP F 320 60.76 -18.10 -29.17
C TRP F 320 62.03 -17.46 -29.71
N TYR F 321 63.07 -18.27 -29.92
CA TYR F 321 64.42 -17.77 -30.10
C TYR F 321 64.81 -17.81 -31.56
N ASN F 322 65.23 -16.67 -32.10
CA ASN F 322 65.76 -16.58 -33.45
C ASN F 322 67.28 -16.41 -33.37
N PRO F 323 68.06 -17.37 -33.87
CA PRO F 323 69.52 -17.30 -33.68
C PRO F 323 70.17 -16.12 -34.39
N GLU F 324 69.54 -15.54 -35.40
CA GLU F 324 70.14 -14.45 -36.14
C GLU F 324 70.31 -13.22 -35.24
N LYS F 325 71.41 -12.50 -35.45
CA LYS F 325 71.76 -11.37 -34.59
C LYS F 325 70.76 -10.22 -34.72
N GLY F 326 70.49 -9.80 -35.96
CA GLY F 326 69.68 -8.61 -36.17
C GLY F 326 68.31 -8.86 -36.78
N GLU F 327 67.96 -10.12 -36.99
CA GLU F 327 66.66 -10.45 -37.56
C GLU F 327 65.64 -10.49 -36.44
N TYR F 328 64.75 -9.50 -36.41
CA TYR F 328 63.68 -9.44 -35.41
C TYR F 328 62.42 -10.12 -35.94
N HIS F 329 62.59 -11.35 -36.42
CA HIS F 329 61.50 -12.13 -36.98
C HIS F 329 61.63 -13.57 -36.51
N LEU F 330 60.55 -14.33 -36.64
CA LEU F 330 60.50 -15.69 -36.16
C LEU F 330 60.66 -16.68 -37.31
N LYS F 331 61.39 -17.76 -37.04
CA LYS F 331 61.49 -18.85 -37.99
C LYS F 331 60.16 -19.57 -38.09
N PRO F 332 59.93 -20.31 -39.19
CA PRO F 332 58.66 -21.03 -39.34
C PRO F 332 58.31 -21.93 -38.16
N LYS F 333 59.30 -22.62 -37.59
CA LYS F 333 59.03 -23.49 -36.45
C LYS F 333 58.62 -22.68 -35.22
N GLU F 334 59.38 -21.63 -34.90
CA GLU F 334 59.06 -20.83 -33.72
C GLU F 334 57.74 -20.08 -33.90
N ALA F 335 57.50 -19.52 -35.08
CA ALA F 335 56.23 -18.85 -35.34
C ALA F 335 55.06 -19.83 -35.26
N LYS F 336 55.25 -21.04 -35.81
CA LYS F 336 54.25 -22.08 -35.72
C LYS F 336 53.92 -22.38 -34.26
N ALA F 337 54.95 -22.59 -33.44
CA ALA F 337 54.74 -22.90 -32.03
C ALA F 337 54.05 -21.74 -31.31
N LEU F 338 54.46 -20.50 -31.60
CA LEU F 338 53.86 -19.33 -30.96
C LEU F 338 52.37 -19.25 -31.25
N LEU F 339 52.00 -19.32 -32.54
CA LEU F 339 50.59 -19.13 -32.87
C LEU F 339 49.78 -20.35 -32.43
N THR F 340 50.37 -21.54 -32.43
CA THR F 340 49.69 -22.71 -31.90
C THR F 340 49.41 -22.54 -30.41
N GLN F 341 50.39 -22.03 -29.65
CA GLN F 341 50.18 -21.78 -28.23
C GLN F 341 49.08 -20.75 -28.01
N ALA F 342 49.07 -19.69 -28.83
CA ALA F 342 48.03 -18.68 -28.72
C ALA F 342 46.65 -19.28 -28.98
N LEU F 343 46.53 -20.09 -30.03
CA LEU F 343 45.25 -20.73 -30.35
C LEU F 343 44.82 -21.67 -29.23
N GLU F 344 45.77 -22.42 -28.67
CA GLU F 344 45.42 -23.35 -27.60
C GLU F 344 44.95 -22.61 -26.36
N SER F 345 45.61 -21.50 -26.01
CA SER F 345 45.17 -20.71 -24.87
C SER F 345 43.78 -20.14 -25.11
N TYR F 346 43.55 -19.59 -26.31
CA TYR F 346 42.23 -19.05 -26.63
C TYR F 346 41.17 -20.15 -26.57
N LYS F 347 41.51 -21.34 -27.04
CA LYS F 347 40.56 -22.45 -27.02
C LYS F 347 40.23 -22.88 -25.60
N GLU F 348 41.25 -23.02 -24.74
CA GLU F 348 40.97 -23.46 -23.38
C GLU F 348 40.27 -22.38 -22.56
N GLN F 349 40.39 -21.11 -22.96
CA GLN F 349 39.70 -20.04 -22.24
C GLN F 349 38.29 -19.80 -22.77
N ASN F 350 38.02 -20.08 -24.05
CA ASN F 350 36.77 -19.73 -24.68
C ASN F 350 35.99 -20.93 -25.21
N LYS F 351 36.64 -22.08 -25.41
CA LYS F 351 36.07 -23.31 -25.95
C LYS F 351 35.85 -23.23 -27.46
N SER F 352 36.49 -22.28 -28.14
CA SER F 352 36.44 -22.19 -29.58
C SER F 352 37.66 -21.44 -30.08
N TYR F 353 37.95 -21.60 -31.37
CA TYR F 353 39.03 -20.88 -32.00
C TYR F 353 38.58 -19.47 -32.38
N PRO F 354 39.50 -18.50 -32.44
CA PRO F 354 39.09 -17.11 -32.65
C PRO F 354 38.68 -16.85 -34.10
N LYS F 355 37.64 -16.02 -34.26
CA LYS F 355 37.27 -15.55 -35.58
C LYS F 355 38.39 -14.73 -36.21
N GLU F 356 39.01 -13.85 -35.42
CA GLU F 356 40.10 -13.02 -35.88
C GLU F 356 41.22 -13.08 -34.85
N VAL F 357 42.45 -13.26 -35.32
CA VAL F 357 43.62 -13.31 -34.45
C VAL F 357 44.46 -12.07 -34.76
N PHE F 358 44.41 -11.09 -33.86
CA PHE F 358 45.00 -9.78 -34.10
C PHE F 358 46.48 -9.81 -33.74
N ILE F 359 47.29 -10.34 -34.65
CA ILE F 359 48.74 -10.31 -34.49
C ILE F 359 49.24 -8.89 -34.73
N HIS F 360 50.00 -8.37 -33.77
CA HIS F 360 50.59 -7.05 -33.94
C HIS F 360 51.95 -7.03 -33.24
N ALA F 361 52.83 -6.14 -33.73
CA ALA F 361 54.20 -6.10 -33.24
C ALA F 361 54.78 -4.74 -33.55
N ARG F 362 56.01 -4.52 -33.08
CA ARG F 362 56.77 -3.31 -33.38
C ARG F 362 57.55 -3.42 -34.68
N THR F 363 57.55 -4.61 -35.32
CA THR F 363 58.22 -4.83 -36.59
C THR F 363 57.24 -5.44 -37.57
N ARG F 364 57.50 -5.25 -38.86
CA ARG F 364 56.70 -5.93 -39.86
C ARG F 364 57.07 -7.41 -39.92
N PHE F 365 56.12 -8.21 -40.40
CA PHE F 365 56.30 -9.66 -40.47
C PHE F 365 56.76 -10.04 -41.88
N ASN F 366 57.81 -10.87 -41.94
CA ASN F 366 58.33 -11.30 -43.22
C ASN F 366 57.36 -12.26 -43.91
N ASP F 367 57.61 -12.49 -45.19
CA ASP F 367 56.72 -13.35 -45.97
C ASP F 367 56.75 -14.79 -45.45
N GLU F 368 57.94 -15.30 -45.13
CA GLU F 368 58.07 -16.71 -44.78
C GLU F 368 57.36 -17.03 -43.45
N GLU F 369 57.57 -16.19 -42.44
CA GLU F 369 56.90 -16.43 -41.16
C GLU F 369 55.40 -16.19 -41.27
N TRP F 370 54.98 -15.27 -42.15
CA TRP F 370 53.54 -15.11 -42.39
C TRP F 370 52.94 -16.35 -43.04
N ASN F 371 53.66 -16.95 -43.98
CA ASN F 371 53.19 -18.20 -44.59
C ASN F 371 53.13 -19.31 -43.55
N ALA F 372 54.11 -19.37 -42.65
CA ALA F 372 54.04 -20.35 -41.56
C ALA F 372 52.82 -20.13 -40.68
N PHE F 373 52.56 -18.87 -40.33
CA PHE F 373 51.36 -18.52 -39.57
C PHE F 373 50.10 -19.00 -40.27
N ASN F 374 49.98 -18.70 -41.58
CA ASN F 374 48.81 -19.09 -42.33
C ASN F 374 48.70 -20.60 -42.46
N GLU F 375 49.83 -21.30 -42.53
CA GLU F 375 49.80 -22.76 -42.60
C GLU F 375 49.26 -23.35 -41.30
N VAL F 376 49.73 -22.86 -40.15
CA VAL F 376 49.30 -23.44 -38.88
C VAL F 376 48.00 -22.82 -38.36
N THR F 377 47.56 -21.69 -38.91
CA THR F 377 46.29 -21.13 -38.47
C THR F 377 45.13 -22.02 -38.92
N PRO F 378 44.07 -22.09 -38.15
CA PRO F 378 42.94 -22.96 -38.50
C PRO F 378 42.09 -22.35 -39.60
N LYS F 379 41.18 -23.18 -40.12
CA LYS F 379 40.24 -22.72 -41.15
C LYS F 379 39.20 -21.79 -40.53
N ASN F 380 38.47 -21.10 -41.41
CA ASN F 380 37.47 -20.09 -41.03
C ASN F 380 37.98 -19.13 -39.95
N THR F 381 39.29 -18.90 -39.94
CA THR F 381 39.95 -18.00 -39.00
C THR F 381 40.88 -17.09 -39.79
N ASN F 382 40.58 -15.79 -39.78
CA ASN F 382 41.37 -14.80 -40.50
C ASN F 382 42.24 -14.04 -39.50
N LEU F 383 43.55 -14.17 -39.62
CA LEU F 383 44.49 -13.48 -38.76
C LEU F 383 45.18 -12.37 -39.54
N VAL F 384 45.48 -11.28 -38.83
CA VAL F 384 46.01 -10.07 -39.46
C VAL F 384 47.31 -9.68 -38.75
N GLY F 385 48.21 -9.05 -39.50
CA GLY F 385 49.47 -8.58 -38.98
C GLY F 385 49.50 -7.05 -38.96
N VAL F 386 49.90 -6.50 -37.82
CA VAL F 386 49.89 -5.07 -37.60
C VAL F 386 51.23 -4.66 -37.00
N THR F 387 51.77 -3.54 -37.48
CA THR F 387 53.03 -2.99 -36.99
C THR F 387 52.78 -1.66 -36.32
N ILE F 388 53.22 -1.52 -35.08
CA ILE F 388 53.17 -0.27 -34.34
C ILE F 388 54.59 0.31 -34.33
N THR F 389 54.76 1.47 -34.95
CA THR F 389 56.06 2.12 -35.01
C THR F 389 55.99 3.45 -34.28
N LYS F 390 56.89 3.64 -33.32
CA LYS F 390 56.94 4.85 -32.52
C LYS F 390 58.05 5.77 -33.02
N SER F 391 57.98 7.03 -32.58
CA SER F 391 59.01 8.03 -32.86
C SER F 391 59.14 8.35 -34.35
N LYS F 392 58.05 8.20 -35.10
CA LYS F 392 58.06 8.64 -36.48
C LYS F 392 58.01 10.16 -36.53
N PRO F 393 58.88 10.81 -37.30
CA PRO F 393 58.87 12.28 -37.35
C PRO F 393 57.69 12.85 -38.12
N LEU F 394 56.52 12.83 -37.48
CA LEU F 394 55.30 13.48 -37.98
C LEU F 394 54.80 14.37 -36.85
N LYS F 395 55.35 15.58 -36.78
CA LYS F 395 55.01 16.51 -35.69
C LYS F 395 53.90 17.41 -36.20
N LEU F 396 52.66 16.98 -35.96
CA LEU F 396 51.48 17.68 -36.45
C LEU F 396 51.01 18.65 -35.38
N TYR F 397 51.12 19.95 -35.65
CA TYR F 397 50.80 20.98 -34.67
C TYR F 397 49.32 21.36 -34.76
N LYS F 398 48.95 22.39 -34.01
CA LYS F 398 47.64 23.03 -34.11
C LYS F 398 47.84 24.52 -34.25
N THR F 399 47.26 25.10 -35.29
CA THR F 399 47.53 26.51 -35.62
C THR F 399 46.64 27.48 -34.87
N GLU F 400 45.45 27.06 -34.44
CA GLU F 400 44.52 27.97 -33.78
C GLU F 400 44.77 28.06 -32.27
N GLY F 401 44.68 26.93 -31.57
CA GLY F 401 44.82 26.93 -30.13
C GLY F 401 46.26 26.80 -29.67
N ALA F 402 46.44 26.97 -28.36
CA ALA F 402 47.75 26.86 -27.73
C ALA F 402 48.03 25.46 -27.21
N PHE F 403 47.12 24.51 -27.42
CA PHE F 403 47.35 23.16 -26.94
C PHE F 403 47.52 22.22 -28.13
N PRO F 404 48.31 21.15 -28.00
CA PRO F 404 48.55 20.27 -29.15
C PRO F 404 47.30 19.54 -29.64
N ILE F 405 47.47 18.76 -30.72
CA ILE F 405 46.35 18.03 -31.30
C ILE F 405 45.74 17.10 -30.27
N MET F 406 44.41 17.06 -30.24
CA MET F 406 43.68 16.26 -29.26
C MET F 406 43.68 14.78 -29.64
N ARG F 407 43.80 13.93 -28.63
CA ARG F 407 43.99 12.50 -28.84
C ARG F 407 42.75 11.87 -29.47
N GLY F 408 42.98 10.86 -30.30
CA GLY F 408 41.93 10.14 -30.98
C GLY F 408 41.89 10.37 -32.48
N ASN F 409 42.44 11.48 -32.96
CA ASN F 409 42.45 11.77 -34.39
C ASN F 409 43.41 10.82 -35.10
N ALA F 410 43.01 10.41 -36.31
CA ALA F 410 43.77 9.44 -37.09
C ALA F 410 43.97 9.95 -38.50
N TYR F 411 45.23 9.92 -38.97
CA TYR F 411 45.58 10.24 -40.34
C TYR F 411 45.68 8.93 -41.11
N ILE F 412 44.72 8.70 -42.01
CA ILE F 412 44.73 7.50 -42.83
C ILE F 412 45.63 7.78 -44.03
N VAL F 413 46.88 7.32 -43.95
CA VAL F 413 47.81 7.50 -45.07
C VAL F 413 47.42 6.60 -46.23
N ASP F 414 46.99 5.38 -45.93
CA ASP F 414 46.68 4.39 -46.96
C ASP F 414 45.64 3.45 -46.36
N GLU F 415 44.98 2.67 -47.24
CA GLU F 415 43.99 1.71 -46.78
C GLU F 415 44.59 0.67 -45.84
N LYS F 416 45.91 0.50 -45.85
CA LYS F 416 46.59 -0.42 -44.96
C LYS F 416 47.50 0.26 -43.96
N LYS F 417 47.82 1.54 -44.13
CA LYS F 417 48.74 2.25 -43.26
C LYS F 417 48.12 3.56 -42.81
N ALA F 418 48.28 3.89 -41.53
CA ALA F 418 47.71 5.10 -40.98
C ALA F 418 48.56 5.59 -39.81
N PHE F 419 48.39 6.87 -39.48
CA PHE F 419 49.01 7.46 -38.31
C PHE F 419 47.92 7.72 -37.26
N LEU F 420 48.04 7.04 -36.12
CA LEU F 420 47.05 7.17 -35.05
C LEU F 420 47.64 7.96 -33.91
N TRP F 421 46.95 9.03 -33.50
CA TRP F 421 47.31 9.78 -32.31
C TRP F 421 46.70 9.09 -31.09
N THR F 422 47.28 7.93 -30.77
CA THR F 422 46.88 7.21 -29.57
C THR F 422 47.14 8.03 -28.31
N LEU F 423 47.99 9.05 -28.41
CA LEU F 423 48.24 9.95 -27.30
C LEU F 423 48.31 11.38 -27.82
N GLY F 424 47.90 12.31 -26.97
CA GLY F 424 47.88 13.71 -27.33
C GLY F 424 47.09 14.49 -26.29
N PHE F 425 46.49 15.60 -26.74
CA PHE F 425 45.56 16.33 -25.90
C PHE F 425 44.29 15.52 -25.65
N VAL F 426 43.67 15.76 -24.50
CA VAL F 426 42.41 15.10 -24.17
C VAL F 426 41.49 16.09 -23.47
N PRO F 427 40.31 16.36 -24.01
CA PRO F 427 39.38 17.29 -23.33
C PRO F 427 38.96 16.84 -21.95
N LYS F 428 38.91 15.53 -21.67
CA LYS F 428 38.36 15.07 -20.40
C LYS F 428 39.22 15.54 -19.23
N LEU F 429 40.54 15.57 -19.40
CA LEU F 429 41.45 16.07 -18.38
C LEU F 429 41.92 17.49 -18.67
N GLN F 430 41.40 18.13 -19.72
CA GLN F 430 41.73 19.52 -20.08
C GLN F 430 43.23 19.70 -20.26
N SER F 431 43.90 18.69 -20.79
CA SER F 431 45.35 18.74 -20.95
C SER F 431 45.77 17.68 -21.95
N THR F 432 47.08 17.48 -22.06
CA THR F 432 47.66 16.50 -22.97
C THR F 432 48.22 15.34 -22.17
N LEU F 433 48.05 14.12 -22.69
CA LEU F 433 48.62 12.95 -22.03
C LEU F 433 50.13 13.01 -21.97
N SER F 434 50.76 13.86 -22.77
CA SER F 434 52.21 14.01 -22.80
C SER F 434 52.58 15.49 -22.74
N MET F 435 53.85 15.73 -22.43
CA MET F 435 54.41 17.06 -22.57
C MET F 435 54.74 17.33 -24.04
N GLU F 436 55.33 18.48 -24.31
CA GLU F 436 55.94 18.81 -25.61
C GLU F 436 54.81 18.80 -26.64
N VAL F 437 54.96 18.08 -27.76
CA VAL F 437 53.90 17.89 -28.73
C VAL F 437 53.80 16.39 -29.00
N PRO F 438 52.63 15.84 -29.33
CA PRO F 438 52.50 14.39 -29.38
C PRO F 438 52.91 13.78 -30.72
N ASN F 439 53.66 12.68 -30.63
CA ASN F 439 54.10 11.95 -31.81
C ASN F 439 53.10 10.85 -32.12
N PRO F 440 52.41 10.89 -33.26
CA PRO F 440 51.51 9.79 -33.62
C PRO F 440 52.28 8.51 -33.87
N ILE F 441 51.61 7.39 -33.63
CA ILE F 441 52.20 6.07 -33.81
C ILE F 441 51.71 5.51 -35.15
N PHE F 442 52.64 4.93 -35.90
CA PHE F 442 52.35 4.39 -37.22
C PHE F 442 51.76 3.00 -37.08
N ILE F 443 50.56 2.80 -37.64
CA ILE F 443 49.90 1.50 -37.71
C ILE F 443 49.98 1.02 -39.14
N GLU F 444 50.74 -0.04 -39.38
CA GLU F 444 50.89 -0.63 -40.70
C GLU F 444 50.17 -1.97 -40.72
N ILE F 445 49.18 -2.12 -41.59
CA ILE F 445 48.60 -3.45 -41.86
C ILE F 445 49.42 -4.04 -43.00
N ASN F 446 50.57 -4.61 -42.64
CA ASN F 446 51.46 -5.21 -43.63
C ASN F 446 50.99 -6.58 -44.08
N LYS F 447 50.36 -7.35 -43.19
CA LYS F 447 49.86 -8.67 -43.52
C LYS F 447 48.42 -8.80 -43.07
N GLY F 448 47.65 -9.60 -43.80
CA GLY F 448 46.26 -9.82 -43.49
C GLY F 448 45.36 -8.76 -44.11
N GLU F 449 44.06 -9.02 -44.03
CA GLU F 449 43.04 -8.13 -44.56
C GLU F 449 42.15 -7.64 -43.43
N ALA F 450 42.10 -6.33 -43.24
CA ALA F 450 41.26 -5.72 -42.21
C ALA F 450 41.10 -4.24 -42.51
N GLU F 451 39.96 -3.70 -42.10
CA GLU F 451 39.72 -2.27 -42.28
C GLU F 451 40.66 -1.47 -41.38
N ILE F 452 41.22 -0.38 -41.94
CA ILE F 452 42.18 0.41 -41.19
C ILE F 452 41.51 1.08 -39.99
N GLN F 453 40.26 1.53 -40.15
CA GLN F 453 39.56 2.18 -39.05
C GLN F 453 39.34 1.22 -37.90
N GLN F 454 38.95 -0.03 -38.19
CA GLN F 454 38.77 -1.02 -37.14
C GLN F 454 40.09 -1.34 -36.44
N VAL F 455 41.18 -1.40 -37.20
CA VAL F 455 42.49 -1.64 -36.59
C VAL F 455 42.88 -0.49 -35.67
N LEU F 456 42.61 0.75 -36.10
CA LEU F 456 42.91 1.89 -35.25
C LEU F 456 42.05 1.87 -33.98
N LYS F 457 40.79 1.49 -34.11
CA LYS F 457 39.92 1.33 -32.94
C LYS F 457 40.48 0.28 -31.99
N ASP F 458 40.98 -0.83 -32.54
CA ASP F 458 41.54 -1.88 -31.71
C ASP F 458 42.80 -1.43 -30.99
N ILE F 459 43.65 -0.65 -31.68
CA ILE F 459 44.84 -0.10 -31.03
C ILE F 459 44.45 0.85 -29.91
N LEU F 460 43.45 1.70 -30.16
CA LEU F 460 42.98 2.60 -29.10
C LEU F 460 42.44 1.82 -27.91
N ALA F 461 41.70 0.75 -28.18
CA ALA F 461 41.18 -0.10 -27.10
C ALA F 461 42.31 -0.75 -26.31
N LEU F 462 43.35 -1.23 -27.01
CA LEU F 462 44.47 -1.86 -26.33
C LEU F 462 45.33 -0.85 -25.58
N THR F 463 45.25 0.43 -25.93
CA THR F 463 45.98 1.44 -25.15
C THR F 463 45.33 1.73 -23.79
N LYS F 464 44.32 0.95 -23.40
CA LYS F 464 43.56 1.21 -22.18
C LYS F 464 43.94 0.32 -21.01
N LEU F 465 44.46 -0.88 -21.28
CA LEU F 465 44.63 -1.90 -20.24
C LEU F 465 45.99 -1.86 -19.58
N ASN F 466 46.61 -0.68 -19.47
CA ASN F 466 47.89 -0.58 -18.78
C ASN F 466 47.65 -0.71 -17.29
N TYR F 467 47.59 -1.95 -16.79
CA TYR F 467 47.39 -2.16 -15.36
C TYR F 467 48.61 -1.80 -14.54
N ASN F 468 49.78 -1.68 -15.18
CA ASN F 468 50.99 -1.30 -14.48
C ASN F 468 51.00 0.17 -14.10
N ALA F 469 50.11 0.97 -14.69
CA ALA F 469 50.03 2.40 -14.43
C ALA F 469 48.59 2.84 -14.28
N CYS F 470 48.37 3.91 -13.52
CA CYS F 470 47.07 4.56 -13.43
C CYS F 470 47.16 5.86 -14.24
N ILE F 471 46.96 5.72 -15.55
CA ILE F 471 46.92 6.85 -16.47
C ILE F 471 45.75 6.62 -17.41
N TYR F 472 45.32 7.70 -18.07
CA TYR F 472 44.16 7.61 -18.95
C TYR F 472 44.41 6.59 -20.06
N ALA F 473 45.53 6.74 -20.76
CA ALA F 473 45.95 5.81 -21.80
C ALA F 473 47.42 6.08 -22.10
N ASP F 474 48.05 5.12 -22.77
CA ASP F 474 49.45 5.21 -23.15
C ASP F 474 49.57 5.20 -24.67
N GLY F 475 50.68 5.75 -25.16
CA GLY F 475 50.84 6.00 -26.59
C GLY F 475 50.90 4.76 -27.45
N GLU F 476 51.33 3.64 -26.90
CA GLU F 476 51.36 2.40 -27.64
C GLU F 476 50.34 1.41 -27.07
N PRO F 477 49.86 0.46 -27.88
CA PRO F 477 48.98 -0.59 -27.32
C PRO F 477 49.72 -1.35 -26.24
N VAL F 478 49.15 -1.36 -25.04
CA VAL F 478 49.86 -1.87 -23.87
C VAL F 478 50.11 -3.37 -23.94
N THR F 479 49.48 -4.07 -24.89
CA THR F 479 49.84 -5.47 -25.12
C THR F 479 51.31 -5.58 -25.49
N LEU F 480 51.76 -4.72 -26.41
CA LEU F 480 53.18 -4.67 -26.76
C LEU F 480 54.04 -4.29 -25.56
N ARG F 481 53.59 -3.32 -24.77
CA ARG F 481 54.39 -2.86 -23.63
C ARG F 481 54.56 -3.97 -22.61
N PHE F 482 53.48 -4.69 -22.29
CA PHE F 482 53.57 -5.77 -21.32
C PHE F 482 54.38 -6.94 -21.85
N ALA F 483 54.22 -7.25 -23.15
CA ALA F 483 55.07 -8.28 -23.76
C ALA F 483 56.54 -7.89 -23.67
N ASN F 484 56.85 -6.61 -23.89
CA ASN F 484 58.23 -6.16 -23.77
C ASN F 484 58.74 -6.30 -22.35
N LYS F 485 57.91 -5.93 -21.35
CA LYS F 485 58.34 -6.05 -19.96
C LYS F 485 58.63 -7.50 -19.59
N ILE F 486 57.71 -8.40 -19.94
CA ILE F 486 57.97 -9.81 -19.65
C ILE F 486 59.16 -10.32 -20.46
N GLY F 487 59.44 -9.70 -21.61
CA GLY F 487 60.62 -10.07 -22.37
C GLY F 487 61.91 -9.70 -21.64
N GLU F 488 61.95 -8.51 -21.04
CA GLU F 488 63.09 -8.16 -20.21
C GLU F 488 63.22 -9.13 -19.03
N ILE F 489 62.08 -9.48 -18.42
CA ILE F 489 62.11 -10.43 -17.31
C ILE F 489 62.72 -11.76 -17.76
N LEU F 490 62.31 -12.25 -18.93
CA LEU F 490 62.81 -13.52 -19.43
C LEU F 490 64.30 -13.45 -19.75
N THR F 491 64.72 -12.43 -20.50
CA THR F 491 66.12 -12.30 -20.87
C THR F 491 67.02 -11.94 -19.70
N ALA F 492 66.44 -11.59 -18.55
CA ALA F 492 67.27 -11.22 -17.40
C ALA F 492 68.13 -12.38 -16.92
N SER F 493 67.58 -13.57 -16.83
CA SER F 493 68.26 -14.68 -16.15
C SER F 493 68.11 -15.95 -16.98
N THR F 494 68.48 -17.08 -16.36
CA THR F 494 68.47 -18.37 -17.03
C THR F 494 67.05 -18.76 -17.43
N GLU F 495 66.94 -19.46 -18.57
CA GLU F 495 65.65 -19.87 -19.11
C GLU F 495 64.88 -20.69 -18.08
N ILE F 496 63.58 -20.40 -17.97
CA ILE F 496 62.67 -21.09 -17.06
C ILE F 496 61.60 -21.77 -17.88
N LYS F 497 61.40 -23.07 -17.64
CA LYS F 497 60.40 -23.83 -18.37
C LYS F 497 59.00 -23.50 -17.86
N THR F 498 58.05 -23.40 -18.79
CA THR F 498 56.67 -22.97 -18.55
C THR F 498 56.64 -21.73 -17.64
N PRO F 499 56.99 -20.56 -18.16
CA PRO F 499 57.00 -19.35 -17.32
C PRO F 499 55.63 -19.03 -16.77
N PRO F 500 55.53 -18.18 -15.75
CA PRO F 500 54.22 -17.96 -15.09
C PRO F 500 53.12 -17.49 -16.03
N LEU F 501 53.44 -16.64 -16.99
CA LEU F 501 52.50 -16.19 -18.02
C LEU F 501 51.37 -15.35 -17.42
N ALA F 502 51.66 -14.58 -16.37
CA ALA F 502 50.72 -13.59 -15.83
C ALA F 502 51.48 -12.33 -15.44
N PHE F 503 50.94 -11.17 -15.81
CA PHE F 503 51.68 -9.92 -15.65
C PHE F 503 51.94 -9.55 -14.20
N LYS F 504 51.16 -10.05 -13.24
CA LYS F 504 51.42 -9.72 -11.85
C LYS F 504 52.76 -10.25 -11.37
N TYR F 505 53.39 -11.17 -12.11
CA TYR F 505 54.69 -11.70 -11.77
C TYR F 505 55.84 -11.01 -12.50
N TYR F 506 55.57 -10.28 -13.57
CA TYR F 506 56.60 -9.56 -14.32
C TYR F 506 56.52 -8.06 -14.16
N ILE F 507 55.35 -7.46 -14.38
CA ILE F 507 55.22 -6.01 -14.36
C ILE F 507 55.26 -5.47 -12.94
N ASN G 3 22.46 2.69 31.00
CA ASN G 3 23.39 2.22 29.96
C ASN G 3 23.48 0.70 29.95
N LYS G 4 22.34 0.03 30.00
CA LYS G 4 22.27 -1.42 30.06
C LYS G 4 21.59 -1.97 28.81
N ILE G 5 21.98 -3.19 28.45
CA ILE G 5 21.46 -3.88 27.28
C ILE G 5 20.75 -5.13 27.81
N PHE G 6 19.44 -5.06 27.92
CA PHE G 6 18.65 -6.22 28.28
C PHE G 6 18.49 -7.14 27.07
N ILE G 7 18.65 -8.44 27.27
CA ILE G 7 18.32 -9.42 26.23
C ILE G 7 17.24 -10.33 26.78
N SER G 8 16.10 -10.35 26.10
CA SER G 8 15.00 -11.26 26.42
C SER G 8 14.85 -12.26 25.29
N HIS G 9 14.53 -13.51 25.65
CA HIS G 9 14.64 -14.62 24.72
C HIS G 9 14.04 -15.87 25.34
N ALA G 10 14.02 -16.94 24.54
CA ALA G 10 13.61 -18.26 25.00
C ALA G 10 14.82 -18.96 25.60
N THR G 11 14.80 -19.18 26.91
CA THR G 11 15.97 -19.71 27.61
C THR G 11 16.42 -21.08 27.12
N PRO G 12 15.55 -22.10 27.00
CA PRO G 12 16.07 -23.42 26.59
C PRO G 12 16.42 -23.49 25.11
N GLU G 13 15.62 -22.88 24.24
CA GLU G 13 15.80 -23.07 22.81
C GLU G 13 16.83 -22.09 22.23
N ASP G 14 17.01 -20.92 22.84
CA ASP G 14 17.84 -19.88 22.26
C ASP G 14 18.98 -19.49 23.21
N ASP G 15 19.58 -20.48 23.87
CA ASP G 15 20.66 -20.17 24.80
C ASP G 15 21.98 -19.86 24.10
N ASP G 16 22.27 -20.54 22.98
CA ASP G 16 23.57 -20.37 22.32
C ASP G 16 23.75 -18.94 21.78
N PHE G 17 22.76 -18.45 21.03
CA PHE G 17 22.83 -17.09 20.51
C PHE G 17 23.01 -16.11 21.67
N THR G 18 22.24 -16.31 22.74
CA THR G 18 22.28 -15.34 23.83
C THR G 18 23.62 -15.33 24.53
N ARG G 19 24.19 -16.50 24.83
CA ARG G 19 25.52 -16.49 25.47
C ARG G 19 26.54 -15.85 24.55
N TRP G 20 26.52 -16.20 23.26
CA TRP G 20 27.48 -15.63 22.33
C TRP G 20 27.38 -14.11 22.29
N LEU G 21 26.16 -13.59 22.08
CA LEU G 21 25.98 -12.16 21.93
C LEU G 21 26.26 -11.41 23.23
N SER G 22 25.83 -11.97 24.37
CA SER G 22 26.06 -11.30 25.65
C SER G 22 27.55 -11.23 25.96
N LEU G 23 28.28 -12.33 25.75
CA LEU G 23 29.71 -12.30 25.98
C LEU G 23 30.41 -11.35 25.02
N LYS G 24 29.96 -11.30 23.76
CA LYS G 24 30.54 -10.37 22.80
C LYS G 24 30.33 -8.93 23.24
N LEU G 25 29.10 -8.60 23.63
CA LEU G 25 28.80 -7.22 24.03
C LEU G 25 29.56 -6.84 25.30
N ILE G 26 29.72 -7.79 26.23
CA ILE G 26 30.53 -7.53 27.41
C ILE G 26 31.97 -7.27 27.01
N GLY G 27 32.51 -8.06 26.08
CA GLY G 27 33.87 -7.86 25.64
C GLY G 27 34.08 -6.50 24.97
N LEU G 28 33.12 -6.06 24.16
CA LEU G 28 33.22 -4.77 23.49
C LEU G 28 32.80 -3.61 24.37
N GLY G 29 32.49 -3.85 25.64
CA GLY G 29 32.34 -2.77 26.61
C GLY G 29 30.94 -2.28 26.88
N TYR G 30 29.91 -3.05 26.53
CA TYR G 30 28.53 -2.67 26.81
C TYR G 30 27.96 -3.54 27.92
N GLU G 31 27.45 -2.91 28.96
CA GLU G 31 26.86 -3.64 30.07
C GLU G 31 25.59 -4.35 29.61
N VAL G 32 25.48 -5.62 30.01
CA VAL G 32 24.51 -6.54 29.46
C VAL G 32 23.82 -7.29 30.59
N TRP G 33 22.50 -7.49 30.46
CA TRP G 33 21.74 -8.29 31.42
C TRP G 33 20.96 -9.36 30.68
N CYS G 34 20.96 -10.57 31.23
CA CYS G 34 20.18 -11.69 30.74
C CYS G 34 20.02 -12.71 31.86
N ASP G 35 19.02 -13.59 31.70
CA ASP G 35 18.80 -14.64 32.70
C ASP G 35 19.96 -15.63 32.73
N ILE G 36 20.46 -16.02 31.56
CA ILE G 36 21.57 -16.97 31.51
C ILE G 36 22.83 -16.35 32.09
N LEU G 37 23.03 -15.04 31.86
CA LEU G 37 24.23 -14.37 32.34
C LEU G 37 24.32 -14.40 33.86
N PHE G 38 23.20 -14.21 34.55
CA PHE G 38 23.19 -14.17 36.01
C PHE G 38 22.85 -15.55 36.56
N LEU G 39 23.60 -15.97 37.57
CA LEU G 39 23.37 -17.26 38.21
C LEU G 39 22.20 -17.19 39.20
N ASP G 44 12.98 -11.36 44.17
CA ASP G 44 12.93 -12.57 43.37
C ASP G 44 13.51 -12.32 41.97
N PHE G 45 13.50 -13.36 41.14
CA PHE G 45 14.04 -13.23 39.79
C PHE G 45 13.21 -12.25 38.96
N TRP G 46 11.88 -12.38 39.01
CA TRP G 46 11.03 -11.48 38.23
C TRP G 46 11.07 -10.06 38.78
N SER G 47 11.19 -9.90 40.09
CA SER G 47 11.36 -8.57 40.66
C SER G 47 12.64 -7.92 40.14
N THR G 48 13.72 -8.69 40.05
CA THR G 48 14.96 -8.18 39.48
C THR G 48 14.78 -7.85 38.00
N ILE G 49 14.01 -8.66 37.28
CA ILE G 49 13.77 -8.39 35.86
C ILE G 49 13.06 -7.05 35.69
N GLU G 50 12.00 -6.82 36.48
CA GLU G 50 11.30 -5.54 36.43
C GLU G 50 12.21 -4.39 36.84
N LYS G 51 13.02 -4.61 37.88
CA LYS G 51 13.94 -3.57 38.35
C LYS G 51 14.91 -3.16 37.25
N GLU G 52 15.48 -4.13 36.56
CA GLU G 52 16.44 -3.83 35.50
C GLU G 52 15.76 -3.21 34.28
N ILE G 53 14.57 -3.70 33.91
CA ILE G 53 13.90 -3.20 32.71
C ILE G 53 13.43 -1.77 32.92
N ARG G 54 12.86 -1.46 34.09
CA ARG G 54 12.31 -0.14 34.31
C ARG G 54 13.37 0.88 34.73
N GLU G 55 14.04 0.63 35.86
CA GLU G 55 14.87 1.66 36.47
C GLU G 55 16.13 1.93 35.64
N ASN G 56 16.86 0.88 35.26
CA ASN G 56 18.19 1.05 34.69
C ASN G 56 18.35 0.13 33.47
N THR G 57 18.05 0.66 32.29
CA THR G 57 18.41 0.01 31.03
C THR G 57 18.36 1.06 29.94
N CYS G 58 19.10 0.80 28.86
CA CYS G 58 19.19 1.72 27.73
C CYS G 58 18.52 1.16 26.48
N LYS G 59 18.83 -0.08 26.12
CA LYS G 59 18.22 -0.73 24.96
C LYS G 59 17.71 -2.11 25.38
N PHE G 60 16.76 -2.62 24.61
CA PHE G 60 16.09 -3.89 24.89
C PHE G 60 16.11 -4.72 23.62
N LEU G 61 17.07 -5.63 23.50
CA LEU G 61 17.13 -6.53 22.35
C LEU G 61 16.29 -7.77 22.64
N ILE G 62 15.32 -8.04 21.79
CA ILE G 62 14.45 -9.19 21.94
C ILE G 62 14.76 -10.18 20.84
N VAL G 63 15.09 -11.41 21.23
CA VAL G 63 15.33 -12.46 20.25
C VAL G 63 14.02 -12.87 19.61
N SER G 64 14.01 -12.92 18.28
CA SER G 64 12.78 -13.09 17.51
C SER G 64 12.77 -14.41 16.74
N SER G 65 13.20 -15.50 17.37
CA SER G 65 13.09 -16.81 16.77
C SER G 65 11.64 -17.30 16.82
N THR G 66 11.42 -18.49 16.27
CA THR G 66 10.08 -19.07 16.29
C THR G 66 9.61 -19.34 17.73
N ALA G 67 10.50 -19.86 18.56
CA ALA G 67 10.15 -20.13 19.95
C ALA G 67 10.18 -18.87 20.81
N GLY G 68 11.09 -17.94 20.51
CA GLY G 68 11.29 -16.78 21.35
C GLY G 68 10.36 -15.61 21.13
N ASN G 69 9.40 -15.70 20.21
CA ASN G 69 8.49 -14.61 19.96
C ASN G 69 7.09 -14.84 20.51
N LYS G 70 6.79 -16.03 21.05
CA LYS G 70 5.47 -16.33 21.56
C LYS G 70 5.48 -16.91 22.97
N ARG G 71 6.65 -17.17 23.55
CA ARG G 71 6.70 -17.68 24.91
C ARG G 71 6.24 -16.63 25.91
N GLU G 72 5.66 -17.09 27.02
CA GLU G 72 5.02 -16.18 27.96
C GLU G 72 6.03 -15.24 28.61
N GLY G 73 7.16 -15.76 29.07
CA GLY G 73 8.10 -14.93 29.81
C GLY G 73 8.69 -13.82 28.96
N VAL G 74 9.13 -14.15 27.75
CA VAL G 74 9.64 -13.13 26.84
C VAL G 74 8.52 -12.16 26.47
N LEU G 75 7.29 -12.64 26.35
CA LEU G 75 6.17 -11.75 26.05
C LEU G 75 5.97 -10.72 27.15
N LYS G 76 6.01 -11.15 28.42
CA LYS G 76 5.82 -10.20 29.51
C LYS G 76 7.01 -9.25 29.62
N GLU G 77 8.23 -9.75 29.42
CA GLU G 77 9.39 -8.86 29.41
C GLU G 77 9.29 -7.83 28.30
N LEU G 78 8.82 -8.24 27.12
CA LEU G 78 8.62 -7.32 26.02
C LEU G 78 7.53 -6.30 26.35
N ALA G 79 6.46 -6.74 27.01
CA ALA G 79 5.37 -5.82 27.36
C ALA G 79 5.87 -4.74 28.32
N VAL G 80 6.56 -5.13 29.38
CA VAL G 80 7.09 -4.13 30.30
C VAL G 80 8.13 -3.28 29.60
N ALA G 81 8.86 -3.86 28.64
CA ALA G 81 9.83 -3.09 27.86
C ALA G 81 9.14 -1.98 27.06
N THR G 82 8.01 -2.29 26.43
CA THR G 82 7.29 -1.25 25.71
C THR G 82 6.71 -0.21 26.66
N LYS G 83 6.30 -0.64 27.86
CA LYS G 83 5.82 0.34 28.83
C LYS G 83 6.93 1.31 29.23
N VAL G 84 8.13 0.79 29.52
CA VAL G 84 9.21 1.70 29.90
C VAL G 84 9.67 2.50 28.68
N LYS G 85 9.51 1.95 27.47
CA LYS G 85 9.77 2.74 26.27
C LYS G 85 8.84 3.93 26.17
N LYS G 86 7.54 3.71 26.40
CA LYS G 86 6.59 4.80 26.38
C LYS G 86 6.95 5.85 27.43
N HIS G 87 7.36 5.38 28.62
CA HIS G 87 7.75 6.30 29.68
C HIS G 87 8.99 7.10 29.30
N LEU G 88 9.92 6.46 28.60
CA LEU G 88 11.18 7.10 28.23
C LEU G 88 11.03 8.01 27.02
N GLN G 89 9.89 7.93 26.33
CA GLN G 89 9.54 8.71 25.14
C GLN G 89 10.61 8.66 24.04
N ASP G 90 11.32 7.54 23.87
CA ASP G 90 12.27 7.40 22.78
C ASP G 90 11.93 6.16 21.96
N ASP G 91 11.78 6.34 20.64
CA ASP G 91 11.48 5.22 19.75
C ASP G 91 12.68 4.30 19.55
N MET G 92 13.88 4.72 19.95
CA MET G 92 15.09 3.93 19.75
C MET G 92 15.41 3.12 21.01
N PHE G 93 14.45 2.28 21.42
CA PHE G 93 14.62 1.46 22.61
C PHE G 93 14.70 -0.03 22.28
N ILE G 94 13.65 -0.59 21.68
CA ILE G 94 13.52 -2.02 21.53
C ILE G 94 14.01 -2.43 20.15
N ILE G 95 14.84 -3.46 20.10
CA ILE G 95 15.44 -3.93 18.86
C ILE G 95 15.18 -5.43 18.72
N PRO G 96 14.38 -5.86 17.74
CA PRO G 96 14.23 -7.30 17.48
C PRO G 96 15.42 -7.84 16.70
N LEU G 97 15.91 -9.00 17.15
CA LEU G 97 16.99 -9.71 16.47
C LEU G 97 16.41 -11.00 15.89
N ALA G 98 16.04 -10.96 14.62
CA ALA G 98 15.44 -12.10 13.94
C ALA G 98 16.55 -13.06 13.51
N ILE G 99 16.52 -14.28 14.01
CA ILE G 99 17.59 -15.26 13.78
C ILE G 99 17.11 -16.51 13.07
N ASP G 100 15.80 -16.72 12.95
CA ASP G 100 15.25 -18.01 12.61
C ASP G 100 14.86 -18.03 11.15
N GLU G 101 15.38 -19.01 10.41
CA GLU G 101 15.07 -19.13 8.99
C GLU G 101 13.59 -19.45 8.76
N ASN G 102 13.04 -20.35 9.58
CA ASN G 102 11.64 -20.76 9.38
C ASN G 102 10.69 -19.61 9.65
N LEU G 103 11.00 -18.76 10.63
CA LEU G 103 10.14 -17.63 10.97
C LEU G 103 10.42 -16.50 9.99
N SER G 104 9.41 -16.16 9.18
CA SER G 104 9.52 -15.05 8.26
C SER G 104 9.28 -13.73 9.00
N TYR G 105 9.31 -12.62 8.26
CA TYR G 105 8.95 -11.34 8.85
C TYR G 105 7.46 -11.21 9.06
N ASP G 106 6.65 -12.05 8.41
CA ASP G 106 5.27 -12.23 8.79
C ASP G 106 5.19 -13.22 9.95
N ASP G 107 3.98 -13.41 10.48
CA ASP G 107 3.71 -14.30 11.61
C ASP G 107 4.42 -13.85 12.89
N ILE G 108 5.10 -12.71 12.86
CA ILE G 108 5.80 -12.23 14.05
C ILE G 108 4.81 -11.50 14.96
N ASN G 109 5.21 -11.33 16.21
CA ASN G 109 4.33 -10.75 17.22
C ASN G 109 3.97 -9.31 16.87
N ILE G 110 2.75 -8.90 17.24
CA ILE G 110 2.32 -7.53 17.02
C ILE G 110 3.24 -6.55 17.76
N GLU G 111 3.69 -6.91 18.95
CA GLU G 111 4.37 -5.92 19.76
C GLU G 111 5.73 -5.56 19.19
N ILE G 112 6.18 -6.30 18.17
CA ILE G 112 7.50 -6.10 17.58
C ILE G 112 7.38 -6.02 16.06
N VAL G 113 6.21 -6.33 15.52
CA VAL G 113 6.01 -6.25 14.07
C VAL G 113 6.15 -4.81 13.59
N ARG G 114 5.80 -3.84 14.43
CA ARG G 114 5.88 -2.44 14.07
C ARG G 114 7.33 -1.98 13.94
N LEU G 115 8.26 -2.67 14.56
CA LEU G 115 9.65 -2.22 14.68
C LEU G 115 10.54 -2.87 13.64
N ASN G 116 11.70 -2.26 13.43
CA ASN G 116 12.65 -2.72 12.42
C ASN G 116 13.60 -3.75 13.03
N ALA G 117 13.59 -4.97 12.47
CA ALA G 117 14.43 -6.03 12.99
C ALA G 117 15.85 -5.93 12.44
N ILE G 118 16.76 -6.63 13.09
CA ILE G 118 18.15 -6.75 12.64
C ILE G 118 18.32 -8.16 12.08
N ASP G 119 18.76 -8.24 10.83
CA ASP G 119 18.79 -9.51 10.11
C ASP G 119 19.95 -10.36 10.63
N PHE G 120 19.67 -11.24 11.58
CA PHE G 120 20.62 -12.25 12.01
C PHE G 120 20.40 -13.59 11.34
N LYS G 121 19.46 -13.66 10.39
CA LYS G 121 19.18 -14.94 9.73
C LYS G 121 20.41 -15.49 9.02
N LYS G 122 21.13 -14.62 8.31
CA LYS G 122 22.37 -15.00 7.64
C LYS G 122 23.54 -14.25 8.27
N SER G 123 24.63 -14.97 8.55
CA SER G 123 25.90 -14.36 8.93
C SER G 123 25.75 -13.52 10.20
N TRP G 124 25.57 -14.22 11.33
CA TRP G 124 25.42 -13.61 12.64
C TRP G 124 26.38 -12.44 12.89
N ALA G 125 27.57 -12.47 12.28
CA ALA G 125 28.50 -11.37 12.46
C ALA G 125 28.06 -10.11 11.75
N LYS G 126 27.37 -10.23 10.61
CA LYS G 126 26.82 -9.04 9.97
C LYS G 126 25.73 -8.43 10.84
N GLY G 127 24.91 -9.26 11.48
CA GLY G 127 23.95 -8.74 12.45
C GLY G 127 24.64 -8.12 13.65
N LEU G 128 25.78 -8.69 14.06
CA LEU G 128 26.54 -8.11 15.17
C LEU G 128 27.07 -6.73 14.80
N GLN G 129 27.56 -6.58 13.56
CA GLN G 129 28.01 -5.27 13.08
C GLN G 129 26.85 -4.28 13.01
N ASP G 130 25.68 -4.76 12.57
CA ASP G 130 24.49 -3.91 12.59
C ASP G 130 24.17 -3.45 14.00
N LEU G 131 24.23 -4.37 14.97
CA LEU G 131 24.01 -4.00 16.36
C LEU G 131 25.03 -2.96 16.81
N LEU G 132 26.29 -3.16 16.47
CA LEU G 132 27.35 -2.26 16.93
C LEU G 132 27.17 -0.85 16.36
N ASP G 133 27.00 -0.73 15.04
CA ASP G 133 26.91 0.62 14.50
C ASP G 133 25.55 1.27 14.79
N ALA G 134 24.50 0.48 15.04
CA ALA G 134 23.27 1.06 15.57
C ALA G 134 23.49 1.62 16.98
N PHE G 135 24.23 0.88 17.81
CA PHE G 135 24.52 1.37 19.16
C PHE G 135 25.36 2.63 19.12
N GLU G 136 26.37 2.67 18.24
CA GLU G 136 27.17 3.88 18.09
C GLU G 136 26.34 5.04 17.56
N LYS G 137 25.40 4.75 16.65
CA LYS G 137 24.53 5.81 16.13
C LYS G 137 23.57 6.33 17.20
N GLN G 138 23.20 5.49 18.16
CA GLN G 138 22.26 5.87 19.21
C GLN G 138 22.96 6.25 20.51
N ASN G 139 24.28 6.46 20.47
CA ASN G 139 25.05 6.90 21.64
C ASN G 139 24.88 5.95 22.82
N VAL G 140 24.83 4.65 22.52
CA VAL G 140 24.70 3.64 23.57
C VAL G 140 26.01 3.57 24.35
N PRO G 141 25.99 3.80 25.67
CA PRO G 141 27.19 3.78 26.52
C PRO G 141 27.46 2.41 27.12
N PRO G 144 36.32 2.35 26.31
CA PRO G 144 37.36 1.43 26.79
C PRO G 144 36.87 -0.02 26.86
N PRO G 145 36.86 -0.71 25.72
CA PRO G 145 36.45 -2.11 25.71
C PRO G 145 37.57 -3.02 26.17
N ASP G 146 37.25 -3.94 27.07
CA ASP G 146 38.22 -4.86 27.65
C ASP G 146 37.63 -6.27 27.62
N HIS G 147 38.21 -7.14 26.78
CA HIS G 147 37.76 -8.51 26.70
C HIS G 147 38.13 -9.35 27.92
N SER G 148 38.98 -8.81 28.81
CA SER G 148 39.35 -9.56 30.00
C SER G 148 38.16 -9.74 30.94
N LYS G 149 37.23 -8.79 30.98
CA LYS G 149 36.04 -8.95 31.79
C LYS G 149 35.23 -10.16 31.35
N SER G 150 34.97 -10.27 30.05
CA SER G 150 34.27 -11.45 29.54
C SER G 150 35.10 -12.71 29.72
N ASN G 151 36.43 -12.60 29.61
CA ASN G 151 37.28 -13.77 29.79
C ASN G 151 37.16 -14.31 31.21
N LEU G 152 37.16 -13.44 32.21
CA LEU G 152 37.01 -13.88 33.59
C LEU G 152 35.58 -14.23 33.95
N LEU G 153 34.60 -13.71 33.21
CA LEU G 153 33.20 -14.03 33.46
C LEU G 153 32.76 -15.33 32.81
N TYR G 154 33.45 -15.79 31.76
CA TYR G 154 33.00 -16.95 31.01
C TYR G 154 32.96 -18.20 31.89
N GLN G 155 34.00 -18.42 32.70
CA GLN G 155 34.05 -19.61 33.53
C GLN G 155 33.26 -19.48 34.83
N GLN G 156 32.85 -18.28 35.22
CA GLN G 156 32.08 -18.14 36.44
C GLN G 156 30.70 -18.78 36.32
N ILE G 157 29.99 -18.50 35.23
CA ILE G 157 28.63 -18.97 35.04
C ILE G 157 28.57 -20.19 34.14
N PHE G 158 29.26 -20.15 33.00
CA PHE G 158 29.14 -21.20 32.00
C PHE G 158 29.97 -22.44 32.33
N LEU G 159 30.94 -22.32 33.25
CA LEU G 159 31.79 -23.45 33.65
C LEU G 159 31.79 -23.53 35.18
N HIS G 160 30.76 -24.14 35.75
CA HIS G 160 30.72 -24.34 37.19
C HIS G 160 30.39 -25.79 37.50
N ASP G 161 29.59 -26.42 36.66
CA ASP G 161 29.44 -27.86 36.66
C ASP G 161 30.47 -28.54 35.78
N LYS G 162 31.32 -27.76 35.12
CA LYS G 162 32.30 -28.24 34.14
C LYS G 162 33.67 -27.69 34.57
N GLN G 163 34.33 -28.40 35.48
CA GLN G 163 35.60 -27.96 36.03
C GLN G 163 36.25 -29.12 36.75
N ALA G 164 37.53 -28.95 37.09
CA ALA G 164 38.29 -29.95 37.84
C ALA G 164 38.32 -29.52 39.30
N ILE G 165 37.34 -29.98 40.06
CA ILE G 165 37.29 -29.68 41.50
C ILE G 165 38.12 -30.69 42.26
N GLU G 166 38.76 -30.24 43.33
CA GLU G 166 39.66 -31.10 44.10
C GLU G 166 38.85 -32.14 44.87
N LYS G 167 39.14 -33.41 44.62
CA LYS G 167 38.48 -34.52 45.30
C LYS G 167 39.30 -35.78 45.05
N GLU G 168 39.43 -36.62 46.09
CA GLU G 168 40.17 -37.85 45.97
C GLU G 168 39.37 -38.87 45.18
N GLU G 169 40.01 -39.51 44.20
CA GLU G 169 39.33 -40.43 43.30
C GLU G 169 40.14 -41.71 43.15
N THR G 170 39.43 -42.83 43.01
CA THR G 170 40.02 -44.17 42.97
C THR G 170 39.87 -44.77 41.59
N TYR G 171 40.83 -45.63 41.23
CA TYR G 171 40.97 -46.14 39.86
C TYR G 171 41.33 -47.62 39.89
N ASP G 172 40.48 -48.44 39.24
CA ASP G 172 40.82 -49.82 38.90
C ASP G 172 41.58 -49.82 37.59
N SER G 173 42.87 -50.18 37.63
CA SER G 173 43.67 -50.22 36.42
C SER G 173 43.49 -51.57 35.72
N ASN G 174 44.14 -51.69 34.56
CA ASN G 174 44.16 -52.96 33.83
C ASN G 174 45.38 -53.80 34.20
N TRP G 175 46.27 -53.25 35.03
CA TRP G 175 47.49 -53.93 35.43
C TRP G 175 47.18 -54.86 36.61
N PHE G 176 47.46 -56.15 36.46
CA PHE G 176 47.23 -57.07 37.57
C PHE G 176 48.56 -57.57 38.11
N PRO G 177 48.90 -57.26 39.36
CA PRO G 177 50.21 -57.63 39.88
C PRO G 177 50.34 -59.12 40.12
N ILE G 178 51.57 -59.58 40.14
CA ILE G 178 51.88 -60.99 40.41
C ILE G 178 52.19 -61.14 41.89
N ILE G 179 51.35 -61.89 42.59
CA ILE G 179 51.47 -61.99 44.05
C ILE G 179 52.79 -62.67 44.42
N SER G 180 53.10 -63.78 43.76
CA SER G 180 54.30 -64.53 44.09
C SER G 180 54.81 -65.25 42.86
N PHE G 181 56.07 -65.66 42.92
CA PHE G 181 56.76 -66.35 41.84
C PHE G 181 57.41 -67.60 42.40
N PRO G 182 57.65 -68.60 41.56
CA PRO G 182 58.46 -69.74 41.99
C PRO G 182 59.84 -69.28 42.43
N ASN G 183 60.33 -69.88 43.52
CA ASN G 183 61.58 -69.40 44.12
C ASN G 183 62.76 -69.61 43.18
N GLU G 184 62.79 -70.73 42.47
CA GLU G 184 63.94 -71.10 41.63
C GLU G 184 63.53 -71.16 40.17
N LEU G 185 64.29 -70.49 39.32
CA LEU G 185 64.21 -70.65 37.87
C LEU G 185 65.32 -71.60 37.46
N ARG G 186 64.96 -72.75 36.90
CA ARG G 186 65.88 -73.86 36.71
C ARG G 186 66.14 -74.08 35.23
N PHE G 187 67.42 -74.26 34.89
CA PHE G 187 67.87 -74.60 33.56
C PHE G 187 68.38 -76.04 33.59
N HIS G 188 67.79 -76.89 32.77
CA HIS G 188 68.07 -78.32 32.78
C HIS G 188 68.95 -78.67 31.58
N ARG G 189 70.03 -79.41 31.83
CA ARG G 189 70.97 -79.79 30.78
C ARG G 189 70.36 -80.92 29.96
N TYR G 190 69.46 -80.53 29.07
CA TYR G 190 68.71 -81.47 28.23
C TYR G 190 69.39 -81.64 26.88
N ASP G 191 70.65 -82.08 26.93
CA ASP G 191 71.48 -82.13 25.74
C ASP G 191 70.95 -83.16 24.74
N TRP G 192 70.70 -84.39 25.19
CA TRP G 192 70.21 -85.44 24.32
C TRP G 192 68.85 -86.00 24.73
N ARG G 193 68.44 -85.84 25.99
CA ARG G 193 67.11 -86.29 26.40
C ARG G 193 66.03 -85.49 25.68
N LEU G 194 66.22 -84.19 25.55
CA LEU G 194 65.30 -83.36 24.77
C LEU G 194 65.58 -83.55 23.28
N PRO G 195 64.58 -83.94 22.47
CA PRO G 195 64.80 -84.03 21.03
C PRO G 195 65.18 -82.68 20.45
N LYS G 196 66.10 -82.70 19.47
CA LYS G 196 66.58 -81.47 18.87
C LYS G 196 65.47 -80.75 18.11
N GLN G 197 64.64 -81.49 17.38
CA GLN G 197 63.57 -80.92 16.58
C GLN G 197 62.25 -80.82 17.33
N PHE G 198 62.22 -81.19 18.61
CA PHE G 198 60.97 -81.12 19.37
C PHE G 198 60.56 -79.67 19.59
N ASP G 199 59.25 -79.44 19.65
CA ASP G 199 58.70 -78.12 19.90
C ASP G 199 58.48 -77.95 21.40
N VAL G 200 59.24 -77.05 22.02
CA VAL G 200 59.12 -76.83 23.45
C VAL G 200 57.79 -76.17 23.81
N ARG G 201 57.14 -75.52 22.84
CA ARG G 201 55.81 -74.97 23.10
C ARG G 201 54.75 -76.05 23.22
N THR G 202 54.95 -77.20 22.55
CA THR G 202 54.03 -78.33 22.66
C THR G 202 54.30 -79.18 23.89
N LEU G 203 55.33 -78.86 24.67
CA LEU G 203 55.52 -79.51 25.95
C LEU G 203 54.30 -79.31 26.82
N ALA G 204 54.07 -80.27 27.73
CA ALA G 204 52.92 -80.19 28.62
C ALA G 204 53.03 -79.00 29.56
N PHE G 205 54.21 -78.43 29.72
CA PHE G 205 54.43 -77.45 30.76
C PHE G 205 55.40 -76.42 30.21
N PRO G 206 55.30 -75.16 30.63
CA PRO G 206 56.13 -74.09 30.02
C PRO G 206 57.63 -74.35 30.16
N ALA G 207 58.34 -74.26 29.04
CA ALA G 207 59.79 -74.41 29.02
C ALA G 207 60.34 -73.81 27.73
N ILE G 208 61.57 -73.26 27.80
CA ILE G 208 62.20 -72.60 26.66
C ILE G 208 63.55 -73.23 26.39
N ARG G 209 63.87 -73.41 25.11
CA ARG G 209 65.16 -73.97 24.70
C ARG G 209 66.16 -72.83 24.55
N TYR G 210 67.01 -72.63 25.56
CA TYR G 210 68.01 -71.57 25.54
C TYR G 210 69.36 -72.17 25.91
N LYS G 211 70.35 -71.97 25.03
CA LYS G 211 71.76 -72.34 25.28
C LYS G 211 71.88 -73.79 25.75
N GLU G 212 71.51 -74.71 24.87
CA GLU G 212 71.49 -76.15 25.13
C GLU G 212 70.92 -76.48 26.50
N TYR G 213 69.99 -75.65 26.97
CA TYR G 213 69.38 -75.80 28.28
C TYR G 213 67.88 -75.61 28.14
N LEU G 214 67.14 -76.19 29.08
CA LEU G 214 65.70 -76.04 29.17
C LEU G 214 65.39 -75.14 30.36
N CYS G 215 64.93 -73.92 30.09
CA CYS G 215 64.61 -72.94 31.11
C CYS G 215 63.15 -73.06 31.50
N THR G 216 62.89 -73.26 32.78
CA THR G 216 61.52 -73.38 33.27
C THR G 216 61.50 -73.19 34.78
N PHE G 217 60.31 -72.95 35.31
CA PHE G 217 60.12 -72.91 36.76
C PHE G 217 59.66 -74.26 37.31
N ALA G 218 59.53 -75.28 36.47
CA ALA G 218 59.06 -76.59 36.88
C ALA G 218 60.23 -77.51 37.23
N TRP G 219 59.89 -78.65 37.81
CA TRP G 219 60.91 -79.64 38.16
C TRP G 219 61.44 -80.33 36.91
N GLU G 220 62.67 -80.84 37.01
CA GLU G 220 63.31 -81.47 35.86
C GLU G 220 62.66 -82.79 35.47
N TYR G 221 61.98 -83.46 36.39
CA TYR G 221 61.29 -84.70 36.09
C TYR G 221 59.82 -84.49 35.73
N ASP G 222 59.37 -83.25 35.62
CA ASP G 222 57.98 -82.99 35.23
C ASP G 222 57.72 -83.44 33.81
N PHE G 223 58.67 -83.19 32.90
CA PHE G 223 58.49 -83.51 31.48
C PHE G 223 58.90 -84.97 31.27
N ILE G 224 57.95 -85.87 31.56
CA ILE G 224 58.15 -87.31 31.43
C ILE G 224 57.13 -87.95 30.51
N HIS G 225 55.85 -87.59 30.64
CA HIS G 225 54.79 -88.22 29.87
C HIS G 225 55.03 -88.05 28.37
N GLN G 226 55.28 -86.82 27.93
CA GLN G 226 55.60 -86.56 26.53
C GLN G 226 57.09 -86.65 26.24
N LEU G 227 57.92 -86.83 27.26
CA LEU G 227 59.37 -86.88 27.12
C LEU G 227 59.91 -88.10 27.86
N PRO G 228 59.67 -89.30 27.33
CA PRO G 228 60.10 -90.52 28.05
C PRO G 228 61.60 -90.61 28.29
N LYS G 229 62.42 -90.13 27.35
CA LYS G 229 63.87 -90.26 27.47
C LYS G 229 64.45 -89.36 28.55
N THR G 230 63.69 -88.43 29.09
CA THR G 230 64.21 -87.42 30.01
C THR G 230 64.27 -87.91 31.45
N GLU G 231 63.82 -89.12 31.74
CA GLU G 231 63.91 -89.67 33.08
C GLU G 231 65.36 -90.00 33.42
N THR G 232 65.62 -90.19 34.71
CA THR G 232 66.95 -90.53 35.23
C THR G 232 67.99 -89.49 34.83
N TYR G 233 67.61 -88.22 34.89
CA TYR G 233 68.51 -87.12 34.58
C TYR G 233 69.03 -86.52 35.88
N ASN G 234 70.34 -86.35 35.97
CA ASN G 234 70.96 -85.88 37.20
C ASN G 234 70.57 -84.43 37.49
N GLY G 235 70.18 -84.17 38.74
CA GLY G 235 69.75 -82.83 39.12
C GLY G 235 70.87 -81.83 39.34
N GLN G 236 72.10 -82.31 39.55
CA GLN G 236 73.21 -81.39 39.77
C GLN G 236 73.54 -80.60 38.51
N GLU G 237 73.28 -81.17 37.33
CA GLU G 237 73.59 -80.47 36.09
C GLU G 237 72.71 -79.25 35.90
N SER G 238 71.47 -79.30 36.41
CA SER G 238 70.59 -78.14 36.34
C SER G 238 71.13 -76.99 37.17
N ILE G 239 71.01 -75.78 36.64
CA ILE G 239 71.44 -74.56 37.32
C ILE G 239 70.19 -73.80 37.73
N ARG G 240 70.07 -73.50 39.03
CA ARG G 240 68.89 -72.85 39.57
C ARG G 240 69.25 -71.45 40.04
N ILE G 241 68.49 -70.46 39.60
CA ILE G 241 68.72 -69.06 39.92
C ILE G 241 67.56 -68.55 40.77
N SER G 242 67.88 -67.75 41.78
CA SER G 242 66.85 -67.15 42.61
C SER G 242 66.02 -66.18 41.79
N THR G 243 64.70 -66.40 41.78
CA THR G 243 63.82 -65.55 40.98
C THR G 243 63.81 -64.12 41.50
N SER G 244 63.88 -63.95 42.82
CA SER G 244 63.88 -62.61 43.40
C SER G 244 65.08 -61.79 42.93
N ASP G 245 66.25 -62.43 42.86
CA ASP G 245 67.44 -61.73 42.37
C ASP G 245 67.27 -61.30 40.92
N ILE G 246 66.66 -62.16 40.09
CA ILE G 246 66.43 -61.81 38.69
C ILE G 246 65.46 -60.63 38.59
N LEU G 247 64.37 -60.69 39.36
CA LEU G 247 63.36 -59.64 39.29
C LEU G 247 63.91 -58.30 39.79
N SER G 248 64.68 -58.32 40.87
CA SER G 248 65.22 -57.09 41.43
C SER G 248 66.37 -56.52 40.61
N GLY G 249 66.88 -57.26 39.64
CA GLY G 249 68.00 -56.78 38.83
C GLY G 249 69.36 -56.98 39.45
N ARG G 250 69.45 -57.65 40.60
CA ARG G 250 70.74 -57.87 41.23
C ARG G 250 71.55 -58.93 40.49
N TYR G 251 70.90 -60.01 40.06
CA TYR G 251 71.60 -61.11 39.42
C TYR G 251 72.04 -60.72 38.01
N ASP G 252 73.33 -60.90 37.73
CA ASP G 252 73.86 -60.66 36.39
C ASP G 252 75.16 -61.45 36.26
N THR G 253 75.14 -62.48 35.41
CA THR G 253 76.30 -63.33 35.19
C THR G 253 76.48 -63.56 33.69
N ASP G 254 77.64 -64.12 33.34
CA ASP G 254 77.94 -64.42 31.94
C ASP G 254 77.05 -65.53 31.38
N PHE G 255 76.53 -66.40 32.24
CA PHE G 255 75.69 -67.50 31.75
C PHE G 255 74.42 -66.97 31.09
N ILE G 256 73.69 -66.11 31.80
CA ILE G 256 72.49 -65.49 31.26
C ILE G 256 72.46 -64.03 31.69
N ARG G 257 72.12 -63.15 30.76
CA ARG G 257 72.10 -61.73 31.05
C ARG G 257 70.83 -61.36 31.83
N ASN G 258 70.90 -60.23 32.53
CA ASN G 258 69.78 -59.79 33.35
C ASN G 258 68.55 -59.51 32.49
N TYR G 259 68.72 -58.73 31.42
CA TYR G 259 67.61 -58.45 30.53
C TYR G 259 67.11 -59.72 29.86
N GLU G 260 68.03 -60.59 29.44
CA GLU G 260 67.63 -61.86 28.83
C GLU G 260 66.90 -62.75 29.84
N CYS G 261 67.37 -62.78 31.08
CA CYS G 261 66.70 -63.59 32.09
C CYS G 261 65.28 -63.08 32.35
N GLN G 262 65.12 -61.77 32.46
CA GLN G 262 63.78 -61.21 32.64
C GLN G 262 62.90 -61.47 31.44
N ARG G 263 63.46 -61.38 30.23
CA ARG G 263 62.69 -61.68 29.03
C ARG G 263 62.24 -63.14 28.99
N LEU G 264 63.13 -64.06 29.38
CA LEU G 264 62.76 -65.47 29.44
C LEU G 264 61.68 -65.70 30.50
N ILE G 265 61.79 -65.01 31.64
CA ILE G 265 60.76 -65.12 32.67
C ILE G 265 59.42 -64.65 32.14
N VAL G 266 59.42 -63.53 31.40
CA VAL G 266 58.18 -63.01 30.81
C VAL G 266 57.61 -64.01 29.81
N GLN G 267 58.47 -64.63 29.01
CA GLN G 267 58.01 -65.63 28.05
C GLN G 267 57.40 -66.83 28.77
N LEU G 268 58.01 -67.26 29.88
CA LEU G 268 57.41 -68.33 30.67
C LEU G 268 56.06 -67.93 31.25
N ILE G 269 55.94 -66.68 31.68
CA ILE G 269 54.65 -66.19 32.20
C ILE G 269 53.58 -66.28 31.13
N ASN G 270 53.92 -65.81 29.92
CA ASN G 270 52.95 -65.84 28.82
C ASN G 270 52.60 -67.28 28.43
N LYS G 271 53.60 -68.16 28.37
CA LYS G 271 53.35 -69.55 28.04
C LYS G 271 52.46 -70.21 29.08
N ALA G 272 52.73 -69.96 30.37
CA ALA G 272 51.93 -70.53 31.44
C ALA G 272 50.50 -70.01 31.39
N PHE G 273 50.33 -68.72 31.09
CA PHE G 273 48.98 -68.17 30.97
C PHE G 273 48.21 -68.84 29.84
N GLU G 274 48.85 -68.99 28.67
CA GLU G 274 48.17 -69.59 27.54
C GLU G 274 47.83 -71.04 27.83
N LEU G 275 48.76 -71.78 28.45
CA LEU G 275 48.53 -73.19 28.76
C LEU G 275 47.43 -73.35 29.82
N ARG G 276 47.43 -72.47 30.82
CA ARG G 276 46.38 -72.50 31.83
C ARG G 276 45.01 -72.21 31.23
N MET G 277 44.95 -71.28 30.29
CA MET G 277 43.67 -70.86 29.73
C MET G 277 42.94 -71.99 29.03
N LYS G 278 43.68 -73.00 28.53
CA LYS G 278 43.03 -74.17 27.96
C LYS G 278 42.22 -74.91 29.02
N ASP G 279 42.72 -74.94 30.26
CA ASP G 279 42.02 -75.56 31.37
C ASP G 279 41.02 -74.63 32.04
N LYS G 280 41.08 -73.33 31.75
CA LYS G 280 40.23 -72.34 32.42
C LYS G 280 38.82 -72.26 31.84
N ASN G 281 38.38 -73.27 31.08
CA ASN G 281 37.00 -73.36 30.59
C ASN G 281 36.62 -72.11 29.79
N VAL G 282 37.38 -71.86 28.74
CA VAL G 282 37.25 -70.63 27.95
C VAL G 282 37.88 -70.85 26.59
N ARG G 283 37.23 -70.32 25.56
CA ARG G 283 37.70 -70.46 24.19
C ARG G 283 38.71 -69.37 23.84
N GLU G 284 39.45 -69.62 22.76
CA GLU G 284 40.53 -68.73 22.35
C GLU G 284 40.36 -68.34 20.88
N TYR G 285 40.92 -67.18 20.54
CA TYR G 285 40.89 -66.64 19.18
C TYR G 285 42.25 -66.02 18.88
N GLN G 286 42.56 -65.89 17.60
CA GLN G 286 43.88 -65.44 17.15
C GLN G 286 43.85 -63.94 16.86
N MET G 287 44.28 -63.13 17.83
CA MET G 287 44.56 -61.74 17.55
C MET G 287 45.95 -61.60 16.93
N SER G 288 46.13 -60.53 16.14
CA SER G 288 47.32 -60.39 15.31
C SER G 288 48.61 -60.50 16.11
N LYS G 289 48.57 -60.15 17.39
CA LYS G 289 49.75 -60.23 18.25
C LYS G 289 49.69 -61.33 19.29
N THR G 290 48.51 -61.88 19.59
CA THR G 290 48.39 -62.75 20.75
C THR G 290 47.12 -63.59 20.64
N PHE G 291 46.72 -64.19 21.76
CA PHE G 291 45.51 -65.01 21.84
C PHE G 291 44.50 -64.30 22.72
N ALA G 292 43.24 -64.24 22.28
CA ALA G 292 42.15 -63.59 22.99
C ALA G 292 41.22 -64.63 23.57
N TYR G 293 40.92 -64.50 24.86
CA TYR G 293 40.22 -65.52 25.64
C TYR G 293 38.80 -65.06 25.96
N TRP G 294 37.82 -65.74 25.37
CA TRP G 294 36.41 -65.38 25.52
C TRP G 294 35.58 -66.61 25.86
N ILE G 295 34.47 -66.39 26.56
CA ILE G 295 33.58 -67.45 26.99
C ILE G 295 32.49 -67.67 25.95
N GLU G 296 32.10 -68.92 25.76
CA GLU G 296 31.00 -69.25 24.86
C GLU G 296 29.67 -68.78 25.46
N LYS G 297 28.67 -68.63 24.59
CA LYS G 297 27.35 -68.25 25.03
C LYS G 297 26.65 -69.43 25.71
N GLY G 298 25.97 -69.14 26.81
CA GLY G 298 25.21 -70.15 27.53
C GLY G 298 26.02 -70.99 28.49
N LYS G 299 27.33 -70.78 28.59
CA LYS G 299 28.16 -71.52 29.52
C LYS G 299 28.15 -70.91 30.92
N LEU G 300 27.41 -69.82 31.12
CA LEU G 300 27.26 -69.20 32.42
C LEU G 300 25.78 -69.06 32.76
N GLU G 301 25.49 -69.07 34.06
CA GLU G 301 24.11 -68.90 34.52
C GLU G 301 23.60 -67.52 34.14
N LYS G 302 22.54 -67.50 33.32
CA LYS G 302 21.89 -66.28 32.84
C LYS G 302 22.89 -65.30 32.21
N ASP G 303 24.06 -65.80 31.79
CA ASP G 303 25.12 -65.03 31.16
C ASP G 303 25.64 -63.91 32.08
N LYS G 304 25.44 -64.05 33.38
CA LYS G 304 25.90 -63.07 34.36
C LYS G 304 26.84 -63.75 35.35
N PHE G 305 28.02 -63.17 35.52
CA PHE G 305 28.97 -63.64 36.53
C PHE G 305 29.27 -62.47 37.46
N GLU G 306 29.02 -62.67 38.75
CA GLU G 306 29.17 -61.63 39.78
C GLU G 306 28.38 -60.38 39.36
N LYS G 307 27.13 -60.61 38.95
CA LYS G 307 26.20 -59.56 38.57
C LYS G 307 26.72 -58.69 37.43
N ILE G 308 27.69 -59.18 36.67
CA ILE G 308 28.23 -58.49 35.49
C ILE G 308 28.21 -59.48 34.34
N LYS G 309 27.51 -59.13 33.26
CA LYS G 309 27.43 -60.02 32.12
C LYS G 309 28.74 -60.02 31.33
N LEU G 310 28.98 -61.12 30.61
CA LEU G 310 30.13 -61.24 29.74
C LEU G 310 29.78 -61.72 28.33
N VAL G 311 28.59 -62.28 28.13
CA VAL G 311 28.13 -62.75 26.82
C VAL G 311 26.76 -62.16 26.56
N GLY G 312 26.55 -61.69 25.33
CA GLY G 312 25.26 -61.09 25.00
C GLY G 312 24.96 -61.17 23.52
N LYS G 313 23.82 -60.59 23.14
CA LYS G 313 23.32 -60.65 21.77
C LYS G 313 23.22 -59.25 21.18
N GLN G 314 23.44 -59.17 19.86
CA GLN G 314 23.40 -57.90 19.15
C GLN G 314 23.26 -58.20 17.66
N LYS G 315 22.12 -57.80 17.08
CA LYS G 315 21.81 -57.95 15.66
C LYS G 315 22.12 -59.37 15.17
N ASN G 316 21.35 -60.32 15.72
CA ASN G 316 21.46 -61.76 15.43
C ASN G 316 22.91 -62.24 15.44
N LYS G 317 23.74 -61.58 16.23
CA LYS G 317 25.12 -61.99 16.47
C LYS G 317 25.31 -62.11 17.98
N TYR G 318 26.35 -62.81 18.39
CA TYR G 318 26.63 -63.02 19.80
C TYR G 318 28.01 -62.46 20.12
N TRP G 319 28.05 -61.48 21.02
CA TRP G 319 29.28 -60.86 21.45
C TRP G 319 29.75 -61.48 22.77
N HIS G 320 31.06 -61.71 22.86
CA HIS G 320 31.69 -62.28 24.04
C HIS G 320 32.90 -61.42 24.37
N PHE G 321 32.93 -60.85 25.57
CA PHE G 321 34.04 -60.00 25.95
C PHE G 321 35.24 -60.88 26.31
N GLY G 322 36.33 -60.73 25.56
CA GLY G 322 37.52 -61.53 25.75
C GLY G 322 38.69 -60.71 26.24
N ILE G 323 39.72 -61.41 26.72
CA ILE G 323 40.93 -60.79 27.22
C ILE G 323 42.15 -61.46 26.60
N SER G 324 43.26 -60.73 26.59
CA SER G 324 44.56 -61.23 26.18
C SER G 324 45.60 -60.69 27.14
N ALA G 325 46.50 -61.55 27.61
CA ALA G 325 47.38 -61.19 28.71
C ALA G 325 48.85 -61.28 28.29
N ALA G 326 49.67 -60.43 28.92
CA ALA G 326 51.11 -60.45 28.68
C ALA G 326 51.82 -59.88 29.91
N GLY G 327 52.83 -60.59 30.41
CA GLY G 327 53.51 -60.16 31.61
C GLY G 327 54.73 -59.28 31.35
N LYS G 328 55.14 -58.56 32.40
CA LYS G 328 56.35 -57.75 32.35
C LYS G 328 56.83 -57.51 33.78
N LEU G 329 58.06 -57.01 33.89
CA LEU G 329 58.76 -56.90 35.17
C LEU G 329 59.42 -55.54 35.39
N TYR G 330 59.14 -54.53 34.55
CA TYR G 330 59.87 -53.27 34.68
C TYR G 330 59.48 -52.50 35.93
N PRO G 331 58.21 -52.10 36.14
CA PRO G 331 57.89 -51.37 37.38
C PRO G 331 57.79 -52.31 38.56
N SER G 332 57.26 -53.50 38.32
CA SER G 332 57.06 -54.57 39.28
C SER G 332 56.68 -55.82 38.49
N PRO G 333 56.65 -57.00 39.11
CA PRO G 333 56.12 -58.17 38.37
C PRO G 333 54.62 -58.02 38.19
N VAL G 334 54.19 -57.65 36.98
CA VAL G 334 52.80 -57.34 36.70
C VAL G 334 52.43 -58.02 35.38
N LEU G 335 51.13 -58.15 35.14
CA LEU G 335 50.61 -58.67 33.89
C LEU G 335 49.60 -57.66 33.33
N MET G 336 49.83 -57.22 32.09
CA MET G 336 48.90 -56.35 31.41
C MET G 336 47.83 -57.20 30.73
N VAL G 337 46.57 -56.81 30.92
CA VAL G 337 45.46 -57.40 30.19
C VAL G 337 45.02 -56.41 29.12
N SER G 338 44.43 -56.95 28.06
CA SER G 338 43.86 -56.15 26.98
C SER G 338 42.52 -56.76 26.62
N SER G 339 41.46 -55.97 26.76
CA SER G 339 40.10 -56.46 26.59
C SER G 339 39.58 -56.12 25.20
N HIS G 340 38.97 -57.12 24.55
CA HIS G 340 38.38 -56.97 23.23
C HIS G 340 37.02 -57.65 23.24
N ILE G 341 36.34 -57.62 22.10
CA ILE G 341 35.05 -58.29 21.94
C ILE G 341 35.14 -59.22 20.74
N ILE G 342 34.68 -60.45 20.91
CA ILE G 342 34.68 -61.47 19.86
C ILE G 342 33.24 -61.74 19.46
N PHE G 343 32.97 -61.67 18.17
CA PHE G 343 31.61 -61.83 17.65
C PHE G 343 31.49 -63.15 16.92
N THR G 344 30.41 -63.88 17.21
CA THR G 344 30.15 -65.19 16.62
C THR G 344 28.70 -65.23 16.13
N MET G 345 28.41 -66.24 15.31
CA MET G 345 27.10 -66.30 14.65
C MET G 345 26.04 -66.92 15.56
N ASP G 346 26.43 -67.92 16.38
CA ASP G 346 25.49 -68.55 17.29
C ASP G 346 25.96 -68.59 18.74
N GLY G 347 27.13 -68.02 19.04
CA GLY G 347 27.69 -68.09 20.37
C GLY G 347 28.64 -69.24 20.60
N ILE G 348 28.70 -70.20 19.69
CA ILE G 348 29.55 -71.38 19.86
C ILE G 348 30.47 -71.51 18.65
N ASN G 349 30.03 -71.02 17.50
CA ASN G 349 30.79 -71.11 16.26
C ASN G 349 31.33 -69.73 15.90
N LEU G 350 32.65 -69.61 15.83
CA LEU G 350 33.29 -68.33 15.61
C LEU G 350 33.00 -67.78 14.21
N ILE G 351 33.00 -66.46 14.09
CA ILE G 351 32.89 -65.79 12.80
C ILE G 351 34.27 -65.77 12.15
N LYS G 352 34.40 -66.40 10.98
CA LYS G 352 35.69 -66.51 10.33
C LYS G 352 36.12 -65.20 9.69
N SER G 353 35.16 -64.43 9.16
CA SER G 353 35.51 -63.20 8.46
C SER G 353 35.96 -62.13 9.44
N LYS G 354 37.11 -61.51 9.13
CA LYS G 354 37.70 -60.51 10.02
C LYS G 354 36.98 -59.17 9.95
N SER G 355 36.56 -58.76 8.75
CA SER G 355 35.96 -57.44 8.59
C SER G 355 34.66 -57.32 9.37
N ILE G 356 33.83 -58.35 9.33
CA ILE G 356 32.59 -58.35 10.11
C ILE G 356 32.91 -58.31 11.60
N GLN G 357 33.94 -59.04 12.02
CA GLN G 357 34.36 -59.01 13.42
C GLN G 357 34.72 -57.60 13.86
N HIS G 358 35.55 -56.91 13.08
CA HIS G 358 35.96 -55.56 13.45
C HIS G 358 34.78 -54.59 13.42
N SER G 359 33.93 -54.68 12.39
CA SER G 359 32.79 -53.78 12.29
C SER G 359 31.83 -53.99 13.46
N SER G 360 31.57 -55.25 13.83
CA SER G 360 30.72 -55.53 14.97
C SER G 360 31.37 -55.08 16.27
N ARG G 361 32.70 -55.19 16.38
CA ARG G 361 33.38 -54.70 17.57
C ARG G 361 33.19 -53.20 17.73
N ARG G 362 33.31 -52.45 16.64
CA ARG G 362 33.09 -51.00 16.71
C ARG G 362 31.63 -50.68 17.02
N LYS G 363 30.70 -51.33 16.33
CA LYS G 363 29.28 -51.09 16.55
C LYS G 363 28.88 -51.38 17.99
N GLN G 364 29.44 -52.44 18.57
CA GLN G 364 29.22 -52.72 19.98
C GLN G 364 29.84 -51.62 20.83
N GLY G 365 31.16 -51.47 20.76
CA GLY G 365 31.90 -50.58 21.65
C GLY G 365 31.50 -49.12 21.56
N LYS G 366 30.64 -48.75 20.60
CA LYS G 366 30.13 -47.38 20.60
C LYS G 366 29.36 -47.05 21.88
N ASN G 367 28.76 -48.05 22.53
CA ASN G 367 27.97 -47.84 23.75
C ASN G 367 28.68 -48.35 25.01
N TRP G 368 29.97 -48.63 24.93
CA TRP G 368 30.75 -49.16 26.04
C TRP G 368 31.67 -48.10 26.61
N TRP G 369 31.71 -48.00 27.93
CA TRP G 369 32.40 -46.90 28.60
C TRP G 369 33.13 -47.47 29.81
N ASN G 370 33.55 -46.58 30.71
CA ASN G 370 34.37 -46.99 31.86
C ASN G 370 33.67 -48.04 32.71
N ASP G 371 32.39 -47.82 33.01
CA ASP G 371 31.70 -48.70 33.96
C ASP G 371 31.62 -50.13 33.42
N LYS G 372 31.10 -50.29 32.20
CA LYS G 372 30.92 -51.63 31.65
C LYS G 372 32.26 -52.31 31.42
N TRP G 373 33.22 -51.57 30.86
CA TRP G 373 34.53 -52.14 30.55
C TRP G 373 35.22 -52.63 31.82
N ARG G 374 35.25 -51.79 32.86
CA ARG G 374 35.92 -52.15 34.10
C ARG G 374 35.21 -53.30 34.80
N GLU G 375 33.87 -53.23 34.89
CA GLU G 375 33.14 -54.28 35.59
C GLU G 375 33.32 -55.62 34.90
N LYS G 376 33.35 -55.62 33.56
CA LYS G 376 33.51 -56.89 32.87
C LYS G 376 34.94 -57.41 32.96
N LEU G 377 35.93 -56.51 32.92
CA LEU G 377 37.31 -56.96 33.11
C LEU G 377 37.48 -57.60 34.49
N LEU G 378 36.94 -56.95 35.53
CA LEU G 378 37.01 -57.51 36.87
C LEU G 378 36.25 -58.83 36.96
N ALA G 379 35.08 -58.91 36.31
CA ALA G 379 34.32 -60.16 36.33
C ALA G 379 35.08 -61.30 35.67
N PHE G 380 35.72 -61.03 34.52
CA PHE G 380 36.49 -62.06 33.85
C PHE G 380 37.69 -62.49 34.67
N ILE G 381 38.39 -61.53 35.30
CA ILE G 381 39.52 -61.87 36.14
C ILE G 381 39.07 -62.69 37.34
N ARG G 382 37.88 -62.38 37.87
CA ARG G 382 37.34 -63.17 38.96
C ARG G 382 36.99 -64.58 38.49
N PHE G 383 36.48 -64.68 37.25
CA PHE G 383 36.12 -65.97 36.67
C PHE G 383 37.34 -66.87 36.53
N LEU G 384 38.43 -66.34 35.97
CA LEU G 384 39.63 -67.15 35.81
C LEU G 384 40.27 -67.50 37.15
N SER G 385 39.89 -66.79 38.21
CA SER G 385 40.45 -67.06 39.53
C SER G 385 39.97 -68.40 40.07
N ASP G 386 40.88 -69.13 40.71
CA ASP G 386 40.53 -70.37 41.40
C ASP G 386 40.17 -70.11 42.86
N ASP G 387 41.06 -69.43 43.59
CA ASP G 387 40.74 -68.98 44.94
C ASP G 387 40.19 -67.57 44.89
N GLN G 388 39.93 -66.99 46.07
CA GLN G 388 39.27 -65.70 46.14
C GLN G 388 40.16 -64.57 45.64
N ASN G 389 41.44 -64.58 46.03
CA ASN G 389 42.31 -63.42 45.83
C ASN G 389 43.47 -63.69 44.87
N ALA G 390 43.39 -64.73 44.04
CA ALA G 390 44.47 -64.98 43.11
C ALA G 390 43.98 -65.81 41.93
N ILE G 391 44.79 -65.81 40.87
CA ILE G 391 44.66 -66.70 39.72
C ILE G 391 45.92 -67.54 39.65
N TYR G 392 45.74 -68.85 39.47
CA TYR G 392 46.87 -69.78 39.43
C TYR G 392 47.38 -69.95 38.01
N LEU G 393 48.70 -69.95 37.86
CA LEU G 393 49.36 -70.29 36.61
C LEU G 393 50.34 -71.42 36.90
N ASN G 394 50.05 -72.59 36.33
CA ASN G 394 50.85 -73.80 36.58
C ASN G 394 52.14 -73.71 35.80
N VAL G 395 53.13 -73.02 36.40
CA VAL G 395 54.47 -73.00 35.82
C VAL G 395 55.37 -74.04 36.48
N GLY G 396 54.94 -74.62 37.59
CA GLY G 396 55.58 -75.79 38.18
C GLY G 396 54.53 -76.72 38.73
N SER G 397 54.91 -77.98 38.95
CA SER G 397 54.02 -78.91 39.65
C SER G 397 54.00 -78.65 41.14
N GLU G 398 55.14 -78.21 41.70
CA GLU G 398 55.25 -77.75 43.07
C GLU G 398 55.36 -76.23 43.16
N GLU G 399 55.31 -75.54 42.02
CA GLU G 399 55.47 -74.10 41.95
C GLU G 399 54.33 -73.49 41.14
N LYS G 400 53.99 -72.24 41.43
CA LYS G 400 52.92 -71.59 40.68
C LYS G 400 53.16 -70.09 40.62
N ILE G 401 52.50 -69.45 39.66
CA ILE G 401 52.44 -67.99 39.56
C ILE G 401 51.08 -67.54 40.04
N LEU G 402 51.05 -66.60 40.98
CA LEU G 402 49.80 -66.05 41.51
C LEU G 402 49.58 -64.66 40.92
N ILE G 403 48.53 -64.52 40.13
CA ILE G 403 48.13 -63.23 39.56
C ILE G 403 47.07 -62.64 40.47
N SER G 404 47.36 -61.46 41.03
CA SER G 404 46.44 -60.86 41.98
C SER G 404 45.11 -60.52 41.32
N ASN G 405 44.02 -60.93 41.97
CA ASN G 405 42.69 -60.59 41.47
C ASN G 405 42.45 -59.10 41.51
N LYS G 406 42.87 -58.44 42.57
CA LYS G 406 42.76 -56.99 42.66
C LYS G 406 43.79 -56.37 41.74
N PRO G 407 43.39 -55.57 40.75
CA PRO G 407 44.37 -54.89 39.91
C PRO G 407 45.07 -53.78 40.70
N LEU G 408 46.10 -53.21 40.07
CA LEU G 408 46.80 -52.10 40.71
C LEU G 408 45.83 -50.97 40.98
N LYS G 409 45.53 -50.72 42.25
CA LYS G 409 44.66 -49.63 42.63
C LYS G 409 45.42 -48.31 42.57
N PHE G 410 44.88 -47.35 41.84
CA PHE G 410 45.48 -46.03 41.76
C PHE G 410 44.54 -45.00 42.36
N PHE G 411 45.09 -43.84 42.71
CA PHE G 411 44.27 -42.77 43.25
C PHE G 411 44.86 -41.42 42.86
N GLY G 412 43.97 -40.44 42.75
CA GLY G 412 44.38 -39.09 42.39
C GLY G 412 43.66 -38.03 43.19
N LYS G 413 44.38 -36.95 43.52
CA LYS G 413 43.79 -35.84 44.26
C LYS G 413 42.92 -34.96 43.38
N MET G 414 42.93 -35.16 42.07
CA MET G 414 42.25 -34.30 41.11
C MET G 414 41.25 -35.12 40.31
N SER G 415 40.00 -34.67 40.29
CA SER G 415 38.95 -35.41 39.59
C SER G 415 37.83 -34.42 39.25
N TYR G 416 36.66 -34.96 38.87
CA TYR G 416 35.55 -34.17 38.40
C TYR G 416 34.26 -34.67 39.02
N VAL G 417 33.21 -33.87 38.88
CA VAL G 417 31.86 -34.26 39.27
C VAL G 417 31.22 -34.94 38.07
N THR G 418 30.73 -36.16 38.26
CA THR G 418 30.17 -36.93 37.15
C THR G 418 28.80 -36.38 36.79
N PRO G 419 28.60 -35.89 35.57
CA PRO G 419 27.27 -35.41 35.17
C PRO G 419 26.25 -36.54 35.16
N SER G 420 25.01 -36.20 35.51
CA SER G 420 23.93 -37.18 35.54
C SER G 420 23.31 -37.36 34.16
N MET H 1 49.37 -48.33 46.62
CA MET H 1 48.42 -47.50 45.88
C MET H 1 49.12 -46.27 45.35
N LYS H 2 49.55 -46.34 44.08
CA LYS H 2 50.33 -45.27 43.49
C LYS H 2 49.49 -44.02 43.29
N GLU H 3 50.08 -42.86 43.56
CA GLU H 3 49.39 -41.58 43.47
C GLU H 3 49.45 -41.07 42.04
N LEU H 4 48.31 -40.60 41.53
CA LEU H 4 48.22 -40.03 40.19
C LEU H 4 48.28 -38.51 40.31
N ILE H 5 49.37 -37.93 39.83
CA ILE H 5 49.53 -36.48 39.84
C ILE H 5 48.62 -35.89 38.76
N TYR H 6 48.40 -34.59 38.79
CA TYR H 6 47.58 -33.92 37.79
C TYR H 6 48.38 -32.81 37.16
N ILE H 7 48.37 -32.76 35.82
CA ILE H 7 48.95 -31.67 35.07
C ILE H 7 47.82 -30.73 34.68
N GLU H 8 47.90 -29.49 35.16
CA GLU H 8 46.88 -28.49 34.82
C GLU H 8 46.82 -28.31 33.31
N GLU H 9 45.61 -28.31 32.77
CA GLU H 9 45.45 -28.27 31.32
C GLU H 9 45.98 -26.95 30.78
N PRO H 10 46.85 -26.98 29.77
CA PRO H 10 47.41 -25.73 29.25
C PRO H 10 46.35 -24.86 28.59
N SER H 11 46.57 -23.56 28.65
CA SER H 11 45.65 -22.57 28.09
C SER H 11 46.23 -22.00 26.81
N ILE H 12 45.46 -22.04 25.74
CA ILE H 12 45.86 -21.49 24.45
C ILE H 12 45.40 -20.05 24.36
N LEU H 13 46.29 -19.17 23.88
CA LEU H 13 45.97 -17.76 23.76
C LEU H 13 45.13 -17.49 22.53
N PHE H 14 44.41 -16.37 22.56
CA PHE H 14 43.56 -15.96 21.44
C PHE H 14 43.73 -14.45 21.26
N ALA H 15 42.83 -13.84 20.50
CA ALA H 15 42.92 -12.43 20.19
C ALA H 15 42.90 -11.57 21.45
N HIS H 16 43.53 -10.40 21.36
CA HIS H 16 43.58 -9.41 22.42
C HIS H 16 44.33 -9.91 23.65
N GLY H 17 44.90 -11.11 23.57
CA GLY H 17 45.68 -11.68 24.66
C GLY H 17 44.91 -12.54 25.63
N GLN H 18 43.62 -12.79 25.40
CA GLN H 18 42.86 -13.66 26.28
C GLN H 18 43.14 -15.13 25.97
N LYS H 19 43.23 -15.92 27.02
CA LYS H 19 43.50 -17.35 26.90
C LYS H 19 42.26 -18.14 27.31
N CYS H 20 41.99 -19.23 26.59
CA CYS H 20 40.90 -20.15 26.89
C CYS H 20 41.42 -21.58 26.79
N THR H 21 40.57 -22.53 27.15
CA THR H 21 40.94 -23.95 27.13
C THR H 21 40.53 -24.63 25.84
N ASP H 22 39.24 -24.63 25.53
CA ASP H 22 38.75 -25.23 24.29
C ASP H 22 39.06 -24.30 23.13
N PRO H 23 39.69 -24.79 22.06
CA PRO H 23 39.86 -23.94 20.87
C PRO H 23 38.56 -23.38 20.34
N ARG H 24 37.48 -24.16 20.38
CA ARG H 24 36.20 -23.70 19.84
C ARG H 24 35.66 -22.51 20.62
N ASP H 25 35.61 -22.62 21.95
CA ASP H 25 35.09 -21.53 22.77
C ASP H 25 35.98 -20.29 22.69
N GLY H 26 37.30 -20.49 22.71
CA GLY H 26 38.20 -19.35 22.60
C GLY H 26 38.07 -18.65 21.26
N LEU H 27 37.94 -19.42 20.18
CA LEU H 27 37.76 -18.83 18.86
C LEU H 27 36.43 -18.10 18.76
N ALA H 28 35.37 -18.67 19.32
CA ALA H 28 34.06 -18.05 19.26
C ALA H 28 33.89 -16.91 20.25
N LEU H 29 34.81 -16.73 21.19
CA LEU H 29 34.69 -15.69 22.21
C LEU H 29 35.58 -14.50 21.95
N PHE H 30 36.87 -14.73 21.68
CA PHE H 30 37.80 -13.64 21.37
C PHE H 30 38.21 -13.58 19.91
N GLY H 31 38.31 -14.72 19.23
CA GLY H 31 38.71 -14.74 17.84
C GLY H 31 40.17 -15.11 17.66
N PRO H 32 40.57 -15.31 16.41
CA PRO H 32 41.96 -15.71 16.12
C PRO H 32 42.94 -14.60 16.44
N LEU H 33 44.21 -15.00 16.59
CA LEU H 33 45.29 -14.06 16.89
C LEU H 33 45.44 -12.97 15.85
N ASN H 34 45.83 -13.36 14.63
CA ASN H 34 46.04 -12.43 13.54
C ASN H 34 44.81 -12.37 12.66
N GLN H 35 44.58 -11.20 12.07
CA GLN H 35 43.43 -11.00 11.20
C GLN H 35 43.90 -11.05 9.75
N ILE H 36 43.29 -11.92 8.98
CA ILE H 36 43.40 -11.89 7.53
C ILE H 36 42.14 -11.23 7.00
N TYR H 37 42.22 -10.64 5.82
CA TYR H 37 41.09 -9.90 5.29
C TYR H 37 40.03 -10.81 4.68
N GLY H 38 40.40 -12.03 4.31
CA GLY H 38 39.43 -12.95 3.75
C GLY H 38 40.13 -14.10 3.05
N ILE H 39 39.32 -15.06 2.62
CA ILE H 39 39.80 -16.23 1.91
C ILE H 39 39.31 -16.14 0.47
N LYS H 40 40.25 -16.02 -0.47
CA LYS H 40 39.93 -16.10 -1.89
C LYS H 40 39.91 -17.57 -2.26
N SER H 41 38.73 -18.18 -2.14
CA SER H 41 38.60 -19.62 -2.28
C SER H 41 38.84 -20.05 -3.73
N GLY H 42 39.65 -21.09 -3.90
CA GLY H 42 39.86 -21.71 -5.19
C GLY H 42 39.35 -23.14 -5.16
N VAL H 43 38.57 -23.49 -6.17
CA VAL H 43 37.94 -24.80 -6.29
C VAL H 43 38.46 -25.47 -7.54
N VAL H 44 38.87 -26.73 -7.42
CA VAL H 44 39.35 -27.53 -8.54
C VAL H 44 38.50 -28.80 -8.57
N GLY H 45 37.53 -28.88 -9.47
CA GLY H 45 36.70 -30.06 -9.49
C GLY H 45 35.60 -29.98 -10.52
N THR H 46 34.72 -30.98 -10.46
CA THR H 46 33.59 -31.10 -11.36
C THR H 46 32.49 -30.10 -10.99
N GLN H 47 31.52 -29.96 -11.87
CA GLN H 47 30.46 -28.98 -11.66
C GLN H 47 29.62 -29.32 -10.43
N LYS H 48 29.29 -30.61 -10.25
CA LYS H 48 28.56 -31.03 -9.07
C LYS H 48 29.37 -30.77 -7.81
N GLY H 49 30.69 -30.99 -7.88
CA GLY H 49 31.54 -30.67 -6.75
C GLY H 49 31.53 -29.19 -6.41
N LEU H 50 31.56 -28.34 -7.43
CA LEU H 50 31.47 -26.89 -7.18
C LEU H 50 30.13 -26.53 -6.56
N GLN H 51 29.04 -27.14 -7.04
CA GLN H 51 27.73 -26.84 -6.46
C GLN H 51 27.68 -27.27 -4.99
N ILE H 52 28.23 -28.45 -4.70
CA ILE H 52 28.25 -28.94 -3.32
C ILE H 52 29.07 -28.01 -2.43
N PHE H 53 30.25 -27.60 -2.91
CA PHE H 53 31.07 -26.69 -2.12
C PHE H 53 30.40 -25.33 -1.96
N LYS H 54 29.71 -24.86 -2.99
CA LYS H 54 28.97 -23.61 -2.91
C LYS H 54 27.93 -23.68 -1.79
N SER H 55 27.12 -24.74 -1.82
CA SER H 55 26.07 -24.92 -0.81
C SER H 55 26.67 -25.03 0.59
N TYR H 56 27.75 -25.82 0.72
CA TYR H 56 28.34 -26.01 2.04
C TYR H 56 28.95 -24.71 2.56
N LEU H 57 29.54 -23.91 1.68
CA LEU H 57 30.07 -22.62 2.11
C LEU H 57 28.95 -21.70 2.58
N ASP H 58 27.84 -21.67 1.83
CA ASP H 58 26.70 -20.86 2.22
C ASP H 58 26.14 -21.31 3.57
N LYS H 59 26.12 -22.63 3.82
CA LYS H 59 25.74 -23.11 5.14
C LYS H 59 26.78 -22.73 6.19
N ILE H 60 28.06 -22.70 5.82
CA ILE H 60 29.11 -22.34 6.77
C ILE H 60 28.91 -20.91 7.26
N GLN H 61 28.50 -20.01 6.37
CA GLN H 61 28.25 -18.63 6.80
C GLN H 61 27.21 -18.58 7.91
N LYS H 62 26.18 -19.39 7.82
CA LYS H 62 25.25 -19.34 8.94
C LYS H 62 25.63 -20.37 10.01
N PRO H 63 25.21 -20.16 11.25
CA PRO H 63 25.54 -21.12 12.31
C PRO H 63 24.99 -22.51 12.02
N ILE H 64 25.75 -23.52 12.44
CA ILE H 64 25.35 -24.92 12.34
C ILE H 64 25.42 -25.52 13.74
N TYR H 65 24.35 -26.18 14.15
CA TYR H 65 24.20 -26.69 15.51
C TYR H 65 24.51 -28.18 15.54
N ASN H 66 25.36 -28.59 16.48
CA ASN H 66 25.58 -30.00 16.73
C ASN H 66 24.33 -30.62 17.36
N HIS H 67 24.22 -31.94 17.22
CA HIS H 67 23.12 -32.66 17.87
C HIS H 67 23.23 -32.53 19.39
N ASN H 68 24.44 -32.56 19.91
CA ASN H 68 24.73 -32.30 21.31
C ASN H 68 25.68 -31.11 21.37
N ASN H 69 25.26 -30.04 22.04
CA ASN H 69 25.99 -28.78 22.00
C ASN H 69 26.86 -28.51 23.22
N ILE H 70 26.58 -29.15 24.36
CA ILE H 70 27.35 -28.87 25.56
C ILE H 70 28.76 -29.44 25.44
N THR H 71 28.90 -30.65 24.88
CA THR H 71 30.22 -31.26 24.78
C THR H 71 31.03 -30.60 23.68
N ARG H 72 30.52 -30.59 22.46
CA ARG H 72 31.21 -29.96 21.35
C ARG H 72 30.49 -28.67 20.98
N PRO H 73 31.07 -27.50 21.27
CA PRO H 73 30.35 -26.24 21.09
C PRO H 73 29.97 -26.00 19.63
N MET H 74 28.87 -25.29 19.44
CA MET H 74 28.34 -25.04 18.11
C MET H 74 29.23 -24.06 17.34
N PHE H 75 28.95 -23.96 16.05
CA PHE H 75 29.67 -23.05 15.18
C PHE H 75 28.87 -21.76 15.03
N PRO H 76 29.32 -20.63 15.57
CA PRO H 76 28.61 -19.37 15.36
C PRO H 76 28.59 -18.92 13.91
N GLY H 77 29.50 -19.40 13.09
CA GLY H 77 29.65 -18.92 11.73
C GLY H 77 31.06 -18.42 11.48
N PHE H 78 31.57 -18.62 10.27
CA PHE H 78 32.95 -18.27 9.97
C PHE H 78 33.19 -16.78 10.18
N GLU H 79 32.33 -15.93 9.61
CA GLU H 79 32.47 -14.50 9.81
C GLU H 79 32.32 -14.13 11.28
N ALA H 80 31.51 -14.90 12.02
CA ALA H 80 31.34 -14.65 13.46
C ALA H 80 32.58 -15.05 14.25
N VAL H 81 33.18 -16.19 13.90
CA VAL H 81 34.31 -16.70 14.68
C VAL H 81 35.60 -15.99 14.27
N PHE H 82 36.00 -16.15 13.02
CA PHE H 82 37.31 -15.72 12.56
C PHE H 82 37.35 -14.26 12.14
N GLY H 83 36.22 -13.71 11.68
CA GLY H 83 36.17 -12.31 11.33
C GLY H 83 36.70 -11.95 9.96
N CYS H 84 36.87 -12.92 9.07
CA CYS H 84 37.29 -12.66 7.70
C CYS H 84 36.30 -13.30 6.74
N LYS H 85 36.03 -12.60 5.64
CA LYS H 85 35.02 -13.04 4.70
C LYS H 85 35.49 -14.29 3.96
N TRP H 86 34.62 -15.30 3.89
CA TRP H 86 34.84 -16.46 3.04
C TRP H 86 33.56 -16.78 2.27
N GLU H 87 32.98 -15.76 1.64
CA GLU H 87 31.75 -15.94 0.89
C GLU H 87 31.97 -16.85 -0.31
N SER H 88 30.88 -17.50 -0.74
CA SER H 88 30.94 -18.41 -1.88
C SER H 88 30.90 -17.68 -3.22
N GLN H 89 30.55 -16.40 -3.24
CA GLN H 89 30.43 -15.65 -4.49
C GLN H 89 31.76 -15.08 -4.97
N ASN H 90 32.87 -15.50 -4.36
CA ASN H 90 34.22 -15.05 -4.73
C ASN H 90 35.13 -16.26 -4.93
N ILE H 91 34.65 -17.23 -5.70
CA ILE H 91 35.33 -18.51 -5.90
C ILE H 91 35.97 -18.53 -7.28
N VAL H 92 37.26 -18.89 -7.33
CA VAL H 92 37.94 -19.16 -8.59
C VAL H 92 37.77 -20.64 -8.89
N PHE H 93 36.96 -20.96 -9.89
CA PHE H 93 36.59 -22.34 -10.19
C PHE H 93 37.37 -22.86 -11.39
N LYS H 94 37.85 -24.10 -11.28
CA LYS H 94 38.51 -24.80 -12.38
C LYS H 94 37.81 -26.13 -12.58
N GLU H 95 37.11 -26.26 -13.71
CA GLU H 95 36.28 -27.42 -13.99
C GLU H 95 37.12 -28.54 -14.60
N ILE H 96 36.82 -29.78 -14.20
CA ILE H 96 37.43 -30.97 -14.78
C ILE H 96 36.32 -31.87 -15.29
N THR H 97 36.44 -32.29 -16.54
CA THR H 97 35.44 -33.15 -17.17
C THR H 97 36.04 -34.51 -17.51
N LYS H 112 49.58 -46.18 -11.74
CA LYS H 112 49.71 -45.07 -12.67
C LYS H 112 48.36 -44.36 -12.86
N ARG H 113 47.27 -45.08 -12.61
CA ARG H 113 45.95 -44.47 -12.67
C ARG H 113 45.82 -43.37 -11.61
N THR H 114 46.27 -43.65 -10.39
CA THR H 114 46.33 -42.61 -9.37
C THR H 114 47.24 -41.47 -9.82
N TYR H 115 48.32 -41.80 -10.53
CA TYR H 115 49.24 -40.77 -11.00
C TYR H 115 48.55 -39.83 -11.98
N ASP H 116 47.77 -40.37 -12.93
CA ASP H 116 47.12 -39.49 -13.90
C ASP H 116 45.98 -38.70 -13.27
N LEU H 117 45.21 -39.34 -12.37
CA LEU H 117 44.17 -38.62 -11.66
C LEU H 117 44.76 -37.48 -10.83
N VAL H 118 45.96 -37.69 -10.28
CA VAL H 118 46.64 -36.64 -9.53
C VAL H 118 47.14 -35.54 -10.48
N THR H 119 47.70 -35.93 -11.62
CA THR H 119 48.24 -34.94 -12.54
C THR H 119 47.15 -34.04 -13.11
N LEU H 120 45.93 -34.55 -13.25
CA LEU H 120 44.83 -33.70 -13.69
C LEU H 120 44.68 -32.48 -12.78
N PHE H 121 44.45 -32.72 -11.49
CA PHE H 121 44.29 -31.63 -10.55
C PHE H 121 45.58 -30.82 -10.40
N ASN H 122 46.73 -31.48 -10.47
CA ASN H 122 48.01 -30.77 -10.36
C ASN H 122 48.17 -29.77 -11.50
N ASP H 123 47.88 -30.19 -12.74
CA ASP H 123 47.98 -29.30 -13.88
C ASP H 123 46.96 -28.18 -13.79
N LYS H 124 45.74 -28.50 -13.35
CA LYS H 124 44.74 -27.45 -13.19
C LYS H 124 45.19 -26.39 -12.21
N ILE H 125 45.70 -26.82 -11.04
CA ILE H 125 46.17 -25.87 -10.04
C ILE H 125 47.38 -25.09 -10.55
N ILE H 126 48.29 -25.77 -11.25
CA ILE H 126 49.50 -25.11 -11.74
C ILE H 126 49.13 -24.01 -12.74
N THR H 127 48.24 -24.32 -13.69
CA THR H 127 47.86 -23.33 -14.69
C THR H 127 47.02 -22.22 -14.08
N ALA H 128 46.21 -22.53 -13.07
CA ALA H 128 45.38 -21.49 -12.45
C ALA H 128 46.19 -20.57 -11.55
N ASN H 129 47.23 -21.08 -10.90
CA ASN H 129 48.09 -20.26 -10.07
C ASN H 129 49.15 -19.52 -10.90
N LYS H 130 49.49 -20.05 -12.08
CA LYS H 130 50.47 -19.41 -12.95
C LYS H 130 49.81 -18.39 -13.87
N ASN H 131 48.82 -18.83 -14.64
CA ASN H 131 48.25 -18.01 -15.71
C ASN H 131 47.17 -17.05 -15.22
N ASP H 132 46.20 -17.55 -14.45
CA ASP H 132 45.05 -16.74 -14.08
C ASP H 132 45.47 -15.55 -13.23
N GLU H 133 44.82 -14.40 -13.47
CA GLU H 133 45.12 -13.19 -12.73
C GLU H 133 44.50 -13.18 -11.34
N GLU H 134 43.48 -14.01 -11.10
CA GLU H 134 42.83 -14.03 -9.80
C GLU H 134 43.74 -14.68 -8.76
N ARG H 135 43.95 -13.98 -7.64
CA ARG H 135 44.78 -14.51 -6.56
C ARG H 135 43.95 -15.42 -5.68
N VAL H 136 44.50 -16.59 -5.36
CA VAL H 136 43.84 -17.58 -4.52
C VAL H 136 44.67 -17.78 -3.26
N ASP H 137 44.06 -17.50 -2.11
CA ASP H 137 44.76 -17.69 -0.84
C ASP H 137 45.06 -19.15 -0.59
N VAL H 138 44.11 -20.04 -0.91
CA VAL H 138 44.30 -21.47 -0.76
C VAL H 138 43.35 -22.20 -1.71
N TRP H 139 43.87 -23.18 -2.44
CA TRP H 139 43.07 -23.95 -3.39
C TRP H 139 42.43 -25.14 -2.70
N PHE H 140 41.12 -25.30 -2.88
CA PHE H 140 40.39 -26.42 -2.32
C PHE H 140 40.13 -27.43 -3.43
N VAL H 141 40.79 -28.57 -3.34
CA VAL H 141 40.63 -29.67 -4.30
C VAL H 141 39.37 -30.43 -3.89
N ILE H 142 38.25 -30.14 -4.53
CA ILE H 142 37.00 -30.81 -4.24
C ILE H 142 36.93 -32.10 -5.04
N VAL H 143 37.35 -33.20 -4.43
CA VAL H 143 37.46 -34.47 -5.15
C VAL H 143 36.13 -35.21 -5.14
N PRO H 144 35.70 -35.78 -6.26
CA PRO H 144 34.44 -36.53 -6.28
C PRO H 144 34.49 -37.80 -5.45
N GLU H 145 33.39 -38.56 -5.48
CA GLU H 145 33.34 -39.85 -4.78
C GLU H 145 32.61 -40.89 -5.61
N TYR H 202 39.15 -45.93 -6.32
CA TYR H 202 39.72 -45.17 -5.22
C TYR H 202 41.24 -45.37 -5.17
N ASP H 203 41.97 -44.31 -4.85
CA ASP H 203 43.43 -44.32 -4.85
C ASP H 203 43.92 -44.13 -3.43
N ALA H 204 44.85 -44.98 -3.00
CA ALA H 204 45.30 -44.96 -1.61
C ALA H 204 46.22 -43.78 -1.33
N GLN H 205 47.17 -43.50 -2.22
CA GLN H 205 48.17 -42.47 -2.00
C GLN H 205 47.85 -41.17 -2.74
N PHE H 206 46.57 -40.93 -3.03
CA PHE H 206 46.16 -39.81 -3.87
C PHE H 206 46.47 -38.46 -3.22
N HIS H 207 46.03 -38.27 -1.98
CA HIS H 207 46.20 -36.99 -1.29
C HIS H 207 47.67 -36.67 -1.06
N ASP H 208 48.43 -37.63 -0.54
CA ASP H 208 49.83 -37.38 -0.20
C ASP H 208 50.65 -37.05 -1.44
N GLN H 209 50.41 -37.76 -2.54
CA GLN H 209 51.18 -37.47 -3.75
C GLN H 209 50.73 -36.16 -4.41
N LEU H 210 49.44 -35.82 -4.32
CA LEU H 210 49.02 -34.49 -4.75
C LEU H 210 49.80 -33.41 -4.01
N LYS H 211 49.84 -33.48 -2.68
CA LYS H 211 50.53 -32.47 -1.91
C LYS H 211 52.03 -32.48 -2.20
N ALA H 212 52.61 -33.66 -2.36
CA ALA H 212 54.03 -33.76 -2.68
C ALA H 212 54.36 -33.08 -4.01
N ARG H 213 53.53 -33.31 -5.03
CA ARG H 213 53.76 -32.64 -6.31
C ARG H 213 53.51 -31.14 -6.21
N LEU H 214 52.61 -30.73 -5.32
CA LEU H 214 52.36 -29.30 -5.12
C LEU H 214 53.39 -28.64 -4.21
N LEU H 215 54.31 -29.42 -3.63
CA LEU H 215 55.30 -28.82 -2.74
C LEU H 215 56.28 -27.91 -3.47
N GLU H 216 56.58 -28.20 -4.74
CA GLU H 216 57.58 -27.42 -5.47
C GLU H 216 57.16 -25.95 -5.57
N HIS H 217 55.93 -25.70 -5.96
CA HIS H 217 55.38 -24.35 -6.07
C HIS H 217 54.45 -24.12 -4.89
N THR H 218 54.80 -23.16 -4.03
CA THR H 218 54.16 -23.00 -2.72
C THR H 218 52.73 -22.50 -2.91
N ILE H 219 51.76 -23.41 -2.79
CA ILE H 219 50.35 -23.06 -2.82
C ILE H 219 49.64 -23.84 -1.70
N PRO H 220 49.14 -23.17 -0.66
CA PRO H 220 48.28 -23.87 0.30
C PRO H 220 47.13 -24.57 -0.41
N THR H 221 46.85 -25.79 0.01
CA THR H 221 45.77 -26.57 -0.58
C THR H 221 45.08 -27.39 0.49
N GLN H 222 43.77 -27.54 0.32
CA GLN H 222 42.94 -28.36 1.20
C GLN H 222 42.14 -29.32 0.34
N ILE H 223 42.29 -30.61 0.59
CA ILE H 223 41.55 -31.62 -0.16
C ILE H 223 40.26 -31.93 0.56
N LEU H 224 39.14 -31.83 -0.16
CA LEU H 224 37.81 -32.00 0.41
C LEU H 224 37.09 -33.07 -0.40
N ARG H 225 36.78 -34.19 0.24
CA ARG H 225 36.00 -35.23 -0.43
C ARG H 225 34.54 -34.81 -0.49
N GLU H 226 33.91 -35.06 -1.64
CA GLU H 226 32.52 -34.66 -1.83
C GLU H 226 31.60 -35.33 -0.82
N SER H 227 31.96 -36.53 -0.36
CA SER H 227 31.17 -37.22 0.65
C SER H 227 31.21 -36.53 2.01
N THR H 228 32.12 -35.59 2.21
CA THR H 228 32.22 -34.86 3.47
C THR H 228 31.40 -33.58 3.46
N LEU H 229 31.56 -32.77 2.41
CA LEU H 229 30.85 -31.49 2.35
C LEU H 229 29.34 -31.69 2.30
N ALA H 230 28.87 -32.62 1.48
CA ALA H 230 27.46 -32.97 1.40
C ALA H 230 27.34 -34.47 1.65
N TRP H 231 27.26 -34.85 2.92
CA TRP H 231 27.15 -36.26 3.28
C TRP H 231 25.71 -36.77 3.24
N ARG H 232 24.72 -35.89 3.05
CA ARG H 232 23.34 -36.34 3.02
C ARG H 232 23.03 -37.11 1.74
N ASP H 233 23.51 -36.63 0.59
CA ASP H 233 23.07 -37.23 -0.67
C ASP H 233 23.74 -38.57 -0.94
N PHE H 234 25.01 -38.72 -0.57
CA PHE H 234 25.64 -40.03 -0.64
C PHE H 234 25.11 -40.91 0.49
N LYS H 235 24.60 -42.09 0.14
CA LYS H 235 23.98 -43.00 1.10
C LYS H 235 24.62 -44.37 0.97
N ASN H 236 24.22 -45.26 1.88
CA ASN H 236 24.63 -46.66 1.85
C ASN H 236 23.76 -47.50 0.94
N THR H 237 22.76 -46.90 0.29
CA THR H 237 21.78 -47.50 -0.60
C THR H 237 20.79 -48.40 0.11
N PHE H 238 20.87 -48.53 1.44
CA PHE H 238 19.88 -49.30 2.18
C PHE H 238 19.49 -48.66 3.51
N GLY H 239 19.82 -47.39 3.74
CA GLY H 239 19.47 -46.74 4.98
C GLY H 239 20.12 -45.39 5.19
N ALA H 240 20.72 -45.20 6.36
CA ALA H 240 21.38 -43.95 6.69
C ALA H 240 22.58 -43.72 5.78
N PRO H 241 22.99 -42.47 5.58
CA PRO H 241 24.13 -42.18 4.69
C PRO H 241 25.40 -42.86 5.18
N ILE H 242 26.36 -42.98 4.25
CA ILE H 242 27.60 -43.70 4.54
C ILE H 242 28.36 -42.99 5.67
N ARG H 243 28.45 -41.67 5.61
CA ARG H 243 29.12 -40.87 6.63
C ARG H 243 28.06 -40.09 7.40
N ASP H 244 27.65 -40.63 8.55
CA ASP H 244 26.64 -39.98 9.38
C ASP H 244 27.32 -38.88 10.18
N PHE H 245 27.20 -37.64 9.71
CA PHE H 245 27.83 -36.49 10.33
C PHE H 245 26.84 -35.62 11.09
N SER H 246 25.63 -36.14 11.35
CA SER H 246 24.60 -35.31 11.98
C SER H 246 25.00 -34.86 13.38
N LYS H 247 25.58 -35.77 14.17
CA LYS H 247 25.98 -35.44 15.53
C LYS H 247 27.18 -34.51 15.58
N ILE H 248 27.87 -34.29 14.46
CA ILE H 248 29.15 -33.59 14.47
C ILE H 248 29.19 -32.52 13.40
N GLU H 249 28.07 -32.28 12.71
CA GLU H 249 28.05 -31.38 11.57
C GLU H 249 28.62 -30.01 11.93
N GLY H 250 28.07 -29.40 12.99
CA GLY H 250 28.62 -28.12 13.44
C GLY H 250 30.10 -28.23 13.76
N HIS H 251 30.48 -29.28 14.50
CA HIS H 251 31.90 -29.53 14.75
C HIS H 251 32.65 -29.66 13.44
N LEU H 252 32.09 -30.39 12.47
CA LEU H 252 32.67 -30.43 11.14
C LEU H 252 32.82 -29.02 10.58
N ALA H 253 31.73 -28.24 10.62
CA ALA H 253 31.79 -26.87 10.15
C ALA H 253 32.78 -26.04 10.94
N TRP H 254 33.09 -26.45 12.17
CA TRP H 254 34.20 -25.85 12.89
C TRP H 254 35.52 -26.20 12.21
N THR H 255 35.82 -27.51 12.17
CA THR H 255 37.18 -27.95 11.86
C THR H 255 37.63 -27.43 10.49
N ILE H 256 36.84 -27.70 9.45
CA ILE H 256 37.22 -27.28 8.11
C ILE H 256 37.46 -25.78 8.07
N SER H 257 36.61 -25.01 8.76
CA SER H 257 36.80 -23.56 8.79
C SER H 257 38.19 -23.24 9.29
N THR H 258 38.57 -23.79 10.44
CA THR H 258 39.92 -23.55 10.95
C THR H 258 40.96 -23.97 9.94
N ALA H 259 40.77 -25.13 9.31
CA ALA H 259 41.70 -25.58 8.29
C ALA H 259 41.83 -24.53 7.20
N ALA H 260 40.68 -24.03 6.70
CA ALA H 260 40.72 -22.94 5.74
C ALA H 260 41.46 -21.76 6.33
N TYR H 261 41.07 -21.34 7.53
CA TYR H 261 41.74 -20.21 8.16
C TYR H 261 43.19 -20.53 8.50
N TYR H 262 43.55 -21.81 8.59
CA TYR H 262 44.98 -22.08 8.78
C TYR H 262 45.72 -22.00 7.46
N LYS H 263 45.09 -22.44 6.37
CA LYS H 263 45.75 -22.44 5.07
C LYS H 263 45.61 -21.11 4.34
N ALA H 264 44.91 -20.15 4.92
CA ALA H 264 44.85 -18.80 4.39
C ALA H 264 45.80 -17.85 5.12
N GLY H 265 46.84 -18.40 5.75
CA GLY H 265 47.83 -17.59 6.43
C GLY H 265 47.42 -17.04 7.78
N GLY H 266 46.30 -17.49 8.33
CA GLY H 266 45.85 -17.00 9.62
C GLY H 266 46.31 -17.89 10.76
N LYS H 267 46.69 -17.26 11.87
CA LYS H 267 47.12 -17.98 13.06
C LYS H 267 45.94 -18.08 14.02
N PRO H 268 45.39 -19.27 14.23
CA PRO H 268 44.16 -19.35 15.05
C PRO H 268 44.39 -19.10 16.54
N TRP H 269 45.45 -19.65 17.12
CA TRP H 269 45.67 -19.48 18.55
C TRP H 269 47.15 -19.62 18.88
N LYS H 270 47.57 -18.98 19.96
CA LYS H 270 48.93 -19.06 20.46
C LYS H 270 48.99 -19.97 21.69
N LEU H 271 50.20 -20.13 22.22
CA LEU H 271 50.47 -20.97 23.38
C LEU H 271 51.29 -20.18 24.40
N GLY H 272 51.15 -20.57 25.67
CA GLY H 272 51.86 -19.90 26.74
C GLY H 272 52.70 -20.83 27.59
N PRO H 276 59.67 -20.14 27.63
CA PRO H 276 60.53 -19.44 26.67
C PRO H 276 61.94 -20.03 26.62
N GLY H 277 62.58 -19.94 25.45
CA GLY H 277 63.90 -20.51 25.29
C GLY H 277 63.93 -22.00 25.10
N VAL H 278 62.80 -22.63 24.81
CA VAL H 278 62.70 -24.08 24.68
C VAL H 278 62.27 -24.40 23.25
N CYS H 279 63.02 -25.29 22.59
CA CYS H 279 62.73 -25.71 21.23
C CYS H 279 62.24 -27.15 21.26
N TYR H 280 60.96 -27.35 20.94
CA TYR H 280 60.40 -28.69 20.84
C TYR H 280 60.64 -29.23 19.44
N LEU H 281 61.21 -30.42 19.33
CA LEU H 281 61.57 -31.01 18.05
C LEU H 281 61.05 -32.45 18.02
N GLY H 282 59.89 -32.66 17.43
CA GLY H 282 59.31 -33.99 17.33
C GLY H 282 59.59 -34.64 15.99
N LEU H 283 60.37 -35.73 15.98
CA LEU H 283 60.79 -36.37 14.75
C LEU H 283 60.13 -37.73 14.59
N VAL H 284 59.76 -38.05 13.36
CA VAL H 284 59.02 -39.27 13.03
C VAL H 284 59.71 -39.94 11.85
N TYR H 285 59.77 -41.27 11.90
CA TYR H 285 60.43 -42.07 10.88
C TYR H 285 59.40 -42.64 9.90
N LYS H 286 59.75 -42.65 8.62
CA LYS H 286 58.91 -43.15 7.54
C LYS H 286 59.61 -44.31 6.85
N LYS H 287 58.84 -45.35 6.56
CA LYS H 287 59.34 -46.54 5.87
C LYS H 287 59.04 -46.44 4.38
N ILE H 288 60.03 -46.74 3.55
CA ILE H 288 59.86 -46.68 2.10
C ILE H 288 60.08 -48.06 1.50
N GLN H 295 64.60 -48.41 2.81
CA GLN H 295 65.23 -47.20 3.31
C GLN H 295 64.31 -46.46 4.27
N ASN H 296 64.89 -45.76 5.23
CA ASN H 296 64.14 -45.04 6.24
C ASN H 296 64.38 -43.54 6.10
N ALA H 297 63.32 -42.74 6.28
CA ALA H 297 63.42 -41.29 6.15
C ALA H 297 62.89 -40.63 7.41
N CYS H 298 63.75 -39.90 8.10
CA CYS H 298 63.36 -39.17 9.30
C CYS H 298 62.96 -37.75 8.93
N CYS H 299 61.78 -37.32 9.41
CA CYS H 299 61.27 -35.98 9.18
C CYS H 299 60.77 -35.42 10.50
N ALA H 300 61.09 -34.16 10.77
CA ALA H 300 60.84 -33.57 12.08
C ALA H 300 59.95 -32.34 11.97
N ALA H 301 59.35 -31.99 13.11
CA ALA H 301 58.51 -30.81 13.24
C ALA H 301 58.96 -30.04 14.47
N GLN H 302 59.23 -28.74 14.32
CA GLN H 302 59.78 -27.94 15.40
C GLN H 302 58.82 -26.83 15.80
N MET H 303 58.88 -26.46 17.08
CA MET H 303 58.15 -25.31 17.57
C MET H 303 58.95 -24.65 18.68
N PHE H 304 58.71 -23.36 18.87
CA PHE H 304 59.29 -22.63 20.00
C PHE H 304 58.49 -21.35 20.20
N LEU H 305 58.99 -20.47 21.07
CA LEU H 305 58.37 -19.18 21.33
C LEU H 305 59.29 -18.08 20.84
N ASP H 306 58.73 -17.16 20.04
CA ASP H 306 59.50 -16.05 19.52
C ASP H 306 59.65 -14.97 20.59
N ASN H 307 60.60 -14.06 20.36
CA ASN H 307 60.81 -12.97 21.30
C ASN H 307 59.57 -12.08 21.43
N GLY H 308 58.69 -12.09 20.44
CA GLY H 308 57.43 -11.38 20.54
C GLY H 308 56.32 -12.28 21.06
N ASP H 309 56.71 -13.39 21.68
CA ASP H 309 55.81 -14.40 22.25
C ASP H 309 54.99 -15.13 21.19
N GLY H 310 55.33 -14.96 19.91
CA GLY H 310 54.64 -15.70 18.88
C GLY H 310 55.04 -17.15 18.84
N THR H 311 54.08 -18.00 18.49
CA THR H 311 54.30 -19.45 18.45
C THR H 311 54.79 -19.82 17.06
N VAL H 312 56.11 -19.94 16.91
CA VAL H 312 56.68 -20.42 15.66
C VAL H 312 56.42 -21.92 15.59
N PHE H 313 55.61 -22.35 14.64
CA PHE H 313 55.22 -23.75 14.51
C PHE H 313 55.50 -24.24 13.09
N LYS H 314 56.69 -23.95 12.60
CA LYS H 314 57.14 -24.44 11.29
C LYS H 314 57.57 -25.90 11.45
N GLY H 315 58.20 -26.46 10.41
CA GLY H 315 58.70 -27.81 10.45
C GLY H 315 60.21 -27.88 10.50
N GLU H 316 60.70 -29.11 10.52
CA GLU H 316 62.13 -29.42 10.40
C GLU H 316 62.24 -30.47 9.31
N VAL H 317 62.39 -30.01 8.07
CA VAL H 317 62.12 -30.83 6.90
C VAL H 317 63.43 -30.92 6.13
N GLY H 318 63.43 -31.55 4.96
CA GLY H 318 64.65 -32.02 4.34
C GLY H 318 65.02 -33.37 4.92
N PRO H 319 64.19 -34.37 4.64
CA PRO H 319 64.26 -35.64 5.39
C PRO H 319 65.63 -36.29 5.31
N TRP H 320 66.02 -36.94 6.41
CA TRP H 320 67.34 -37.52 6.55
C TRP H 320 67.24 -39.03 6.38
N TYR H 321 68.06 -39.60 5.50
CA TYR H 321 67.88 -40.97 5.03
C TYR H 321 68.84 -41.93 5.74
N ASN H 322 68.27 -42.80 6.56
CA ASN H 322 69.01 -43.91 7.13
C ASN H 322 68.84 -45.13 6.22
N PRO H 323 69.91 -45.68 5.65
CA PRO H 323 69.74 -46.75 4.65
C PRO H 323 69.24 -48.07 5.22
N GLU H 324 69.34 -48.28 6.53
CA GLU H 324 68.92 -49.55 7.11
C GLU H 324 67.41 -49.71 6.98
N LYS H 325 66.98 -50.95 6.73
CA LYS H 325 65.57 -51.22 6.48
C LYS H 325 64.70 -50.95 7.70
N GLY H 326 65.16 -51.35 8.89
CA GLY H 326 64.33 -51.25 10.06
C GLY H 326 64.95 -50.51 11.23
N GLU H 327 66.09 -49.87 11.03
CA GLU H 327 66.71 -49.06 12.07
C GLU H 327 66.07 -47.68 12.06
N TYR H 328 65.13 -47.46 12.98
CA TYR H 328 64.52 -46.14 13.12
C TYR H 328 65.41 -45.24 13.95
N HIS H 329 66.67 -45.09 13.53
CA HIS H 329 67.63 -44.23 14.19
C HIS H 329 68.46 -43.53 13.12
N LEU H 330 68.66 -42.23 13.29
CA LEU H 330 69.42 -41.46 12.32
C LEU H 330 70.91 -41.77 12.44
N LYS H 331 71.58 -41.82 11.29
CA LYS H 331 73.02 -41.97 11.28
C LYS H 331 73.67 -40.72 11.87
N PRO H 332 74.91 -40.85 12.36
CA PRO H 332 75.56 -39.68 12.99
C PRO H 332 75.59 -38.44 12.10
N LYS H 333 75.87 -38.61 10.81
CA LYS H 333 75.87 -37.45 9.91
C LYS H 333 74.47 -36.87 9.73
N GLU H 334 73.46 -37.74 9.55
CA GLU H 334 72.10 -37.25 9.36
C GLU H 334 71.55 -36.67 10.66
N ALA H 335 71.87 -37.29 11.79
CA ALA H 335 71.46 -36.72 13.08
C ALA H 335 72.09 -35.36 13.31
N LYS H 336 73.39 -35.23 12.98
CA LYS H 336 74.05 -33.93 13.10
C LYS H 336 73.38 -32.91 12.22
N ALA H 337 73.07 -33.27 10.97
CA ALA H 337 72.45 -32.33 10.04
C ALA H 337 71.08 -31.91 10.53
N LEU H 338 70.27 -32.85 11.01
CA LEU H 338 68.95 -32.51 11.51
C LEU H 338 69.03 -31.57 12.70
N LEU H 339 69.89 -31.90 13.67
CA LEU H 339 69.97 -31.07 14.85
C LEU H 339 70.50 -29.67 14.51
N THR H 340 71.54 -29.58 13.67
CA THR H 340 72.07 -28.27 13.34
C THR H 340 71.08 -27.46 12.52
N GLN H 341 70.28 -28.11 11.67
CA GLN H 341 69.23 -27.38 10.97
C GLN H 341 68.24 -26.79 11.95
N ALA H 342 67.83 -27.59 12.96
CA ALA H 342 66.93 -27.06 13.98
C ALA H 342 67.55 -25.90 14.74
N LEU H 343 68.83 -26.03 15.10
CA LEU H 343 69.49 -24.97 15.89
C LEU H 343 69.64 -23.69 15.09
N GLU H 344 70.00 -23.78 13.80
CA GLU H 344 70.10 -22.56 13.00
C GLU H 344 68.71 -21.97 12.71
N SER H 345 67.68 -22.80 12.58
CA SER H 345 66.34 -22.25 12.46
C SER H 345 65.96 -21.46 13.71
N TYR H 346 66.25 -22.02 14.89
CA TYR H 346 66.01 -21.31 16.13
C TYR H 346 66.84 -20.03 16.19
N LYS H 347 68.09 -20.09 15.72
CA LYS H 347 68.97 -18.93 15.75
C LYS H 347 68.42 -17.80 14.87
N GLU H 348 67.91 -18.14 13.68
CA GLU H 348 67.39 -17.10 12.80
C GLU H 348 66.00 -16.63 13.20
N GLN H 349 65.27 -17.39 14.01
CA GLN H 349 63.98 -16.90 14.50
C GLN H 349 64.13 -16.06 15.77
N ASN H 350 64.75 -16.61 16.80
CA ASN H 350 64.83 -15.97 18.11
C ASN H 350 66.13 -15.20 18.33
N LYS H 351 66.97 -15.08 17.30
CA LYS H 351 68.19 -14.27 17.33
C LYS H 351 69.24 -14.91 18.25
N SER H 352 68.86 -15.99 18.94
CA SER H 352 69.76 -16.65 19.87
C SER H 352 69.54 -18.15 19.79
N TYR H 353 70.56 -18.91 20.20
CA TYR H 353 70.45 -20.35 20.26
C TYR H 353 69.52 -20.77 21.38
N PRO H 354 68.80 -21.88 21.22
CA PRO H 354 67.82 -22.29 22.23
C PRO H 354 68.48 -22.64 23.56
N LYS H 355 67.80 -22.32 24.65
CA LYS H 355 68.29 -22.67 25.98
C LYS H 355 68.20 -24.17 26.22
N GLU H 356 67.12 -24.80 25.76
CA GLU H 356 66.90 -26.21 25.99
C GLU H 356 66.13 -26.78 24.81
N VAL H 357 66.60 -27.92 24.32
CA VAL H 357 66.04 -28.58 23.14
C VAL H 357 65.30 -29.82 23.60
N PHE H 358 63.98 -29.74 23.67
CA PHE H 358 63.11 -30.86 24.00
C PHE H 358 62.88 -31.66 22.72
N ILE H 359 63.76 -32.62 22.46
CA ILE H 359 63.66 -33.42 21.25
C ILE H 359 62.97 -34.73 21.60
N HIS H 360 61.87 -35.02 20.91
CA HIS H 360 61.07 -36.20 21.20
C HIS H 360 60.73 -36.94 19.92
N ALA H 361 60.39 -38.20 20.09
CA ALA H 361 60.10 -39.10 18.97
C ALA H 361 59.33 -40.29 19.51
N ARG H 362 58.89 -41.15 18.58
CA ARG H 362 58.21 -42.39 18.93
C ARG H 362 59.18 -43.56 19.08
N THR H 363 60.49 -43.30 18.97
CA THR H 363 61.50 -44.34 19.02
C THR H 363 62.53 -44.02 20.10
N ARG H 364 63.15 -45.06 20.64
CA ARG H 364 64.25 -44.83 21.57
C ARG H 364 65.45 -44.28 20.81
N PHE H 365 66.22 -43.43 21.47
CA PHE H 365 67.38 -42.81 20.85
C PHE H 365 68.62 -43.64 21.15
N ASN H 366 69.25 -44.16 20.10
CA ASN H 366 70.42 -45.01 20.27
C ASN H 366 71.63 -44.16 20.66
N ASP H 367 72.70 -44.85 21.09
CA ASP H 367 73.84 -44.16 21.68
C ASP H 367 74.57 -43.31 20.65
N GLU H 368 74.80 -43.83 19.44
CA GLU H 368 75.60 -43.10 18.47
C GLU H 368 74.89 -41.84 18.00
N GLU H 369 73.57 -41.89 17.80
CA GLU H 369 72.85 -40.70 17.39
C GLU H 369 72.75 -39.69 18.53
N TRP H 370 72.67 -40.18 19.78
CA TRP H 370 72.70 -39.27 20.91
C TRP H 370 74.04 -38.55 21.00
N ASN H 371 75.13 -39.29 20.77
CA ASN H 371 76.46 -38.68 20.76
C ASN H 371 76.59 -37.66 19.64
N ALA H 372 76.07 -37.98 18.45
CA ALA H 372 76.07 -37.02 17.37
C ALA H 372 75.29 -35.76 17.74
N PHE H 373 74.13 -35.95 18.39
CA PHE H 373 73.31 -34.82 18.80
C PHE H 373 74.07 -33.93 19.79
N ASN H 374 74.74 -34.54 20.77
CA ASN H 374 75.41 -33.74 21.78
C ASN H 374 76.76 -33.19 21.32
N GLU H 375 77.31 -33.68 20.20
CA GLU H 375 78.51 -33.05 19.67
C GLU H 375 78.20 -31.98 18.64
N VAL H 376 77.07 -32.06 17.95
CA VAL H 376 76.72 -31.00 17.00
C VAL H 376 76.15 -29.79 17.74
N THR H 377 75.58 -30.00 18.92
CA THR H 377 75.01 -28.92 19.70
C THR H 377 76.12 -28.00 20.23
N PRO H 378 75.83 -26.70 20.44
CA PRO H 378 76.84 -25.82 21.03
C PRO H 378 76.75 -25.78 22.55
N LYS H 379 77.60 -24.97 23.17
CA LYS H 379 77.64 -24.90 24.63
C LYS H 379 76.39 -24.20 25.17
N ASN H 380 76.13 -24.45 26.46
CA ASN H 380 74.99 -23.88 27.20
C ASN H 380 73.64 -24.26 26.59
N THR H 381 73.58 -25.38 25.87
CA THR H 381 72.37 -25.86 25.23
C THR H 381 72.12 -27.30 25.69
N ASN H 382 71.18 -27.45 26.63
CA ASN H 382 70.81 -28.76 27.15
C ASN H 382 69.66 -29.30 26.31
N LEU H 383 69.89 -30.43 25.64
CA LEU H 383 68.85 -31.11 24.89
C LEU H 383 68.51 -32.44 25.56
N VAL H 384 67.21 -32.68 25.76
CA VAL H 384 66.71 -33.89 26.40
C VAL H 384 65.85 -34.65 25.40
N GLY H 385 66.06 -35.97 25.36
CA GLY H 385 65.33 -36.84 24.44
C GLY H 385 64.17 -37.52 25.15
N VAL H 386 63.03 -37.50 24.49
CA VAL H 386 61.78 -38.04 25.04
C VAL H 386 61.19 -39.03 24.04
N THR H 387 60.68 -40.14 24.55
CA THR H 387 60.04 -41.17 23.75
C THR H 387 58.56 -41.23 24.12
N ILE H 388 57.71 -41.13 23.10
CA ILE H 388 56.27 -41.17 23.25
C ILE H 388 55.78 -42.46 22.61
N THR H 389 55.10 -43.29 23.37
CA THR H 389 54.58 -44.55 22.86
C THR H 389 53.06 -44.54 22.94
N LYS H 390 52.41 -44.87 21.82
CA LYS H 390 50.97 -45.05 21.72
C LYS H 390 50.61 -46.52 21.83
N SER H 391 49.35 -46.77 22.17
CA SER H 391 48.78 -48.12 22.25
C SER H 391 49.47 -48.98 23.31
N LYS H 392 50.02 -48.35 24.34
CA LYS H 392 50.57 -49.10 25.46
C LYS H 392 49.44 -49.62 26.32
N PRO H 393 49.31 -50.94 26.50
CA PRO H 393 48.10 -51.48 27.17
C PRO H 393 48.10 -51.25 28.67
N LEU H 394 47.76 -50.03 29.09
CA LEU H 394 47.50 -49.71 30.50
C LEU H 394 46.12 -49.05 30.54
N LYS H 395 45.08 -49.87 30.65
CA LYS H 395 43.71 -49.38 30.62
C LYS H 395 43.27 -49.10 32.06
N LEU H 396 43.58 -47.90 32.54
CA LEU H 396 43.18 -47.51 33.88
C LEU H 396 41.75 -46.99 33.85
N TYR H 397 40.87 -47.64 34.60
CA TYR H 397 39.45 -47.32 34.61
C TYR H 397 39.12 -46.42 35.79
N LYS H 398 37.82 -46.15 35.99
CA LYS H 398 37.32 -45.41 37.13
C LYS H 398 36.28 -46.26 37.84
N THR H 399 36.51 -46.53 39.13
CA THR H 399 35.66 -47.50 39.83
C THR H 399 34.28 -46.94 40.15
N GLU H 400 34.21 -45.68 40.57
CA GLU H 400 32.94 -45.14 41.06
C GLU H 400 32.02 -44.73 39.92
N GLY H 401 32.44 -43.75 39.12
CA GLY H 401 31.58 -43.25 38.08
C GLY H 401 31.56 -44.12 36.84
N ALA H 402 30.65 -43.77 35.93
CA ALA H 402 30.56 -44.43 34.64
C ALA H 402 31.39 -43.75 33.57
N PHE H 403 32.04 -42.65 33.89
CA PHE H 403 32.85 -41.92 32.93
C PHE H 403 34.32 -42.18 33.20
N PRO H 404 35.14 -42.34 32.16
CA PRO H 404 36.55 -42.71 32.36
C PRO H 404 37.33 -41.64 33.08
N ILE H 405 38.62 -41.94 33.29
CA ILE H 405 39.55 -41.01 33.93
C ILE H 405 39.53 -39.66 33.20
N MET H 406 39.52 -38.59 33.98
CA MET H 406 39.60 -37.26 33.41
C MET H 406 40.93 -37.04 32.72
N ARG H 407 40.91 -36.23 31.66
CA ARG H 407 42.13 -35.95 30.90
C ARG H 407 43.09 -35.10 31.72
N GLY H 408 44.38 -35.39 31.57
CA GLY H 408 45.44 -34.63 32.21
C GLY H 408 46.11 -35.30 33.37
N ASN H 409 45.54 -36.39 33.90
CA ASN H 409 46.16 -37.09 35.01
C ASN H 409 47.38 -37.88 34.51
N ALA H 410 48.38 -37.99 35.38
CA ALA H 410 49.63 -38.65 35.04
C ALA H 410 50.02 -39.62 36.15
N TYR H 411 50.33 -40.85 35.77
CA TYR H 411 50.85 -41.86 36.69
C TYR H 411 52.35 -41.96 36.45
N ILE H 412 53.14 -41.50 37.41
CA ILE H 412 54.60 -41.57 37.29
C ILE H 412 55.05 -43.00 37.62
N VAL H 413 55.84 -43.58 36.71
CA VAL H 413 56.39 -44.91 36.89
C VAL H 413 57.83 -44.86 37.40
N ASP H 414 58.60 -43.90 36.90
CA ASP H 414 60.00 -43.74 37.25
C ASP H 414 60.32 -42.25 37.15
N GLU H 415 61.49 -41.88 37.67
CA GLU H 415 61.94 -40.49 37.54
C GLU H 415 62.13 -40.09 36.09
N LYS H 416 62.24 -41.05 35.17
CA LYS H 416 62.38 -40.78 33.75
C LYS H 416 61.19 -41.22 32.92
N LYS H 417 60.31 -42.05 33.46
CA LYS H 417 59.23 -42.65 32.68
C LYS H 417 57.90 -42.45 33.41
N ALA H 418 56.82 -42.34 32.63
CA ALA H 418 55.49 -42.15 33.19
C ALA H 418 54.45 -42.43 32.12
N PHE H 419 53.18 -42.46 32.55
CA PHE H 419 52.03 -42.59 31.66
C PHE H 419 51.21 -41.32 31.80
N LEU H 420 50.95 -40.64 30.67
CA LEU H 420 50.14 -39.44 30.70
C LEU H 420 48.84 -39.66 29.94
N TRP H 421 47.73 -39.20 30.54
CA TRP H 421 46.42 -39.26 29.92
C TRP H 421 46.15 -37.92 29.25
N THR H 422 46.81 -37.71 28.11
CA THR H 422 46.57 -36.52 27.29
C THR H 422 45.18 -36.53 26.68
N LEU H 423 44.47 -37.65 26.75
CA LEU H 423 43.12 -37.78 26.23
C LEU H 423 42.26 -38.49 27.26
N GLY H 424 40.95 -38.25 27.17
CA GLY H 424 40.02 -38.86 28.10
C GLY H 424 38.88 -37.94 28.44
N PHE H 425 38.31 -38.07 29.63
CA PHE H 425 37.22 -37.21 30.04
C PHE H 425 37.73 -35.80 30.25
N VAL H 426 37.05 -34.83 29.65
CA VAL H 426 37.35 -33.41 29.83
C VAL H 426 36.25 -32.81 30.69
N PRO H 427 36.56 -32.31 31.88
CA PRO H 427 35.51 -31.67 32.70
C PRO H 427 34.82 -30.54 31.97
N LYS H 428 35.57 -29.78 31.16
CA LYS H 428 35.00 -28.63 30.47
C LYS H 428 33.95 -29.05 29.43
N LEU H 429 34.13 -30.20 28.79
CA LEU H 429 33.18 -30.66 27.80
C LEU H 429 32.17 -31.67 28.34
N GLN H 430 32.28 -32.05 29.62
CA GLN H 430 31.34 -33.00 30.22
C GLN H 430 31.32 -34.34 29.46
N SER H 431 32.35 -34.58 28.66
CA SER H 431 32.43 -35.81 27.86
C SER H 431 33.90 -36.16 27.68
N THR H 432 34.18 -37.08 26.76
CA THR H 432 35.50 -37.66 26.59
C THR H 432 36.07 -37.31 25.22
N LEU H 433 37.37 -37.01 25.18
CA LEU H 433 38.06 -36.89 23.90
C LEU H 433 38.20 -38.23 23.19
N SER H 434 38.06 -39.34 23.92
CA SER H 434 38.25 -40.67 23.36
C SER H 434 37.05 -41.55 23.72
N MET H 435 36.52 -42.24 22.72
CA MET H 435 35.46 -43.21 22.98
C MET H 435 36.03 -44.42 23.71
N GLU H 436 35.12 -45.18 24.34
CA GLU H 436 35.46 -46.38 25.11
C GLU H 436 36.35 -45.96 26.28
N VAL H 437 37.56 -46.49 26.42
CA VAL H 437 38.43 -46.16 27.55
C VAL H 437 39.72 -45.57 27.01
N PRO H 438 40.22 -44.48 27.59
CA PRO H 438 41.41 -43.82 27.04
C PRO H 438 42.64 -44.70 27.11
N ASN H 439 43.55 -44.47 26.16
CA ASN H 439 44.86 -45.13 26.14
C ASN H 439 45.93 -44.12 26.49
N PRO H 440 46.47 -44.14 27.71
CA PRO H 440 47.52 -43.19 28.06
C PRO H 440 48.76 -43.39 27.19
N ILE H 441 49.44 -42.29 26.90
CA ILE H 441 50.67 -42.32 26.13
C ILE H 441 51.84 -42.42 27.08
N PHE H 442 52.77 -43.32 26.79
CA PHE H 442 53.95 -43.50 27.63
C PHE H 442 54.99 -42.45 27.28
N ILE H 443 55.39 -41.67 28.28
CA ILE H 443 56.37 -40.59 28.14
C ILE H 443 57.60 -41.02 28.91
N GLU H 444 58.70 -41.30 28.21
CA GLU H 444 59.91 -41.76 28.87
C GLU H 444 61.08 -40.87 28.51
N ILE H 445 61.83 -40.43 29.52
CA ILE H 445 63.06 -39.67 29.29
C ILE H 445 64.18 -40.71 29.19
N ASN H 446 64.34 -41.25 27.99
CA ASN H 446 65.37 -42.25 27.77
C ASN H 446 66.76 -41.62 27.69
N LYS H 447 66.85 -40.41 27.11
CA LYS H 447 68.11 -39.70 26.98
C LYS H 447 67.96 -38.29 27.54
N GLY H 448 69.07 -37.75 28.02
CA GLY H 448 69.09 -36.42 28.59
C GLY H 448 68.62 -36.41 30.04
N GLU H 449 68.77 -35.25 30.66
CA GLU H 449 68.41 -35.05 32.07
C GLU H 449 67.31 -34.00 32.13
N ALA H 450 66.12 -34.40 32.57
CA ALA H 450 65.00 -33.49 32.68
C ALA H 450 64.03 -34.02 33.73
N GLU H 451 63.23 -33.11 34.27
CA GLU H 451 62.18 -33.47 35.22
C GLU H 451 60.98 -34.02 34.48
N ILE H 452 60.46 -35.17 34.94
CA ILE H 452 59.37 -35.80 34.22
C ILE H 452 58.07 -34.99 34.37
N GLN H 453 57.88 -34.28 35.49
CA GLN H 453 56.71 -33.42 35.60
C GLN H 453 56.74 -32.32 34.54
N GLN H 454 57.90 -31.69 34.36
CA GLN H 454 58.04 -30.65 33.35
C GLN H 454 57.81 -31.21 31.95
N VAL H 455 58.32 -32.41 31.68
CA VAL H 455 58.11 -33.04 30.38
C VAL H 455 56.64 -33.33 30.13
N LEU H 456 55.95 -33.82 31.16
CA LEU H 456 54.51 -34.08 31.03
C LEU H 456 53.74 -32.79 30.76
N LYS H 457 54.09 -31.71 31.47
CA LYS H 457 53.42 -30.43 31.24
C LYS H 457 53.69 -29.94 29.82
N ASP H 458 54.94 -30.03 29.37
CA ASP H 458 55.27 -29.58 28.02
C ASP H 458 54.54 -30.39 26.96
N ILE H 459 54.44 -31.71 27.16
CA ILE H 459 53.79 -32.54 26.15
C ILE H 459 52.28 -32.32 26.18
N LEU H 460 51.70 -32.04 27.35
CA LEU H 460 50.31 -31.64 27.41
C LEU H 460 50.08 -30.34 26.66
N ALA H 461 51.03 -29.40 26.77
CA ALA H 461 50.94 -28.17 25.99
C ALA H 461 51.03 -28.47 24.50
N LEU H 462 51.95 -29.35 24.10
CA LEU H 462 52.10 -29.70 22.69
C LEU H 462 50.86 -30.39 22.14
N THR H 463 50.07 -31.02 23.00
CA THR H 463 48.82 -31.63 22.52
C THR H 463 47.72 -30.58 22.24
N LYS H 464 48.05 -29.30 22.15
CA LYS H 464 47.08 -28.25 21.87
C LYS H 464 47.31 -27.57 20.51
N LEU H 465 48.25 -28.08 19.71
CA LEU H 465 48.65 -27.43 18.47
C LEU H 465 47.97 -28.02 17.24
N ASN H 466 46.89 -28.78 17.42
CA ASN H 466 46.27 -29.43 16.28
C ASN H 466 45.53 -28.40 15.45
N TYR H 467 46.24 -27.78 14.50
CA TYR H 467 45.63 -26.84 13.59
C TYR H 467 44.95 -27.52 12.41
N ASN H 468 45.23 -28.79 12.18
CA ASN H 468 44.58 -29.54 11.11
C ASN H 468 43.11 -29.80 11.42
N ALA H 469 42.67 -29.55 12.65
CA ALA H 469 41.27 -29.66 13.02
C ALA H 469 40.96 -28.64 14.10
N CYS H 470 39.71 -28.67 14.58
CA CYS H 470 39.27 -27.85 15.70
C CYS H 470 38.69 -28.80 16.74
N ILE H 471 39.56 -29.35 17.58
CA ILE H 471 39.19 -30.27 18.64
C ILE H 471 39.90 -29.84 19.92
N TYR H 472 39.21 -30.03 21.06
CA TYR H 472 39.72 -29.56 22.34
C TYR H 472 41.16 -30.03 22.59
N ALA H 473 41.45 -31.29 22.26
CA ALA H 473 42.81 -31.81 22.39
C ALA H 473 42.89 -33.15 21.66
N ASP H 474 44.10 -33.51 21.28
CA ASP H 474 44.38 -34.79 20.64
C ASP H 474 45.27 -35.63 21.56
N GLY H 475 45.19 -36.95 21.36
CA GLY H 475 45.81 -37.89 22.28
C GLY H 475 47.32 -37.97 22.21
N GLU H 476 47.91 -37.54 21.10
CA GLU H 476 49.35 -37.60 20.90
C GLU H 476 49.88 -36.20 20.64
N PRO H 477 51.18 -35.98 20.83
CA PRO H 477 51.75 -34.66 20.53
C PRO H 477 51.51 -34.26 19.08
N VAL H 478 51.17 -32.99 18.89
CA VAL H 478 50.92 -32.49 17.54
C VAL H 478 52.21 -32.43 16.73
N THR H 479 53.35 -32.22 17.40
CA THR H 479 54.62 -32.22 16.68
C THR H 479 54.84 -33.56 15.98
N LEU H 480 54.65 -34.66 16.70
CA LEU H 480 54.84 -35.99 16.11
C LEU H 480 53.83 -36.24 15.00
N ARG H 481 52.57 -35.86 15.21
CA ARG H 481 51.54 -36.08 14.19
C ARG H 481 51.85 -35.32 12.91
N PHE H 482 52.25 -34.05 13.04
CA PHE H 482 52.52 -33.24 11.87
C PHE H 482 53.80 -33.68 11.19
N ALA H 483 54.81 -34.12 11.96
CA ALA H 483 55.99 -34.69 11.36
C ALA H 483 55.66 -35.97 10.58
N ASN H 484 54.76 -36.79 11.13
CA ASN H 484 54.30 -37.97 10.41
C ASN H 484 53.62 -37.60 9.09
N LYS H 485 52.76 -36.58 9.13
CA LYS H 485 52.06 -36.16 7.92
C LYS H 485 53.03 -35.64 6.87
N ILE H 486 53.97 -34.79 7.27
CA ILE H 486 54.93 -34.24 6.31
C ILE H 486 55.84 -35.34 5.78
N GLY H 487 56.21 -36.31 6.63
CA GLY H 487 57.04 -37.40 6.16
C GLY H 487 56.32 -38.28 5.16
N GLU H 488 55.04 -38.60 5.41
CA GLU H 488 54.26 -39.37 4.45
C GLU H 488 54.15 -38.62 3.12
N ILE H 489 53.91 -37.31 3.19
CA ILE H 489 53.79 -36.53 1.95
C ILE H 489 55.12 -36.51 1.20
N LEU H 490 56.23 -36.34 1.91
CA LEU H 490 57.53 -36.34 1.27
C LEU H 490 57.83 -37.68 0.61
N THR H 491 57.57 -38.78 1.32
CA THR H 491 57.80 -40.11 0.76
C THR H 491 56.79 -40.48 -0.31
N ALA H 492 55.71 -39.71 -0.47
CA ALA H 492 54.73 -40.01 -1.50
C ALA H 492 55.33 -39.92 -2.90
N SER H 493 56.15 -38.89 -3.14
CA SER H 493 56.67 -38.65 -4.49
C SER H 493 58.18 -38.51 -4.50
N THR H 494 58.73 -38.06 -5.63
CA THR H 494 60.17 -37.99 -5.81
C THR H 494 60.80 -36.93 -4.90
N GLU H 495 62.13 -36.98 -4.83
CA GLU H 495 62.87 -36.10 -3.93
C GLU H 495 62.79 -34.65 -4.42
N ILE H 496 62.55 -33.74 -3.49
CA ILE H 496 62.46 -32.31 -3.79
C ILE H 496 63.41 -31.55 -2.86
N LYS H 497 64.25 -30.71 -3.45
CA LYS H 497 65.25 -30.00 -2.67
C LYS H 497 64.62 -28.83 -1.93
N THR H 498 65.04 -28.65 -0.67
CA THR H 498 64.51 -27.66 0.27
C THR H 498 62.98 -27.63 0.24
N PRO H 499 62.32 -28.64 0.81
CA PRO H 499 60.84 -28.64 0.86
C PRO H 499 60.32 -27.40 1.56
N PRO H 500 59.03 -27.06 1.34
CA PRO H 500 58.52 -25.78 1.88
C PRO H 500 58.66 -25.63 3.39
N LEU H 501 58.46 -26.70 4.15
CA LEU H 501 58.72 -26.82 5.59
C LEU H 501 57.63 -26.17 6.45
N ALA H 502 56.66 -25.48 5.87
CA ALA H 502 55.55 -24.92 6.62
C ALA H 502 54.31 -25.81 6.44
N PHE H 503 53.64 -26.10 7.56
CA PHE H 503 52.64 -27.15 7.56
C PHE H 503 51.44 -26.84 6.68
N LYS H 504 51.20 -25.57 6.35
CA LYS H 504 50.05 -25.24 5.52
C LYS H 504 50.14 -25.90 4.14
N TYR H 505 51.33 -26.35 3.75
CA TYR H 505 51.52 -27.09 2.51
C TYR H 505 51.29 -28.59 2.67
N TYR H 506 51.16 -29.09 3.90
CA TYR H 506 51.00 -30.51 4.15
C TYR H 506 49.69 -30.89 4.83
N ILE H 507 49.32 -30.24 5.93
CA ILE H 507 48.12 -30.65 6.63
C ILE H 507 46.89 -30.08 5.94
MG MG Q . 55.53 -2.23 -13.03
MG MG R . -55.94 10.72 -14.82
MG MG S . -42.26 20.34 19.88
MG MG T . 44.23 -32.20 7.13
#